data_7U0X
#
_entry.id   7U0X
#
_cell.length_a   1.00
_cell.length_b   1.00
_cell.length_c   1.00
_cell.angle_alpha   90.00
_cell.angle_beta   90.00
_cell.angle_gamma   90.00
#
_symmetry.space_group_name_H-M   'P 1'
#
loop_
_entity.id
_entity.type
_entity.pdbx_description
1 polymer 'Spike glycoprotein'
2 polymer 'mAb 002-13 heavy chain'
3 polymer 'mAb 002-13 Light chain'
4 branched 2-acetamido-2-deoxy-beta-D-glucopyranose-(1-4)-2-acetamido-2-deoxy-beta-D-glucopyranose
5 non-polymer 2-acetamido-2-deoxy-beta-D-glucopyranose
#
loop_
_entity_poly.entity_id
_entity_poly.type
_entity_poly.pdbx_seq_one_letter_code
_entity_poly.pdbx_strand_id
1 'polypeptide(L)'
;MFVFLVLLPLVSSQCVNLTTRTQLPPAYTNSFTRGVYYPDKVFRSSVLHSTQDLFLPFFSNVTWFHAIHVSGTNGTKRFD
NPVLPFNDGVYFASTEKSNIIRGWIFGTTLDSKTQSLLIVNNATNVVIKVCEFQFCNDPFLGVYYHKNNKSWMESEFRVY
SSANNCTFEYVSQPFLMDLEGKQGNFKNLREFVFKNIDGYFKIYSKHTPINLVRDLPQGFSALEPLVDLPIGINITRFQT
LLALHRSYLTPGDSSSGWTAGAAAYYVGYLQPRTFLLKYNENGTITDAVDCALDPLSETKCTLKSFTVEKGIYQTSNFRV
QPTESIVRFPNITNLCPFGEVFNATRFASVYAWNRKRISNCVADYSVLYNSASFSTFKCYGVSPTKLNDLCFTNVYADSF
VIRGDEVRQIAPGQTGKIADYNYKLPDDFTGCVIAWNSNNLDSKVGGNYNYLYRLFRKSNLKPFERDISTEIYQAGSTPC
NGVEGFNCYFPLQSYGFQPTNGVGYQPYRVVVLSFELLHAPATVCGPKKSTNLVKNKCVNFNFNGLTGTGVLTESNKKFL
PFQQFGRDIADTTDAVRDPQTLEILDITPCSFGGVSVITPGTNTSNQVAVLYQDVNCTEVPVAIHADQLTPTWRVYSTGS
NVFQTRAGCLIGAEHVNNSYECDIPIGAGICASYQTQTNSPGSASSVASQSIIAYTMSLGAENSVAYSNNSIAIPTNFTI
SVTTEILPVSMTKTSVDCTMYICGDSTECSNLLLQYGSFCTQLNRALTGIAVEQDKNTQEVFAQVKQIYKTPPIKDFGGF
NFSQILPDPSKPSKRSPIEDLLFNKVTLADAGFIKQYGDCLGDIAARDLICAQKFNGLTVLPPLLTDEMIAQYTSALLAG
TITSGWTFGAGPALQIPFPMQMAYRFNGIGVTQNVLYENQKLIANQFNSAIGKIQDSLSSTPSALGKLQDVVNQNAQALN
TLVKQLSSNFGAISSVLNDILSRLDPPEAEVQIDRLITGRLQSLQTYVTQQLIRAAEIRASANLAATKMSECVLGQSKRV
DFCGKGYHLMSFPQSAPHGVVFLHVTYVPAQEKNFTTAPAICHDGKAHFPREGVFVSNGTHWFVTQRNFYEPQIITTDNT
FVSGNCDVVIGIVNNTVYDPLQPELDSFKEELDKYFKNHTSPDVDLGDISGINASVVNIQKEIDRLNEVAKNLNESLIDL
QELGKYEQ
;
A,B,C
2 'polypeptide(L)'
;QVQLVESGGGVVQPGRSLRLSCAASGFTFRSYGMHWVRQAPGKGLEWVAFISYDGSDKYYADSVKGRFTISRDNSKNTLY
LQMNSLRAEDTAVYYCARDLSAGHCTGGVCYTAGGIDYWGQGTLVTVSSASTKGPSVFPLAPSSKSTSGGTAALGCLVKD
YFPEPVTVSWNSGALTSGVHTFPAVLQSSGLYSLSSVVTVPSSSLGTQTYICNVNHKPSNTKVDKRVEPKSCDKTHTCPP
CPAPELLGGPSVFLFPPKPKDTLMISRTPEVTCVVVDVSHEDPEVKFNWYVDGVEVHNAKTKPREEQYNSTYRVVSVLTV
LHQDWLNGKEYKCKVSNKALPAPIEKTISKAKGQPREPQVYTLPPSREEMTKNQVSLTCLVKGFYPSDIAVEWESNGQPE
NNYKTTPPVLDSDGSFFLYSKLTVDKSRWQQGNVFSCSVMHEALHNHYTQKSLSLSPGK
;
F,H
3 'polypeptide(L)'
;NFMLTQPHSVSESPGKTVTISCTRNSGSIASNYVQWYQQRPGSAPTTVIYEDNQRPSGVPDRFSGSIDSSSNSASLTISG
LKTEDEADYYCHSYDSDNVVFGGGTKLTVLGQPKAAPSVTLFPPSSEELQANKATLVCLISDFYPGAVTVAWKADSSPVK
AGVETTTPSKQSNNKYAASSYLSLTPEQWKSHRSYSCQVTHEGSTVEKTVAPTECS
;
G,L
#
loop_
_chem_comp.id
_chem_comp.type
_chem_comp.name
_chem_comp.formula
NAG D-saccharide, beta linking 2-acetamido-2-deoxy-beta-D-glucopyranose 'C8 H15 N O6'
#
# COMPACT_ATOMS: atom_id res chain seq x y z
N GLN A 14 8.14 -63.95 7.83
CA GLN A 14 8.92 -64.58 8.88
C GLN A 14 9.38 -63.56 9.93
N CYS A 15 8.82 -63.67 11.13
CA CYS A 15 9.16 -62.78 12.23
C CYS A 15 9.47 -63.61 13.47
N VAL A 16 10.42 -63.12 14.27
CA VAL A 16 10.83 -63.77 15.50
C VAL A 16 10.64 -62.78 16.64
N ASN A 17 9.98 -63.23 17.71
CA ASN A 17 9.74 -62.41 18.89
C ASN A 17 10.91 -62.59 19.85
N LEU A 18 11.69 -61.52 20.03
CA LEU A 18 12.86 -61.53 20.91
C LEU A 18 12.79 -60.27 21.78
N THR A 19 12.12 -60.36 22.92
CA THR A 19 11.97 -59.26 23.85
C THR A 19 12.13 -59.79 25.27
N THR A 20 12.26 -58.85 26.21
CA THR A 20 12.37 -59.17 27.62
C THR A 20 11.33 -58.39 28.40
N ARG A 21 10.98 -58.90 29.58
CA ARG A 21 9.97 -58.26 30.41
C ARG A 21 10.43 -56.87 30.85
N THR A 22 11.69 -56.74 31.24
CA THR A 22 12.19 -55.47 31.74
C THR A 22 12.50 -54.52 30.58
N GLN A 23 11.98 -53.30 30.69
CA GLN A 23 12.28 -52.25 29.71
C GLN A 23 13.44 -51.41 30.24
N LEU A 24 14.51 -51.33 29.46
CA LEU A 24 15.70 -50.63 29.92
C LEU A 24 15.42 -49.14 30.06
N PRO A 25 15.94 -48.49 31.11
CA PRO A 25 15.64 -47.08 31.31
C PRO A 25 16.38 -46.23 30.29
N PRO A 26 15.78 -45.11 29.86
CA PRO A 26 16.48 -44.21 28.93
C PRO A 26 17.60 -43.45 29.61
N ALA A 27 18.84 -43.80 29.31
CA ALA A 27 20.00 -43.18 29.94
C ALA A 27 20.52 -42.04 29.07
N TYR A 28 20.67 -40.86 29.66
CA TYR A 28 21.19 -39.70 28.96
C TYR A 28 22.71 -39.73 28.97
N THR A 29 23.32 -38.77 28.29
CA THR A 29 24.77 -38.73 28.17
C THR A 29 25.22 -37.33 27.84
N ASN A 30 26.32 -36.91 28.47
CA ASN A 30 26.88 -35.59 28.21
C ASN A 30 27.21 -35.43 26.74
N SER A 31 26.86 -34.27 26.18
CA SER A 31 27.03 -34.00 24.76
C SER A 31 27.92 -32.77 24.57
N PHE A 32 28.56 -32.71 23.42
CA PHE A 32 29.38 -31.57 23.03
C PHE A 32 28.75 -30.92 21.79
N THR A 33 29.48 -29.97 21.21
CA THR A 33 29.01 -29.23 20.04
C THR A 33 29.14 -30.11 18.80
N ARG A 34 28.11 -30.91 18.56
CA ARG A 34 28.03 -31.71 17.33
C ARG A 34 26.77 -31.37 16.57
N GLY A 35 26.50 -32.08 15.48
CA GLY A 35 25.27 -31.88 14.75
C GLY A 35 25.12 -30.51 14.13
N VAL A 36 26.16 -30.02 13.47
CA VAL A 36 26.11 -28.76 12.74
C VAL A 36 26.28 -29.08 11.26
N TYR A 37 25.32 -28.65 10.44
CA TYR A 37 25.29 -28.98 9.03
C TYR A 37 25.11 -27.70 8.21
N TYR A 38 25.40 -27.82 6.91
CA TYR A 38 25.15 -26.71 6.00
C TYR A 38 23.64 -26.54 5.83
N PRO A 39 23.07 -25.38 6.17
CA PRO A 39 21.62 -25.23 6.04
C PRO A 39 21.17 -25.10 4.60
N ASP A 40 21.95 -24.45 3.75
CA ASP A 40 21.64 -24.31 2.35
C ASP A 40 22.93 -24.57 1.60
N LYS A 41 22.81 -25.00 0.34
CA LYS A 41 23.95 -25.43 -0.46
C LYS A 41 24.68 -24.26 -1.11
N VAL A 42 24.55 -23.06 -0.55
CA VAL A 42 25.19 -21.87 -1.10
C VAL A 42 26.63 -21.80 -0.65
N PHE A 43 27.54 -21.58 -1.59
CA PHE A 43 28.94 -21.40 -1.26
C PHE A 43 29.18 -20.03 -0.62
N ARG A 44 30.09 -20.00 0.34
CA ARG A 44 30.51 -18.75 0.97
C ARG A 44 32.03 -18.78 1.15
N SER A 45 32.61 -17.60 1.34
CA SER A 45 34.05 -17.46 1.44
C SER A 45 34.40 -16.44 2.53
N SER A 46 34.83 -16.95 3.69
CA SER A 46 35.28 -16.12 4.80
C SER A 46 34.20 -15.15 5.25
N VAL A 47 33.01 -15.68 5.51
CA VAL A 47 31.87 -14.88 5.92
C VAL A 47 31.29 -15.46 7.20
N LEU A 48 30.76 -14.59 8.05
CA LEU A 48 30.05 -14.98 9.27
C LEU A 48 28.56 -14.75 9.00
N HIS A 49 27.80 -15.84 8.90
CA HIS A 49 26.40 -15.78 8.52
C HIS A 49 25.52 -16.37 9.62
N SER A 50 24.32 -15.79 9.76
CA SER A 50 23.32 -16.27 10.71
C SER A 50 22.16 -16.87 9.92
N THR A 51 21.88 -18.14 10.17
CA THR A 51 20.85 -18.88 9.45
C THR A 51 19.76 -19.33 10.40
N GLN A 52 18.52 -19.01 10.06
CA GLN A 52 17.36 -19.44 10.84
C GLN A 52 16.89 -20.79 10.31
N ASP A 53 17.32 -21.87 10.96
CA ASP A 53 16.98 -23.21 10.51
C ASP A 53 16.99 -24.14 11.72
N LEU A 54 16.60 -25.39 11.47
CA LEU A 54 16.59 -26.40 12.52
C LEU A 54 18.01 -26.86 12.81
N PHE A 55 18.37 -26.91 14.09
CA PHE A 55 19.68 -27.37 14.52
C PHE A 55 19.55 -28.09 15.84
N LEU A 56 20.53 -28.94 16.13
CA LEU A 56 20.64 -29.57 17.43
C LEU A 56 21.27 -28.59 18.41
N PRO A 57 20.65 -28.31 19.56
CA PRO A 57 21.25 -27.37 20.51
C PRO A 57 22.61 -27.87 20.97
N PHE A 58 23.50 -26.90 21.25
CA PHE A 58 24.91 -27.22 21.45
C PHE A 58 25.12 -28.17 22.63
N PHE A 59 24.45 -27.91 23.74
CA PHE A 59 24.58 -28.73 24.95
C PHE A 59 23.18 -29.23 25.32
N SER A 60 22.87 -30.48 24.98
CA SER A 60 21.58 -31.06 25.23
C SER A 60 21.73 -32.47 25.80
N ASN A 61 20.67 -32.93 26.46
CA ASN A 61 20.65 -34.26 27.07
C ASN A 61 20.19 -35.27 26.04
N VAL A 62 21.11 -35.62 25.14
CA VAL A 62 20.83 -36.66 24.16
C VAL A 62 20.74 -38.01 24.86
N THR A 63 19.78 -38.84 24.42
CA THR A 63 19.54 -40.13 25.03
C THR A 63 20.41 -41.18 24.35
N TRP A 64 21.39 -41.70 25.09
CA TRP A 64 22.27 -42.75 24.58
C TRP A 64 21.63 -44.09 24.89
N PHE A 65 21.26 -44.82 23.85
CA PHE A 65 20.68 -46.15 24.00
C PHE A 65 21.72 -47.22 23.69
N HIS A 66 21.53 -48.38 24.29
CA HIS A 66 22.38 -49.54 24.05
C HIS A 66 21.54 -50.55 23.28
N ALA A 67 21.78 -50.64 21.96
CA ALA A 67 20.96 -51.49 21.11
C ALA A 67 21.09 -52.95 21.50
N ILE A 68 22.31 -53.45 21.62
CA ILE A 68 22.58 -54.81 22.06
C ILE A 68 23.47 -54.72 23.29
N HIS A 69 22.87 -54.83 24.47
CA HIS A 69 23.58 -54.69 25.73
C HIS A 69 24.06 -56.06 26.21
N VAL A 70 25.33 -56.15 26.55
CA VAL A 70 25.91 -57.40 27.04
C VAL A 70 25.60 -57.56 28.52
N THR A 76 22.63 -62.94 30.56
CA THR A 76 23.95 -62.59 30.06
C THR A 76 23.93 -61.28 29.30
N LYS A 77 23.07 -61.20 28.28
CA LYS A 77 22.95 -60.01 27.45
C LYS A 77 21.48 -59.62 27.32
N ARG A 78 21.22 -58.32 27.34
CA ARG A 78 19.87 -57.78 27.21
C ARG A 78 19.75 -57.06 25.88
N PHE A 79 18.76 -57.44 25.09
CA PHE A 79 18.56 -56.90 23.75
C PHE A 79 17.22 -56.20 23.66
N ASP A 80 17.23 -54.94 23.25
CA ASP A 80 16.01 -54.16 23.07
C ASP A 80 16.30 -52.89 22.26
N ASN A 81 15.47 -52.62 21.26
CA ASN A 81 15.61 -51.43 20.41
C ASN A 81 14.25 -50.75 20.31
N PRO A 82 13.83 -50.04 21.35
CA PRO A 82 12.51 -49.39 21.31
C PRO A 82 12.47 -48.26 20.29
N VAL A 83 11.27 -48.02 19.77
CA VAL A 83 11.08 -46.95 18.79
C VAL A 83 11.09 -45.59 19.51
N LEU A 84 11.30 -44.54 18.71
CA LEU A 84 11.37 -43.19 19.23
C LEU A 84 10.59 -42.24 18.34
N PRO A 85 10.04 -41.17 18.90
CA PRO A 85 9.33 -40.18 18.08
C PRO A 85 10.30 -39.38 17.22
N PHE A 86 9.77 -38.86 16.11
CA PHE A 86 10.55 -38.07 15.18
C PHE A 86 10.43 -36.57 15.45
N ASN A 87 9.20 -36.06 15.57
CA ASN A 87 8.92 -34.65 15.81
C ASN A 87 9.54 -33.85 14.67
N ASP A 88 10.28 -32.77 14.94
CA ASP A 88 10.80 -31.93 13.86
C ASP A 88 11.92 -32.63 13.10
N GLY A 89 12.86 -33.24 13.82
CA GLY A 89 13.99 -33.89 13.17
C GLY A 89 14.75 -34.74 14.16
N VAL A 90 15.70 -35.50 13.64
CA VAL A 90 16.48 -36.44 14.43
C VAL A 90 17.95 -36.27 14.10
N TYR A 91 18.79 -36.17 15.13
CA TYR A 91 20.25 -36.20 14.99
C TYR A 91 20.71 -37.58 15.42
N PHE A 92 21.03 -38.43 14.45
CA PHE A 92 21.43 -39.80 14.72
C PHE A 92 22.95 -39.95 14.61
N ALA A 93 23.53 -40.62 15.59
CA ALA A 93 24.96 -40.88 15.61
C ALA A 93 25.21 -42.19 16.32
N SER A 94 26.37 -42.78 16.04
CA SER A 94 26.74 -44.04 16.68
C SER A 94 28.23 -44.27 16.49
N THR A 95 28.80 -45.08 17.38
CA THR A 95 30.17 -45.54 17.27
C THR A 95 30.17 -47.06 17.36
N GLU A 96 30.73 -47.71 16.34
CA GLU A 96 30.73 -49.16 16.29
C GLU A 96 31.92 -49.64 15.47
N LYS A 97 32.28 -50.91 15.67
CA LYS A 97 33.38 -51.52 14.96
C LYS A 97 32.96 -52.66 14.04
N SER A 98 31.85 -53.33 14.34
CA SER A 98 31.38 -54.45 13.55
C SER A 98 30.38 -54.04 12.46
N ASN A 99 30.02 -52.76 12.41
CA ASN A 99 29.06 -52.26 11.41
C ASN A 99 27.74 -53.04 11.47
N ILE A 100 27.29 -53.35 12.68
CA ILE A 100 26.07 -54.14 12.84
C ILE A 100 24.86 -53.36 12.34
N ILE A 101 24.80 -52.06 12.64
CA ILE A 101 23.69 -51.23 12.18
C ILE A 101 23.73 -51.13 10.67
N ARG A 102 22.60 -51.39 10.02
CA ARG A 102 22.50 -51.39 8.57
C ARG A 102 21.66 -50.24 8.03
N GLY A 103 20.41 -50.11 8.48
CA GLY A 103 19.53 -49.11 7.90
C GLY A 103 18.55 -48.50 8.88
N TRP A 104 17.51 -47.84 8.34
CA TRP A 104 16.53 -47.15 9.15
C TRP A 104 15.15 -47.34 8.55
N ILE A 105 14.13 -47.19 9.40
CA ILE A 105 12.74 -47.25 8.99
C ILE A 105 12.03 -45.99 9.47
N PHE A 106 11.34 -45.32 8.55
CA PHE A 106 10.56 -44.13 8.87
C PHE A 106 9.11 -44.37 8.50
N GLY A 107 8.20 -43.97 9.38
CA GLY A 107 6.78 -44.16 9.13
C GLY A 107 5.96 -43.60 10.26
N THR A 108 4.64 -43.80 10.14
CA THR A 108 3.68 -43.31 11.11
C THR A 108 3.13 -44.41 12.02
N THR A 109 2.62 -45.49 11.43
CA THR A 109 2.07 -46.60 12.20
C THR A 109 2.81 -47.91 12.02
N LEU A 110 3.78 -47.98 11.12
CA LEU A 110 4.59 -49.18 10.88
C LEU A 110 3.70 -50.39 10.57
N ASP A 111 2.71 -50.19 9.71
CA ASP A 111 1.83 -51.26 9.28
C ASP A 111 1.39 -50.99 7.85
N SER A 112 0.37 -51.71 7.40
CA SER A 112 -0.15 -51.53 6.05
C SER A 112 -1.18 -50.42 5.95
N LYS A 113 -1.59 -49.82 7.06
CA LYS A 113 -2.59 -48.75 7.03
C LYS A 113 -2.06 -47.55 6.25
N THR A 114 -0.81 -47.16 6.52
CA THR A 114 -0.18 -46.03 5.86
C THR A 114 1.18 -46.45 5.32
N GLN A 115 1.64 -45.74 4.29
CA GLN A 115 2.95 -46.03 3.72
C GLN A 115 4.06 -45.65 4.70
N SER A 116 5.27 -46.12 4.40
CA SER A 116 6.41 -45.88 5.26
C SER A 116 7.67 -45.85 4.41
N LEU A 117 8.80 -45.60 5.07
CA LEU A 117 10.11 -45.56 4.43
C LEU A 117 10.98 -46.67 4.99
N LEU A 118 11.63 -47.42 4.10
CA LEU A 118 12.49 -48.54 4.48
C LEU A 118 13.86 -48.30 3.85
N ILE A 119 14.84 -47.93 4.68
CA ILE A 119 16.21 -47.73 4.25
C ILE A 119 17.04 -48.90 4.75
N VAL A 120 17.69 -49.61 3.82
CA VAL A 120 18.55 -50.74 4.15
C VAL A 120 19.88 -50.56 3.44
N ASN A 121 20.88 -51.28 3.94
CA ASN A 121 22.21 -51.27 3.36
C ASN A 121 22.75 -52.68 3.28
N ASN A 122 23.59 -52.93 2.28
CA ASN A 122 24.31 -54.18 2.14
C ASN A 122 25.70 -53.89 1.59
N ALA A 123 26.46 -54.95 1.31
CA ALA A 123 27.82 -54.80 0.83
C ALA A 123 27.89 -54.23 -0.59
N THR A 124 26.78 -54.19 -1.32
CA THR A 124 26.78 -53.75 -2.71
C THR A 124 26.42 -52.27 -2.85
N ASN A 125 25.24 -51.87 -2.40
CA ASN A 125 24.75 -50.51 -2.61
C ASN A 125 23.73 -50.19 -1.52
N VAL A 126 22.96 -49.14 -1.75
CA VAL A 126 21.91 -48.70 -0.82
C VAL A 126 20.56 -48.96 -1.48
N VAL A 127 19.69 -49.68 -0.77
CA VAL A 127 18.34 -49.99 -1.24
C VAL A 127 17.35 -49.26 -0.37
N ILE A 128 16.47 -48.48 -1.00
CA ILE A 128 15.47 -47.68 -0.29
C ILE A 128 14.14 -47.87 -1.01
N LYS A 129 13.09 -48.14 -0.24
CA LYS A 129 11.75 -48.38 -0.78
C LYS A 129 10.73 -47.59 0.01
N VAL A 130 9.63 -47.23 -0.65
CA VAL A 130 8.53 -46.50 -0.04
C VAL A 130 7.24 -47.23 -0.41
N CYS A 131 6.77 -48.09 0.49
CA CYS A 131 5.54 -48.84 0.28
C CYS A 131 4.81 -48.98 1.61
N GLU A 132 3.69 -49.69 1.59
CA GLU A 132 2.93 -49.99 2.80
C GLU A 132 3.55 -51.23 3.47
N PHE A 133 4.77 -51.03 3.98
CA PHE A 133 5.53 -52.13 4.56
C PHE A 133 4.90 -52.60 5.87
N GLN A 134 4.84 -53.92 6.03
CA GLN A 134 4.33 -54.55 7.25
C GLN A 134 5.53 -55.12 8.00
N PHE A 135 6.13 -54.29 8.84
CA PHE A 135 7.33 -54.70 9.57
C PHE A 135 6.98 -55.69 10.68
N CYS A 136 7.98 -56.46 11.09
CA CYS A 136 7.84 -57.36 12.22
C CYS A 136 7.89 -56.57 13.52
N ASN A 137 7.56 -57.25 14.62
CA ASN A 137 7.59 -56.59 15.93
C ASN A 137 9.01 -56.16 16.28
N ASP A 138 10.00 -57.02 16.05
CA ASP A 138 11.40 -56.74 16.31
C ASP A 138 12.22 -57.10 15.08
N PRO A 139 12.15 -56.28 14.03
CA PRO A 139 12.86 -56.61 12.79
C PRO A 139 14.37 -56.57 12.97
N PHE A 140 15.06 -57.43 12.23
CA PHE A 140 16.52 -57.44 12.20
C PHE A 140 16.97 -58.07 10.89
N LEU A 141 18.22 -57.81 10.54
CA LEU A 141 18.81 -58.34 9.31
C LEU A 141 19.39 -59.72 9.60
N GLY A 142 18.79 -60.75 9.02
CA GLY A 142 19.27 -62.10 9.21
C GLY A 142 20.34 -62.49 8.23
N VAL A 143 21.58 -62.61 8.70
CA VAL A 143 22.72 -63.01 7.88
C VAL A 143 22.94 -64.50 8.10
N TYR A 144 23.07 -65.25 7.01
CA TYR A 144 23.20 -66.69 7.06
C TYR A 144 24.36 -67.13 6.18
N TYR A 145 24.66 -68.43 6.22
CA TYR A 145 25.74 -69.04 5.46
C TYR A 145 25.14 -69.98 4.43
N HIS A 146 25.56 -69.83 3.17
CA HIS A 146 25.09 -70.67 2.08
C HIS A 146 26.17 -71.67 1.73
N LYS A 147 25.83 -72.97 1.79
CA LYS A 147 26.81 -74.01 1.50
C LYS A 147 27.25 -73.97 0.04
N ASN A 148 26.32 -73.69 -0.88
CA ASN A 148 26.66 -73.68 -2.30
C ASN A 148 27.67 -72.59 -2.63
N ASN A 149 27.47 -71.38 -2.08
CA ASN A 149 28.36 -70.27 -2.35
C ASN A 149 29.56 -70.23 -1.42
N LYS A 150 29.56 -71.02 -0.34
CA LYS A 150 30.67 -71.09 0.60
C LYS A 150 31.03 -69.72 1.16
N SER A 151 30.00 -68.92 1.46
CA SER A 151 30.19 -67.59 2.00
C SER A 151 28.95 -67.21 2.80
N TRP A 152 28.92 -65.97 3.27
CA TRP A 152 27.85 -65.46 4.11
C TRP A 152 26.96 -64.51 3.31
N MET A 153 25.66 -64.78 3.29
CA MET A 153 24.69 -63.92 2.64
C MET A 153 23.93 -63.10 3.70
N GLU A 154 23.07 -62.21 3.20
CA GLU A 154 22.21 -61.40 4.06
C GLU A 154 20.76 -61.56 3.60
N SER A 155 19.87 -61.83 4.55
CA SER A 155 18.45 -61.99 4.28
C SER A 155 17.66 -60.93 5.02
N GLU A 156 16.81 -60.22 4.28
CA GLU A 156 15.98 -59.16 4.84
C GLU A 156 14.54 -59.60 5.05
N PHE A 157 14.24 -60.88 4.89
CA PHE A 157 12.87 -61.36 5.08
C PHE A 157 12.42 -61.26 6.53
N ARG A 158 13.36 -61.20 7.48
CA ARG A 158 13.00 -61.08 8.89
C ARG A 158 12.56 -59.67 9.27
N VAL A 159 12.67 -58.71 8.36
CA VAL A 159 12.38 -57.31 8.68
C VAL A 159 10.91 -56.98 8.42
N TYR A 160 10.41 -57.32 7.23
CA TYR A 160 9.10 -56.86 6.79
C TYR A 160 8.31 -58.03 6.22
N SER A 161 7.00 -57.82 6.13
CA SER A 161 6.09 -58.73 5.47
C SER A 161 5.75 -58.18 4.09
N SER A 162 4.78 -58.79 3.42
CA SER A 162 4.39 -58.34 2.09
C SER A 162 3.88 -56.91 2.12
N ALA A 163 4.25 -56.14 1.10
CA ALA A 163 3.86 -54.74 1.00
C ALA A 163 3.37 -54.44 -0.41
N ASN A 164 2.49 -53.45 -0.52
CA ASN A 164 1.92 -53.05 -1.80
C ASN A 164 1.80 -51.53 -1.81
N ASN A 165 1.17 -51.01 -2.87
CA ASN A 165 0.99 -49.58 -3.06
C ASN A 165 2.32 -48.83 -3.03
N CYS A 166 3.33 -49.41 -3.65
CA CYS A 166 4.66 -48.82 -3.66
C CYS A 166 4.65 -47.50 -4.42
N THR A 167 5.45 -46.54 -3.94
CA THR A 167 5.45 -45.20 -4.52
C THR A 167 6.83 -44.67 -4.86
N PHE A 168 7.90 -45.17 -4.24
CA PHE A 168 9.23 -44.64 -4.53
C PHE A 168 10.27 -45.71 -4.25
N GLU A 169 11.33 -45.67 -5.05
CA GLU A 169 12.50 -46.53 -4.89
C GLU A 169 13.73 -45.74 -5.32
N TYR A 170 14.82 -45.89 -4.58
CA TYR A 170 16.04 -45.15 -4.85
C TYR A 170 17.26 -46.05 -4.66
N VAL A 171 18.28 -45.79 -5.46
CA VAL A 171 19.55 -46.50 -5.40
C VAL A 171 20.68 -45.48 -5.39
N SER A 172 21.64 -45.66 -4.49
CA SER A 172 22.77 -44.74 -4.39
C SER A 172 24.02 -45.54 -4.00
N GLN A 173 25.14 -44.84 -3.93
CA GLN A 173 26.39 -45.48 -3.56
C GLN A 173 26.34 -45.95 -2.10
N PRO A 174 26.96 -47.09 -1.79
CA PRO A 174 26.87 -47.60 -0.41
C PRO A 174 27.63 -46.73 0.57
N PHE A 175 27.09 -46.66 1.80
CA PHE A 175 27.78 -45.99 2.90
C PHE A 175 27.67 -46.83 4.16
N LEU A 176 28.03 -46.24 5.30
CA LEU A 176 28.01 -46.87 6.62
C LEU A 176 29.03 -48.00 6.76
N MET A 177 29.95 -48.14 5.82
CA MET A 177 30.96 -49.17 5.86
C MET A 177 32.33 -48.56 5.58
N ASP A 178 33.34 -49.09 6.26
CA ASP A 178 34.71 -48.60 6.14
C ASP A 178 35.49 -49.42 5.13
N LEU A 179 36.54 -48.80 4.58
CA LEU A 179 37.43 -49.46 3.64
C LEU A 179 38.87 -49.12 3.99
N GLU A 180 39.74 -50.12 3.94
CA GLU A 180 41.17 -49.95 4.21
C GLU A 180 41.40 -49.36 5.61
N GLY A 181 40.61 -49.79 6.57
CA GLY A 181 40.74 -49.30 7.93
C GLY A 181 40.20 -50.29 8.93
N LYS A 182 40.77 -50.26 10.13
CA LYS A 182 40.34 -51.12 11.23
C LYS A 182 40.02 -50.25 12.43
N GLN A 183 38.87 -50.50 13.07
CA GLN A 183 38.44 -49.70 14.20
C GLN A 183 39.19 -49.99 15.47
N GLY A 184 40.06 -51.02 15.49
CA GLY A 184 40.80 -51.32 16.70
C GLY A 184 41.68 -50.18 17.16
N ASN A 185 42.36 -49.52 16.22
CA ASN A 185 43.21 -48.38 16.53
C ASN A 185 42.53 -47.06 16.22
N PHE A 186 42.09 -46.89 14.98
CA PHE A 186 41.42 -45.66 14.56
C PHE A 186 39.91 -45.78 14.58
N LYS A 187 39.29 -45.24 15.63
CA LYS A 187 37.83 -45.28 15.75
C LYS A 187 37.20 -44.31 14.75
N ASN A 188 35.93 -44.59 14.43
CA ASN A 188 35.17 -43.76 13.50
C ASN A 188 33.82 -43.43 14.11
N LEU A 189 33.30 -42.26 13.73
CA LEU A 189 32.01 -41.80 14.21
C LEU A 189 31.13 -41.49 13.01
N ARG A 190 29.91 -42.00 13.02
CA ARG A 190 28.93 -41.75 11.97
C ARG A 190 27.85 -40.83 12.54
N GLU A 191 27.58 -39.73 11.86
CA GLU A 191 26.58 -38.76 12.31
C GLU A 191 25.63 -38.45 11.16
N PHE A 192 24.34 -38.69 11.38
CA PHE A 192 23.31 -38.42 10.39
C PHE A 192 22.29 -37.44 10.97
N VAL A 193 21.69 -36.65 10.08
CA VAL A 193 20.62 -35.73 10.44
C VAL A 193 19.51 -35.88 9.40
N PHE A 194 18.29 -36.13 9.88
CA PHE A 194 17.14 -36.34 9.01
C PHE A 194 16.12 -35.24 9.25
N LYS A 195 15.64 -34.64 8.16
CA LYS A 195 14.66 -33.57 8.23
C LYS A 195 13.48 -33.91 7.33
N ASN A 196 12.42 -33.11 7.45
CA ASN A 196 11.21 -33.31 6.65
C ASN A 196 10.50 -31.96 6.55
N ILE A 197 10.67 -31.29 5.41
CA ILE A 197 10.01 -30.01 5.15
C ILE A 197 9.66 -29.94 3.67
N ASP A 198 8.48 -29.36 3.38
CA ASP A 198 8.01 -29.18 2.02
C ASP A 198 7.95 -30.51 1.27
N GLY A 199 7.59 -31.58 1.96
CA GLY A 199 7.54 -32.88 1.36
C GLY A 199 8.87 -33.39 0.85
N TYR A 200 9.97 -32.90 1.40
CA TYR A 200 11.31 -33.28 0.99
C TYR A 200 12.04 -33.92 2.16
N PHE A 201 12.69 -35.04 1.91
CA PHE A 201 13.43 -35.78 2.92
C PHE A 201 14.92 -35.69 2.58
N LYS A 202 15.71 -35.26 3.56
CA LYS A 202 17.13 -34.98 3.34
C LYS A 202 17.98 -35.86 4.24
N ILE A 203 19.05 -36.43 3.68
CA ILE A 203 19.98 -37.27 4.42
C ILE A 203 21.33 -36.56 4.46
N TYR A 204 21.83 -36.32 5.67
CA TYR A 204 23.12 -35.68 5.89
C TYR A 204 24.06 -36.68 6.53
N SER A 205 25.34 -36.61 6.16
CA SER A 205 26.31 -37.61 6.62
C SER A 205 27.69 -36.97 6.73
N LYS A 206 28.54 -37.62 7.52
CA LYS A 206 29.95 -37.23 7.63
C LYS A 206 30.73 -38.40 8.21
N HIS A 207 31.74 -38.85 7.47
CA HIS A 207 32.60 -39.94 7.91
C HIS A 207 33.91 -39.33 8.40
N THR A 208 34.14 -39.37 9.71
CA THR A 208 35.33 -38.80 10.31
C THR A 208 35.94 -39.77 11.32
N PRO A 209 37.26 -39.80 11.43
CA PRO A 209 37.90 -40.66 12.43
C PRO A 209 38.14 -39.93 13.74
N ILE A 210 38.08 -40.72 14.83
CA ILE A 210 38.36 -40.22 16.17
C ILE A 210 39.32 -41.17 16.86
N ASN A 211 40.23 -40.61 17.65
CA ASN A 211 41.19 -41.42 18.39
C ASN A 211 41.40 -40.91 19.81
N LEU A 212 40.44 -40.20 20.38
CA LEU A 212 40.58 -39.65 21.72
C LEU A 212 39.86 -40.52 22.74
N VAL A 213 40.08 -40.21 24.01
CA VAL A 213 39.49 -40.98 25.10
C VAL A 213 37.98 -40.78 25.14
N ARG A 214 37.51 -39.59 24.81
CA ARG A 214 36.09 -39.27 24.92
C ARG A 214 35.26 -40.14 23.99
N ASP A 215 34.04 -40.44 24.43
CA ASP A 215 33.11 -41.20 23.59
C ASP A 215 32.65 -40.37 22.40
N LEU A 216 32.54 -39.06 22.56
CA LEU A 216 32.16 -38.15 21.50
C LEU A 216 33.20 -37.04 21.38
N PRO A 217 33.44 -36.54 20.18
CA PRO A 217 34.49 -35.54 20.00
C PRO A 217 34.06 -34.15 20.49
N GLN A 218 35.06 -33.29 20.63
CA GLN A 218 34.83 -31.92 21.08
C GLN A 218 34.23 -31.04 20.00
N GLY A 219 34.12 -31.53 18.77
CA GLY A 219 33.56 -30.74 17.68
C GLY A 219 34.44 -30.76 16.45
N PHE A 220 34.64 -29.58 15.85
CA PHE A 220 35.60 -29.39 14.76
C PHE A 220 35.16 -30.11 13.49
N SER A 221 34.05 -30.83 13.54
CA SER A 221 33.56 -31.61 12.41
C SER A 221 32.18 -31.11 12.01
N ALA A 222 32.04 -30.77 10.73
CA ALA A 222 30.77 -30.33 10.19
C ALA A 222 29.96 -31.53 9.70
N LEU A 223 28.85 -31.26 9.02
CA LEU A 223 28.00 -32.29 8.46
C LEU A 223 27.69 -31.95 7.01
N GLU A 224 27.99 -32.89 6.09
CA GLU A 224 27.79 -32.62 4.68
C GLU A 224 26.52 -33.28 4.17
N PRO A 225 25.84 -32.66 3.21
CA PRO A 225 24.65 -33.29 2.63
C PRO A 225 25.03 -34.27 1.52
N LEU A 226 24.51 -35.49 1.63
CA LEU A 226 24.84 -36.55 0.69
C LEU A 226 23.88 -36.59 -0.50
N VAL A 227 22.59 -36.81 -0.24
CA VAL A 227 21.57 -36.90 -1.27
C VAL A 227 20.27 -36.30 -0.75
N ASP A 228 19.36 -36.00 -1.68
CA ASP A 228 18.04 -35.47 -1.34
C ASP A 228 16.99 -36.38 -1.95
N LEU A 229 16.08 -36.88 -1.13
CA LEU A 229 15.03 -37.78 -1.59
C LEU A 229 13.67 -37.14 -1.32
N PRO A 230 13.01 -36.58 -2.32
CA PRO A 230 11.71 -35.91 -2.10
C PRO A 230 10.59 -36.91 -1.92
N ILE A 231 10.13 -37.08 -0.68
CA ILE A 231 9.04 -37.97 -0.34
C ILE A 231 7.97 -37.16 0.38
N GLY A 232 6.76 -37.15 -0.17
CA GLY A 232 5.67 -36.41 0.44
C GLY A 232 4.86 -37.26 1.42
N ILE A 233 5.49 -37.66 2.53
CA ILE A 233 4.86 -38.54 3.50
C ILE A 233 5.06 -37.95 4.89
N ASN A 234 4.15 -38.31 5.80
CA ASN A 234 4.24 -37.88 7.19
C ASN A 234 5.09 -38.87 7.97
N ILE A 235 5.98 -38.34 8.80
CA ILE A 235 6.88 -39.14 9.63
C ILE A 235 6.67 -38.75 11.08
N THR A 236 6.46 -39.75 11.94
CA THR A 236 6.32 -39.53 13.37
C THR A 236 7.14 -40.48 14.24
N ARG A 237 7.53 -41.64 13.73
CA ARG A 237 8.32 -42.60 14.49
C ARG A 237 9.39 -43.20 13.59
N PHE A 238 10.47 -43.65 14.22
CA PHE A 238 11.57 -44.26 13.47
C PHE A 238 12.33 -45.21 14.40
N GLN A 239 12.89 -46.26 13.81
CA GLN A 239 13.60 -47.29 14.54
C GLN A 239 14.86 -47.69 13.79
N THR A 240 15.91 -48.03 14.53
CA THR A 240 17.15 -48.50 13.92
C THR A 240 16.99 -49.94 13.43
N LEU A 241 17.80 -50.29 12.42
CA LEU A 241 17.84 -51.65 11.88
C LEU A 241 19.13 -52.32 12.33
N LEU A 242 19.02 -53.59 12.73
CA LEU A 242 20.15 -54.34 13.25
C LEU A 242 20.35 -55.62 12.46
N ALA A 243 21.57 -56.14 12.51
CA ALA A 243 21.93 -57.38 11.86
C ALA A 243 22.30 -58.42 12.91
N LEU A 244 21.65 -59.58 12.84
CA LEU A 244 21.90 -60.68 13.77
C LEU A 244 22.28 -61.92 13.00
N HIS A 245 23.26 -62.66 13.52
CA HIS A 245 23.74 -63.87 12.88
C HIS A 245 22.96 -65.08 13.40
N ARG A 246 22.44 -65.87 12.48
CA ARG A 246 21.65 -67.03 12.85
C ARG A 246 22.53 -68.12 13.47
N SER A 247 22.09 -68.65 14.61
CA SER A 247 22.81 -69.73 15.26
C SER A 247 22.50 -71.05 14.56
N TYR A 248 23.55 -71.84 14.32
CA TYR A 248 23.44 -73.12 13.61
C TYR A 248 23.42 -74.25 14.64
N LEU A 249 22.38 -75.08 14.57
CA LEU A 249 22.18 -76.17 15.51
C LEU A 249 22.21 -77.49 14.76
N THR A 250 22.16 -78.58 15.52
CA THR A 250 22.16 -79.91 14.93
C THR A 250 20.85 -80.15 14.18
N PRO A 251 20.88 -80.97 13.13
CA PRO A 251 19.64 -81.26 12.38
C PRO A 251 18.56 -81.89 13.25
N GLY A 252 18.93 -82.68 14.25
CA GLY A 252 17.96 -83.31 15.12
C GLY A 252 17.40 -82.46 16.22
N ASP A 253 17.86 -81.21 16.33
CA ASP A 253 17.38 -80.29 17.36
C ASP A 253 16.69 -79.10 16.71
N SER A 254 15.51 -78.76 17.22
CA SER A 254 14.73 -77.63 16.72
C SER A 254 14.65 -76.58 17.82
N SER A 255 15.31 -75.44 17.60
CA SER A 255 15.31 -74.36 18.57
C SER A 255 15.58 -73.05 17.85
N SER A 256 15.29 -71.94 18.54
CA SER A 256 15.49 -70.61 18.01
C SER A 256 16.59 -69.91 18.78
N GLY A 257 17.58 -69.38 18.07
CA GLY A 257 18.67 -68.67 18.71
C GLY A 257 19.42 -67.83 17.71
N TRP A 258 20.01 -66.73 18.20
CA TRP A 258 20.74 -65.81 17.35
C TRP A 258 21.99 -65.34 18.10
N THR A 259 22.98 -64.91 17.33
CA THR A 259 24.25 -64.42 17.87
C THR A 259 24.53 -63.03 17.34
N ALA A 260 24.97 -62.14 18.23
CA ALA A 260 25.29 -60.77 17.85
C ALA A 260 26.23 -60.18 18.88
N GLY A 261 26.89 -59.08 18.50
CA GLY A 261 27.79 -58.38 19.37
C GLY A 261 27.16 -57.10 19.95
N ALA A 262 27.92 -56.45 20.80
CA ALA A 262 27.46 -55.23 21.45
C ALA A 262 27.38 -54.08 20.44
N ALA A 263 26.32 -53.29 20.54
CA ALA A 263 26.13 -52.14 19.66
C ALA A 263 25.30 -51.10 20.39
N ALA A 264 25.42 -49.85 19.92
CA ALA A 264 24.73 -48.73 20.54
C ALA A 264 24.65 -47.59 19.54
N TYR A 265 23.93 -46.54 19.93
CA TYR A 265 23.79 -45.35 19.08
C TYR A 265 23.32 -44.20 19.95
N TYR A 266 23.39 -43.00 19.38
CA TYR A 266 22.97 -41.77 20.04
C TYR A 266 21.83 -41.13 19.27
N VAL A 267 20.86 -40.57 20.00
CA VAL A 267 19.67 -39.99 19.42
C VAL A 267 19.53 -38.54 19.89
N GLY A 268 19.24 -37.65 18.96
CA GLY A 268 19.04 -36.25 19.28
C GLY A 268 17.67 -35.76 18.78
N TYR A 269 17.39 -34.51 19.11
CA TYR A 269 16.13 -33.88 18.72
C TYR A 269 16.40 -32.42 18.43
N LEU A 270 16.22 -32.01 17.18
CA LEU A 270 16.49 -30.63 16.80
C LEU A 270 15.41 -29.69 17.34
N GLN A 271 15.70 -28.40 17.28
CA GLN A 271 14.81 -27.36 17.78
C GLN A 271 15.10 -26.09 16.99
N PRO A 272 14.09 -25.30 16.63
CA PRO A 272 14.36 -24.05 15.92
C PRO A 272 15.29 -23.14 16.71
N ARG A 273 16.29 -22.60 16.03
CA ARG A 273 17.36 -21.85 16.68
C ARG A 273 17.91 -20.83 15.69
N THR A 274 18.91 -20.08 16.16
CA THR A 274 19.69 -19.17 15.32
C THR A 274 21.16 -19.50 15.53
N PHE A 275 21.86 -19.80 14.45
CA PHE A 275 23.26 -20.21 14.51
C PHE A 275 24.11 -19.27 13.67
N LEU A 276 25.26 -18.88 14.22
CA LEU A 276 26.25 -18.08 13.51
C LEU A 276 27.42 -19.00 13.17
N LEU A 277 27.58 -19.30 11.89
CA LEU A 277 28.56 -20.27 11.43
C LEU A 277 29.68 -19.56 10.67
N LYS A 278 30.87 -20.16 10.71
CA LYS A 278 32.06 -19.60 10.10
C LYS A 278 32.50 -20.45 8.93
N TYR A 279 32.76 -19.80 7.79
CA TYR A 279 33.28 -20.44 6.59
C TYR A 279 34.73 -20.03 6.39
N ASN A 280 35.60 -20.99 6.12
CA ASN A 280 37.01 -20.71 5.88
C ASN A 280 37.20 -20.27 4.43
N GLU A 281 38.45 -20.19 3.99
CA GLU A 281 38.72 -19.76 2.62
C GLU A 281 38.20 -20.79 1.62
N ASN A 282 38.27 -22.07 1.96
CA ASN A 282 37.76 -23.11 1.06
C ASN A 282 36.24 -23.00 0.90
N GLY A 283 35.53 -22.75 2.00
CA GLY A 283 34.08 -22.73 1.97
C GLY A 283 33.48 -23.81 2.84
N THR A 284 34.31 -24.43 3.67
CA THR A 284 33.90 -25.51 4.56
C THR A 284 33.63 -24.94 5.95
N ILE A 285 32.50 -25.33 6.54
CA ILE A 285 32.15 -24.87 7.88
C ILE A 285 33.12 -25.45 8.88
N THR A 286 33.68 -24.59 9.75
CA THR A 286 34.67 -25.02 10.72
C THR A 286 34.27 -24.76 12.17
N ASP A 287 33.38 -23.81 12.44
CA ASP A 287 33.00 -23.51 13.81
C ASP A 287 31.67 -22.77 13.81
N ALA A 288 30.94 -22.89 14.92
CA ALA A 288 29.63 -22.26 15.05
C ALA A 288 29.37 -21.95 16.51
N VAL A 289 28.42 -21.05 16.75
CA VAL A 289 28.03 -20.63 18.09
C VAL A 289 26.52 -20.59 18.18
N ASP A 290 26.00 -21.02 19.33
CA ASP A 290 24.56 -21.03 19.58
C ASP A 290 24.16 -19.67 20.13
N CYS A 291 23.36 -18.94 19.36
CA CYS A 291 23.00 -17.57 19.73
C CYS A 291 21.93 -17.50 20.81
N ALA A 292 21.58 -18.61 21.45
CA ALA A 292 20.56 -18.61 22.49
C ALA A 292 20.94 -19.55 23.63
N LEU A 293 22.23 -19.70 23.90
CA LEU A 293 22.69 -20.60 24.95
C LEU A 293 23.41 -19.86 26.07
N ASP A 294 24.35 -18.99 25.76
CA ASP A 294 25.07 -18.22 26.76
C ASP A 294 25.04 -16.74 26.40
N PRO A 295 25.11 -15.86 27.40
CA PRO A 295 25.15 -14.42 27.09
C PRO A 295 26.32 -14.04 26.21
N LEU A 296 27.50 -14.64 26.43
CA LEU A 296 28.66 -14.34 25.59
C LEU A 296 28.39 -14.72 24.14
N SER A 297 27.76 -15.88 23.92
CA SER A 297 27.38 -16.25 22.56
C SER A 297 26.35 -15.29 21.99
N GLU A 298 25.48 -14.73 22.83
CA GLU A 298 24.54 -13.73 22.35
C GLU A 298 25.26 -12.48 21.87
N THR A 299 26.27 -12.02 22.61
CA THR A 299 27.08 -10.90 22.14
C THR A 299 27.80 -11.26 20.84
N LYS A 300 28.32 -12.48 20.75
CA LYS A 300 28.98 -12.91 19.52
C LYS A 300 28.03 -12.85 18.34
N CYS A 301 26.79 -13.30 18.54
CA CYS A 301 25.81 -13.29 17.45
C CYS A 301 25.40 -11.87 17.07
N THR A 302 25.17 -11.02 18.08
CA THR A 302 24.73 -9.65 17.78
C THR A 302 25.83 -8.85 17.11
N LEU A 303 27.08 -9.04 17.51
CA LEU A 303 28.21 -8.35 16.90
C LEU A 303 28.65 -8.99 15.59
N LYS A 304 28.17 -10.20 15.28
CA LYS A 304 28.54 -10.92 14.06
C LYS A 304 30.05 -11.11 13.97
N SER A 305 30.60 -11.72 15.02
CA SER A 305 32.02 -12.03 15.06
C SER A 305 32.25 -13.18 16.03
N PHE A 306 33.37 -13.87 15.86
CA PHE A 306 33.75 -14.97 16.73
C PHE A 306 34.61 -14.54 17.91
N THR A 307 35.03 -13.28 17.95
CA THR A 307 35.75 -12.73 19.08
C THR A 307 35.15 -11.39 19.46
N VAL A 308 35.21 -11.05 20.74
CA VAL A 308 34.62 -9.83 21.26
C VAL A 308 35.68 -9.04 22.01
N GLU A 309 35.75 -7.74 21.75
CA GLU A 309 36.67 -6.87 22.45
C GLU A 309 36.07 -6.40 23.77
N LYS A 310 36.95 -5.99 24.68
CA LYS A 310 36.51 -5.53 25.99
C LYS A 310 35.61 -4.31 25.86
N GLY A 311 34.49 -4.34 26.56
CA GLY A 311 33.55 -3.24 26.52
C GLY A 311 32.17 -3.69 26.97
N ILE A 312 31.18 -2.86 26.63
CA ILE A 312 29.78 -3.16 26.92
C ILE A 312 29.02 -3.20 25.60
N TYR A 313 27.98 -4.04 25.55
CA TYR A 313 27.15 -4.18 24.37
C TYR A 313 25.72 -4.50 24.79
N GLN A 314 24.76 -3.94 24.07
CA GLN A 314 23.34 -4.23 24.30
C GLN A 314 22.90 -5.29 23.30
N THR A 315 22.47 -6.44 23.82
CA THR A 315 22.17 -7.60 22.99
C THR A 315 20.70 -7.89 22.83
N SER A 316 19.90 -7.71 23.89
CA SER A 316 18.49 -8.06 23.83
C SER A 316 17.70 -7.16 24.76
N ASN A 317 16.39 -7.15 24.55
CA ASN A 317 15.46 -6.38 25.35
C ASN A 317 14.70 -7.32 26.28
N PHE A 318 14.70 -7.01 27.57
CA PHE A 318 14.08 -7.85 28.57
C PHE A 318 12.77 -7.21 29.01
N ARG A 319 11.70 -8.00 29.00
CA ARG A 319 10.36 -7.48 29.28
C ARG A 319 9.58 -8.53 30.07
N VAL A 320 9.00 -8.11 31.19
CA VAL A 320 8.20 -8.99 32.03
C VAL A 320 6.81 -9.11 31.43
N GLN A 321 6.04 -10.10 31.90
CA GLN A 321 4.69 -10.32 31.43
C GLN A 321 3.74 -10.45 32.61
N PRO A 322 2.48 -10.04 32.45
CA PRO A 322 1.53 -10.13 33.56
C PRO A 322 1.28 -11.57 33.98
N THR A 323 1.10 -11.76 35.28
CA THR A 323 0.83 -13.10 35.82
C THR A 323 -0.56 -13.58 35.42
N GLU A 324 -1.57 -12.72 35.59
CA GLU A 324 -2.94 -13.08 35.27
C GLU A 324 -3.73 -11.81 35.00
N SER A 325 -4.87 -11.98 34.35
CA SER A 325 -5.76 -10.86 34.04
C SER A 325 -6.80 -10.72 35.14
N ILE A 326 -6.89 -9.55 35.74
CA ILE A 326 -7.86 -9.28 36.79
C ILE A 326 -8.90 -8.30 36.28
N VAL A 327 -10.07 -8.31 36.92
CA VAL A 327 -11.19 -7.47 36.54
C VAL A 327 -11.86 -6.94 37.79
N ARG A 328 -12.43 -5.74 37.69
CA ARG A 328 -13.10 -5.12 38.82
C ARG A 328 -14.25 -4.27 38.31
N PHE A 329 -15.39 -4.38 38.97
CA PHE A 329 -16.61 -3.66 38.62
C PHE A 329 -17.26 -3.14 39.89
N PRO A 330 -18.13 -2.12 39.78
CA PRO A 330 -18.80 -1.59 40.98
C PRO A 330 -19.68 -2.62 41.68
N ASN A 331 -20.21 -2.24 42.84
CA ASN A 331 -20.93 -3.17 43.69
C ASN A 331 -22.26 -3.58 43.08
N ILE A 332 -22.90 -4.56 43.71
CA ILE A 332 -24.20 -5.06 43.30
C ILE A 332 -25.23 -4.38 44.19
N THR A 333 -25.80 -3.27 43.71
CA THR A 333 -26.78 -2.50 44.46
C THR A 333 -27.96 -2.19 43.56
N ASN A 334 -29.13 -2.00 44.20
CA ASN A 334 -30.38 -1.73 43.49
C ASN A 334 -30.71 -2.84 42.51
N LEU A 335 -30.90 -4.04 43.05
CA LEU A 335 -31.25 -5.19 42.24
C LEU A 335 -32.69 -5.05 41.73
N CYS A 336 -32.98 -5.76 40.64
CA CYS A 336 -34.33 -5.73 40.08
C CYS A 336 -35.34 -6.20 41.12
N PRO A 337 -36.43 -5.45 41.33
CA PRO A 337 -37.44 -5.83 42.33
C PRO A 337 -38.33 -6.98 41.87
N PHE A 338 -37.71 -8.06 41.39
CA PHE A 338 -38.48 -9.22 40.97
C PHE A 338 -39.04 -9.99 42.17
N GLY A 339 -38.34 -9.96 43.30
CA GLY A 339 -38.84 -10.64 44.48
C GLY A 339 -40.11 -10.02 45.03
N GLU A 340 -40.17 -8.69 45.08
CA GLU A 340 -41.36 -8.02 45.60
C GLU A 340 -42.57 -8.20 44.69
N VAL A 341 -42.37 -8.58 43.43
CA VAL A 341 -43.45 -8.77 42.49
C VAL A 341 -43.89 -10.23 42.43
N PHE A 342 -42.94 -11.15 42.29
CA PHE A 342 -43.28 -12.56 42.18
C PHE A 342 -43.77 -13.13 43.51
N ASN A 343 -43.24 -12.64 44.64
CA ASN A 343 -43.67 -13.08 45.96
C ASN A 343 -44.75 -12.17 46.53
N ALA A 344 -45.56 -11.56 45.67
CA ALA A 344 -46.62 -10.67 46.13
C ALA A 344 -47.71 -11.46 46.84
N THR A 345 -48.29 -10.84 47.88
CA THR A 345 -49.34 -11.49 48.65
C THR A 345 -50.59 -11.70 47.81
N ARG A 346 -50.98 -10.70 47.04
CA ARG A 346 -52.21 -10.74 46.26
C ARG A 346 -51.95 -10.36 44.81
N PHE A 347 -52.84 -10.78 43.94
CA PHE A 347 -52.77 -10.53 42.52
C PHE A 347 -53.92 -9.63 42.08
N ALA A 348 -54.03 -9.43 40.76
CA ALA A 348 -55.08 -8.61 40.17
C ALA A 348 -55.80 -9.40 39.09
N SER A 349 -56.98 -8.94 38.73
CA SER A 349 -57.77 -9.59 37.70
C SER A 349 -57.10 -9.48 36.34
N VAL A 350 -57.38 -10.46 35.47
CA VAL A 350 -56.75 -10.50 34.16
C VAL A 350 -57.20 -9.31 33.30
N TYR A 351 -58.49 -8.99 33.33
CA TYR A 351 -58.98 -7.85 32.56
C TYR A 351 -58.47 -6.51 33.10
N ALA A 352 -58.07 -6.47 34.37
CA ALA A 352 -57.53 -5.26 34.96
C ALA A 352 -56.11 -5.49 35.44
N TRP A 353 -55.28 -6.12 34.60
CA TRP A 353 -53.93 -6.48 34.98
C TRP A 353 -53.12 -5.26 35.41
N ASN A 354 -52.44 -5.38 36.54
CA ASN A 354 -51.60 -4.30 37.04
C ASN A 354 -50.25 -4.30 36.33
N ARG A 355 -49.73 -3.10 36.08
CA ARG A 355 -48.47 -2.92 35.39
C ARG A 355 -47.44 -2.30 36.33
N LYS A 356 -46.27 -2.92 36.41
CA LYS A 356 -45.18 -2.44 37.24
C LYS A 356 -43.99 -2.06 36.33
N ARG A 357 -43.37 -0.94 36.66
CA ARG A 357 -42.25 -0.41 35.87
C ARG A 357 -40.95 -0.66 36.60
N ILE A 358 -39.99 -1.28 35.91
CA ILE A 358 -38.68 -1.59 36.47
C ILE A 358 -37.63 -1.05 35.50
N SER A 359 -36.83 -0.10 35.96
CA SER A 359 -35.80 0.52 35.13
C SER A 359 -34.72 1.09 36.04
N ASN A 360 -33.57 1.39 35.42
CA ASN A 360 -32.44 2.03 36.10
C ASN A 360 -32.01 1.23 37.33
N CYS A 361 -31.91 -0.09 37.16
CA CYS A 361 -31.51 -0.96 38.25
C CYS A 361 -30.88 -2.21 37.69
N VAL A 362 -30.11 -2.90 38.55
CA VAL A 362 -29.38 -4.10 38.14
C VAL A 362 -30.33 -5.29 38.06
N ALA A 363 -30.13 -6.13 37.05
CA ALA A 363 -30.94 -7.31 36.84
C ALA A 363 -30.15 -8.55 37.25
N ASP A 364 -30.85 -9.53 37.81
CA ASP A 364 -30.25 -10.81 38.22
C ASP A 364 -31.27 -11.91 37.91
N TYR A 365 -31.14 -12.51 36.73
CA TYR A 365 -32.09 -13.53 36.29
C TYR A 365 -31.76 -14.92 36.83
N SER A 366 -30.58 -15.09 37.46
CA SER A 366 -30.24 -16.39 38.03
C SER A 366 -31.22 -16.79 39.12
N VAL A 367 -31.59 -15.83 39.97
CA VAL A 367 -32.58 -16.06 41.02
C VAL A 367 -33.94 -16.41 40.46
N LEU A 368 -34.15 -16.20 39.16
CA LEU A 368 -35.42 -16.55 38.53
C LEU A 368 -35.44 -17.99 38.04
N TYR A 369 -34.46 -18.37 37.23
CA TYR A 369 -34.44 -19.73 36.68
C TYR A 369 -33.84 -20.76 37.62
N ASN A 370 -33.23 -20.34 38.73
CA ASN A 370 -32.57 -21.30 39.61
C ASN A 370 -33.57 -22.24 40.27
N SER A 371 -34.73 -21.73 40.67
CA SER A 371 -35.70 -22.50 41.44
C SER A 371 -36.56 -23.33 40.49
N ALA A 372 -36.58 -24.64 40.71
CA ALA A 372 -37.40 -25.53 39.91
C ALA A 372 -38.81 -25.64 40.51
N SER A 373 -39.45 -24.49 40.72
CA SER A 373 -40.79 -24.43 41.29
C SER A 373 -41.75 -23.72 40.34
N PHE A 374 -41.68 -24.06 39.05
CA PHE A 374 -42.51 -23.42 38.05
C PHE A 374 -42.97 -24.46 37.04
N SER A 375 -44.08 -24.15 36.37
CA SER A 375 -44.68 -25.06 35.41
C SER A 375 -44.31 -24.70 33.97
N THR A 376 -44.56 -23.46 33.55
CA THR A 376 -44.28 -23.01 32.21
C THR A 376 -43.31 -21.83 32.27
N PHE A 377 -42.15 -21.99 31.61
CA PHE A 377 -41.12 -20.98 31.55
C PHE A 377 -40.86 -20.70 30.06
N LYS A 378 -41.59 -19.74 29.51
CA LYS A 378 -41.55 -19.45 28.09
C LYS A 378 -41.07 -18.03 27.86
N CYS A 379 -40.19 -17.85 26.88
CA CYS A 379 -39.70 -16.53 26.49
C CYS A 379 -39.96 -16.34 25.00
N TYR A 380 -39.88 -15.10 24.56
CA TYR A 380 -40.03 -14.76 23.14
C TYR A 380 -38.83 -13.93 22.71
N GLY A 381 -38.10 -14.43 21.72
CA GLY A 381 -37.04 -13.66 21.08
C GLY A 381 -35.76 -13.52 21.87
N VAL A 382 -35.59 -14.25 22.97
CA VAL A 382 -34.38 -14.12 23.78
C VAL A 382 -34.15 -15.38 24.61
N SER A 383 -32.92 -15.88 24.58
CA SER A 383 -32.56 -17.03 25.39
C SER A 383 -32.34 -16.62 26.83
N PRO A 384 -32.92 -17.35 27.80
CA PRO A 384 -32.65 -17.04 29.20
C PRO A 384 -31.20 -17.24 29.59
N THR A 385 -30.46 -18.09 28.88
CA THR A 385 -29.08 -18.39 29.22
C THR A 385 -28.08 -17.46 28.54
N LYS A 386 -28.56 -16.47 27.79
CA LYS A 386 -27.64 -15.56 27.09
C LYS A 386 -27.82 -14.12 27.54
N LEU A 387 -27.91 -13.92 28.86
CA LEU A 387 -27.94 -12.57 29.40
C LEU A 387 -26.61 -11.86 29.20
N ASN A 388 -25.52 -12.62 29.10
CA ASN A 388 -24.19 -12.03 28.98
C ASN A 388 -24.03 -11.17 27.74
N ASP A 389 -24.83 -11.40 26.70
CA ASP A 389 -24.72 -10.65 25.45
C ASP A 389 -25.94 -9.80 25.14
N LEU A 390 -26.85 -9.63 26.09
CA LEU A 390 -28.05 -8.82 25.86
C LEU A 390 -28.37 -8.02 27.12
N CYS A 391 -28.52 -6.71 26.95
CA CYS A 391 -29.00 -5.82 27.99
C CYS A 391 -30.07 -4.92 27.40
N PHE A 392 -31.04 -4.54 28.23
CA PHE A 392 -32.21 -3.83 27.75
C PHE A 392 -32.47 -2.59 28.61
N THR A 393 -33.05 -1.57 27.99
CA THR A 393 -33.27 -0.31 28.67
C THR A 393 -34.32 -0.43 29.76
N ASN A 394 -35.47 -1.04 29.44
CA ASN A 394 -36.59 -1.09 30.36
C ASN A 394 -37.25 -2.45 30.28
N VAL A 395 -37.85 -2.87 31.41
CA VAL A 395 -38.58 -4.12 31.49
C VAL A 395 -39.91 -3.84 32.20
N TYR A 396 -40.92 -4.62 31.84
CA TYR A 396 -42.27 -4.46 32.38
C TYR A 396 -42.71 -5.76 33.04
N ALA A 397 -43.35 -5.63 34.20
CA ALA A 397 -43.84 -6.77 34.96
C ALA A 397 -45.36 -6.74 34.99
N ASP A 398 -45.99 -7.83 34.56
CA ASP A 398 -47.43 -7.96 34.57
C ASP A 398 -47.80 -9.35 35.04
N SER A 399 -48.97 -9.48 35.64
CA SER A 399 -49.40 -10.76 36.17
C SER A 399 -50.93 -10.84 36.15
N PHE A 400 -51.43 -12.08 36.12
CA PHE A 400 -52.86 -12.34 36.16
C PHE A 400 -53.07 -13.76 36.66
N VAL A 401 -54.30 -14.05 37.06
CA VAL A 401 -54.67 -15.33 37.67
C VAL A 401 -55.43 -16.15 36.64
N ILE A 402 -54.95 -17.37 36.40
CA ILE A 402 -55.53 -18.29 35.43
C ILE A 402 -55.68 -19.67 36.06
N ARG A 403 -56.50 -20.51 35.44
CA ARG A 403 -56.61 -21.91 35.83
C ARG A 403 -55.82 -22.76 34.83
N GLY A 404 -55.96 -24.08 34.94
CA GLY A 404 -55.05 -24.98 34.25
C GLY A 404 -55.13 -24.90 32.74
N ASP A 405 -56.34 -24.79 32.20
CA ASP A 405 -56.57 -25.02 30.78
C ASP A 405 -56.37 -23.77 29.91
N GLU A 406 -55.62 -22.78 30.38
CA GLU A 406 -55.38 -21.61 29.55
C GLU A 406 -53.95 -21.10 29.65
N VAL A 407 -53.00 -21.93 30.08
CA VAL A 407 -51.60 -21.50 30.09
C VAL A 407 -51.13 -21.20 28.68
N ARG A 408 -51.67 -21.92 27.69
CA ARG A 408 -51.32 -21.64 26.31
C ARG A 408 -51.92 -20.33 25.82
N GLN A 409 -52.95 -19.80 26.50
CA GLN A 409 -53.57 -18.57 26.04
C GLN A 409 -52.62 -17.39 26.00
N ILE A 410 -51.54 -17.41 26.78
CA ILE A 410 -50.53 -16.35 26.71
C ILE A 410 -49.57 -16.76 25.60
N ALA A 411 -49.95 -16.43 24.37
CA ALA A 411 -49.18 -16.76 23.18
C ALA A 411 -49.47 -15.69 22.13
N PRO A 412 -48.54 -15.46 21.21
CA PRO A 412 -48.74 -14.38 20.24
C PRO A 412 -49.60 -14.81 19.06
N GLY A 413 -50.56 -13.95 18.74
CA GLY A 413 -51.40 -14.13 17.57
C GLY A 413 -52.28 -15.36 17.60
N GLN A 414 -52.39 -16.01 18.75
CA GLN A 414 -53.18 -17.22 18.88
C GLN A 414 -54.58 -16.82 19.37
N THR A 415 -55.60 -17.52 18.86
CA THR A 415 -56.98 -17.13 19.10
C THR A 415 -57.48 -17.80 20.37
N GLY A 416 -57.91 -16.99 21.33
CA GLY A 416 -58.39 -17.50 22.61
C GLY A 416 -59.26 -16.48 23.30
N LYS A 417 -60.17 -16.97 24.13
CA LYS A 417 -61.14 -16.09 24.78
C LYS A 417 -60.44 -15.01 25.61
N ILE A 418 -59.56 -15.43 26.53
CA ILE A 418 -58.77 -14.47 27.29
C ILE A 418 -57.80 -13.74 26.37
N ALA A 419 -57.27 -14.45 25.37
CA ALA A 419 -56.32 -13.83 24.44
C ALA A 419 -56.98 -12.72 23.64
N ASP A 420 -58.13 -13.01 23.03
CA ASP A 420 -58.77 -12.05 22.14
C ASP A 420 -59.77 -11.15 22.85
N TYR A 421 -59.94 -11.28 24.17
CA TYR A 421 -60.93 -10.46 24.86
C TYR A 421 -60.33 -9.72 26.05
N ASN A 422 -59.32 -10.29 26.70
CA ASN A 422 -58.79 -9.73 27.93
C ASN A 422 -57.37 -9.20 27.76
N TYR A 423 -56.42 -10.04 27.33
CA TYR A 423 -55.01 -9.65 27.28
C TYR A 423 -54.41 -10.19 25.99
N LYS A 424 -54.46 -9.38 24.94
CA LYS A 424 -53.87 -9.75 23.66
C LYS A 424 -52.40 -9.38 23.64
N LEU A 425 -51.58 -10.24 23.06
CA LEU A 425 -50.17 -9.95 22.97
C LEU A 425 -49.81 -9.52 21.55
N PRO A 426 -48.86 -8.58 21.42
CA PRO A 426 -48.43 -8.17 20.07
C PRO A 426 -47.79 -9.33 19.34
N ASP A 427 -47.99 -9.24 18.03
CA ASP A 427 -47.44 -10.16 17.11
C ASP A 427 -45.97 -10.14 17.40
N ASP A 428 -45.28 -8.99 17.23
CA ASP A 428 -43.86 -8.73 17.40
C ASP A 428 -43.51 -8.66 18.88
N PHE A 429 -43.65 -9.81 19.54
CA PHE A 429 -43.41 -9.92 20.98
C PHE A 429 -42.00 -10.43 21.22
N THR A 430 -41.29 -9.76 22.12
CA THR A 430 -39.95 -10.18 22.55
C THR A 430 -39.91 -10.06 24.07
N GLY A 431 -40.24 -11.14 24.75
CA GLY A 431 -40.28 -11.10 26.19
C GLY A 431 -40.48 -12.47 26.80
N CYS A 432 -40.50 -12.49 28.13
CA CYS A 432 -40.62 -13.71 28.90
C CYS A 432 -42.06 -13.91 29.38
N VAL A 433 -42.39 -15.18 29.64
CA VAL A 433 -43.68 -15.55 30.21
C VAL A 433 -43.43 -16.67 31.22
N ILE A 434 -43.85 -16.46 32.47
CA ILE A 434 -43.61 -17.41 33.55
C ILE A 434 -44.95 -17.74 34.18
N ALA A 435 -45.23 -19.04 34.34
CA ALA A 435 -46.47 -19.49 34.93
C ALA A 435 -46.19 -20.65 35.89
N TRP A 436 -46.82 -20.59 37.06
CA TRP A 436 -46.77 -21.69 38.02
C TRP A 436 -48.11 -21.78 38.72
N ASN A 437 -48.43 -22.98 39.20
CA ASN A 437 -49.71 -23.22 39.87
C ASN A 437 -49.77 -22.46 41.19
N SER A 438 -50.95 -21.95 41.51
CA SER A 438 -51.20 -21.23 42.74
C SER A 438 -52.19 -21.95 43.63
N ASN A 439 -52.10 -23.29 43.69
CA ASN A 439 -53.03 -24.06 44.51
C ASN A 439 -52.83 -23.77 45.99
N ASN A 440 -51.64 -23.32 46.38
CA ASN A 440 -51.38 -23.05 47.80
C ASN A 440 -52.10 -21.78 48.23
N LEU A 441 -52.03 -20.72 47.43
CA LEU A 441 -52.51 -19.41 47.85
C LEU A 441 -53.97 -19.16 47.50
N ASP A 442 -54.38 -19.46 46.27
CA ASP A 442 -55.71 -19.11 45.78
C ASP A 442 -56.69 -20.27 45.86
N SER A 443 -56.60 -21.08 46.91
CA SER A 443 -57.54 -22.16 47.16
C SER A 443 -58.40 -21.84 48.36
N LYS A 444 -59.71 -21.88 48.19
CA LYS A 444 -60.66 -21.64 49.26
C LYS A 444 -61.63 -22.80 49.35
N VAL A 445 -61.95 -23.20 50.58
CA VAL A 445 -62.87 -24.32 50.79
C VAL A 445 -64.25 -23.98 50.22
N GLY A 446 -64.74 -22.76 50.49
CA GLY A 446 -66.03 -22.33 50.00
C GLY A 446 -66.06 -21.85 48.57
N GLY A 447 -64.92 -21.81 47.89
CA GLY A 447 -64.86 -21.35 46.52
C GLY A 447 -64.36 -19.93 46.40
N ASN A 448 -63.29 -19.74 45.62
CA ASN A 448 -62.70 -18.42 45.42
C ASN A 448 -63.38 -17.75 44.24
N TYR A 449 -64.30 -16.82 44.53
CA TYR A 449 -64.99 -16.05 43.50
C TYR A 449 -64.44 -14.64 43.37
N ASN A 450 -63.30 -14.35 43.99
CA ASN A 450 -62.75 -12.99 43.96
C ASN A 450 -62.13 -12.63 42.62
N TYR A 451 -61.86 -13.61 41.77
CA TYR A 451 -61.23 -13.38 40.48
C TYR A 451 -62.27 -13.49 39.36
N LEU A 452 -62.31 -12.50 38.48
CA LEU A 452 -63.27 -12.45 37.39
C LEU A 452 -62.54 -12.24 36.07
N TYR A 453 -63.17 -12.68 34.99
CA TYR A 453 -62.63 -12.50 33.65
C TYR A 453 -63.75 -12.08 32.72
N ARG A 454 -63.39 -11.36 31.66
CA ARG A 454 -64.36 -10.89 30.68
C ARG A 454 -64.65 -11.98 29.66
N LEU A 455 -65.93 -12.26 29.44
CA LEU A 455 -66.37 -13.28 28.50
C LEU A 455 -66.97 -12.70 27.22
N PHE A 456 -67.68 -11.58 27.32
CA PHE A 456 -68.32 -10.96 26.17
C PHE A 456 -67.69 -9.61 25.90
N ARG A 457 -67.36 -9.35 24.62
CA ARG A 457 -66.83 -8.07 24.21
C ARG A 457 -67.32 -7.76 22.80
N LYS A 458 -67.47 -6.47 22.51
CA LYS A 458 -68.04 -6.08 21.21
C LYS A 458 -67.08 -6.34 20.06
N SER A 459 -65.77 -6.20 20.29
CA SER A 459 -64.80 -6.38 19.23
C SER A 459 -63.47 -6.83 19.82
N ASN A 460 -62.60 -7.32 18.95
CA ASN A 460 -61.28 -7.76 19.38
C ASN A 460 -60.41 -6.56 19.73
N LEU A 461 -59.95 -6.52 20.97
CA LEU A 461 -59.12 -5.41 21.43
C LEU A 461 -57.70 -5.51 20.87
N LYS A 462 -57.04 -4.37 20.79
CA LYS A 462 -55.67 -4.33 20.31
C LYS A 462 -54.72 -4.93 21.33
N PRO A 463 -53.53 -5.37 20.91
CA PRO A 463 -52.56 -5.90 21.86
C PRO A 463 -52.16 -4.86 22.90
N PHE A 464 -51.91 -5.35 24.12
CA PHE A 464 -51.52 -4.50 25.25
C PHE A 464 -52.56 -3.43 25.53
N GLU A 465 -53.83 -3.84 25.55
CA GLU A 465 -54.93 -2.96 25.89
C GLU A 465 -55.67 -3.50 27.11
N ARG A 466 -56.23 -2.59 27.90
CA ARG A 466 -56.93 -2.94 29.13
C ARG A 466 -58.36 -2.42 29.06
N ASP A 467 -59.31 -3.28 29.42
CA ASP A 467 -60.73 -2.94 29.45
C ASP A 467 -61.21 -2.98 30.89
N ILE A 468 -61.84 -1.89 31.33
CA ILE A 468 -62.32 -1.80 32.71
C ILE A 468 -63.78 -1.38 32.72
N SER A 469 -64.43 -1.44 31.56
CA SER A 469 -65.83 -1.10 31.46
C SER A 469 -66.69 -2.24 32.01
N THR A 470 -67.81 -1.90 32.63
CA THR A 470 -68.73 -2.88 33.21
C THR A 470 -70.10 -2.82 32.56
N GLU A 471 -70.20 -2.31 31.34
CA GLU A 471 -71.48 -2.23 30.66
C GLU A 471 -72.00 -3.62 30.32
N ILE A 472 -73.31 -3.83 30.51
CA ILE A 472 -73.92 -5.11 30.20
C ILE A 472 -73.96 -5.31 28.70
N TYR A 473 -73.51 -6.47 28.24
CA TYR A 473 -73.50 -6.78 26.81
C TYR A 473 -74.93 -7.03 26.34
N GLN A 474 -75.44 -6.14 25.50
CA GLN A 474 -76.81 -6.22 25.01
C GLN A 474 -76.85 -7.06 23.75
N ALA A 475 -77.43 -8.26 23.86
CA ALA A 475 -77.57 -9.16 22.71
C ALA A 475 -78.87 -8.94 21.95
N GLY A 476 -79.72 -8.02 22.41
CA GLY A 476 -80.97 -7.76 21.74
C GLY A 476 -81.12 -6.33 21.27
N SER A 477 -82.37 -5.84 21.21
CA SER A 477 -82.64 -4.48 20.77
C SER A 477 -83.10 -3.55 21.89
N THR A 478 -83.83 -4.07 22.88
CA THR A 478 -84.30 -3.25 23.98
C THR A 478 -83.25 -3.19 25.08
N PRO A 479 -82.73 -2.01 25.41
CA PRO A 479 -81.73 -1.92 26.48
C PRO A 479 -82.33 -2.27 27.84
N CYS A 480 -81.48 -2.80 28.71
CA CYS A 480 -81.88 -3.18 30.05
C CYS A 480 -81.38 -2.25 31.14
N ASN A 481 -80.58 -1.23 30.77
CA ASN A 481 -80.09 -0.22 31.72
C ASN A 481 -79.30 -0.87 32.86
N GLY A 482 -78.33 -1.70 32.49
CA GLY A 482 -77.44 -2.29 33.48
C GLY A 482 -78.06 -3.36 34.34
N VAL A 483 -79.11 -4.02 33.87
CA VAL A 483 -79.78 -5.08 34.61
C VAL A 483 -79.69 -6.36 33.79
N GLU A 484 -79.24 -7.43 34.44
CA GLU A 484 -79.12 -8.72 33.75
C GLU A 484 -80.50 -9.26 33.40
N GLY A 485 -80.57 -9.97 32.28
CA GLY A 485 -81.84 -10.51 31.82
C GLY A 485 -81.68 -11.15 30.45
N PHE A 486 -82.81 -11.28 29.76
CA PHE A 486 -82.79 -11.86 28.42
C PHE A 486 -82.02 -10.95 27.46
N ASN A 487 -81.15 -11.56 26.65
CA ASN A 487 -80.32 -10.84 25.68
C ASN A 487 -79.45 -9.79 26.35
N CYS A 488 -79.11 -9.99 27.62
CA CYS A 488 -78.27 -9.05 28.36
C CYS A 488 -77.48 -9.85 29.39
N TYR A 489 -76.18 -10.02 29.16
CA TYR A 489 -75.33 -10.82 30.01
C TYR A 489 -74.25 -9.94 30.62
N PHE A 490 -73.83 -10.30 31.84
CA PHE A 490 -72.81 -9.55 32.54
C PHE A 490 -71.48 -9.64 31.79
N PRO A 491 -70.76 -8.52 31.64
CA PRO A 491 -69.48 -8.58 30.91
C PRO A 491 -68.43 -9.46 31.58
N LEU A 492 -68.51 -9.66 32.89
CA LEU A 492 -67.50 -10.40 33.64
C LEU A 492 -68.09 -11.69 34.18
N GLN A 493 -67.25 -12.73 34.23
CA GLN A 493 -67.62 -14.03 34.77
C GLN A 493 -66.58 -14.46 35.80
N SER A 494 -67.05 -15.03 36.90
CA SER A 494 -66.16 -15.46 37.97
C SER A 494 -65.52 -16.80 37.62
N TYR A 495 -64.80 -17.36 38.58
CA TYR A 495 -64.14 -18.66 38.41
C TYR A 495 -64.35 -19.47 39.69
N GLY A 496 -64.31 -20.79 39.53
CA GLY A 496 -64.47 -21.68 40.66
C GLY A 496 -63.16 -22.32 41.09
N PHE A 497 -62.61 -21.86 42.20
CA PHE A 497 -61.33 -22.36 42.72
C PHE A 497 -61.57 -23.04 44.05
N GLN A 498 -61.17 -24.31 44.13
CA GLN A 498 -61.28 -25.09 45.35
C GLN A 498 -60.12 -26.07 45.40
N PRO A 499 -59.69 -26.47 46.60
CA PRO A 499 -58.61 -27.47 46.68
C PRO A 499 -58.95 -28.79 46.02
N THR A 500 -60.21 -29.19 46.04
CA THR A 500 -60.64 -30.44 45.42
C THR A 500 -60.89 -30.31 43.92
N ASN A 501 -60.73 -29.13 43.35
CA ASN A 501 -60.95 -28.94 41.93
C ASN A 501 -59.87 -29.67 41.13
N GLY A 502 -60.17 -29.91 39.85
CA GLY A 502 -59.26 -30.63 38.99
C GLY A 502 -58.03 -29.82 38.62
N VAL A 503 -57.09 -30.51 37.96
CA VAL A 503 -55.85 -29.86 37.55
C VAL A 503 -56.14 -28.71 36.59
N GLY A 504 -57.05 -28.93 35.64
CA GLY A 504 -57.46 -27.84 34.77
C GLY A 504 -58.15 -26.71 35.51
N TYR A 505 -58.88 -27.05 36.58
CA TYR A 505 -59.51 -26.04 37.41
C TYR A 505 -58.58 -25.50 38.50
N GLN A 506 -57.40 -26.09 38.67
CA GLN A 506 -56.48 -25.64 39.70
C GLN A 506 -55.99 -24.23 39.41
N PRO A 507 -55.90 -23.36 40.41
CA PRO A 507 -55.43 -21.99 40.16
C PRO A 507 -53.97 -21.98 39.76
N TYR A 508 -53.63 -21.06 38.85
CA TYR A 508 -52.27 -20.87 38.39
C TYR A 508 -51.94 -19.39 38.41
N ARG A 509 -50.68 -19.08 38.73
CA ARG A 509 -50.18 -17.71 38.68
C ARG A 509 -49.25 -17.56 37.49
N VAL A 510 -49.42 -16.47 36.74
CA VAL A 510 -48.68 -16.24 35.51
C VAL A 510 -48.06 -14.84 35.56
N VAL A 511 -46.81 -14.74 35.13
CA VAL A 511 -46.10 -13.46 35.04
C VAL A 511 -45.49 -13.34 33.66
N VAL A 512 -45.61 -12.16 33.06
CA VAL A 512 -45.05 -11.87 31.75
C VAL A 512 -44.03 -10.74 31.90
N LEU A 513 -42.84 -10.94 31.33
CA LEU A 513 -41.77 -9.95 31.36
C LEU A 513 -41.43 -9.58 29.93
N SER A 514 -41.54 -8.29 29.60
CA SER A 514 -41.36 -7.82 28.24
C SER A 514 -40.08 -7.00 28.12
N PHE A 515 -39.37 -7.16 27.01
CA PHE A 515 -38.12 -6.49 26.73
C PHE A 515 -38.30 -5.52 25.57
N GLU A 516 -37.71 -4.34 25.69
CA GLU A 516 -37.78 -3.34 24.63
C GLU A 516 -36.39 -2.78 24.36
N LEU A 517 -36.16 -2.34 23.12
CA LEU A 517 -34.88 -1.75 22.72
C LEU A 517 -35.18 -0.49 21.89
N LEU A 518 -35.11 0.66 22.54
CA LEU A 518 -35.26 1.95 21.89
C LEU A 518 -33.88 2.58 21.68
N HIS A 519 -33.88 3.80 21.14
CA HIS A 519 -32.64 4.54 20.91
C HIS A 519 -32.21 5.27 22.18
N ALA A 520 -32.07 4.50 23.25
CA ALA A 520 -31.66 5.00 24.55
C ALA A 520 -30.61 4.07 25.13
N PRO A 521 -29.68 4.59 25.92
CA PRO A 521 -28.69 3.72 26.57
C PRO A 521 -29.36 2.77 27.56
N ALA A 522 -28.79 1.57 27.67
CA ALA A 522 -29.38 0.54 28.51
C ALA A 522 -29.32 0.95 29.99
N THR A 523 -30.44 0.77 30.68
CA THR A 523 -30.53 1.07 32.11
C THR A 523 -30.73 -0.17 32.96
N VAL A 524 -31.08 -1.31 32.36
CA VAL A 524 -31.23 -2.57 33.07
C VAL A 524 -30.20 -3.54 32.51
N CYS A 525 -29.27 -3.96 33.36
CA CYS A 525 -28.19 -4.84 32.95
C CYS A 525 -28.02 -5.95 33.96
N GLY A 526 -27.48 -7.07 33.50
CA GLY A 526 -27.20 -8.20 34.36
C GLY A 526 -26.00 -7.96 35.24
N PRO A 527 -25.75 -8.89 36.15
CA PRO A 527 -24.61 -8.75 37.05
C PRO A 527 -23.30 -8.92 36.30
N LYS A 528 -22.29 -8.18 36.74
CA LYS A 528 -20.97 -8.17 36.12
C LYS A 528 -19.95 -8.74 37.09
N LYS A 529 -19.23 -9.76 36.66
CA LYS A 529 -18.31 -10.47 37.54
C LYS A 529 -17.15 -9.56 37.95
N SER A 530 -16.70 -9.74 39.18
CA SER A 530 -15.58 -8.96 39.73
C SER A 530 -14.65 -9.90 40.49
N THR A 531 -13.36 -9.82 40.19
CA THR A 531 -12.35 -10.63 40.83
C THR A 531 -11.55 -9.78 41.82
N ASN A 532 -11.03 -10.43 42.85
CA ASN A 532 -10.25 -9.73 43.86
C ASN A 532 -8.98 -9.17 43.23
N LEU A 533 -8.58 -7.99 43.71
CA LEU A 533 -7.41 -7.31 43.18
C LEU A 533 -6.14 -7.82 43.84
N VAL A 534 -5.02 -7.66 43.14
CA VAL A 534 -3.70 -8.02 43.63
C VAL A 534 -2.78 -6.82 43.49
N LYS A 535 -2.03 -6.52 44.54
CA LYS A 535 -1.18 -5.35 44.60
C LYS A 535 0.29 -5.75 44.45
N ASN A 536 1.07 -4.83 43.87
CA ASN A 536 2.51 -5.03 43.66
C ASN A 536 2.80 -6.28 42.83
N LYS A 537 1.99 -6.50 41.80
CA LYS A 537 2.20 -7.60 40.87
C LYS A 537 1.72 -7.16 39.51
N CYS A 538 2.52 -7.45 38.47
CA CYS A 538 2.14 -7.08 37.11
C CYS A 538 0.95 -7.92 36.67
N VAL A 539 -0.16 -7.24 36.37
CA VAL A 539 -1.39 -7.90 35.96
C VAL A 539 -2.03 -7.12 34.83
N ASN A 540 -2.88 -7.80 34.07
CA ASN A 540 -3.66 -7.18 33.00
C ASN A 540 -4.99 -6.74 33.59
N PHE A 541 -5.00 -5.54 34.14
CA PHE A 541 -6.21 -5.04 34.80
C PHE A 541 -7.27 -4.67 33.77
N ASN A 542 -8.53 -4.87 34.16
CA ASN A 542 -9.69 -4.44 33.36
C ASN A 542 -10.64 -3.78 34.35
N PHE A 543 -10.45 -2.47 34.56
CA PHE A 543 -11.29 -1.72 35.47
C PHE A 543 -12.56 -1.26 34.76
N ASN A 544 -13.43 -0.57 35.50
CA ASN A 544 -14.73 -0.16 34.99
C ASN A 544 -14.54 0.91 33.92
N GLY A 545 -14.74 0.52 32.65
CA GLY A 545 -14.75 1.46 31.56
C GLY A 545 -13.42 1.63 30.83
N LEU A 546 -12.30 1.26 31.46
CA LEU A 546 -10.99 1.39 30.86
C LEU A 546 -10.22 0.09 31.02
N THR A 547 -9.36 -0.19 30.03
CA THR A 547 -8.56 -1.41 30.00
C THR A 547 -7.11 -1.05 29.72
N GLY A 548 -6.19 -1.76 30.36
CA GLY A 548 -4.78 -1.51 30.14
C GLY A 548 -3.93 -2.50 30.93
N THR A 549 -2.62 -2.38 30.75
CA THR A 549 -1.66 -3.22 31.43
C THR A 549 -0.76 -2.35 32.31
N GLY A 550 -0.27 -2.95 33.40
CA GLY A 550 0.58 -2.23 34.33
C GLY A 550 0.66 -2.96 35.64
N VAL A 551 1.04 -2.22 36.68
CA VAL A 551 1.13 -2.76 38.04
C VAL A 551 0.25 -1.92 38.95
N LEU A 552 -0.22 -2.55 40.02
CA LEU A 552 -1.13 -1.92 40.98
C LEU A 552 -0.41 -1.76 42.31
N THR A 553 -0.36 -0.54 42.83
CA THR A 553 0.35 -0.24 44.06
C THR A 553 -0.52 0.64 44.96
N GLU A 554 -0.09 0.74 46.22
CA GLU A 554 -0.77 1.60 47.18
C GLU A 554 -0.61 3.08 46.80
N SER A 555 -1.63 3.87 47.11
CA SER A 555 -1.68 5.27 46.71
C SER A 555 -1.49 6.20 47.90
N ASN A 556 -1.17 7.45 47.57
CA ASN A 556 -1.10 8.52 48.56
C ASN A 556 -1.89 9.72 48.06
N LYS A 557 -2.01 9.85 46.74
CA LYS A 557 -2.77 10.93 46.15
C LYS A 557 -4.26 10.73 46.39
N LYS A 558 -4.97 11.82 46.69
CA LYS A 558 -6.38 11.77 47.04
C LYS A 558 -7.21 12.40 45.93
N PHE A 559 -8.23 11.68 45.49
CA PHE A 559 -9.15 12.17 44.46
C PHE A 559 -10.26 13.00 45.08
N LEU A 560 -11.13 13.51 44.21
CA LEU A 560 -12.38 14.13 44.61
C LEU A 560 -13.51 13.12 44.58
N PRO A 561 -14.57 13.33 45.36
CA PRO A 561 -15.63 12.31 45.49
C PRO A 561 -16.37 12.00 44.19
N PHE A 562 -16.08 12.69 43.09
CA PHE A 562 -16.80 12.45 41.84
C PHE A 562 -15.91 11.94 40.72
N GLN A 563 -14.63 11.69 40.97
CA GLN A 563 -13.68 11.34 39.93
C GLN A 563 -13.37 9.85 39.95
N GLN A 564 -12.97 9.32 38.80
CA GLN A 564 -12.81 7.89 38.62
C GLN A 564 -11.36 7.47 38.43
N PHE A 565 -10.69 7.96 37.40
CA PHE A 565 -9.31 7.55 37.12
C PHE A 565 -8.45 8.78 36.85
N GLY A 566 -7.29 8.84 37.49
CA GLY A 566 -6.39 9.96 37.33
C GLY A 566 -5.59 9.88 36.06
N ARG A 567 -4.76 10.91 35.85
CA ARG A 567 -3.91 11.00 34.69
C ARG A 567 -2.71 11.87 35.03
N ASP A 568 -1.85 12.08 34.04
CA ASP A 568 -0.69 12.96 34.15
C ASP A 568 -0.35 13.49 32.76
N ILE A 569 0.81 14.13 32.65
CA ILE A 569 1.18 14.77 31.38
C ILE A 569 1.25 13.73 30.27
N ALA A 570 0.85 14.14 29.07
CA ALA A 570 0.73 13.33 27.84
C ALA A 570 -0.51 12.45 27.87
N ASP A 571 -1.37 12.59 28.88
CA ASP A 571 -2.67 11.91 28.94
C ASP A 571 -2.50 10.38 28.89
N THR A 572 -1.85 9.84 29.91
CA THR A 572 -1.72 8.41 30.10
C THR A 572 -2.33 8.03 31.43
N THR A 573 -2.95 6.85 31.47
CA THR A 573 -3.61 6.37 32.69
C THR A 573 -2.57 6.14 33.78
N ASP A 574 -2.54 7.02 34.77
CA ASP A 574 -1.55 6.97 35.84
C ASP A 574 -2.08 6.34 37.12
N ALA A 575 -3.36 6.56 37.44
CA ALA A 575 -3.94 5.99 38.65
C ALA A 575 -5.41 5.70 38.41
N VAL A 576 -5.92 4.70 39.12
CA VAL A 576 -7.30 4.27 39.00
C VAL A 576 -7.88 4.09 40.40
N ARG A 577 -9.08 4.62 40.61
CA ARG A 577 -9.76 4.46 41.89
C ARG A 577 -10.53 3.14 41.91
N ASP A 578 -10.45 2.45 43.04
CA ASP A 578 -11.17 1.19 43.20
C ASP A 578 -12.66 1.47 43.38
N PRO A 579 -13.51 0.94 42.51
CA PRO A 579 -14.96 1.14 42.69
C PRO A 579 -15.51 0.53 43.98
N GLN A 580 -14.82 -0.44 44.56
CA GLN A 580 -15.37 -1.16 45.71
C GLN A 580 -15.16 -0.40 47.00
N THR A 581 -13.91 -0.18 47.39
CA THR A 581 -13.58 0.40 48.69
C THR A 581 -13.31 1.90 48.63
N LEU A 582 -13.58 2.53 47.48
CA LEU A 582 -13.31 3.96 47.29
C LEU A 582 -11.86 4.30 47.57
N GLU A 583 -10.97 3.39 47.18
CA GLU A 583 -9.53 3.56 47.35
C GLU A 583 -8.88 3.83 45.99
N ILE A 584 -7.70 4.43 46.04
CA ILE A 584 -6.96 4.81 44.84
C ILE A 584 -5.76 3.89 44.71
N LEU A 585 -5.39 3.59 43.46
CA LEU A 585 -4.22 2.78 43.15
C LEU A 585 -3.45 3.43 42.02
N ASP A 586 -2.14 3.58 42.19
CA ASP A 586 -1.28 4.07 41.12
C ASP A 586 -0.99 2.95 40.12
N ILE A 587 -0.77 3.34 38.88
CA ILE A 587 -0.52 2.42 37.78
C ILE A 587 0.86 2.73 37.22
N THR A 588 1.71 1.71 37.15
CA THR A 588 3.06 1.84 36.63
C THR A 588 3.26 0.86 35.48
N PRO A 589 3.87 1.29 34.38
CA PRO A 589 4.10 0.38 33.26
C PRO A 589 4.95 -0.80 33.68
N CYS A 590 4.70 -1.94 33.04
CA CYS A 590 5.40 -3.18 33.38
C CYS A 590 6.90 -3.01 33.23
N SER A 591 7.65 -3.56 34.17
CA SER A 591 9.10 -3.42 34.17
C SER A 591 9.70 -3.99 32.89
N PHE A 592 10.58 -3.23 32.27
CA PHE A 592 11.22 -3.65 31.03
C PHE A 592 12.51 -2.85 30.85
N GLY A 593 13.37 -3.37 29.98
CA GLY A 593 14.62 -2.69 29.69
C GLY A 593 15.53 -3.60 28.89
N GLY A 594 16.59 -2.98 28.36
CA GLY A 594 17.55 -3.72 27.57
C GLY A 594 18.63 -4.35 28.44
N VAL A 595 19.04 -5.56 28.07
CA VAL A 595 20.08 -6.26 28.79
C VAL A 595 21.44 -5.79 28.27
N SER A 596 22.50 -6.13 29.01
CA SER A 596 23.86 -5.82 28.59
C SER A 596 24.79 -6.82 29.25
N VAL A 597 25.88 -7.14 28.56
CA VAL A 597 26.82 -8.17 28.99
C VAL A 597 28.18 -7.53 29.23
N ILE A 598 28.79 -7.85 30.36
CA ILE A 598 30.11 -7.37 30.72
C ILE A 598 31.10 -8.45 30.32
N THR A 599 31.86 -8.19 29.25
CA THR A 599 32.82 -9.16 28.74
C THR A 599 34.23 -8.58 28.79
N PRO A 600 35.15 -9.18 29.55
CA PRO A 600 36.54 -8.69 29.54
C PRO A 600 37.25 -8.89 28.22
N GLY A 601 36.74 -9.76 27.35
CA GLY A 601 37.39 -10.05 26.09
C GLY A 601 37.55 -11.54 25.88
N THR A 602 37.44 -11.98 24.62
CA THR A 602 37.56 -13.42 24.33
C THR A 602 38.94 -13.94 24.67
N ASN A 603 39.98 -13.16 24.37
CA ASN A 603 41.35 -13.64 24.51
C ASN A 603 41.86 -13.59 25.95
N THR A 604 41.11 -13.03 26.88
CA THR A 604 41.54 -12.98 28.28
C THR A 604 40.79 -13.92 29.19
N SER A 605 39.52 -14.21 28.91
CA SER A 605 38.72 -15.10 29.75
C SER A 605 37.40 -15.37 29.03
N ASN A 606 36.60 -16.24 29.63
CA ASN A 606 35.26 -16.54 29.16
C ASN A 606 34.17 -16.11 30.13
N GLN A 607 34.53 -15.69 31.34
CA GLN A 607 33.55 -15.23 32.31
C GLN A 607 32.86 -13.98 31.79
N VAL A 608 31.56 -13.86 32.10
CA VAL A 608 30.76 -12.71 31.69
C VAL A 608 29.84 -12.31 32.84
N ALA A 609 29.24 -11.14 32.69
CA ALA A 609 28.27 -10.63 33.66
C ALA A 609 27.18 -9.90 32.90
N VAL A 610 25.92 -10.24 33.17
CA VAL A 610 24.78 -9.68 32.46
C VAL A 610 24.19 -8.54 33.29
N LEU A 611 23.82 -7.46 32.63
CA LEU A 611 23.29 -6.27 33.28
C LEU A 611 21.96 -5.89 32.64
N TYR A 612 20.94 -5.71 33.46
CA TYR A 612 19.66 -5.17 33.04
C TYR A 612 19.63 -3.68 33.31
N GLN A 613 19.05 -2.92 32.38
CA GLN A 613 19.24 -1.47 32.37
C GLN A 613 18.67 -0.82 33.64
N ASP A 614 17.40 -1.10 33.95
CA ASP A 614 16.80 -0.56 35.17
C ASP A 614 15.71 -1.52 35.62
N VAL A 615 16.08 -2.45 36.50
CA VAL A 615 15.16 -3.44 37.05
C VAL A 615 15.48 -3.65 38.52
N ASN A 616 14.45 -3.75 39.35
CA ASN A 616 14.64 -4.18 40.72
C ASN A 616 15.08 -5.64 40.73
N CYS A 617 15.94 -5.99 41.69
CA CYS A 617 16.52 -7.33 41.73
C CYS A 617 15.51 -8.42 42.05
N THR A 618 14.29 -8.06 42.48
CA THR A 618 13.30 -9.07 42.84
C THR A 618 12.65 -9.70 41.62
N GLU A 619 12.54 -8.98 40.51
CA GLU A 619 11.77 -9.42 39.36
C GLU A 619 12.65 -9.59 38.13
N VAL A 620 13.85 -10.13 38.31
CA VAL A 620 14.77 -10.38 37.19
C VAL A 620 14.45 -11.66 36.42
N PRO A 621 14.04 -12.80 37.07
CA PRO A 621 14.02 -14.06 36.31
C PRO A 621 12.76 -14.25 35.47
N VAL A 622 12.02 -13.18 35.23
CA VAL A 622 10.78 -13.29 34.46
C VAL A 622 11.07 -13.72 33.03
N ALA A 623 12.00 -13.04 32.37
CA ALA A 623 12.35 -13.34 30.99
C ALA A 623 13.73 -12.79 30.62
N TRP A 633 19.70 -20.51 29.22
CA TRP A 633 19.94 -19.07 29.23
C TRP A 633 19.84 -18.51 30.65
N ARG A 634 18.94 -19.09 31.45
CA ARG A 634 18.69 -18.63 32.80
C ARG A 634 19.70 -19.18 33.82
N VAL A 635 20.76 -19.85 33.36
CA VAL A 635 21.77 -20.36 34.28
C VAL A 635 22.49 -19.22 34.99
N TYR A 636 22.53 -18.03 34.39
CA TYR A 636 23.11 -16.85 35.03
C TYR A 636 22.01 -16.04 35.73
N SER A 637 21.33 -16.70 36.66
CA SER A 637 20.27 -16.07 37.45
C SER A 637 20.38 -16.43 38.92
N THR A 638 21.61 -16.67 39.38
CA THR A 638 21.83 -16.99 40.80
C THR A 638 21.80 -15.71 41.62
N GLY A 639 20.96 -15.69 42.65
CA GLY A 639 20.79 -14.52 43.48
C GLY A 639 21.89 -14.29 44.51
N SER A 640 22.81 -15.24 44.66
CA SER A 640 23.87 -15.08 45.65
C SER A 640 24.92 -14.07 45.23
N ASN A 641 25.07 -13.81 43.93
CA ASN A 641 26.07 -12.89 43.42
C ASN A 641 25.45 -11.69 42.72
N VAL A 642 24.17 -11.40 43.01
CA VAL A 642 23.47 -10.29 42.40
C VAL A 642 23.84 -9.01 43.14
N PHE A 643 24.41 -8.05 42.40
CA PHE A 643 24.81 -6.77 42.95
C PHE A 643 23.87 -5.70 42.39
N GLN A 644 23.29 -4.90 43.29
CA GLN A 644 22.36 -3.86 42.88
C GLN A 644 23.11 -2.53 42.75
N THR A 645 22.87 -1.83 41.64
CA THR A 645 23.53 -0.57 41.34
C THR A 645 22.48 0.54 41.24
N ARG A 646 22.97 1.74 40.94
CA ARG A 646 22.09 2.87 40.67
C ARG A 646 21.60 2.91 39.24
N ALA A 647 22.09 2.00 38.39
CA ALA A 647 21.72 1.93 36.98
C ALA A 647 21.41 0.50 36.59
N GLY A 648 20.59 -0.17 37.39
CA GLY A 648 20.18 -1.54 37.12
C GLY A 648 20.91 -2.54 38.00
N CYS A 649 20.45 -3.79 37.90
CA CYS A 649 21.03 -4.88 38.68
C CYS A 649 22.15 -5.56 37.90
N LEU A 650 23.08 -6.14 38.65
CA LEU A 650 24.24 -6.81 38.09
C LEU A 650 24.27 -8.25 38.57
N ILE A 651 24.58 -9.18 37.65
CA ILE A 651 24.56 -10.60 37.94
C ILE A 651 25.95 -11.17 37.67
N GLY A 652 26.50 -11.88 38.65
CA GLY A 652 27.76 -12.56 38.48
C GLY A 652 29.00 -11.70 38.65
N ALA A 653 28.85 -10.41 38.93
CA ALA A 653 29.98 -9.51 39.10
C ALA A 653 30.18 -9.22 40.57
N GLU A 654 31.36 -9.54 41.08
CA GLU A 654 31.68 -9.25 42.48
C GLU A 654 31.71 -7.75 42.71
N HIS A 655 31.26 -7.33 43.89
CA HIS A 655 31.22 -5.92 44.26
C HIS A 655 32.27 -5.65 45.33
N VAL A 656 33.14 -4.68 45.08
CA VAL A 656 34.22 -4.32 45.99
C VAL A 656 34.12 -2.82 46.28
N ASN A 657 34.41 -2.45 47.52
CA ASN A 657 34.28 -1.06 47.96
C ASN A 657 35.50 -0.21 47.67
N ASN A 658 36.53 -0.78 47.05
CA ASN A 658 37.76 -0.05 46.75
C ASN A 658 37.52 0.89 45.58
N SER A 659 38.59 1.55 45.12
CA SER A 659 38.50 2.54 44.07
C SER A 659 39.54 2.25 43.00
N TYR A 660 39.12 2.31 41.74
CA TYR A 660 40.01 2.10 40.61
C TYR A 660 39.59 3.03 39.48
N GLU A 661 40.22 2.88 38.31
CA GLU A 661 39.92 3.72 37.18
C GLU A 661 38.71 3.18 36.42
N CYS A 662 38.35 3.87 35.33
CA CYS A 662 37.21 3.49 34.51
C CYS A 662 37.69 2.48 33.47
N ASP A 663 37.26 1.23 33.62
CA ASP A 663 37.60 0.18 32.68
C ASP A 663 36.46 -0.11 31.70
N ILE A 664 35.28 -0.43 32.21
CA ILE A 664 34.10 -0.70 31.40
C ILE A 664 32.97 0.18 31.91
N PRO A 665 32.44 1.10 31.10
CA PRO A 665 31.34 1.95 31.59
C PRO A 665 30.12 1.12 31.94
N ILE A 666 29.43 1.53 33.02
CA ILE A 666 28.20 0.89 33.43
C ILE A 666 27.11 1.96 33.54
N GLY A 667 27.37 2.98 34.34
CA GLY A 667 26.43 4.06 34.56
C GLY A 667 26.44 4.47 36.02
N ALA A 668 26.13 5.74 36.26
CA ALA A 668 26.06 6.30 37.61
C ALA A 668 27.35 6.07 38.38
N GLY A 669 28.47 6.31 37.72
CA GLY A 669 29.77 6.22 38.36
C GLY A 669 30.15 4.83 38.84
N ILE A 670 29.88 3.81 38.04
CA ILE A 670 30.25 2.43 38.36
C ILE A 670 30.97 1.85 37.15
N CYS A 671 32.08 1.16 37.38
CA CYS A 671 32.84 0.55 36.31
C CYS A 671 33.29 -0.84 36.74
N ALA A 672 33.31 -1.76 35.77
CA ALA A 672 33.67 -3.14 36.02
C ALA A 672 34.98 -3.47 35.31
N SER A 673 35.78 -4.33 35.93
CA SER A 673 37.09 -4.69 35.39
C SER A 673 37.38 -6.15 35.76
N TYR A 674 38.58 -6.60 35.42
CA TYR A 674 39.02 -7.96 35.69
C TYR A 674 40.12 -7.93 36.74
N GLN A 675 39.93 -8.69 37.82
CA GLN A 675 40.88 -8.73 38.91
C GLN A 675 42.18 -9.41 38.50
N GLN A 690 40.67 -13.37 38.33
CA GLN A 690 39.85 -14.58 38.32
C GLN A 690 38.41 -14.27 37.96
N SER A 691 37.80 -13.35 38.70
CA SER A 691 36.40 -12.97 38.52
C SER A 691 36.30 -11.54 38.02
N ILE A 692 35.07 -11.07 37.85
CA ILE A 692 34.79 -9.71 37.40
C ILE A 692 34.37 -8.89 38.61
N ILE A 693 35.02 -7.74 38.81
CA ILE A 693 34.74 -6.86 39.94
C ILE A 693 34.09 -5.59 39.41
N ALA A 694 32.97 -5.21 40.03
CA ALA A 694 32.30 -3.95 39.75
C ALA A 694 32.35 -3.09 41.00
N TYR A 695 32.79 -1.84 40.82
CA TYR A 695 33.09 -0.96 41.95
C TYR A 695 32.53 0.42 41.67
N THR A 696 32.92 1.39 42.49
CA THR A 696 32.58 2.79 42.29
C THR A 696 33.76 3.51 41.66
N MET A 697 33.45 4.40 40.71
CA MET A 697 34.49 5.05 39.94
C MET A 697 35.35 5.95 40.82
N SER A 698 36.63 6.08 40.44
CA SER A 698 37.56 6.98 41.10
C SER A 698 38.18 7.91 40.07
N LEU A 699 38.71 9.02 40.56
CA LEU A 699 39.23 10.09 39.71
C LEU A 699 40.71 10.28 40.02
N GLY A 700 41.55 9.43 39.43
CA GLY A 700 42.98 9.57 39.59
C GLY A 700 43.45 9.32 41.02
N ALA A 701 44.65 9.81 41.30
CA ALA A 701 45.28 9.69 42.60
C ALA A 701 45.41 11.07 43.23
N GLU A 702 45.07 11.19 44.51
CA GLU A 702 45.10 12.47 45.18
C GLU A 702 46.53 12.98 45.28
N ASN A 703 46.72 14.25 44.92
CA ASN A 703 48.03 14.90 44.91
C ASN A 703 47.86 16.28 45.56
N SER A 704 48.00 16.33 46.88
CA SER A 704 47.91 17.58 47.61
C SER A 704 49.22 18.35 47.43
N VAL A 705 49.18 19.40 46.62
CA VAL A 705 50.38 20.18 46.35
C VAL A 705 50.65 21.10 47.54
N ALA A 706 51.85 20.98 48.11
CA ALA A 706 52.23 21.86 49.21
C ALA A 706 52.25 23.30 48.73
N TYR A 707 51.63 24.19 49.51
CA TYR A 707 51.49 25.58 49.10
C TYR A 707 51.82 26.49 50.27
N SER A 708 52.45 27.62 49.97
CA SER A 708 52.76 28.64 50.97
C SER A 708 52.90 29.96 50.26
N ASN A 709 52.86 31.04 51.04
CA ASN A 709 52.93 32.38 50.44
C ASN A 709 54.34 32.74 49.98
N ASN A 710 55.35 31.91 50.29
CA ASN A 710 56.72 32.21 49.89
C ASN A 710 57.44 30.97 49.38
N SER A 711 56.72 30.03 48.79
CA SER A 711 57.30 28.80 48.27
C SER A 711 56.97 28.66 46.80
N ILE A 712 58.00 28.54 45.97
CA ILE A 712 57.85 28.35 44.53
C ILE A 712 58.70 27.16 44.11
N ALA A 713 58.30 26.53 43.00
CA ALA A 713 59.00 25.38 42.47
C ALA A 713 59.25 25.59 40.98
N ILE A 714 60.48 25.34 40.55
CA ILE A 714 60.86 25.50 39.15
C ILE A 714 61.59 24.24 38.69
N PRO A 715 61.37 23.79 37.46
CA PRO A 715 62.06 22.59 36.98
C PRO A 715 63.55 22.84 36.78
N THR A 716 64.34 21.80 36.97
CA THR A 716 65.78 21.84 36.70
C THR A 716 66.16 20.94 35.52
N ASN A 717 65.18 20.36 34.84
CA ASN A 717 65.44 19.48 33.71
C ASN A 717 64.20 19.43 32.83
N PHE A 718 64.38 18.95 31.61
CA PHE A 718 63.30 18.86 30.65
C PHE A 718 63.26 17.47 30.04
N THR A 719 62.11 17.14 29.44
CA THR A 719 61.98 15.94 28.62
C THR A 719 61.08 16.26 27.44
N ILE A 720 61.49 15.83 26.26
CA ILE A 720 60.74 16.07 25.04
C ILE A 720 59.89 14.85 24.75
N SER A 721 58.62 15.08 24.45
CA SER A 721 57.68 14.00 24.17
C SER A 721 56.95 14.28 22.87
N VAL A 722 56.61 13.21 22.17
CA VAL A 722 55.84 13.27 20.93
C VAL A 722 54.50 12.61 21.18
N THR A 723 53.42 13.37 21.00
CA THR A 723 52.07 12.90 21.24
C THR A 723 51.34 12.81 19.91
N THR A 724 50.85 11.62 19.57
CA THR A 724 50.14 11.43 18.33
C THR A 724 48.73 11.97 18.43
N GLU A 725 48.11 12.19 17.27
CA GLU A 725 46.74 12.68 17.20
C GLU A 725 46.14 12.25 15.88
N ILE A 726 44.93 11.71 15.91
CA ILE A 726 44.27 11.16 14.74
C ILE A 726 43.05 12.01 14.41
N LEU A 727 42.87 12.31 13.14
CA LEU A 727 41.74 13.15 12.73
C LEU A 727 41.23 12.73 11.36
N PRO A 728 39.98 12.29 11.25
CA PRO A 728 39.41 11.98 9.94
C PRO A 728 39.26 13.25 9.11
N VAL A 729 39.42 13.09 7.80
CA VAL A 729 39.34 14.23 6.88
C VAL A 729 38.23 14.02 5.87
N SER A 730 37.97 12.77 5.51
CA SER A 730 36.96 12.47 4.51
C SER A 730 36.62 10.99 4.55
N MET A 731 35.45 10.67 4.02
CA MET A 731 35.03 9.28 3.84
C MET A 731 34.95 8.97 2.35
N THR A 732 34.61 7.73 2.03
CA THR A 732 34.54 7.31 0.64
C THR A 732 33.39 8.01 -0.07
N LYS A 733 33.68 8.62 -1.22
CA LYS A 733 32.64 9.24 -2.02
C LYS A 733 31.70 8.18 -2.58
N THR A 734 30.40 8.49 -2.57
CA THR A 734 29.39 7.57 -3.06
C THR A 734 28.35 8.32 -3.85
N SER A 735 27.71 7.61 -4.78
CA SER A 735 26.62 8.16 -5.58
C SER A 735 25.61 7.05 -5.85
N VAL A 736 24.34 7.38 -5.71
CA VAL A 736 23.26 6.41 -5.87
C VAL A 736 22.34 6.89 -6.99
N ASP A 737 22.14 6.05 -7.99
CA ASP A 737 21.14 6.30 -9.02
C ASP A 737 19.81 5.82 -8.48
N CYS A 738 18.95 6.76 -8.08
CA CYS A 738 17.70 6.40 -7.42
C CYS A 738 16.81 5.58 -8.34
N THR A 739 16.74 5.95 -9.62
CA THR A 739 15.86 5.24 -10.55
C THR A 739 16.27 3.78 -10.70
N MET A 740 17.55 3.53 -10.99
CA MET A 740 18.01 2.16 -11.20
C MET A 740 17.89 1.35 -9.92
N TYR A 741 18.28 1.93 -8.78
CA TYR A 741 18.22 1.20 -7.52
C TYR A 741 16.78 0.86 -7.14
N ILE A 742 15.86 1.79 -7.35
CA ILE A 742 14.49 1.59 -6.88
C ILE A 742 13.63 0.81 -7.87
N CYS A 743 14.01 0.77 -9.15
CA CYS A 743 13.24 0.05 -10.16
C CYS A 743 14.00 -1.14 -10.72
N GLY A 744 15.19 -0.92 -11.26
CA GLY A 744 15.95 -2.00 -11.87
C GLY A 744 15.72 -2.10 -13.36
N ASP A 745 15.56 -3.32 -13.86
CA ASP A 745 15.35 -3.51 -15.30
C ASP A 745 13.94 -3.15 -15.71
N SER A 746 12.98 -3.24 -14.79
CA SER A 746 11.57 -2.99 -15.11
C SER A 746 11.33 -1.57 -15.59
N THR A 747 10.97 -1.41 -16.86
CA THR A 747 10.72 -0.09 -17.41
C THR A 747 9.39 0.48 -16.92
N GLU A 748 8.41 -0.37 -16.64
CA GLU A 748 7.12 0.11 -16.16
C GLU A 748 7.25 0.73 -14.77
N CYS A 749 8.08 0.14 -13.91
CA CYS A 749 8.29 0.70 -12.58
C CYS A 749 8.89 2.10 -12.66
N SER A 750 9.86 2.29 -13.56
CA SER A 750 10.38 3.63 -13.80
C SER A 750 9.30 4.55 -14.36
N ASN A 751 8.48 4.03 -15.28
CA ASN A 751 7.40 4.82 -15.85
C ASN A 751 6.34 5.20 -14.81
N LEU A 752 6.35 4.54 -13.67
CA LEU A 752 5.45 4.92 -12.58
C LEU A 752 6.13 5.86 -11.57
N LEU A 753 7.46 5.94 -11.58
CA LEU A 753 8.17 6.76 -10.60
C LEU A 753 7.89 8.24 -10.77
N LEU A 754 7.61 8.69 -12.00
CA LEU A 754 7.45 10.12 -12.23
C LEU A 754 6.23 10.71 -11.53
N GLN A 755 5.32 9.88 -11.01
CA GLN A 755 4.22 10.40 -10.21
C GLN A 755 4.73 11.08 -8.95
N TYR A 756 5.90 10.68 -8.46
CA TYR A 756 6.49 11.30 -7.27
C TYR A 756 7.21 12.60 -7.59
N GLY A 757 7.40 12.92 -8.86
CA GLY A 757 7.88 14.22 -9.28
C GLY A 757 9.38 14.44 -9.27
N SER A 758 9.97 14.63 -8.08
CA SER A 758 11.36 15.09 -8.04
C SER A 758 12.17 14.53 -6.87
N PHE A 759 11.74 13.42 -6.26
CA PHE A 759 12.52 12.86 -5.16
C PHE A 759 13.88 12.37 -5.64
N CYS A 760 13.90 11.71 -6.81
CA CYS A 760 15.16 11.18 -7.34
C CYS A 760 16.16 12.30 -7.60
N THR A 761 15.70 13.40 -8.17
CA THR A 761 16.59 14.53 -8.45
C THR A 761 17.17 15.10 -7.16
N GLN A 762 16.33 15.26 -6.13
CA GLN A 762 16.81 15.79 -4.86
C GLN A 762 17.84 14.87 -4.23
N LEU A 763 17.58 13.56 -4.23
CA LEU A 763 18.53 12.62 -3.63
C LEU A 763 19.85 12.62 -4.39
N ASN A 764 19.80 12.59 -5.72
CA ASN A 764 21.02 12.58 -6.51
C ASN A 764 21.81 13.87 -6.30
N ARG A 765 21.11 15.01 -6.24
CA ARG A 765 21.78 16.29 -6.03
C ARG A 765 22.44 16.34 -4.67
N ALA A 766 21.77 15.84 -3.63
CA ALA A 766 22.36 15.83 -2.30
C ALA A 766 23.59 14.93 -2.26
N LEU A 767 23.52 13.76 -2.89
CA LEU A 767 24.68 12.87 -2.91
C LEU A 767 25.84 13.49 -3.69
N THR A 768 25.55 14.15 -4.81
CA THR A 768 26.60 14.81 -5.56
C THR A 768 27.24 15.93 -4.75
N GLY A 769 26.43 16.72 -4.05
CA GLY A 769 26.96 17.77 -3.21
C GLY A 769 27.83 17.24 -2.09
N ILE A 770 27.45 16.11 -1.50
CA ILE A 770 28.29 15.47 -0.50
C ILE A 770 29.61 15.00 -1.12
N ALA A 771 29.53 14.40 -2.31
CA ALA A 771 30.73 13.85 -2.94
C ALA A 771 31.74 14.93 -3.28
N VAL A 772 31.28 16.05 -3.83
CA VAL A 772 32.20 17.13 -4.19
C VAL A 772 32.77 17.77 -2.94
N GLU A 773 32.06 17.66 -1.81
CA GLU A 773 32.53 18.28 -0.57
C GLU A 773 33.74 17.53 -0.01
N GLN A 774 33.83 16.22 -0.22
CA GLN A 774 34.93 15.45 0.32
C GLN A 774 36.27 15.88 -0.26
N ASP A 775 36.32 16.10 -1.57
CA ASP A 775 37.57 16.57 -2.18
C ASP A 775 37.93 17.96 -1.69
N LYS A 776 36.94 18.80 -1.41
CA LYS A 776 37.21 20.11 -0.84
C LYS A 776 37.89 19.99 0.51
N ASN A 777 37.49 19.00 1.32
CA ASN A 777 38.11 18.81 2.62
C ASN A 777 39.59 18.49 2.48
N THR A 778 39.92 17.53 1.61
CA THR A 778 41.32 17.16 1.42
C THR A 778 42.12 18.31 0.84
N GLN A 779 41.56 19.04 -0.13
CA GLN A 779 42.27 20.17 -0.71
C GLN A 779 42.52 21.27 0.31
N GLU A 780 41.55 21.50 1.21
CA GLU A 780 41.73 22.50 2.25
C GLU A 780 42.76 22.05 3.27
N VAL A 781 42.79 20.76 3.60
CA VAL A 781 43.68 20.27 4.64
C VAL A 781 45.12 20.24 4.13
N PHE A 782 45.37 19.52 3.04
CA PHE A 782 46.75 19.24 2.64
C PHE A 782 47.31 20.29 1.69
N ALA A 783 46.53 20.74 0.71
CA ALA A 783 47.03 21.69 -0.30
C ALA A 783 47.07 23.10 0.31
N GLN A 784 48.06 23.31 1.17
CA GLN A 784 48.28 24.60 1.80
C GLN A 784 49.56 25.28 1.34
N VAL A 785 50.36 24.64 0.48
CA VAL A 785 51.61 25.20 -0.02
C VAL A 785 51.56 25.15 -1.54
N LYS A 786 51.93 26.25 -2.17
CA LYS A 786 51.93 26.36 -3.62
C LYS A 786 53.18 25.81 -4.27
N GLN A 787 54.15 25.33 -3.47
CA GLN A 787 55.38 24.75 -3.99
C GLN A 787 55.61 23.41 -3.31
N ILE A 788 56.53 22.64 -3.87
CA ILE A 788 56.89 21.32 -3.36
C ILE A 788 58.35 21.38 -2.95
N TYR A 789 58.60 21.49 -1.66
CA TYR A 789 59.96 21.57 -1.15
C TYR A 789 60.58 20.18 -1.06
N LYS A 790 61.89 20.14 -0.84
CA LYS A 790 62.61 18.89 -0.82
C LYS A 790 63.83 19.02 0.09
N THR A 791 64.12 17.94 0.83
CA THR A 791 65.28 17.91 1.72
C THR A 791 66.56 17.74 0.91
N PRO A 792 67.67 18.29 1.39
CA PRO A 792 68.95 18.12 0.68
C PRO A 792 69.43 16.69 0.76
N PRO A 793 70.33 16.28 -0.13
CA PRO A 793 70.87 14.90 -0.05
C PRO A 793 71.55 14.61 1.28
N ILE A 794 72.25 15.59 1.85
CA ILE A 794 72.83 15.41 3.17
C ILE A 794 71.79 15.67 4.24
N LYS A 795 72.00 15.06 5.41
CA LYS A 795 71.04 15.10 6.50
C LYS A 795 71.74 15.46 7.81
N ASP A 796 72.54 16.53 7.77
CA ASP A 796 73.25 17.01 8.96
C ASP A 796 72.34 17.98 9.73
N PHE A 797 71.25 17.42 10.25
CA PHE A 797 70.25 18.21 10.98
C PHE A 797 70.61 18.35 12.46
N GLY A 798 71.82 18.80 12.73
CA GLY A 798 72.23 19.08 14.10
C GLY A 798 72.17 17.90 15.04
N GLY A 799 72.22 16.68 14.52
CA GLY A 799 72.16 15.49 15.32
C GLY A 799 70.80 14.81 15.36
N PHE A 800 69.75 15.53 15.00
CA PHE A 800 68.41 14.94 14.99
C PHE A 800 68.31 13.90 13.87
N ASN A 801 67.68 12.76 14.18
CA ASN A 801 67.51 11.67 13.23
C ASN A 801 66.07 11.70 12.75
N PHE A 802 65.88 11.97 11.45
CA PHE A 802 64.56 12.05 10.85
C PHE A 802 64.30 10.91 9.87
N SER A 803 65.00 9.78 10.02
CA SER A 803 64.79 8.67 9.09
C SER A 803 63.41 8.05 9.26
N GLN A 804 62.90 8.01 10.48
CA GLN A 804 61.63 7.34 10.78
C GLN A 804 60.41 8.15 10.34
N ILE A 805 60.60 9.37 9.82
CA ILE A 805 59.51 10.29 9.56
C ILE A 805 59.48 10.76 8.12
N LEU A 806 60.64 11.09 7.54
CA LEU A 806 60.71 11.52 6.16
C LEU A 806 60.39 10.35 5.22
N PRO A 807 59.93 10.64 4.00
CA PRO A 807 59.60 9.55 3.07
C PRO A 807 60.83 8.76 2.67
N ASP A 808 60.60 7.48 2.38
CA ASP A 808 61.67 6.56 2.02
C ASP A 808 61.75 6.43 0.51
N PRO A 809 62.87 6.79 -0.12
CA PRO A 809 63.00 6.62 -1.58
C PRO A 809 63.30 5.19 -2.00
N SER A 810 63.45 4.26 -1.06
CA SER A 810 63.80 2.89 -1.38
C SER A 810 62.59 2.00 -1.56
N LYS A 811 61.38 2.55 -1.54
CA LYS A 811 60.16 1.77 -1.71
C LYS A 811 59.30 2.38 -2.80
N PRO A 812 58.56 1.54 -3.54
CA PRO A 812 57.71 2.08 -4.61
C PRO A 812 56.59 2.98 -4.13
N SER A 813 56.19 2.88 -2.86
CA SER A 813 55.08 3.67 -2.37
C SER A 813 55.43 5.13 -2.13
N LYS A 814 56.73 5.45 -2.02
CA LYS A 814 57.19 6.80 -1.74
C LYS A 814 56.55 7.36 -0.47
N ARG A 815 56.49 6.54 0.57
CA ARG A 815 55.90 6.90 1.85
C ARG A 815 56.96 6.83 2.94
N SER A 816 56.53 6.99 4.18
CA SER A 816 57.39 6.98 5.34
C SER A 816 57.19 5.70 6.15
N PRO A 817 58.18 5.31 6.96
CA PRO A 817 58.00 4.14 7.82
C PRO A 817 56.89 4.31 8.84
N ILE A 818 56.49 5.53 9.15
CA ILE A 818 55.32 5.76 9.99
C ILE A 818 54.04 5.79 9.16
N GLU A 819 54.11 6.38 7.97
CA GLU A 819 52.97 6.35 7.06
C GLU A 819 52.64 4.92 6.63
N ASP A 820 53.68 4.12 6.38
CA ASP A 820 53.46 2.74 5.95
C ASP A 820 52.74 1.94 7.03
N LEU A 821 53.14 2.12 8.29
CA LEU A 821 52.47 1.42 9.38
C LEU A 821 51.01 1.83 9.47
N LEU A 822 50.73 3.12 9.31
CA LEU A 822 49.34 3.58 9.35
C LEU A 822 48.53 3.00 8.21
N PHE A 823 49.09 2.97 7.00
CA PHE A 823 48.37 2.41 5.86
C PHE A 823 48.10 0.92 6.06
N ASN A 824 49.09 0.18 6.56
CA ASN A 824 48.91 -1.26 6.74
C ASN A 824 47.98 -1.57 7.91
N LYS A 825 47.89 -0.68 8.89
CA LYS A 825 47.07 -0.97 10.07
C LYS A 825 45.59 -0.85 9.76
N VAL A 826 45.19 0.17 9.00
CA VAL A 826 43.79 0.43 8.74
C VAL A 826 43.26 -0.56 7.71
N THR A 827 42.16 -1.21 8.03
CA THR A 827 41.55 -2.22 7.17
C THR A 827 40.38 -1.61 6.41
N LEU A 828 40.33 -1.85 5.11
CA LEU A 828 39.24 -1.34 4.27
C LEU A 828 38.60 -2.47 3.48
N ALA A 852 35.99 0.28 -5.56
CA ALA A 852 35.64 -0.84 -4.69
C ALA A 852 34.50 -1.65 -5.28
N GLN A 853 33.77 -2.35 -4.42
CA GLN A 853 32.66 -3.18 -4.88
C GLN A 853 31.53 -2.31 -5.44
N LYS A 854 30.99 -2.74 -6.58
CA LYS A 854 29.84 -2.09 -7.19
C LYS A 854 28.64 -3.02 -7.14
N PHE A 855 27.49 -2.47 -6.78
CA PHE A 855 26.27 -3.23 -6.54
C PHE A 855 25.16 -2.71 -7.45
N ASN A 856 23.92 -3.11 -7.15
CA ASN A 856 22.77 -2.72 -7.95
C ASN A 856 22.44 -1.25 -7.71
N GLY A 857 23.00 -0.37 -8.54
CA GLY A 857 22.75 1.05 -8.42
C GLY A 857 23.71 1.81 -7.53
N LEU A 858 24.64 1.13 -6.87
CA LEU A 858 25.58 1.76 -5.96
C LEU A 858 26.95 1.82 -6.61
N THR A 859 27.50 3.03 -6.72
CA THR A 859 28.83 3.23 -7.29
C THR A 859 29.66 4.07 -6.33
N VAL A 860 30.97 3.85 -6.37
CA VAL A 860 31.92 4.56 -5.51
C VAL A 860 32.88 5.33 -6.41
N LEU A 861 32.85 6.65 -6.32
CA LEU A 861 33.75 7.49 -7.10
C LEU A 861 35.15 7.47 -6.49
N PRO A 862 36.18 7.67 -7.31
CA PRO A 862 37.54 7.72 -6.77
C PRO A 862 37.88 9.12 -6.30
N PRO A 863 38.75 9.25 -5.31
CA PRO A 863 39.12 10.57 -4.81
C PRO A 863 39.92 11.36 -5.84
N LEU A 864 39.82 12.69 -5.73
CA LEU A 864 40.57 13.56 -6.65
C LEU A 864 42.07 13.42 -6.44
N LEU A 865 42.51 13.43 -5.18
CA LEU A 865 43.92 13.32 -4.84
C LEU A 865 44.21 11.89 -4.40
N THR A 866 44.98 11.16 -5.20
CA THR A 866 45.34 9.80 -4.85
C THR A 866 46.27 9.78 -3.64
N ASP A 867 46.47 8.59 -3.07
CA ASP A 867 47.32 8.46 -1.91
C ASP A 867 48.74 8.92 -2.19
N GLU A 868 49.22 8.72 -3.42
CA GLU A 868 50.56 9.20 -3.78
C GLU A 868 50.63 10.71 -3.71
N MET A 869 49.62 11.41 -4.22
CA MET A 869 49.63 12.86 -4.21
C MET A 869 49.55 13.42 -2.78
N ILE A 870 48.71 12.80 -1.94
CA ILE A 870 48.60 13.23 -0.55
C ILE A 870 49.91 12.97 0.18
N ALA A 871 50.53 11.82 -0.06
CA ALA A 871 51.82 11.53 0.56
C ALA A 871 52.88 12.53 0.13
N GLN A 872 52.87 12.92 -1.15
CA GLN A 872 53.81 13.93 -1.62
C GLN A 872 53.55 15.28 -0.99
N TYR A 873 52.27 15.63 -0.79
CA TYR A 873 51.96 16.88 -0.08
C TYR A 873 52.50 16.85 1.34
N THR A 874 52.31 15.73 2.04
CA THR A 874 52.82 15.62 3.40
C THR A 874 54.34 15.68 3.43
N SER A 875 54.99 15.06 2.46
CA SER A 875 56.45 15.14 2.37
C SER A 875 56.90 16.56 2.10
N ALA A 876 56.16 17.30 1.27
CA ALA A 876 56.50 18.69 1.01
C ALA A 876 56.38 19.54 2.26
N LEU A 877 55.29 19.35 3.02
CA LEU A 877 55.14 20.08 4.27
C LEU A 877 56.22 19.72 5.27
N LEU A 878 56.58 18.43 5.34
CA LEU A 878 57.65 17.99 6.21
C LEU A 878 58.97 18.66 5.84
N ALA A 879 59.28 18.68 4.55
CA ALA A 879 60.51 19.34 4.10
C ALA A 879 60.48 20.83 4.44
N GLY A 880 59.37 21.49 4.16
CA GLY A 880 59.26 22.91 4.45
C GLY A 880 59.45 23.21 5.92
N THR A 881 58.94 22.34 6.79
CA THR A 881 59.08 22.55 8.22
C THR A 881 60.41 22.04 8.78
N ILE A 882 61.20 21.31 7.99
CA ILE A 882 62.50 20.84 8.47
C ILE A 882 63.64 21.69 7.95
N THR A 883 63.73 21.90 6.63
CA THR A 883 64.86 22.66 6.09
C THR A 883 64.67 24.16 6.30
N SER A 884 63.43 24.63 6.26
CA SER A 884 63.09 26.00 6.60
C SER A 884 62.43 26.00 7.97
N GLY A 885 61.99 27.18 8.40
CA GLY A 885 61.33 27.34 9.66
C GLY A 885 59.83 27.44 9.51
N TRP A 886 59.21 28.20 10.41
CA TRP A 886 57.80 28.53 10.38
C TRP A 886 57.47 29.51 9.27
N THR A 887 58.48 30.07 8.62
CA THR A 887 58.28 31.19 7.71
C THR A 887 57.69 30.77 6.37
N PHE A 888 57.91 29.53 5.95
CA PHE A 888 57.46 29.13 4.63
C PHE A 888 55.94 29.14 4.51
N GLY A 889 55.22 29.15 5.62
CA GLY A 889 53.78 29.34 5.58
C GLY A 889 53.34 30.78 5.48
N ALA A 890 54.26 31.73 5.65
CA ALA A 890 53.95 33.15 5.57
C ALA A 890 54.33 33.74 4.21
N GLY A 891 55.59 33.60 3.82
CA GLY A 891 56.04 34.10 2.54
C GLY A 891 56.95 33.10 1.85
N PRO A 892 57.99 33.61 1.18
CA PRO A 892 58.98 32.70 0.59
C PRO A 892 59.73 31.92 1.67
N ALA A 893 60.05 30.68 1.34
CA ALA A 893 60.76 29.83 2.30
C ALA A 893 62.18 30.34 2.52
N LEU A 894 62.57 30.48 3.77
CA LEU A 894 63.89 30.97 4.15
C LEU A 894 64.64 29.85 4.86
N GLN A 895 65.82 29.51 4.35
CA GLN A 895 66.62 28.47 4.95
C GLN A 895 67.15 28.91 6.31
N ILE A 896 67.18 27.97 7.24
CA ILE A 896 67.73 28.23 8.57
C ILE A 896 68.18 26.90 9.16
N PRO A 897 69.36 26.83 9.77
CA PRO A 897 69.81 25.56 10.37
C PRO A 897 68.83 25.08 11.43
N PHE A 898 68.62 23.77 11.47
CA PHE A 898 67.65 23.19 12.40
C PHE A 898 67.94 23.51 13.85
N PRO A 899 69.17 23.44 14.36
CA PRO A 899 69.38 23.80 15.78
C PRO A 899 68.94 25.21 16.12
N MET A 900 69.16 26.19 15.24
CA MET A 900 68.71 27.54 15.55
C MET A 900 67.19 27.66 15.46
N GLN A 901 66.55 26.92 14.55
CA GLN A 901 65.09 26.91 14.53
C GLN A 901 64.53 26.36 15.83
N MET A 902 65.10 25.24 16.31
CA MET A 902 64.67 24.70 17.60
C MET A 902 64.96 25.67 18.73
N ALA A 903 66.06 26.41 18.64
CA ALA A 903 66.37 27.43 19.64
C ALA A 903 65.30 28.52 19.65
N TYR A 904 64.84 28.94 18.47
CA TYR A 904 63.74 29.90 18.42
C TYR A 904 62.51 29.30 19.09
N ARG A 905 62.20 28.04 18.76
CA ARG A 905 61.02 27.39 19.34
C ARG A 905 61.10 27.38 20.86
N PHE A 906 62.29 27.13 21.41
CA PHE A 906 62.48 27.27 22.85
C PHE A 906 62.24 28.70 23.30
N ASN A 907 62.72 29.67 22.52
CA ASN A 907 62.54 31.07 22.88
C ASN A 907 61.06 31.45 22.91
N GLY A 908 60.23 30.74 22.15
CA GLY A 908 58.81 31.04 22.10
C GLY A 908 57.99 30.48 23.23
N ILE A 909 58.60 29.75 24.16
CA ILE A 909 57.88 29.18 25.29
C ILE A 909 58.44 29.67 26.62
N GLY A 910 59.15 30.80 26.60
CA GLY A 910 59.68 31.38 27.81
C GLY A 910 61.02 30.83 28.26
N VAL A 911 61.69 30.03 27.43
CA VAL A 911 62.98 29.45 27.76
C VAL A 911 64.01 30.06 26.83
N THR A 912 65.09 30.61 27.41
CA THR A 912 66.08 31.31 26.62
C THR A 912 66.85 30.33 25.73
N GLN A 913 67.50 30.89 24.70
CA GLN A 913 68.22 30.07 23.73
C GLN A 913 69.36 29.28 24.37
N ASN A 914 69.90 29.79 25.48
CA ASN A 914 71.05 29.14 26.12
C ASN A 914 70.74 27.70 26.50
N VAL A 915 69.49 27.41 26.84
CA VAL A 915 69.14 26.08 27.34
C VAL A 915 69.36 25.02 26.27
N LEU A 916 68.95 25.29 25.03
CA LEU A 916 69.08 24.28 23.98
C LEU A 916 70.53 23.98 23.66
N TYR A 917 71.33 25.02 23.42
CA TYR A 917 72.72 24.80 23.01
C TYR A 917 73.54 24.13 24.10
N GLU A 918 73.20 24.38 25.37
CA GLU A 918 73.89 23.71 26.46
C GLU A 918 73.62 22.21 26.46
N ASN A 919 72.46 21.79 25.95
CA ASN A 919 72.07 20.39 25.91
C ASN A 919 71.60 19.98 24.51
N GLN A 920 72.32 20.44 23.48
CA GLN A 920 71.91 20.13 22.11
C GLN A 920 71.99 18.63 21.85
N LYS A 921 73.07 17.98 22.28
CA LYS A 921 73.20 16.55 22.10
C LYS A 921 72.11 15.81 22.87
N LEU A 922 71.83 16.23 24.11
CA LEU A 922 70.79 15.58 24.89
C LEU A 922 69.42 15.79 24.28
N ILE A 923 69.14 16.99 23.77
CA ILE A 923 67.85 17.25 23.12
C ILE A 923 67.71 16.38 21.88
N ALA A 924 68.77 16.27 21.08
CA ALA A 924 68.72 15.42 19.90
C ALA A 924 68.49 13.96 20.29
N ASN A 925 69.17 13.50 21.34
CA ASN A 925 68.97 12.12 21.78
C ASN A 925 67.54 11.87 22.23
N GLN A 926 66.97 12.81 22.99
CA GLN A 926 65.59 12.65 23.44
C GLN A 926 64.63 12.65 22.27
N PHE A 927 64.82 13.55 21.31
CA PHE A 927 63.93 13.58 20.15
C PHE A 927 64.03 12.30 19.34
N ASN A 928 65.26 11.79 19.15
CA ASN A 928 65.42 10.55 18.39
C ASN A 928 64.79 9.37 19.11
N SER A 929 64.97 9.28 20.43
CA SER A 929 64.40 8.18 21.19
C SER A 929 62.89 8.31 21.33
N ALA A 930 62.34 9.50 21.12
CA ALA A 930 60.90 9.69 21.24
C ALA A 930 60.16 9.33 19.96
N ILE A 931 60.68 9.75 18.81
CA ILE A 931 60.02 9.44 17.54
C ILE A 931 60.00 7.94 17.30
N GLY A 932 61.11 7.25 17.59
CA GLY A 932 61.17 5.81 17.41
C GLY A 932 60.18 5.05 18.26
N LYS A 933 59.67 5.67 19.33
CA LYS A 933 58.65 5.03 20.16
C LYS A 933 57.25 5.19 19.59
N ILE A 934 57.06 6.02 18.57
CA ILE A 934 55.74 6.22 18.00
C ILE A 934 55.29 4.99 17.23
N GLN A 935 56.22 4.35 16.51
CA GLN A 935 55.87 3.16 15.74
C GLN A 935 55.36 2.04 16.65
N ASP A 936 56.06 1.79 17.75
CA ASP A 936 55.65 0.74 18.67
C ASP A 936 54.30 1.09 19.32
N SER A 937 54.11 2.36 19.68
CA SER A 937 52.84 2.77 20.29
C SER A 937 51.68 2.58 19.32
N LEU A 938 51.87 2.94 18.05
CA LEU A 938 50.81 2.77 17.07
C LEU A 938 50.54 1.31 16.77
N SER A 939 51.59 0.50 16.65
CA SER A 939 51.45 -0.90 16.30
C SER A 939 51.20 -1.80 17.51
N SER A 940 51.15 -1.24 18.72
CA SER A 940 50.94 -2.07 19.90
C SER A 940 49.55 -2.69 19.91
N THR A 941 48.53 -1.90 19.61
CA THR A 941 47.15 -2.36 19.68
C THR A 941 46.40 -1.93 18.43
N PRO A 942 45.41 -2.70 17.99
CA PRO A 942 44.57 -2.28 16.85
C PRO A 942 43.60 -1.15 17.20
N SER A 943 43.47 -0.79 18.46
CA SER A 943 42.55 0.26 18.88
C SER A 943 43.15 1.65 18.77
N ALA A 944 44.41 1.78 18.35
CA ALA A 944 45.03 3.09 18.24
C ALA A 944 44.38 3.93 17.14
N LEU A 945 44.02 3.31 16.03
CA LEU A 945 43.46 3.99 14.87
C LEU A 945 41.93 3.94 14.86
N GLY A 946 41.32 3.98 16.04
CA GLY A 946 39.87 3.83 16.12
C GLY A 946 39.11 4.94 15.42
N LYS A 947 39.64 6.16 15.46
CA LYS A 947 38.91 7.30 14.93
C LYS A 947 38.74 7.25 13.41
N LEU A 948 39.57 6.49 12.71
CA LEU A 948 39.43 6.30 11.26
C LEU A 948 38.73 5.01 10.91
N GLN A 949 39.00 3.93 11.64
CA GLN A 949 38.30 2.68 11.42
C GLN A 949 36.80 2.85 11.68
N ASP A 950 36.44 3.63 12.69
CA ASP A 950 35.04 3.91 12.94
C ASP A 950 34.41 4.67 11.79
N VAL A 951 35.13 5.66 11.25
CA VAL A 951 34.59 6.45 10.14
C VAL A 951 34.36 5.57 8.93
N VAL A 952 35.30 4.68 8.63
CA VAL A 952 35.12 3.76 7.50
C VAL A 952 33.96 2.80 7.78
N ASN A 953 33.92 2.25 8.99
CA ASN A 953 32.98 1.17 9.31
C ASN A 953 31.54 1.67 9.33
N GLN A 954 31.31 2.88 9.85
CA GLN A 954 29.94 3.39 9.90
C GLN A 954 29.36 3.53 8.50
N ASN A 955 30.14 4.10 7.58
CA ASN A 955 29.67 4.23 6.21
C ASN A 955 29.50 2.86 5.54
N ALA A 956 30.45 1.95 5.77
CA ALA A 956 30.34 0.63 5.16
C ALA A 956 29.09 -0.10 5.63
N GLN A 957 28.83 -0.05 6.94
CA GLN A 957 27.68 -0.75 7.49
C GLN A 957 26.37 -0.06 7.09
N ALA A 958 26.37 1.27 6.96
CA ALA A 958 25.17 1.94 6.47
C ALA A 958 24.86 1.54 5.04
N LEU A 959 25.90 1.46 4.20
CA LEU A 959 25.69 1.02 2.82
C LEU A 959 25.20 -0.43 2.78
N ASN A 960 25.78 -1.29 3.63
CA ASN A 960 25.32 -2.68 3.69
C ASN A 960 23.87 -2.78 4.14
N THR A 961 23.48 -1.97 5.12
CA THR A 961 22.08 -1.98 5.56
C THR A 961 21.15 -1.48 4.47
N LEU A 962 21.57 -0.45 3.72
CA LEU A 962 20.76 0.03 2.60
C LEU A 962 20.60 -1.05 1.53
N VAL A 963 21.67 -1.78 1.25
CA VAL A 963 21.59 -2.87 0.28
C VAL A 963 20.66 -3.96 0.80
N LYS A 964 20.78 -4.32 2.08
CA LYS A 964 19.93 -5.36 2.65
C LYS A 964 18.47 -4.95 2.67
N GLN A 965 18.19 -3.65 2.79
CA GLN A 965 16.80 -3.19 2.81
C GLN A 965 16.09 -3.46 1.49
N LEU A 966 16.83 -3.73 0.42
CA LEU A 966 16.21 -3.97 -0.88
C LEU A 966 15.33 -5.22 -0.85
N SER A 967 15.82 -6.29 -0.23
CA SER A 967 15.11 -7.57 -0.23
C SER A 967 14.18 -7.68 0.98
N SER A 968 13.21 -6.76 1.03
CA SER A 968 12.19 -6.78 2.07
C SER A 968 10.83 -6.51 1.44
N ASN A 969 9.80 -7.16 1.99
CA ASN A 969 8.47 -7.07 1.41
C ASN A 969 7.88 -5.67 1.56
N PHE A 970 8.17 -5.00 2.68
CA PHE A 970 7.58 -3.71 3.01
C PHE A 970 6.05 -3.78 2.99
N GLY A 971 5.52 -4.91 3.44
CA GLY A 971 4.08 -5.11 3.45
C GLY A 971 3.49 -5.56 2.13
N ALA A 972 4.29 -5.70 1.08
CA ALA A 972 3.79 -6.16 -0.19
C ALA A 972 3.76 -7.69 -0.24
N ILE A 973 3.18 -8.23 -1.32
CA ILE A 973 3.07 -9.67 -1.45
C ILE A 973 4.44 -10.31 -1.64
N SER A 974 5.35 -9.62 -2.33
CA SER A 974 6.69 -10.16 -2.57
C SER A 974 7.67 -9.00 -2.71
N SER A 975 8.93 -9.31 -2.46
CA SER A 975 10.00 -8.33 -2.54
C SER A 975 10.70 -8.29 -3.90
N VAL A 976 10.37 -9.22 -4.79
CA VAL A 976 11.03 -9.32 -6.09
C VAL A 976 10.15 -8.68 -7.14
N LEU A 977 10.74 -7.81 -7.96
CA LEU A 977 9.98 -7.13 -9.00
C LEU A 977 9.42 -8.11 -10.02
N ASN A 978 10.21 -9.09 -10.44
CA ASN A 978 9.77 -10.03 -11.46
C ASN A 978 8.57 -10.84 -10.99
N ASP A 979 8.59 -11.28 -9.73
CA ASP A 979 7.44 -11.99 -9.20
C ASP A 979 6.22 -11.10 -9.13
N ILE A 980 6.41 -9.81 -8.83
CA ILE A 980 5.29 -8.87 -8.80
C ILE A 980 4.65 -8.76 -10.18
N LEU A 981 5.48 -8.61 -11.22
CA LEU A 981 4.94 -8.51 -12.57
C LEU A 981 4.27 -9.82 -13.00
N SER A 982 4.88 -10.96 -12.68
CA SER A 982 4.38 -12.23 -13.18
C SER A 982 3.10 -12.67 -12.48
N ARG A 983 3.00 -12.44 -11.16
CA ARG A 983 1.88 -12.99 -10.41
C ARG A 983 0.58 -12.26 -10.68
N LEU A 984 0.61 -10.93 -10.80
CA LEU A 984 -0.59 -10.12 -10.92
C LEU A 984 -0.57 -9.29 -12.20
N ASP A 985 -1.77 -8.90 -12.63
CA ASP A 985 -1.93 -8.03 -13.78
C ASP A 985 -1.58 -6.58 -13.41
N PRO A 986 -1.20 -5.77 -14.39
CA PRO A 986 -0.72 -4.40 -14.10
C PRO A 986 -1.75 -3.57 -13.34
N PRO A 987 -3.05 -3.62 -13.70
CA PRO A 987 -4.01 -2.80 -12.94
C PRO A 987 -4.05 -3.09 -11.45
N GLU A 988 -3.84 -4.34 -11.05
CA GLU A 988 -3.82 -4.70 -9.64
C GLU A 988 -2.41 -4.67 -9.06
N ALA A 989 -1.39 -5.02 -9.83
CA ALA A 989 -0.01 -4.95 -9.37
C ALA A 989 0.48 -3.52 -9.21
N GLU A 990 -0.26 -2.53 -9.71
CA GLU A 990 0.14 -1.14 -9.54
C GLU A 990 0.20 -0.76 -8.06
N VAL A 991 -0.77 -1.23 -7.27
CA VAL A 991 -0.78 -0.91 -5.85
C VAL A 991 0.43 -1.52 -5.15
N GLN A 992 0.75 -2.78 -5.46
CA GLN A 992 1.92 -3.41 -4.86
C GLN A 992 3.19 -2.70 -5.26
N ILE A 993 3.30 -2.29 -6.53
CA ILE A 993 4.47 -1.56 -6.98
C ILE A 993 4.59 -0.23 -6.26
N ASP A 994 3.44 0.45 -6.05
CA ASP A 994 3.46 1.70 -5.31
C ASP A 994 3.94 1.49 -3.88
N ARG A 995 3.46 0.43 -3.23
CA ARG A 995 3.91 0.14 -1.87
C ARG A 995 5.41 -0.11 -1.82
N LEU A 996 5.92 -0.92 -2.73
CA LEU A 996 7.35 -1.22 -2.76
C LEU A 996 8.16 0.04 -3.04
N ILE A 997 7.70 0.87 -3.98
CA ILE A 997 8.43 2.08 -4.34
C ILE A 997 8.45 3.05 -3.17
N THR A 998 7.31 3.23 -2.48
CA THR A 998 7.27 4.11 -1.34
C THR A 998 8.21 3.63 -0.24
N GLY A 999 8.22 2.33 0.03
CA GLY A 999 9.11 1.81 1.06
C GLY A 999 10.57 1.99 0.71
N ARG A 1000 10.95 1.67 -0.52
CA ARG A 1000 12.35 1.82 -0.93
C ARG A 1000 12.76 3.28 -0.95
N LEU A 1001 11.84 4.17 -1.34
CA LEU A 1001 12.13 5.59 -1.32
C LEU A 1001 12.35 6.09 0.11
N GLN A 1002 11.54 5.59 1.05
CA GLN A 1002 11.76 5.96 2.45
C GLN A 1002 13.12 5.48 2.94
N SER A 1003 13.49 4.25 2.59
CA SER A 1003 14.80 3.72 3.00
C SER A 1003 15.93 4.56 2.42
N LEU A 1004 15.84 4.89 1.12
CA LEU A 1004 16.87 5.69 0.49
C LEU A 1004 16.94 7.08 1.10
N GLN A 1005 15.79 7.68 1.40
CA GLN A 1005 15.77 8.99 2.00
C GLN A 1005 16.42 9.00 3.38
N THR A 1006 16.13 7.98 4.20
CA THR A 1006 16.74 7.94 5.51
C THR A 1006 18.24 7.69 5.42
N TYR A 1007 18.67 6.88 4.44
CA TYR A 1007 20.11 6.71 4.24
C TYR A 1007 20.77 8.02 3.83
N VAL A 1008 20.12 8.78 2.94
CA VAL A 1008 20.67 10.06 2.49
C VAL A 1008 20.76 11.04 3.66
N THR A 1009 19.74 11.07 4.51
CA THR A 1009 19.78 11.97 5.67
C THR A 1009 20.90 11.58 6.63
N GLN A 1010 21.07 10.28 6.88
CA GLN A 1010 22.17 9.84 7.73
C GLN A 1010 23.51 10.22 7.12
N GLN A 1011 23.66 10.05 5.81
CA GLN A 1011 24.90 10.41 5.15
C GLN A 1011 25.15 11.91 5.22
N LEU A 1012 24.10 12.72 5.11
CA LEU A 1012 24.26 14.16 5.20
C LEU A 1012 24.72 14.57 6.59
N ILE A 1013 24.13 13.99 7.64
CA ILE A 1013 24.56 14.33 9.00
C ILE A 1013 26.00 13.89 9.22
N ARG A 1014 26.35 12.69 8.77
CA ARG A 1014 27.73 12.22 8.91
C ARG A 1014 28.70 13.09 8.12
N ALA A 1015 28.27 13.58 6.96
CA ALA A 1015 29.12 14.47 6.17
C ALA A 1015 29.32 15.80 6.88
N ALA A 1016 28.29 16.31 7.55
CA ALA A 1016 28.47 17.52 8.34
C ALA A 1016 29.48 17.30 9.46
N GLU A 1017 29.38 16.15 10.14
CA GLU A 1017 30.34 15.84 11.21
C GLU A 1017 31.76 15.73 10.66
N ILE A 1018 31.92 15.06 9.51
CA ILE A 1018 33.24 14.92 8.90
C ILE A 1018 33.76 16.26 8.42
N ARG A 1019 32.89 17.14 7.93
CA ARG A 1019 33.32 18.47 7.54
C ARG A 1019 33.81 19.27 8.74
N ALA A 1020 33.12 19.16 9.89
CA ALA A 1020 33.60 19.81 11.10
C ALA A 1020 34.98 19.28 11.50
N SER A 1021 35.14 17.95 11.44
CA SER A 1021 36.43 17.36 11.79
C SER A 1021 37.52 17.80 10.82
N ALA A 1022 37.18 17.92 9.53
CA ALA A 1022 38.17 18.34 8.54
C ALA A 1022 38.56 19.79 8.72
N ASN A 1023 37.60 20.65 9.08
CA ASN A 1023 37.93 22.03 9.39
C ASN A 1023 38.84 22.11 10.61
N LEU A 1024 38.56 21.29 11.63
CA LEU A 1024 39.45 21.25 12.79
C LEU A 1024 40.85 20.80 12.40
N ALA A 1025 40.94 19.78 11.53
CA ALA A 1025 42.24 19.30 11.08
C ALA A 1025 42.98 20.35 10.27
N ALA A 1026 42.25 21.09 9.43
CA ALA A 1026 42.89 22.15 8.65
C ALA A 1026 43.43 23.25 9.54
N THR A 1027 42.64 23.64 10.55
CA THR A 1027 43.11 24.64 11.51
C THR A 1027 44.33 24.13 12.25
N LYS A 1028 44.32 22.87 12.68
CA LYS A 1028 45.47 22.30 13.37
C LYS A 1028 46.70 22.30 12.48
N MET A 1029 46.54 21.93 11.21
CA MET A 1029 47.67 21.99 10.28
C MET A 1029 48.21 23.41 10.17
N SER A 1030 47.33 24.36 9.87
CA SER A 1030 47.77 25.72 9.59
C SER A 1030 48.39 26.38 10.82
N GLU A 1031 48.03 25.95 12.02
CA GLU A 1031 48.62 26.54 13.21
C GLU A 1031 49.85 25.76 13.68
N CYS A 1032 49.67 24.48 14.00
CA CYS A 1032 50.76 23.70 14.58
C CYS A 1032 51.88 23.46 13.57
N VAL A 1033 51.54 23.02 12.36
CA VAL A 1033 52.56 22.60 11.41
C VAL A 1033 53.35 23.79 10.88
N LEU A 1034 52.65 24.88 10.57
CA LEU A 1034 53.25 26.02 9.89
C LEU A 1034 53.72 27.10 10.85
N GLY A 1035 53.73 26.83 12.15
CA GLY A 1035 54.23 27.82 13.09
C GLY A 1035 54.02 27.35 14.52
N GLN A 1036 54.50 28.17 15.44
CA GLN A 1036 54.26 27.96 16.85
C GLN A 1036 52.82 28.26 17.20
N SER A 1037 52.37 27.69 18.33
CA SER A 1037 51.01 27.93 18.81
C SER A 1037 51.04 28.07 20.32
N LYS A 1038 50.49 29.17 20.83
CA LYS A 1038 50.43 29.42 22.25
C LYS A 1038 49.14 28.95 22.88
N ARG A 1039 48.28 28.26 22.12
CA ARG A 1039 47.03 27.74 22.66
C ARG A 1039 47.32 26.48 23.45
N VAL A 1040 46.94 26.48 24.73
CA VAL A 1040 47.27 25.37 25.61
C VAL A 1040 46.41 24.17 25.28
N ASP A 1041 47.01 22.98 25.30
CA ASP A 1041 46.33 21.69 25.19
C ASP A 1041 45.83 21.52 23.76
N PHE A 1042 45.89 22.58 22.97
CA PHE A 1042 45.51 22.49 21.56
C PHE A 1042 46.58 21.78 20.73
N CYS A 1043 47.75 21.55 21.31
CA CYS A 1043 48.89 21.00 20.59
C CYS A 1043 49.50 19.83 21.35
N GLY A 1044 48.64 19.03 21.97
CA GLY A 1044 49.10 17.98 22.84
C GLY A 1044 49.45 18.50 24.22
N LYS A 1045 49.62 17.56 25.15
CA LYS A 1045 49.92 17.93 26.53
C LYS A 1045 51.26 18.64 26.61
N GLY A 1046 51.29 19.77 27.33
CA GLY A 1046 52.52 20.49 27.55
C GLY A 1046 52.75 21.62 26.55
N TYR A 1047 53.88 22.29 26.73
CA TYR A 1047 54.27 23.36 25.83
C TYR A 1047 54.55 22.80 24.44
N HIS A 1048 54.36 23.64 23.42
CA HIS A 1048 54.34 23.21 22.05
C HIS A 1048 55.59 23.67 21.32
N LEU A 1049 56.20 22.76 20.56
CA LEU A 1049 57.28 23.04 19.63
C LEU A 1049 56.79 22.68 18.23
N MET A 1050 57.72 22.65 17.27
CA MET A 1050 57.35 22.31 15.90
C MET A 1050 56.64 20.96 15.85
N SER A 1051 55.76 20.81 14.86
CA SER A 1051 54.94 19.63 14.71
C SER A 1051 55.11 19.04 13.32
N PHE A 1052 54.82 17.75 13.20
CA PHE A 1052 54.99 17.05 11.94
C PHE A 1052 53.72 16.29 11.58
N PRO A 1053 53.20 16.45 10.37
CA PRO A 1053 52.02 15.69 9.95
C PRO A 1053 52.39 14.41 9.23
N GLN A 1054 51.41 13.51 9.16
CA GLN A 1054 51.56 12.24 8.44
C GLN A 1054 50.25 11.92 7.76
N SER A 1055 50.34 11.37 6.55
CA SER A 1055 49.16 11.01 5.80
C SER A 1055 48.51 9.76 6.39
N ALA A 1056 47.20 9.67 6.21
CA ALA A 1056 46.40 8.55 6.69
C ALA A 1056 45.45 8.12 5.57
N PRO A 1057 44.94 6.88 5.63
CA PRO A 1057 44.01 6.42 4.59
C PRO A 1057 42.85 7.37 4.33
N HIS A 1058 42.10 7.70 5.38
CA HIS A 1058 40.95 8.60 5.29
C HIS A 1058 41.04 9.69 6.34
N GLY A 1059 42.22 10.30 6.47
CA GLY A 1059 42.39 11.36 7.45
C GLY A 1059 43.81 11.85 7.48
N VAL A 1060 44.15 12.52 8.57
CA VAL A 1060 45.50 13.03 8.79
C VAL A 1060 45.93 12.67 10.21
N VAL A 1061 47.19 12.29 10.38
CA VAL A 1061 47.74 11.94 11.67
C VAL A 1061 48.90 12.89 11.96
N PHE A 1062 48.84 13.53 13.12
CA PHE A 1062 49.84 14.52 13.51
C PHE A 1062 50.84 13.92 14.49
N LEU A 1063 51.97 14.62 14.64
CA LEU A 1063 52.97 14.30 15.66
C LEU A 1063 53.35 15.61 16.34
N HIS A 1064 52.86 15.81 17.55
CA HIS A 1064 53.12 17.04 18.30
C HIS A 1064 54.38 16.84 19.14
N VAL A 1065 55.44 17.56 18.80
CA VAL A 1065 56.68 17.52 19.57
C VAL A 1065 56.52 18.54 20.70
N THR A 1066 56.19 18.05 21.88
CA THR A 1066 55.92 18.90 23.03
C THR A 1066 57.13 18.98 23.94
N TYR A 1067 57.12 20.01 24.78
CA TYR A 1067 58.17 20.24 25.78
C TYR A 1067 57.48 20.30 27.15
N VAL A 1068 57.75 19.31 27.99
CA VAL A 1068 57.14 19.19 29.30
C VAL A 1068 58.25 19.21 30.35
N PRO A 1069 58.21 20.10 31.33
CA PRO A 1069 59.24 20.11 32.37
C PRO A 1069 59.12 18.90 33.29
N ALA A 1070 60.23 18.56 33.93
CA ALA A 1070 60.28 17.44 34.85
C ALA A 1070 61.43 17.67 35.83
N GLN A 1071 61.42 16.89 36.91
CA GLN A 1071 62.43 16.97 37.96
C GLN A 1071 62.47 18.37 38.56
N GLU A 1072 61.35 18.76 39.17
CA GLU A 1072 61.23 20.09 39.77
C GLU A 1072 61.61 20.05 41.24
N LYS A 1073 62.25 21.13 41.70
CA LYS A 1073 62.59 21.31 43.10
C LYS A 1073 62.17 22.71 43.53
N ASN A 1074 61.80 22.85 44.80
CA ASN A 1074 61.19 24.07 45.29
C ASN A 1074 62.20 24.96 46.01
N PHE A 1075 62.05 26.27 45.82
CA PHE A 1075 62.87 27.27 46.47
C PHE A 1075 61.97 28.29 47.15
N THR A 1076 62.51 28.97 48.16
CA THR A 1076 61.80 30.06 48.80
C THR A 1076 61.96 31.33 47.98
N THR A 1077 60.84 31.96 47.64
CA THR A 1077 60.83 33.10 46.74
C THR A 1077 60.36 34.35 47.47
N ALA A 1078 60.39 35.47 46.75
CA ALA A 1078 59.91 36.75 47.25
C ALA A 1078 59.75 37.71 46.07
N PRO A 1079 58.68 38.49 46.01
CA PRO A 1079 58.44 39.34 44.84
C PRO A 1079 59.48 40.42 44.62
N ALA A 1080 60.19 40.86 45.65
CA ALA A 1080 61.07 42.02 45.48
C ALA A 1080 62.27 41.90 46.43
N ILE A 1081 63.31 42.65 46.10
CA ILE A 1081 64.55 42.67 46.87
C ILE A 1081 64.81 44.11 47.31
N CYS A 1082 65.06 44.29 48.61
CA CYS A 1082 65.37 45.60 49.14
C CYS A 1082 66.80 46.00 48.82
N HIS A 1083 66.99 47.28 48.51
CA HIS A 1083 68.34 47.79 48.25
C HIS A 1083 68.33 49.30 48.51
N ASP A 1084 68.85 49.71 49.67
CA ASP A 1084 68.99 51.12 50.04
C ASP A 1084 67.68 51.87 49.89
N GLY A 1085 66.62 51.28 50.43
CA GLY A 1085 65.30 51.89 50.34
C GLY A 1085 64.78 52.01 48.92
N LYS A 1086 64.97 50.97 48.12
CA LYS A 1086 64.55 51.00 46.72
C LYS A 1086 64.16 49.58 46.31
N ALA A 1087 62.89 49.39 45.99
CA ALA A 1087 62.41 48.07 45.59
C ALA A 1087 63.02 47.65 44.26
N HIS A 1088 63.22 46.35 44.10
CA HIS A 1088 63.82 45.77 42.91
C HIS A 1088 62.95 44.62 42.43
N PHE A 1089 62.67 44.58 41.14
CA PHE A 1089 61.81 43.56 40.56
C PHE A 1089 62.54 42.87 39.41
N PRO A 1090 62.22 41.60 39.14
CA PRO A 1090 62.91 40.88 38.06
C PRO A 1090 62.45 41.37 36.70
N ARG A 1091 63.42 41.68 35.84
CA ARG A 1091 63.08 42.10 34.47
C ARG A 1091 62.41 40.96 33.72
N GLU A 1092 62.96 39.76 33.81
CA GLU A 1092 62.35 38.58 33.19
C GLU A 1092 62.77 37.37 34.01
N GLY A 1093 61.89 36.94 34.90
CA GLY A 1093 62.15 35.79 35.74
C GLY A 1093 61.54 35.96 37.11
N VAL A 1094 62.02 35.14 38.05
CA VAL A 1094 61.49 35.10 39.41
C VAL A 1094 62.66 34.98 40.38
N PHE A 1095 62.61 35.74 41.46
CA PHE A 1095 63.62 35.63 42.51
C PHE A 1095 63.47 34.30 43.23
N VAL A 1096 64.58 33.56 43.34
CA VAL A 1096 64.61 32.31 44.08
C VAL A 1096 65.83 32.30 44.98
N SER A 1097 65.76 31.52 46.05
CA SER A 1097 66.86 31.43 47.02
C SER A 1097 66.99 30.00 47.49
N ASN A 1098 68.23 29.51 47.57
CA ASN A 1098 68.51 28.16 48.05
C ASN A 1098 68.73 28.13 49.56
N GLY A 1099 68.26 29.14 50.30
CA GLY A 1099 68.35 29.18 51.74
C GLY A 1099 69.44 30.08 52.28
N THR A 1100 70.41 30.47 51.46
CA THR A 1100 71.50 31.31 51.94
C THR A 1100 71.72 32.52 51.03
N HIS A 1101 71.48 32.34 49.73
CA HIS A 1101 71.70 33.40 48.77
C HIS A 1101 70.51 33.47 47.82
N TRP A 1102 70.32 34.63 47.21
CA TRP A 1102 69.21 34.88 46.30
C TRP A 1102 69.73 35.06 44.88
N PHE A 1103 68.95 34.57 43.91
CA PHE A 1103 69.34 34.59 42.52
C PHE A 1103 68.12 34.89 41.65
N VAL A 1104 68.38 35.13 40.37
CA VAL A 1104 67.34 35.37 39.37
C VAL A 1104 67.45 34.28 38.31
N THR A 1105 66.33 33.66 37.98
CA THR A 1105 66.31 32.57 37.02
C THR A 1105 65.09 32.71 36.11
N GLN A 1106 65.20 32.18 34.90
CA GLN A 1106 64.05 32.13 34.01
C GLN A 1106 62.97 31.24 34.61
N ARG A 1107 61.71 31.62 34.38
CA ARG A 1107 60.60 31.01 35.11
C ARG A 1107 60.44 29.53 34.77
N ASN A 1108 60.84 29.11 33.58
CA ASN A 1108 60.56 27.76 33.11
C ASN A 1108 61.79 26.85 33.11
N PHE A 1109 62.88 27.26 33.73
CA PHE A 1109 64.08 26.42 33.82
C PHE A 1109 64.99 26.97 34.90
N TYR A 1110 65.50 26.09 35.76
CA TYR A 1110 66.38 26.52 36.83
C TYR A 1110 67.75 26.88 36.27
N GLU A 1111 68.16 28.13 36.43
CA GLU A 1111 69.44 28.60 35.95
C GLU A 1111 69.84 29.86 36.71
N PRO A 1112 70.33 29.73 37.94
CA PRO A 1112 70.57 30.91 38.78
C PRO A 1112 71.67 31.79 38.23
N GLN A 1113 71.56 33.09 38.52
CA GLN A 1113 72.53 34.09 38.11
C GLN A 1113 72.63 35.16 39.18
N ILE A 1114 73.60 36.06 39.01
CA ILE A 1114 73.67 37.26 39.83
C ILE A 1114 72.52 38.18 39.42
N ILE A 1115 72.22 39.17 40.24
CA ILE A 1115 70.95 39.89 40.18
C ILE A 1115 71.05 41.17 39.36
N THR A 1116 72.04 42.01 39.65
CA THR A 1116 71.92 43.43 39.32
C THR A 1116 72.14 43.71 37.84
N THR A 1117 73.01 42.93 37.18
CA THR A 1117 73.68 43.40 35.97
C THR A 1117 72.70 43.91 34.91
N ASP A 1118 71.72 43.10 34.54
CA ASP A 1118 70.72 43.54 33.57
C ASP A 1118 69.29 43.15 33.92
N ASN A 1119 69.07 42.13 34.75
CA ASN A 1119 67.77 41.51 34.90
C ASN A 1119 66.96 42.07 36.05
N THR A 1120 67.11 43.35 36.37
CA THR A 1120 66.36 43.95 37.47
C THR A 1120 66.06 45.41 37.14
N PHE A 1121 64.83 45.83 37.45
CA PHE A 1121 64.41 47.22 37.25
C PHE A 1121 63.79 47.75 38.53
N VAL A 1122 63.91 49.06 38.73
CA VAL A 1122 63.63 49.70 40.00
C VAL A 1122 62.30 50.44 39.92
N SER A 1123 61.49 50.32 40.97
CA SER A 1123 60.23 51.05 41.04
C SER A 1123 59.80 51.17 42.50
N GLY A 1124 59.60 52.39 42.96
CA GLY A 1124 59.05 52.62 44.29
C GLY A 1124 60.03 52.34 45.42
N ASN A 1125 59.47 52.34 46.63
CA ASN A 1125 60.22 52.08 47.85
C ASN A 1125 59.75 50.77 48.47
N CYS A 1126 60.38 50.40 49.58
CA CYS A 1126 60.16 49.08 50.17
C CYS A 1126 58.85 49.00 50.94
N ASP A 1127 58.27 50.14 51.31
CA ASP A 1127 57.08 50.11 52.15
C ASP A 1127 55.80 49.82 51.39
N VAL A 1128 55.85 49.73 50.06
CA VAL A 1128 54.63 49.54 49.29
C VAL A 1128 54.25 48.07 49.22
N VAL A 1129 55.16 47.22 48.71
CA VAL A 1129 54.85 45.81 48.58
C VAL A 1129 54.70 45.17 49.95
N ILE A 1130 54.05 44.00 49.97
CA ILE A 1130 53.66 43.37 51.23
C ILE A 1130 54.78 42.50 51.76
N GLY A 1131 55.17 41.47 51.00
CA GLY A 1131 56.22 40.57 51.44
C GLY A 1131 57.52 40.79 50.70
N ILE A 1132 58.49 41.45 51.35
CA ILE A 1132 59.74 41.81 50.71
C ILE A 1132 60.90 41.32 51.58
N VAL A 1133 62.04 41.11 50.94
CA VAL A 1133 63.23 40.60 51.59
C VAL A 1133 64.42 41.46 51.22
N ASN A 1134 65.39 41.55 52.13
CA ASN A 1134 66.60 42.33 51.90
C ASN A 1134 67.70 41.43 51.35
N ASN A 1135 68.47 41.98 50.40
CA ASN A 1135 69.63 41.30 49.86
C ASN A 1135 70.52 42.33 49.19
N THR A 1136 71.80 41.96 49.03
CA THR A 1136 72.74 42.85 48.38
C THR A 1136 72.51 42.88 46.88
N VAL A 1137 72.43 44.10 46.34
CA VAL A 1137 72.29 44.32 44.90
C VAL A 1137 73.63 44.87 44.43
N TYR A 1138 74.39 44.04 43.72
CA TYR A 1138 75.78 44.34 43.37
C TYR A 1138 75.89 44.51 41.86
N ASP A 1139 76.11 45.74 41.42
CA ASP A 1139 76.29 46.03 40.01
C ASP A 1139 77.74 45.79 39.61
N PRO A 1140 78.00 44.95 38.60
CA PRO A 1140 79.38 44.80 38.12
C PRO A 1140 79.97 46.07 37.54
N LEU A 1141 79.16 47.11 37.33
CA LEU A 1141 79.67 48.39 36.87
C LEU A 1141 80.66 48.98 37.87
N GLN A 1142 80.34 48.91 39.16
CA GLN A 1142 81.19 49.54 40.17
C GLN A 1142 82.59 48.93 40.24
N PRO A 1143 82.78 47.60 40.26
CA PRO A 1143 84.16 47.07 40.24
C PRO A 1143 84.96 47.56 39.04
N GLU A 1144 84.31 47.72 37.89
CA GLU A 1144 85.00 48.28 36.73
C GLU A 1144 85.44 49.73 37.01
N LEU A 1145 84.60 50.49 37.70
CA LEU A 1145 84.97 51.86 38.05
C LEU A 1145 86.16 51.88 39.01
N ASP A 1146 86.19 50.96 39.98
CA ASP A 1146 87.30 50.88 40.91
C ASP A 1146 88.60 50.49 40.23
N SER A 1147 88.54 49.88 39.04
CA SER A 1147 89.75 49.60 38.27
C SER A 1147 90.43 50.88 37.79
N PHE A 1148 89.70 51.99 37.74
CA PHE A 1148 90.25 53.27 37.32
C PHE A 1148 90.78 54.09 38.49
N LYS A 1149 90.64 53.61 39.73
CA LYS A 1149 91.11 54.34 40.89
C LYS A 1149 92.62 54.28 41.01
N GLN B 14 -56.93 21.17 35.98
CA GLN B 14 -57.14 22.60 35.78
C GLN B 14 -55.86 23.38 36.04
N CYS B 15 -55.62 24.40 35.23
CA CYS B 15 -54.43 25.24 35.34
C CYS B 15 -54.85 26.70 35.47
N VAL B 16 -54.19 27.42 36.36
CA VAL B 16 -54.40 28.86 36.52
C VAL B 16 -53.55 29.59 35.50
N ASN B 17 -54.18 30.38 34.66
CA ASN B 17 -53.50 31.08 33.57
C ASN B 17 -53.13 32.50 33.99
N LEU B 18 -51.95 32.94 33.55
CA LEU B 18 -51.42 34.24 33.95
C LEU B 18 -50.45 34.70 32.87
N THR B 19 -50.88 35.67 32.05
CA THR B 19 -50.02 36.28 31.04
C THR B 19 -50.26 37.77 31.04
N THR B 20 -49.28 38.51 30.53
CA THR B 20 -49.36 39.96 30.43
C THR B 20 -49.14 40.38 28.98
N ARG B 21 -49.94 41.34 28.52
CA ARG B 21 -49.81 41.80 27.14
C ARG B 21 -48.46 42.47 26.91
N THR B 22 -48.02 43.29 27.85
CA THR B 22 -46.73 43.96 27.76
C THR B 22 -45.65 43.06 28.33
N GLN B 23 -44.58 42.84 27.56
CA GLN B 23 -43.50 41.96 27.94
C GLN B 23 -42.36 42.78 28.56
N LEU B 24 -41.84 42.31 29.68
CA LEU B 24 -40.73 42.98 30.34
C LEU B 24 -39.48 42.87 29.47
N PRO B 25 -38.79 43.98 29.19
CA PRO B 25 -37.58 43.90 28.39
C PRO B 25 -36.52 43.10 29.11
N PRO B 26 -35.70 42.35 28.36
CA PRO B 26 -34.66 41.53 29.00
C PRO B 26 -33.47 42.38 29.44
N ALA B 27 -33.08 42.22 30.71
CA ALA B 27 -31.91 42.90 31.23
C ALA B 27 -30.65 42.19 30.75
N TYR B 28 -29.49 42.65 31.22
CA TYR B 28 -28.22 42.08 30.78
C TYR B 28 -27.19 42.19 31.88
N THR B 29 -26.17 41.33 31.78
CA THR B 29 -25.05 41.28 32.70
C THR B 29 -23.94 40.49 32.00
N ASN B 30 -22.69 40.88 32.26
CA ASN B 30 -21.58 40.26 31.54
C ASN B 30 -21.12 38.96 32.20
N SER B 31 -21.48 38.73 33.47
CA SER B 31 -21.21 37.47 34.16
C SER B 31 -19.71 37.19 34.23
N PHE B 32 -19.03 38.04 34.99
CA PHE B 32 -17.57 38.05 35.06
C PHE B 32 -17.03 36.66 35.40
N THR B 33 -16.18 36.14 34.52
CA THR B 33 -15.30 34.99 34.79
C THR B 33 -16.02 33.84 35.50
N ARG B 34 -17.24 33.55 35.06
CA ARG B 34 -18.07 32.53 35.68
C ARG B 34 -18.53 31.51 34.65
N GLY B 35 -18.76 30.29 35.10
CA GLY B 35 -19.32 29.26 34.25
C GLY B 35 -18.35 28.23 33.75
N VAL B 36 -17.48 27.72 34.62
CA VAL B 36 -16.50 26.69 34.27
C VAL B 36 -16.81 25.43 35.06
N TYR B 37 -16.89 24.30 34.36
CA TYR B 37 -17.16 23.01 34.96
C TYR B 37 -16.09 22.01 34.52
N TYR B 38 -15.99 20.92 35.23
CA TYR B 38 -15.04 19.87 34.85
C TYR B 38 -15.54 19.15 33.60
N PRO B 39 -14.79 19.20 32.49
CA PRO B 39 -15.26 18.49 31.28
C PRO B 39 -15.36 16.99 31.46
N ASP B 40 -14.48 16.40 32.25
CA ASP B 40 -14.50 14.95 32.48
C ASP B 40 -14.40 14.66 33.96
N LYS B 41 -14.19 13.40 34.33
CA LYS B 41 -14.02 13.02 35.72
C LYS B 41 -12.64 12.42 35.96
N VAL B 42 -11.62 12.99 35.31
CA VAL B 42 -10.25 12.52 35.43
C VAL B 42 -9.50 13.46 36.36
N PHE B 43 -8.41 12.94 36.94
CA PHE B 43 -7.66 13.63 37.97
C PHE B 43 -6.28 14.00 37.45
N ARG B 44 -5.90 15.27 37.64
CA ARG B 44 -4.57 15.76 37.31
C ARG B 44 -4.05 16.58 38.49
N SER B 45 -2.74 16.55 38.70
CA SER B 45 -2.10 17.20 39.83
C SER B 45 -1.11 18.24 39.32
N SER B 46 -1.44 19.52 39.53
CA SER B 46 -0.59 20.64 39.13
C SER B 46 -0.24 20.57 37.64
N VAL B 47 -1.28 20.46 36.81
CA VAL B 47 -1.13 20.36 35.36
C VAL B 47 -2.05 21.38 34.71
N LEU B 48 -1.57 22.00 33.64
CA LEU B 48 -2.39 22.88 32.80
C LEU B 48 -2.86 22.06 31.60
N HIS B 49 -4.18 21.89 31.49
CA HIS B 49 -4.77 21.05 30.46
C HIS B 49 -5.66 21.89 29.55
N SER B 50 -5.59 21.59 28.25
CA SER B 50 -6.39 22.27 27.24
C SER B 50 -7.48 21.32 26.76
N THR B 51 -8.72 21.79 26.77
CA THR B 51 -9.87 20.96 26.43
C THR B 51 -10.70 21.64 25.35
N GLN B 52 -11.33 20.80 24.52
CA GLN B 52 -12.20 21.26 23.44
C GLN B 52 -13.60 20.75 23.72
N ASP B 53 -14.41 21.58 24.37
CA ASP B 53 -15.77 21.22 24.74
C ASP B 53 -16.63 22.48 24.75
N LEU B 54 -17.86 22.40 25.27
CA LEU B 54 -18.81 23.54 25.27
C LEU B 54 -18.97 24.29 26.60
N PHE B 55 -18.35 25.47 26.69
CA PHE B 55 -18.25 26.27 27.90
C PHE B 55 -18.97 27.59 27.68
N LEU B 56 -19.40 28.19 28.77
CA LEU B 56 -19.92 29.55 28.71
C LEU B 56 -18.78 30.51 28.42
N PRO B 57 -18.90 31.40 27.44
CA PRO B 57 -17.81 32.34 27.15
C PRO B 57 -17.49 33.19 28.37
N PHE B 58 -16.20 33.49 28.54
CA PHE B 58 -15.75 34.13 29.78
C PHE B 58 -16.39 35.50 29.95
N PHE B 59 -16.46 36.29 28.88
CA PHE B 59 -17.09 37.61 28.91
C PHE B 59 -18.17 37.62 27.82
N SER B 60 -19.36 37.16 28.19
CA SER B 60 -20.49 37.10 27.26
C SER B 60 -21.68 37.82 27.88
N ASN B 61 -22.78 37.87 27.13
CA ASN B 61 -24.00 38.52 27.60
C ASN B 61 -24.94 37.47 28.17
N VAL B 62 -25.31 37.63 29.44
CA VAL B 62 -26.25 36.74 30.12
C VAL B 62 -27.54 37.52 30.34
N THR B 63 -28.68 36.82 30.22
CA THR B 63 -29.99 37.44 30.34
C THR B 63 -30.48 37.31 31.77
N TRP B 64 -30.63 38.43 32.46
CA TRP B 64 -31.11 38.47 33.83
C TRP B 64 -32.63 38.61 33.81
N PHE B 65 -33.34 37.53 34.11
CA PHE B 65 -34.79 37.48 33.99
C PHE B 65 -35.45 37.74 35.34
N HIS B 66 -36.53 38.52 35.31
CA HIS B 66 -37.34 38.79 36.49
C HIS B 66 -38.51 37.81 36.50
N ALA B 67 -38.39 36.75 37.30
CA ALA B 67 -39.49 35.80 37.42
C ALA B 67 -40.72 36.46 38.04
N ILE B 68 -40.52 37.25 39.09
CA ILE B 68 -41.58 38.03 39.71
C ILE B 68 -41.06 39.45 39.92
N HIS B 69 -41.81 40.43 39.41
CA HIS B 69 -41.42 41.83 39.49
C HIS B 69 -42.52 42.62 40.19
N VAL B 70 -42.13 43.48 41.12
CA VAL B 70 -43.08 44.29 41.87
C VAL B 70 -43.14 45.70 41.28
N THR B 76 -49.57 44.91 41.94
CA THR B 76 -48.74 44.53 43.08
C THR B 76 -47.49 43.80 42.63
N LYS B 77 -47.67 42.74 41.85
CA LYS B 77 -46.57 41.95 41.34
C LYS B 77 -46.95 41.35 39.99
N ARG B 78 -45.94 41.08 39.19
CA ARG B 78 -46.12 40.51 37.86
C ARG B 78 -45.48 39.13 37.79
N PHE B 79 -46.06 38.27 36.96
CA PHE B 79 -45.61 36.90 36.81
C PHE B 79 -45.14 36.64 35.38
N ASP B 80 -44.01 35.96 35.25
CA ASP B 80 -43.49 35.63 33.93
C ASP B 80 -42.45 34.52 34.07
N ASN B 81 -42.61 33.46 33.28
CA ASN B 81 -41.67 32.36 33.17
C ASN B 81 -41.36 32.03 31.71
N PRO B 82 -40.84 32.98 30.95
CA PRO B 82 -40.90 32.90 29.49
C PRO B 82 -40.06 31.76 28.94
N VAL B 83 -40.41 31.35 27.72
CA VAL B 83 -39.73 30.27 27.03
C VAL B 83 -38.31 30.70 26.66
N LEU B 84 -37.34 29.84 26.93
CA LEU B 84 -35.94 30.10 26.61
C LEU B 84 -35.41 28.94 25.78
N PRO B 85 -34.89 29.19 24.58
CA PRO B 85 -34.34 28.08 23.78
C PRO B 85 -33.14 27.45 24.47
N PHE B 86 -32.99 26.14 24.23
CA PHE B 86 -31.92 25.39 24.89
C PHE B 86 -30.57 25.60 24.19
N ASN B 87 -30.50 25.22 22.91
CA ASN B 87 -29.29 25.36 22.11
C ASN B 87 -28.11 24.62 22.77
N ASP B 88 -28.28 23.30 22.87
CA ASP B 88 -27.28 22.35 23.37
C ASP B 88 -26.46 22.87 24.54
N GLY B 89 -27.13 23.42 25.55
CA GLY B 89 -26.43 23.88 26.75
C GLY B 89 -27.02 25.14 27.31
N VAL B 90 -27.17 25.20 28.64
CA VAL B 90 -27.74 26.35 29.32
C VAL B 90 -27.03 26.54 30.65
N TYR B 91 -26.71 27.80 30.96
CA TYR B 91 -26.20 28.17 32.26
C TYR B 91 -27.35 28.72 33.10
N PHE B 92 -27.35 28.39 34.40
CA PHE B 92 -28.42 28.82 35.28
C PHE B 92 -27.84 29.13 36.66
N ALA B 93 -28.27 30.25 37.22
CA ALA B 93 -27.87 30.65 38.56
C ALA B 93 -28.89 31.64 39.11
N SER B 94 -28.92 31.77 40.42
CA SER B 94 -29.84 32.68 41.08
C SER B 94 -29.37 32.95 42.49
N THR B 95 -30.01 33.94 43.12
CA THR B 95 -29.73 34.32 44.50
C THR B 95 -30.99 34.27 45.35
N GLU B 96 -31.79 33.23 45.16
CA GLU B 96 -33.02 33.06 45.92
C GLU B 96 -32.71 32.81 47.39
N LYS B 97 -33.56 33.38 48.25
CA LYS B 97 -33.40 33.25 49.69
C LYS B 97 -34.45 32.35 50.34
N SER B 98 -35.65 32.27 49.76
CA SER B 98 -36.74 31.47 50.31
C SER B 98 -37.08 30.28 49.42
N ASN B 99 -36.11 29.82 48.63
CA ASN B 99 -36.30 28.66 47.74
C ASN B 99 -37.46 28.89 46.77
N ILE B 100 -37.55 30.11 46.23
CA ILE B 100 -38.62 30.43 45.30
C ILE B 100 -38.52 29.57 44.04
N ILE B 101 -37.31 29.44 43.51
CA ILE B 101 -37.09 28.63 42.30
C ILE B 101 -36.97 27.17 42.72
N ARG B 102 -37.82 26.33 42.18
CA ARG B 102 -37.86 24.92 42.58
C ARG B 102 -37.78 23.95 41.42
N GLY B 103 -38.40 24.26 40.27
CA GLY B 103 -38.58 23.30 39.23
C GLY B 103 -37.92 23.71 37.93
N TRP B 104 -37.56 22.69 37.15
CA TRP B 104 -37.04 22.85 35.80
C TRP B 104 -37.90 22.03 34.85
N ILE B 105 -38.06 22.54 33.62
CA ILE B 105 -38.84 21.85 32.60
C ILE B 105 -38.04 21.83 31.31
N PHE B 106 -37.85 20.64 30.75
CA PHE B 106 -37.18 20.47 29.47
C PHE B 106 -38.05 19.58 28.58
N GLY B 107 -37.89 19.75 27.27
CA GLY B 107 -38.64 18.95 26.33
C GLY B 107 -38.65 19.59 24.96
N THR B 108 -39.57 19.09 24.12
CA THR B 108 -39.73 19.58 22.76
C THR B 108 -40.96 20.48 22.62
N THR B 109 -42.14 20.00 23.04
CA THR B 109 -43.37 20.77 22.94
C THR B 109 -44.07 20.97 24.28
N LEU B 110 -43.63 20.27 25.33
CA LEU B 110 -44.17 20.44 26.68
C LEU B 110 -45.67 20.16 26.74
N ASP B 111 -46.14 19.19 25.96
CA ASP B 111 -47.53 18.77 25.98
C ASP B 111 -47.58 17.24 25.91
N SER B 112 -48.80 16.71 25.86
CA SER B 112 -48.97 15.25 25.78
C SER B 112 -48.51 14.69 24.43
N LYS B 113 -48.24 15.54 23.44
CA LYS B 113 -47.85 15.04 22.13
C LYS B 113 -46.52 14.29 22.19
N THR B 114 -45.56 14.82 22.93
CA THR B 114 -44.23 14.23 23.01
C THR B 114 -43.76 14.18 24.46
N GLN B 115 -42.72 13.39 24.70
CA GLN B 115 -42.18 13.24 26.04
C GLN B 115 -41.53 14.53 26.52
N SER B 116 -41.44 14.68 27.83
CA SER B 116 -40.87 15.87 28.43
C SER B 116 -40.24 15.51 29.77
N LEU B 117 -39.35 16.38 30.24
CA LEU B 117 -38.61 16.15 31.47
C LEU B 117 -39.01 17.20 32.50
N LEU B 118 -39.38 16.73 33.70
CA LEU B 118 -39.67 17.58 34.84
C LEU B 118 -38.67 17.28 35.94
N ILE B 119 -37.99 18.31 36.42
CA ILE B 119 -37.09 18.19 37.56
C ILE B 119 -37.62 19.11 38.65
N VAL B 120 -38.08 18.50 39.75
CA VAL B 120 -38.64 19.26 40.87
C VAL B 120 -38.03 18.70 42.16
N ASN B 121 -38.10 19.52 43.21
CA ASN B 121 -37.56 19.12 44.51
C ASN B 121 -38.42 19.73 45.60
N ASN B 122 -38.44 19.04 46.75
CA ASN B 122 -39.13 19.53 47.93
C ASN B 122 -38.15 19.46 49.11
N ALA B 123 -38.68 19.67 50.32
CA ALA B 123 -37.83 19.64 51.50
C ALA B 123 -37.28 18.25 51.81
N THR B 124 -37.84 17.21 51.21
CA THR B 124 -37.44 15.84 51.53
C THR B 124 -36.46 15.26 50.50
N ASN B 125 -36.86 15.20 49.23
CA ASN B 125 -36.04 14.54 48.24
C ASN B 125 -36.35 15.11 46.85
N VAL B 126 -35.40 14.92 45.95
CA VAL B 126 -35.53 15.37 44.56
C VAL B 126 -36.21 14.27 43.75
N VAL B 127 -37.17 14.67 42.91
CA VAL B 127 -37.86 13.76 42.01
C VAL B 127 -37.54 14.18 40.58
N ILE B 128 -36.98 13.25 39.82
CA ILE B 128 -36.74 13.44 38.39
C ILE B 128 -37.61 12.44 37.65
N LYS B 129 -38.41 12.93 36.70
CA LYS B 129 -39.47 12.11 36.13
C LYS B 129 -39.69 12.53 34.68
N VAL B 130 -39.47 11.59 33.75
CA VAL B 130 -39.62 11.84 32.32
C VAL B 130 -40.82 11.04 31.84
N CYS B 131 -41.88 11.75 31.42
CA CYS B 131 -43.08 11.12 30.90
C CYS B 131 -43.62 11.97 29.76
N GLU B 132 -44.77 11.56 29.22
CA GLU B 132 -45.51 12.37 28.25
C GLU B 132 -46.32 13.43 28.98
N PHE B 133 -45.60 14.32 29.66
CA PHE B 133 -46.23 15.29 30.55
C PHE B 133 -47.07 16.29 29.78
N GLN B 134 -48.24 16.61 30.33
CA GLN B 134 -49.13 17.62 29.76
C GLN B 134 -48.98 18.88 30.61
N PHE B 135 -47.97 19.68 30.28
CA PHE B 135 -47.70 20.91 31.02
C PHE B 135 -48.70 21.98 30.65
N CYS B 136 -49.11 22.76 31.65
CA CYS B 136 -49.93 23.93 31.40
C CYS B 136 -49.11 25.00 30.68
N ASN B 137 -49.81 25.89 29.98
CA ASN B 137 -49.12 26.95 29.24
C ASN B 137 -48.36 27.87 30.18
N ASP B 138 -48.93 28.18 31.34
CA ASP B 138 -48.32 29.03 32.35
C ASP B 138 -48.37 28.33 33.70
N PRO B 139 -47.53 27.32 33.90
CA PRO B 139 -47.59 26.55 35.14
C PRO B 139 -46.72 27.12 36.24
N PHE B 140 -47.22 26.99 37.47
CA PHE B 140 -46.47 27.41 38.65
C PHE B 140 -46.72 26.41 39.77
N LEU B 141 -45.76 26.33 40.68
CA LEU B 141 -45.84 25.39 41.80
C LEU B 141 -46.61 26.04 42.94
N GLY B 142 -47.64 25.35 43.43
CA GLY B 142 -48.45 25.86 44.52
C GLY B 142 -48.43 24.99 45.75
N VAL B 143 -48.29 25.62 46.92
CA VAL B 143 -48.27 24.92 48.20
C VAL B 143 -49.33 25.52 49.10
N TYR B 144 -49.99 24.67 49.89
CA TYR B 144 -51.04 25.11 50.79
C TYR B 144 -50.90 24.39 52.12
N TYR B 145 -51.43 25.02 53.17
CA TYR B 145 -51.37 24.48 54.52
C TYR B 145 -52.35 23.32 54.67
N HIS B 146 -51.89 22.21 55.25
CA HIS B 146 -52.71 21.04 55.49
C HIS B 146 -53.13 21.04 56.96
N LYS B 147 -54.42 21.27 57.21
CA LYS B 147 -54.91 21.29 58.58
C LYS B 147 -54.76 19.92 59.25
N ASN B 148 -55.04 18.85 58.51
CA ASN B 148 -54.90 17.51 59.07
C ASN B 148 -53.45 17.19 59.42
N ASN B 149 -52.52 17.56 58.54
CA ASN B 149 -51.11 17.29 58.76
C ASN B 149 -50.42 18.37 59.59
N LYS B 150 -51.07 19.52 59.80
CA LYS B 150 -50.52 20.62 60.58
C LYS B 150 -49.15 21.05 60.06
N SER B 151 -49.02 21.10 58.74
CA SER B 151 -47.75 21.46 58.10
C SER B 151 -48.04 21.91 56.67
N TRP B 152 -46.96 22.16 55.93
CA TRP B 152 -47.04 22.60 54.54
C TRP B 152 -46.45 21.53 53.64
N MET B 153 -47.15 21.23 52.55
CA MET B 153 -46.68 20.26 51.56
C MET B 153 -46.74 20.87 50.17
N GLU B 154 -46.17 20.16 49.20
CA GLU B 154 -46.10 20.61 47.82
C GLU B 154 -46.81 19.63 46.91
N SER B 155 -47.48 20.14 45.89
CA SER B 155 -48.21 19.33 44.92
C SER B 155 -47.74 19.68 43.52
N GLU B 156 -47.33 18.66 42.77
CA GLU B 156 -46.86 18.84 41.41
C GLU B 156 -47.99 18.77 40.38
N PHE B 157 -49.22 18.48 40.81
CA PHE B 157 -50.35 18.44 39.89
C PHE B 157 -50.68 19.83 39.34
N ARG B 158 -50.23 20.90 39.99
CA ARG B 158 -50.47 22.24 39.49
C ARG B 158 -49.74 22.51 38.18
N VAL B 159 -48.73 21.72 37.85
CA VAL B 159 -47.94 21.92 36.65
C VAL B 159 -48.41 21.00 35.51
N TYR B 160 -48.67 19.73 35.82
CA TYR B 160 -49.15 18.78 34.84
C TYR B 160 -50.42 18.12 35.35
N SER B 161 -51.35 17.87 34.42
CA SER B 161 -52.63 17.26 34.75
C SER B 161 -52.58 15.74 34.65
N SER B 162 -52.20 15.22 33.49
CA SER B 162 -52.18 13.78 33.24
C SER B 162 -50.79 13.37 32.77
N ALA B 163 -50.33 12.21 33.25
CA ALA B 163 -49.04 11.65 32.87
C ALA B 163 -49.21 10.20 32.46
N ASN B 164 -48.58 9.82 31.35
CA ASN B 164 -48.67 8.46 30.85
C ASN B 164 -47.34 8.09 30.20
N ASN B 165 -47.04 6.79 30.21
CA ASN B 165 -45.81 6.25 29.63
C ASN B 165 -44.58 6.83 30.33
N CYS B 166 -44.53 6.64 31.65
CA CYS B 166 -43.44 7.15 32.47
C CYS B 166 -42.27 6.18 32.41
N THR B 167 -41.19 6.61 31.75
CA THR B 167 -40.06 5.72 31.46
C THR B 167 -38.89 5.88 32.42
N PHE B 168 -39.00 6.72 33.44
CA PHE B 168 -37.87 6.94 34.34
C PHE B 168 -38.39 7.58 35.62
N GLU B 169 -37.98 7.01 36.75
CA GLU B 169 -38.25 7.56 38.07
C GLU B 169 -36.94 7.71 38.82
N TYR B 170 -36.89 8.69 39.73
CA TYR B 170 -35.65 9.00 40.43
C TYR B 170 -35.98 9.68 41.74
N VAL B 171 -35.40 9.19 42.83
CA VAL B 171 -35.45 9.83 44.14
C VAL B 171 -34.01 10.04 44.60
N SER B 172 -33.70 11.27 45.02
CA SER B 172 -32.34 11.60 45.42
C SER B 172 -32.38 12.69 46.49
N GLN B 173 -31.24 12.89 47.14
CA GLN B 173 -31.14 13.88 48.20
C GLN B 173 -31.29 15.29 47.62
N PRO B 174 -31.97 16.19 48.33
CA PRO B 174 -32.13 17.56 47.83
C PRO B 174 -30.80 18.30 47.78
N PHE B 175 -30.70 19.19 46.79
CA PHE B 175 -29.50 20.00 46.61
C PHE B 175 -29.76 21.49 46.68
N LEU B 176 -31.01 21.92 46.87
CA LEU B 176 -31.38 23.32 46.84
C LEU B 176 -31.84 23.88 48.17
N MET B 177 -32.30 23.05 49.10
CA MET B 177 -32.90 23.50 50.34
C MET B 177 -31.96 23.29 51.52
N ASP B 178 -32.09 24.17 52.52
CA ASP B 178 -31.31 24.09 53.74
C ASP B 178 -32.24 24.20 54.94
N LEU B 179 -31.95 23.44 55.99
CA LEU B 179 -32.76 23.48 57.20
C LEU B 179 -32.53 24.73 58.02
N GLU B 180 -31.38 25.38 57.87
CA GLU B 180 -31.09 26.59 58.65
C GLU B 180 -32.03 27.72 58.26
N GLY B 181 -32.30 27.89 56.98
CA GLY B 181 -33.14 28.98 56.52
C GLY B 181 -32.33 30.19 56.12
N LYS B 182 -32.97 31.36 56.21
CA LYS B 182 -32.32 32.60 55.85
C LYS B 182 -31.35 33.03 56.94
N GLN B 183 -30.12 33.37 56.54
CA GLN B 183 -29.09 33.84 57.47
C GLN B 183 -28.97 35.35 57.47
N GLY B 184 -29.78 36.06 56.70
CA GLY B 184 -29.71 37.51 56.64
C GLY B 184 -29.01 37.98 55.36
N ASN B 185 -27.97 38.80 55.53
CA ASN B 185 -27.20 39.30 54.41
C ASN B 185 -26.19 38.28 53.87
N PHE B 186 -26.01 37.15 54.56
CA PHE B 186 -25.09 36.11 54.11
C PHE B 186 -25.79 35.18 53.11
N LYS B 187 -26.28 35.77 52.03
CA LYS B 187 -26.99 35.02 51.01
C LYS B 187 -26.05 34.09 50.27
N ASN B 188 -26.60 32.99 49.77
CA ASN B 188 -25.83 31.96 49.08
C ASN B 188 -26.24 31.92 47.61
N LEU B 189 -25.24 31.82 46.75
CA LEU B 189 -25.45 31.79 45.30
C LEU B 189 -25.30 30.35 44.80
N ARG B 190 -26.28 29.90 44.02
CA ARG B 190 -26.27 28.55 43.46
C ARG B 190 -26.28 28.64 41.95
N GLU B 191 -25.40 27.87 41.31
CA GLU B 191 -25.25 27.88 39.86
C GLU B 191 -25.40 26.48 39.31
N PHE B 192 -26.10 26.36 38.19
CA PHE B 192 -26.31 25.08 37.51
C PHE B 192 -25.88 25.21 36.06
N VAL B 193 -25.44 24.09 35.50
CA VAL B 193 -25.08 24.00 34.09
C VAL B 193 -25.62 22.69 33.53
N PHE B 194 -26.41 22.77 32.48
CA PHE B 194 -27.00 21.59 31.84
C PHE B 194 -26.38 21.36 30.48
N LYS B 195 -26.30 20.10 30.08
CA LYS B 195 -25.80 19.72 28.77
C LYS B 195 -26.66 18.60 28.21
N ASN B 196 -26.45 18.29 26.93
CA ASN B 196 -27.13 17.17 26.29
C ASN B 196 -26.19 16.63 25.21
N ILE B 197 -25.44 15.59 25.55
CA ILE B 197 -24.46 15.00 24.64
C ILE B 197 -24.67 13.49 24.61
N ASP B 198 -24.72 12.94 23.40
CA ASP B 198 -24.82 11.49 23.19
C ASP B 198 -26.04 10.91 23.90
N GLY B 199 -27.13 11.66 23.91
CA GLY B 199 -28.34 11.20 24.57
C GLY B 199 -28.26 11.13 26.07
N TYR B 200 -27.39 11.93 26.69
CA TYR B 200 -27.25 11.99 28.13
C TYR B 200 -27.53 13.40 28.63
N PHE B 201 -28.28 13.49 29.72
CA PHE B 201 -28.64 14.77 30.32
C PHE B 201 -27.77 14.96 31.56
N LYS B 202 -26.74 15.79 31.45
CA LYS B 202 -25.77 16.00 32.51
C LYS B 202 -26.07 17.31 33.22
N ILE B 203 -26.07 17.28 34.55
CA ILE B 203 -26.36 18.43 35.39
C ILE B 203 -25.19 18.66 36.32
N TYR B 204 -24.71 19.90 36.39
CA TYR B 204 -23.66 20.31 37.30
C TYR B 204 -24.21 21.34 38.28
N SER B 205 -23.52 21.50 39.40
CA SER B 205 -23.96 22.45 40.42
C SER B 205 -22.77 22.82 41.30
N LYS B 206 -22.95 23.90 42.06
CA LYS B 206 -21.94 24.38 43.00
C LYS B 206 -22.57 25.41 43.91
N HIS B 207 -22.30 25.29 45.21
CA HIS B 207 -22.82 26.22 46.22
C HIS B 207 -21.69 27.15 46.65
N THR B 208 -21.91 28.46 46.55
CA THR B 208 -20.89 29.44 46.87
C THR B 208 -21.53 30.64 47.55
N PRO B 209 -21.04 31.06 48.71
CA PRO B 209 -21.59 32.24 49.37
C PRO B 209 -21.20 33.52 48.64
N ILE B 210 -22.04 34.54 48.79
CA ILE B 210 -21.80 35.85 48.19
C ILE B 210 -22.08 36.93 49.23
N ASN B 211 -21.47 38.09 49.02
CA ASN B 211 -21.66 39.22 49.93
C ASN B 211 -22.03 40.49 49.17
N LEU B 212 -21.54 40.62 47.94
CA LEU B 212 -21.77 41.83 47.16
C LEU B 212 -23.21 41.88 46.67
N VAL B 213 -23.67 43.11 46.40
CA VAL B 213 -25.04 43.31 45.93
C VAL B 213 -25.23 42.65 44.56
N ARG B 214 -24.26 42.83 43.66
CA ARG B 214 -24.34 42.20 42.36
C ARG B 214 -24.34 40.69 42.50
N ASP B 215 -25.25 40.03 41.79
CA ASP B 215 -25.49 38.61 42.00
C ASP B 215 -24.31 37.75 41.55
N LEU B 216 -23.69 38.12 40.43
CA LEU B 216 -22.57 37.35 39.91
C LEU B 216 -21.28 38.08 40.23
N PRO B 217 -20.48 37.61 41.20
CA PRO B 217 -19.28 38.36 41.60
C PRO B 217 -18.04 37.95 40.83
N GLN B 218 -16.93 38.62 41.13
CA GLN B 218 -15.68 38.35 40.42
C GLN B 218 -15.02 37.04 40.86
N GLY B 219 -15.44 36.49 42.00
CA GLY B 219 -14.87 35.24 42.48
C GLY B 219 -15.10 34.08 41.54
N PHE B 220 -14.05 33.34 41.24
CA PHE B 220 -14.12 32.20 40.33
C PHE B 220 -14.06 30.90 41.12
N SER B 221 -14.99 29.99 40.83
CA SER B 221 -15.05 28.70 41.50
C SER B 221 -15.50 27.64 40.51
N ALA B 222 -14.94 26.44 40.64
CA ALA B 222 -15.27 25.35 39.74
C ALA B 222 -16.69 24.84 40.00
N LEU B 223 -17.18 24.02 39.08
CA LEU B 223 -18.51 23.44 39.18
C LEU B 223 -18.39 21.92 39.22
N GLU B 224 -19.00 21.31 40.24
CA GLU B 224 -18.85 19.87 40.40
C GLU B 224 -20.07 19.14 39.88
N PRO B 225 -19.87 17.97 39.27
CA PRO B 225 -21.01 17.18 38.79
C PRO B 225 -21.91 16.74 39.93
N LEU B 226 -23.21 16.67 39.66
CA LEU B 226 -24.19 16.25 40.65
C LEU B 226 -24.88 14.96 40.25
N VAL B 227 -25.52 14.91 39.08
CA VAL B 227 -26.26 13.75 38.63
C VAL B 227 -26.18 13.69 37.11
N ASP B 228 -25.95 12.49 36.57
CA ASP B 228 -26.04 12.24 35.15
C ASP B 228 -27.25 11.36 34.86
N LEU B 229 -27.91 11.63 33.73
CA LEU B 229 -29.15 10.94 33.38
C LEU B 229 -29.01 10.32 32.00
N PRO B 230 -29.17 9.00 31.87
CA PRO B 230 -29.11 8.35 30.55
C PRO B 230 -30.47 8.25 29.88
N ILE B 231 -31.07 9.41 29.58
CA ILE B 231 -32.37 9.49 28.95
C ILE B 231 -32.18 10.01 27.53
N GLY B 232 -32.65 9.22 26.55
CA GLY B 232 -32.58 9.65 25.16
C GLY B 232 -33.85 10.32 24.70
N ILE B 233 -33.86 11.65 24.72
CA ILE B 233 -35.01 12.44 24.29
C ILE B 233 -34.52 13.68 23.56
N ASN B 234 -35.18 14.02 22.47
CA ASN B 234 -34.84 15.23 21.74
C ASN B 234 -35.19 16.45 22.58
N ILE B 235 -34.18 17.26 22.89
CA ILE B 235 -34.34 18.43 23.75
C ILE B 235 -33.90 19.66 22.97
N THR B 236 -34.81 20.62 22.80
CA THR B 236 -34.51 21.88 22.14
C THR B 236 -35.06 23.10 22.85
N ARG B 237 -36.00 22.93 23.78
CA ARG B 237 -36.62 24.04 24.48
C ARG B 237 -36.69 23.71 25.96
N PHE B 238 -36.53 24.73 26.80
CA PHE B 238 -36.65 24.54 28.24
C PHE B 238 -37.34 25.74 28.85
N GLN B 239 -38.00 25.53 29.98
CA GLN B 239 -38.73 26.57 30.67
C GLN B 239 -38.53 26.40 32.17
N THR B 240 -38.29 27.52 32.85
CA THR B 240 -38.07 27.47 34.30
C THR B 240 -39.41 27.46 35.03
N LEU B 241 -39.36 27.10 36.31
CA LEU B 241 -40.54 27.02 37.16
C LEU B 241 -40.30 27.78 38.44
N LEU B 242 -41.40 28.25 39.04
CA LEU B 242 -41.36 29.00 40.28
C LEU B 242 -42.34 28.38 41.28
N ALA B 243 -42.10 28.65 42.56
CA ALA B 243 -42.94 28.15 43.64
C ALA B 243 -43.70 29.31 44.28
N LEU B 244 -44.99 29.08 44.53
CA LEU B 244 -45.87 30.08 45.11
C LEU B 244 -46.55 29.51 46.34
N HIS B 245 -46.84 30.39 47.30
CA HIS B 245 -47.51 30.02 48.54
C HIS B 245 -48.99 30.40 48.48
N ARG B 246 -49.83 29.57 49.09
CA ARG B 246 -51.25 29.85 49.13
C ARG B 246 -51.53 31.07 49.99
N SER B 247 -52.45 31.92 49.52
CA SER B 247 -52.89 33.09 50.27
C SER B 247 -53.98 32.67 51.25
N TYR B 248 -53.73 32.88 52.54
CA TYR B 248 -54.63 32.49 53.60
C TYR B 248 -55.19 33.72 54.30
N LEU B 249 -56.50 33.75 54.49
CA LEU B 249 -57.18 34.86 55.13
C LEU B 249 -57.89 34.36 56.39
N THR B 250 -58.67 35.24 57.00
CA THR B 250 -59.42 34.90 58.20
C THR B 250 -60.52 33.90 57.87
N PRO B 251 -60.94 33.09 58.85
CA PRO B 251 -62.05 32.16 58.59
C PRO B 251 -63.34 32.84 58.17
N GLY B 252 -63.55 34.10 58.55
CA GLY B 252 -64.72 34.84 58.14
C GLY B 252 -64.67 35.41 56.75
N ASP B 253 -63.57 35.23 56.04
CA ASP B 253 -63.41 35.71 54.67
C ASP B 253 -63.04 34.55 53.76
N SER B 254 -63.52 34.61 52.51
CA SER B 254 -63.29 33.56 51.53
C SER B 254 -62.76 34.20 50.25
N SER B 255 -61.52 33.84 49.89
CA SER B 255 -60.90 34.34 48.68
C SER B 255 -59.90 33.31 48.17
N SER B 256 -59.62 33.36 46.87
CA SER B 256 -58.69 32.46 46.22
C SER B 256 -57.55 33.26 45.62
N GLY B 257 -56.32 32.87 45.94
CA GLY B 257 -55.16 33.56 45.41
C GLY B 257 -53.89 32.89 45.88
N TRP B 258 -52.78 33.30 45.26
CA TRP B 258 -51.46 32.80 45.59
C TRP B 258 -50.49 33.96 45.73
N THR B 259 -49.58 33.84 46.69
CA THR B 259 -48.59 34.89 46.95
C THR B 259 -47.21 34.26 47.09
N ALA B 260 -46.20 35.02 46.68
CA ALA B 260 -44.81 34.58 46.79
C ALA B 260 -43.90 35.81 46.74
N GLY B 261 -42.67 35.62 47.22
CA GLY B 261 -41.69 36.68 47.19
C GLY B 261 -41.04 36.85 45.82
N ALA B 262 -40.48 38.03 45.60
CA ALA B 262 -39.81 38.32 44.35
C ALA B 262 -38.47 37.60 44.27
N ALA B 263 -38.14 37.10 43.09
CA ALA B 263 -36.89 36.40 42.87
C ALA B 263 -36.49 36.55 41.41
N ALA B 264 -35.21 36.30 41.14
CA ALA B 264 -34.67 36.42 39.80
C ALA B 264 -33.61 35.37 39.58
N TYR B 265 -33.33 35.08 38.31
CA TYR B 265 -32.33 34.09 37.95
C TYR B 265 -31.65 34.49 36.66
N TYR B 266 -30.48 33.91 36.42
CA TYR B 266 -29.65 34.24 35.26
C TYR B 266 -29.59 33.04 34.32
N VAL B 267 -29.70 33.31 33.03
CA VAL B 267 -29.72 32.26 32.01
C VAL B 267 -28.72 32.62 30.93
N GLY B 268 -27.70 31.78 30.76
CA GLY B 268 -26.70 31.99 29.74
C GLY B 268 -26.57 30.74 28.88
N TYR B 269 -26.20 30.95 27.62
CA TYR B 269 -26.16 29.88 26.63
C TYR B 269 -24.71 29.47 26.38
N LEU B 270 -24.45 28.18 26.43
CA LEU B 270 -23.11 27.66 26.18
C LEU B 270 -22.74 27.81 24.70
N GLN B 271 -21.48 27.54 24.41
CA GLN B 271 -20.97 27.68 23.05
C GLN B 271 -19.69 26.86 22.93
N PRO B 272 -19.43 26.26 21.77
CA PRO B 272 -18.16 25.51 21.59
C PRO B 272 -16.98 26.47 21.63
N ARG B 273 -16.05 26.22 22.54
CA ARG B 273 -14.89 27.07 22.72
C ARG B 273 -13.72 26.21 23.19
N THR B 274 -12.51 26.75 23.04
CA THR B 274 -11.30 26.11 23.50
C THR B 274 -10.90 26.74 24.83
N PHE B 275 -10.75 25.92 25.86
CA PHE B 275 -10.54 26.40 27.21
C PHE B 275 -9.29 25.77 27.80
N LEU B 276 -8.57 26.55 28.59
CA LEU B 276 -7.41 26.07 29.34
C LEU B 276 -7.71 26.13 30.82
N LEU B 277 -7.59 25.00 31.50
CA LEU B 277 -7.92 24.89 32.92
C LEU B 277 -6.67 24.60 33.73
N LYS B 278 -6.55 25.28 34.86
CA LYS B 278 -5.41 25.11 35.77
C LYS B 278 -5.84 24.21 36.92
N TYR B 279 -5.29 23.01 36.98
CA TYR B 279 -5.51 22.11 38.10
C TYR B 279 -4.42 22.30 39.14
N ASN B 280 -4.82 22.35 40.41
CA ASN B 280 -3.86 22.44 41.51
C ASN B 280 -3.34 21.05 41.84
N GLU B 281 -2.60 20.94 42.95
CA GLU B 281 -2.08 19.64 43.36
C GLU B 281 -3.20 18.68 43.76
N ASN B 282 -4.22 19.19 44.46
CA ASN B 282 -5.27 18.34 44.98
C ASN B 282 -6.38 18.06 43.97
N GLY B 283 -6.30 18.61 42.77
CA GLY B 283 -7.25 18.30 41.72
C GLY B 283 -8.42 19.24 41.57
N THR B 284 -8.40 20.39 42.23
CA THR B 284 -9.49 21.36 42.15
C THR B 284 -9.09 22.49 41.22
N ILE B 285 -10.00 22.85 40.30
CA ILE B 285 -9.73 23.92 39.35
C ILE B 285 -9.62 25.24 40.10
N THR B 286 -8.58 26.01 39.80
CA THR B 286 -8.35 27.30 40.44
C THR B 286 -8.50 28.49 39.50
N ASP B 287 -8.18 28.33 38.22
CA ASP B 287 -8.26 29.43 37.28
C ASP B 287 -8.36 28.87 35.87
N ALA B 288 -8.90 29.69 34.97
CA ALA B 288 -9.06 29.29 33.58
C ALA B 288 -9.01 30.53 32.69
N VAL B 289 -8.68 30.30 31.43
CA VAL B 289 -8.61 31.37 30.42
C VAL B 289 -9.32 30.90 29.16
N ASP B 290 -9.98 31.84 28.48
CA ASP B 290 -10.62 31.55 27.20
C ASP B 290 -9.59 31.77 26.10
N CYS B 291 -9.50 30.83 25.17
CA CYS B 291 -8.52 30.93 24.11
C CYS B 291 -8.98 31.76 22.92
N ALA B 292 -10.13 32.44 23.03
CA ALA B 292 -10.64 33.28 21.95
C ALA B 292 -11.23 34.59 22.44
N LEU B 293 -10.98 34.97 23.70
CA LEU B 293 -11.56 36.19 24.24
C LEU B 293 -10.71 37.41 23.94
N ASP B 294 -9.39 37.27 24.05
CA ASP B 294 -8.46 38.38 24.01
C ASP B 294 -7.17 37.84 23.40
N PRO B 295 -6.53 38.56 22.49
CA PRO B 295 -5.26 38.08 21.92
C PRO B 295 -4.21 37.74 22.97
N LEU B 296 -4.16 38.46 24.08
CA LEU B 296 -3.28 38.07 25.18
C LEU B 296 -3.70 36.71 25.74
N SER B 297 -5.01 36.49 25.86
CA SER B 297 -5.49 35.18 26.30
C SER B 297 -5.18 34.10 25.27
N GLU B 298 -5.23 34.45 23.98
CA GLU B 298 -4.83 33.49 22.94
C GLU B 298 -3.36 33.13 23.07
N THR B 299 -2.51 34.13 23.38
CA THR B 299 -1.10 33.85 23.62
C THR B 299 -0.91 32.96 24.83
N LYS B 300 -1.68 33.21 25.89
CA LYS B 300 -1.64 32.33 27.06
C LYS B 300 -1.99 30.90 26.67
N CYS B 301 -3.04 30.73 25.87
CA CYS B 301 -3.47 29.41 25.44
C CYS B 301 -2.39 28.72 24.62
N THR B 302 -1.77 29.45 23.69
CA THR B 302 -0.76 28.84 22.83
C THR B 302 0.46 28.39 23.63
N LEU B 303 0.92 29.23 24.56
CA LEU B 303 2.11 28.91 25.33
C LEU B 303 1.84 27.92 26.47
N LYS B 304 0.58 27.59 26.73
CA LYS B 304 0.20 26.66 27.80
C LYS B 304 0.75 27.11 29.15
N SER B 305 0.57 28.39 29.44
CA SER B 305 0.98 28.95 30.72
C SER B 305 0.11 30.15 31.05
N PHE B 306 0.05 30.48 32.35
CA PHE B 306 -0.74 31.61 32.80
C PHE B 306 0.06 32.91 32.84
N THR B 307 1.39 32.84 32.87
CA THR B 307 2.25 34.01 32.81
C THR B 307 3.12 33.91 31.57
N VAL B 308 3.06 34.93 30.72
CA VAL B 308 3.88 35.00 29.52
C VAL B 308 4.81 36.20 29.62
N GLU B 309 6.10 35.96 29.43
CA GLU B 309 7.10 37.00 29.55
C GLU B 309 7.08 37.90 28.30
N LYS B 310 7.87 38.97 28.37
CA LYS B 310 7.95 39.89 27.26
C LYS B 310 8.55 39.21 26.03
N GLY B 311 8.06 39.57 24.87
CA GLY B 311 8.50 38.97 23.62
C GLY B 311 7.38 39.00 22.60
N ILE B 312 7.67 38.40 21.45
CA ILE B 312 6.72 38.30 20.35
C ILE B 312 6.51 36.83 20.03
N TYR B 313 5.24 36.41 19.94
CA TYR B 313 4.90 35.02 19.74
C TYR B 313 3.89 34.89 18.61
N GLN B 314 4.05 33.85 17.80
CA GLN B 314 3.08 33.52 16.75
C GLN B 314 1.98 32.66 17.35
N THR B 315 0.74 33.07 17.16
CA THR B 315 -0.41 32.36 17.72
C THR B 315 -1.25 31.65 16.68
N SER B 316 -1.43 32.26 15.50
CA SER B 316 -2.25 31.66 14.46
C SER B 316 -1.92 32.34 13.14
N ASN B 317 -2.64 31.95 12.10
CA ASN B 317 -2.62 32.60 10.80
C ASN B 317 -3.99 33.20 10.52
N PHE B 318 -4.14 33.77 9.34
CA PHE B 318 -5.44 34.30 8.94
C PHE B 318 -5.49 34.44 7.43
N ARG B 319 -6.70 34.28 6.89
CA ARG B 319 -6.94 34.33 5.45
C ARG B 319 -7.99 35.36 5.16
N VAL B 320 -7.73 36.25 4.20
CA VAL B 320 -8.76 37.16 3.74
C VAL B 320 -9.73 36.35 2.89
N GLN B 321 -10.90 36.04 3.44
CA GLN B 321 -11.83 35.18 2.75
C GLN B 321 -12.41 35.89 1.53
N PRO B 322 -12.66 35.15 0.44
CA PRO B 322 -13.23 35.78 -0.75
C PRO B 322 -14.57 36.43 -0.46
N THR B 323 -14.79 37.59 -1.06
CA THR B 323 -16.03 38.35 -0.87
C THR B 323 -16.99 38.20 -2.04
N GLU B 324 -16.57 37.61 -3.14
CA GLU B 324 -17.43 37.45 -4.30
C GLU B 324 -16.94 36.25 -5.11
N SER B 325 -17.82 35.76 -5.98
CA SER B 325 -17.50 34.68 -6.92
C SER B 325 -18.01 35.09 -8.29
N ILE B 326 -17.11 35.15 -9.27
CA ILE B 326 -17.43 35.70 -10.59
C ILE B 326 -17.03 34.70 -11.67
N VAL B 327 -17.84 34.63 -12.72
CA VAL B 327 -17.53 33.90 -13.94
C VAL B 327 -17.69 34.86 -15.10
N ARG B 328 -16.83 34.75 -16.11
CA ARG B 328 -16.80 35.72 -17.20
C ARG B 328 -16.63 35.01 -18.53
N PHE B 329 -17.66 35.07 -19.37
CA PHE B 329 -17.59 34.68 -20.78
C PHE B 329 -18.79 35.28 -21.51
N PRO B 330 -18.87 36.62 -21.60
CA PRO B 330 -20.09 37.25 -22.13
C PRO B 330 -20.19 37.18 -23.65
N ASN B 331 -19.06 37.34 -24.33
CA ASN B 331 -19.03 37.30 -25.79
C ASN B 331 -19.29 35.87 -26.24
N ILE B 332 -20.50 35.62 -26.73
CA ILE B 332 -20.88 34.27 -27.15
C ILE B 332 -20.14 33.89 -28.42
N THR B 333 -20.11 32.57 -28.70
CA THR B 333 -19.41 32.07 -29.86
C THR B 333 -20.09 32.51 -31.16
N ASN B 334 -21.40 32.36 -31.24
CA ASN B 334 -22.15 32.70 -32.44
C ASN B 334 -23.62 32.88 -32.06
N LEU B 335 -24.44 33.15 -33.07
CA LEU B 335 -25.86 33.34 -32.88
C LEU B 335 -26.60 32.01 -32.98
N CYS B 336 -27.92 32.06 -32.78
CA CYS B 336 -28.77 30.88 -32.85
C CYS B 336 -29.45 30.83 -34.20
N PRO B 337 -29.26 29.77 -34.99
CA PRO B 337 -29.89 29.70 -36.32
C PRO B 337 -31.32 29.16 -36.27
N PHE B 338 -32.18 29.88 -35.55
CA PHE B 338 -33.58 29.47 -35.43
C PHE B 338 -34.38 29.79 -36.69
N GLY B 339 -34.07 30.89 -37.37
CA GLY B 339 -34.84 31.27 -38.54
C GLY B 339 -34.67 30.31 -39.70
N GLU B 340 -33.43 29.83 -39.91
CA GLU B 340 -33.18 28.93 -41.03
C GLU B 340 -33.80 27.55 -40.84
N VAL B 341 -34.22 27.21 -39.61
CA VAL B 341 -34.78 25.90 -39.33
C VAL B 341 -36.30 26.00 -39.16
N PHE B 342 -36.73 26.78 -38.17
CA PHE B 342 -38.17 26.85 -37.88
C PHE B 342 -38.91 27.71 -38.89
N ASN B 343 -38.30 28.79 -39.36
CA ASN B 343 -38.95 29.75 -40.25
C ASN B 343 -38.58 29.55 -41.70
N ALA B 344 -38.38 28.29 -42.12
CA ALA B 344 -38.12 28.01 -43.52
C ALA B 344 -39.34 28.32 -44.36
N THR B 345 -39.11 28.88 -45.55
CA THR B 345 -40.21 29.27 -46.42
C THR B 345 -41.00 28.04 -46.89
N ARG B 346 -40.31 26.98 -47.27
CA ARG B 346 -40.93 25.77 -47.79
C ARG B 346 -40.62 24.60 -46.87
N PHE B 347 -41.61 23.74 -46.67
CA PHE B 347 -41.48 22.56 -45.81
C PHE B 347 -41.69 21.29 -46.63
N ALA B 348 -41.00 20.23 -46.22
CA ALA B 348 -41.15 18.95 -46.88
C ALA B 348 -42.50 18.31 -46.55
N SER B 349 -42.91 17.37 -47.38
CA SER B 349 -44.16 16.66 -47.15
C SER B 349 -44.03 15.73 -45.94
N VAL B 350 -45.18 15.38 -45.36
CA VAL B 350 -45.19 14.53 -44.18
C VAL B 350 -44.70 13.13 -44.52
N TYR B 351 -45.03 12.63 -45.71
CA TYR B 351 -44.56 11.32 -46.14
C TYR B 351 -43.08 11.33 -46.51
N ALA B 352 -42.51 12.49 -46.80
CA ALA B 352 -41.11 12.64 -47.18
C ALA B 352 -40.44 13.72 -46.34
N TRP B 353 -40.65 13.65 -45.03
CA TRP B 353 -40.09 14.64 -44.11
C TRP B 353 -38.57 14.70 -44.23
N ASN B 354 -38.05 15.91 -44.32
CA ASN B 354 -36.61 16.12 -44.42
C ASN B 354 -36.02 16.40 -43.04
N ARG B 355 -34.75 16.03 -42.87
CA ARG B 355 -34.05 16.18 -41.61
C ARG B 355 -33.00 17.26 -41.73
N LYS B 356 -32.98 18.18 -40.77
CA LYS B 356 -32.04 19.28 -40.73
C LYS B 356 -31.01 19.01 -39.64
N ARG B 357 -29.74 19.15 -39.98
CA ARG B 357 -28.65 18.89 -39.05
C ARG B 357 -28.18 20.19 -38.41
N ILE B 358 -28.04 20.18 -37.08
CA ILE B 358 -27.56 21.33 -36.32
C ILE B 358 -26.26 20.94 -35.65
N SER B 359 -25.19 21.67 -35.96
CA SER B 359 -23.88 21.39 -35.39
C SER B 359 -23.04 22.66 -35.40
N ASN B 360 -22.13 22.75 -34.44
CA ASN B 360 -21.15 23.84 -34.35
C ASN B 360 -21.85 25.20 -34.32
N CYS B 361 -22.64 25.42 -33.27
CA CYS B 361 -23.34 26.68 -33.07
C CYS B 361 -23.73 26.78 -31.60
N VAL B 362 -24.51 27.81 -31.28
CA VAL B 362 -25.01 28.06 -29.93
C VAL B 362 -26.53 28.02 -29.98
N ALA B 363 -27.12 27.23 -29.09
CA ALA B 363 -28.57 27.07 -29.01
C ALA B 363 -29.09 27.71 -27.73
N ASP B 364 -30.08 28.59 -27.87
CA ASP B 364 -30.72 29.27 -26.75
C ASP B 364 -32.18 28.85 -26.72
N TYR B 365 -32.50 27.87 -25.88
CA TYR B 365 -33.87 27.37 -25.78
C TYR B 365 -34.84 28.39 -25.19
N SER B 366 -34.33 29.46 -24.57
CA SER B 366 -35.21 30.47 -23.99
C SER B 366 -36.07 31.15 -25.04
N VAL B 367 -35.54 31.33 -26.25
CA VAL B 367 -36.30 31.98 -27.31
C VAL B 367 -37.52 31.18 -27.72
N LEU B 368 -37.51 29.87 -27.49
CA LEU B 368 -38.60 29.01 -27.95
C LEU B 368 -39.84 29.16 -27.08
N TYR B 369 -39.73 28.83 -25.79
CA TYR B 369 -40.91 28.81 -24.93
C TYR B 369 -41.32 30.19 -24.43
N ASN B 370 -40.46 31.20 -24.56
CA ASN B 370 -40.85 32.54 -24.12
C ASN B 370 -41.94 33.13 -25.01
N SER B 371 -41.82 32.94 -26.33
CA SER B 371 -42.81 33.46 -27.26
C SER B 371 -44.01 32.52 -27.33
N ALA B 372 -45.21 33.09 -27.16
CA ALA B 372 -46.44 32.31 -27.20
C ALA B 372 -47.01 32.29 -28.63
N SER B 373 -46.17 31.88 -29.57
CA SER B 373 -46.55 31.80 -30.97
C SER B 373 -46.66 30.35 -31.47
N PHE B 374 -46.37 29.38 -30.62
CA PHE B 374 -46.45 27.97 -30.99
C PHE B 374 -47.57 27.30 -30.21
N SER B 375 -48.47 26.63 -30.93
CA SER B 375 -49.63 26.02 -30.30
C SER B 375 -49.29 24.72 -29.58
N THR B 376 -48.13 24.11 -29.87
CA THR B 376 -47.74 22.84 -29.28
C THR B 376 -46.38 23.01 -28.62
N PHE B 377 -46.32 22.69 -27.32
CA PHE B 377 -45.05 22.72 -26.58
C PHE B 377 -45.14 21.65 -25.49
N LYS B 378 -44.61 20.47 -25.77
CA LYS B 378 -44.61 19.36 -24.83
C LYS B 378 -43.31 18.59 -24.96
N CYS B 379 -42.83 18.09 -23.82
CA CYS B 379 -41.59 17.34 -23.76
C CYS B 379 -41.79 16.06 -22.95
N TYR B 380 -41.11 15.00 -23.35
CA TYR B 380 -41.20 13.70 -22.68
C TYR B 380 -39.84 13.37 -22.07
N GLY B 381 -39.83 13.13 -20.77
CA GLY B 381 -38.61 12.71 -20.08
C GLY B 381 -37.60 13.81 -19.83
N VAL B 382 -37.97 15.08 -20.04
CA VAL B 382 -37.03 16.19 -19.85
C VAL B 382 -37.85 17.45 -19.61
N SER B 383 -37.21 18.44 -18.98
CA SER B 383 -37.85 19.71 -18.70
C SER B 383 -37.34 20.76 -19.67
N PRO B 384 -38.22 21.39 -20.47
CA PRO B 384 -37.74 22.41 -21.42
C PRO B 384 -37.10 23.63 -20.77
N THR B 385 -37.40 23.90 -19.49
CA THR B 385 -36.84 25.07 -18.84
C THR B 385 -35.34 24.94 -18.65
N LYS B 386 -34.86 23.75 -18.32
CA LYS B 386 -33.45 23.52 -18.01
C LYS B 386 -32.62 23.13 -19.23
N LEU B 387 -33.22 23.13 -20.43
CA LEU B 387 -32.51 22.67 -21.61
C LEU B 387 -31.37 23.60 -22.03
N ASN B 388 -31.29 24.81 -21.49
CA ASN B 388 -30.24 25.74 -21.88
C ASN B 388 -28.87 25.37 -21.32
N ASP B 389 -28.81 24.44 -20.38
CA ASP B 389 -27.54 24.03 -19.78
C ASP B 389 -27.16 22.60 -20.18
N LEU B 390 -27.67 22.13 -21.31
CA LEU B 390 -27.36 20.79 -21.82
C LEU B 390 -26.67 20.93 -23.17
N CYS B 391 -25.61 20.15 -23.35
CA CYS B 391 -24.81 20.17 -24.57
C CYS B 391 -24.86 18.80 -25.23
N PHE B 392 -25.13 18.79 -26.53
CA PHE B 392 -25.24 17.54 -27.29
C PHE B 392 -24.32 17.59 -28.49
N THR B 393 -23.87 16.42 -28.93
CA THR B 393 -22.97 16.34 -30.08
C THR B 393 -23.66 16.84 -31.34
N ASN B 394 -24.91 16.43 -31.57
CA ASN B 394 -25.65 16.83 -32.75
C ASN B 394 -27.14 16.90 -32.41
N VAL B 395 -27.85 17.76 -33.14
CA VAL B 395 -29.30 17.90 -33.00
C VAL B 395 -29.91 17.83 -34.39
N TYR B 396 -30.92 16.97 -34.54
CA TYR B 396 -31.60 16.77 -35.82
C TYR B 396 -33.04 17.21 -35.69
N ALA B 397 -33.50 18.01 -36.65
CA ALA B 397 -34.87 18.54 -36.67
C ALA B 397 -35.58 18.07 -37.93
N ASP B 398 -36.79 17.56 -37.76
CA ASP B 398 -37.63 17.12 -38.86
C ASP B 398 -38.80 18.08 -39.03
N SER B 399 -39.02 18.52 -40.27
CA SER B 399 -40.04 19.52 -40.58
C SER B 399 -41.01 18.96 -41.60
N PHE B 400 -42.30 19.17 -41.36
CA PHE B 400 -43.34 18.77 -42.30
C PHE B 400 -44.59 19.60 -42.02
N VAL B 401 -45.51 19.59 -42.97
CA VAL B 401 -46.75 20.35 -42.90
C VAL B 401 -47.92 19.39 -42.93
N ILE B 402 -48.80 19.49 -41.93
CA ILE B 402 -49.99 18.65 -41.83
C ILE B 402 -51.17 19.53 -41.41
N ARG B 403 -52.37 19.00 -41.62
CA ARG B 403 -53.57 19.68 -41.16
C ARG B 403 -53.74 19.49 -39.66
N GLY B 404 -54.58 20.34 -39.06
CA GLY B 404 -54.76 20.33 -37.62
C GLY B 404 -55.45 19.08 -37.09
N ASP B 405 -56.08 18.30 -37.95
CA ASP B 405 -56.78 17.10 -37.49
C ASP B 405 -55.80 15.98 -37.13
N GLU B 406 -54.71 15.86 -37.89
CA GLU B 406 -53.75 14.78 -37.69
C GLU B 406 -52.50 15.21 -36.92
N VAL B 407 -52.52 16.40 -36.32
CA VAL B 407 -51.38 16.84 -35.52
C VAL B 407 -51.23 15.97 -34.28
N ARG B 408 -52.34 15.56 -33.68
CA ARG B 408 -52.29 14.75 -32.46
C ARG B 408 -51.59 13.42 -32.70
N GLN B 409 -51.69 12.87 -33.91
CA GLN B 409 -51.10 11.58 -34.22
C GLN B 409 -49.57 11.60 -34.18
N ILE B 410 -48.95 12.77 -34.15
CA ILE B 410 -47.49 12.88 -34.11
C ILE B 410 -47.09 12.82 -32.64
N ALA B 411 -46.95 11.59 -32.13
CA ALA B 411 -46.56 11.37 -30.74
C ALA B 411 -45.98 9.98 -30.61
N PRO B 412 -44.90 9.79 -29.85
CA PRO B 412 -44.34 8.44 -29.69
C PRO B 412 -45.31 7.52 -28.96
N GLY B 413 -45.30 6.24 -29.35
CA GLY B 413 -46.15 5.26 -28.73
C GLY B 413 -47.61 5.32 -29.11
N GLN B 414 -47.97 6.14 -30.09
CA GLN B 414 -49.36 6.30 -30.51
C GLN B 414 -49.60 5.55 -31.82
N THR B 415 -50.86 5.18 -32.02
CA THR B 415 -51.28 4.42 -33.20
C THR B 415 -52.14 5.31 -34.09
N GLY B 416 -51.80 5.35 -35.38
CA GLY B 416 -52.57 6.15 -36.32
C GLY B 416 -52.02 5.96 -37.72
N LYS B 417 -52.76 6.48 -38.70
CA LYS B 417 -52.35 6.37 -40.09
C LYS B 417 -51.06 7.14 -40.34
N ILE B 418 -51.00 8.39 -39.88
CA ILE B 418 -49.81 9.20 -40.10
C ILE B 418 -48.63 8.65 -39.31
N ALA B 419 -48.88 8.18 -38.09
CA ALA B 419 -47.80 7.62 -37.28
C ALA B 419 -47.23 6.36 -37.93
N ASP B 420 -48.10 5.49 -38.44
CA ASP B 420 -47.64 4.23 -38.99
C ASP B 420 -47.02 4.37 -40.37
N TYR B 421 -47.55 5.26 -41.21
CA TYR B 421 -47.15 5.32 -42.61
C TYR B 421 -46.39 6.58 -43.00
N ASN B 422 -46.29 7.57 -42.12
CA ASN B 422 -45.60 8.82 -42.46
C ASN B 422 -44.42 9.09 -41.55
N TYR B 423 -44.59 8.98 -40.23
CA TYR B 423 -43.52 9.29 -39.29
C TYR B 423 -43.77 8.54 -37.99
N LYS B 424 -42.84 7.66 -37.62
CA LYS B 424 -42.94 6.88 -36.40
C LYS B 424 -41.73 7.16 -35.51
N LEU B 425 -41.96 7.29 -34.20
CA LEU B 425 -40.89 7.56 -33.26
C LEU B 425 -40.52 6.31 -32.47
N PRO B 426 -39.25 6.17 -32.08
CA PRO B 426 -38.84 4.97 -31.33
C PRO B 426 -39.37 4.99 -29.91
N ASP B 427 -39.32 3.81 -29.29
CA ASP B 427 -39.77 3.67 -27.91
C ASP B 427 -38.86 4.43 -26.96
N ASP B 428 -39.47 5.06 -25.95
CA ASP B 428 -38.76 5.84 -24.95
C ASP B 428 -37.91 6.94 -25.60
N PHE B 429 -38.45 7.55 -26.65
CA PHE B 429 -37.73 8.62 -27.34
C PHE B 429 -37.70 9.88 -26.50
N THR B 430 -36.55 10.56 -26.52
CA THR B 430 -36.36 11.82 -25.79
C THR B 430 -36.23 12.94 -26.81
N GLY B 431 -37.17 13.87 -26.78
CA GLY B 431 -37.16 14.97 -27.72
C GLY B 431 -38.29 15.93 -27.43
N CYS B 432 -38.33 17.00 -28.22
CA CYS B 432 -39.34 18.05 -28.09
C CYS B 432 -40.07 18.21 -29.42
N VAL B 433 -41.39 18.40 -29.34
CA VAL B 433 -42.23 18.59 -30.51
C VAL B 433 -42.80 20.00 -30.46
N ILE B 434 -42.58 20.76 -31.52
CA ILE B 434 -43.04 22.14 -31.63
C ILE B 434 -43.88 22.27 -32.89
N ALA B 435 -45.10 22.78 -32.74
CA ALA B 435 -46.00 22.99 -33.87
C ALA B 435 -46.69 24.34 -33.71
N TRP B 436 -47.07 24.94 -34.85
CA TRP B 436 -47.75 26.22 -34.85
C TRP B 436 -48.54 26.35 -36.15
N ASN B 437 -49.53 27.25 -36.12
CA ASN B 437 -50.37 27.48 -37.28
C ASN B 437 -49.58 28.14 -38.41
N SER B 438 -49.88 27.74 -39.64
CA SER B 438 -49.21 28.28 -40.82
C SER B 438 -50.23 28.57 -41.92
N ASN B 439 -51.35 29.18 -41.56
CA ASN B 439 -52.37 29.52 -42.55
C ASN B 439 -51.86 30.55 -43.54
N ASN B 440 -51.10 31.54 -43.06
CA ASN B 440 -50.61 32.61 -43.91
C ASN B 440 -49.32 32.26 -44.63
N LEU B 441 -48.77 31.07 -44.40
CA LEU B 441 -47.51 30.67 -45.02
C LEU B 441 -47.62 29.47 -45.95
N ASP B 442 -48.63 28.61 -45.78
CA ASP B 442 -48.77 27.42 -46.59
C ASP B 442 -50.02 27.40 -47.46
N SER B 443 -50.95 28.31 -47.25
CA SER B 443 -52.18 28.36 -48.04
C SER B 443 -52.04 29.32 -49.21
N LYS B 444 -52.68 28.96 -50.33
CA LYS B 444 -52.64 29.76 -51.54
C LYS B 444 -54.06 29.94 -52.07
N VAL B 445 -54.25 30.99 -52.87
CA VAL B 445 -55.56 31.28 -53.44
C VAL B 445 -55.94 30.17 -54.39
N GLY B 446 -57.15 29.63 -54.22
CA GLY B 446 -57.64 28.55 -55.04
C GLY B 446 -57.27 27.16 -54.58
N GLY B 447 -56.46 27.04 -53.52
CA GLY B 447 -56.08 25.74 -53.00
C GLY B 447 -54.69 25.32 -53.44
N ASN B 448 -53.87 24.88 -52.49
CA ASN B 448 -52.53 24.40 -52.77
C ASN B 448 -52.50 22.88 -52.66
N TYR B 449 -52.05 22.23 -53.74
CA TYR B 449 -51.99 20.77 -53.79
C TYR B 449 -50.56 20.25 -53.85
N ASN B 450 -49.59 21.08 -53.46
CA ASN B 450 -48.19 20.68 -53.45
C ASN B 450 -47.84 19.75 -52.29
N TYR B 451 -48.74 19.58 -51.33
CA TYR B 451 -48.54 18.71 -50.18
C TYR B 451 -49.40 17.47 -50.33
N LEU B 452 -48.82 16.31 -50.05
CA LEU B 452 -49.51 15.04 -50.13
C LEU B 452 -49.06 14.12 -49.01
N TYR B 453 -49.92 13.19 -48.63
CA TYR B 453 -49.64 12.25 -47.55
C TYR B 453 -49.96 10.83 -47.98
N ARG B 454 -49.15 9.88 -47.52
CA ARG B 454 -49.37 8.48 -47.83
C ARG B 454 -50.56 7.93 -47.07
N LEU B 455 -51.30 7.03 -47.72
CA LEU B 455 -52.49 6.44 -47.12
C LEU B 455 -52.43 4.92 -47.06
N PHE B 456 -51.85 4.27 -48.06
CA PHE B 456 -51.78 2.81 -48.14
C PHE B 456 -50.34 2.36 -48.08
N ARG B 457 -50.07 1.39 -47.21
CA ARG B 457 -48.74 0.78 -47.13
C ARG B 457 -48.88 -0.65 -46.61
N LYS B 458 -47.97 -1.51 -47.06
CA LYS B 458 -48.02 -2.91 -46.67
C LYS B 458 -47.78 -3.09 -45.18
N SER B 459 -46.80 -2.38 -44.61
CA SER B 459 -46.45 -2.52 -43.21
C SER B 459 -46.12 -1.15 -42.63
N ASN B 460 -46.21 -1.07 -41.30
CA ASN B 460 -45.91 0.18 -40.61
C ASN B 460 -44.43 0.51 -40.74
N LEU B 461 -44.14 1.80 -40.87
CA LEU B 461 -42.76 2.26 -41.01
C LEU B 461 -41.99 2.06 -39.71
N LYS B 462 -40.70 1.74 -39.84
CA LYS B 462 -39.83 1.66 -38.69
C LYS B 462 -39.56 3.06 -38.14
N PRO B 463 -39.16 3.16 -36.88
CA PRO B 463 -38.83 4.48 -36.32
C PRO B 463 -37.71 5.15 -37.11
N PHE B 464 -37.89 6.46 -37.35
CA PHE B 464 -36.93 7.27 -38.11
C PHE B 464 -36.65 6.68 -39.49
N GLU B 465 -37.70 6.18 -40.14
CA GLU B 465 -37.62 5.64 -41.49
C GLU B 465 -38.53 6.44 -42.40
N ARG B 466 -38.02 6.79 -43.59
CA ARG B 466 -38.77 7.57 -44.56
C ARG B 466 -39.00 6.73 -45.81
N ASP B 467 -40.25 6.68 -46.27
CA ASP B 467 -40.63 5.93 -47.47
C ASP B 467 -41.11 6.89 -48.53
N ILE B 468 -40.59 6.74 -49.75
CA ILE B 468 -40.94 7.59 -50.88
C ILE B 468 -41.45 6.76 -52.05
N SER B 469 -41.87 5.53 -51.80
CA SER B 469 -42.37 4.67 -52.86
C SER B 469 -43.70 5.19 -53.39
N THR B 470 -43.86 5.14 -54.71
CA THR B 470 -45.07 5.60 -55.38
C THR B 470 -45.77 4.50 -56.17
N GLU B 471 -45.45 3.24 -55.87
CA GLU B 471 -46.06 2.12 -56.58
C GLU B 471 -47.53 2.02 -56.24
N ILE B 472 -48.34 1.65 -57.23
CA ILE B 472 -49.78 1.55 -57.03
C ILE B 472 -50.08 0.41 -56.08
N TYR B 473 -50.88 0.69 -55.05
CA TYR B 473 -51.24 -0.34 -54.08
C TYR B 473 -52.18 -1.36 -54.71
N GLN B 474 -51.93 -2.63 -54.42
CA GLN B 474 -52.72 -3.74 -54.94
C GLN B 474 -53.57 -4.31 -53.80
N ALA B 475 -54.87 -4.08 -53.86
CA ALA B 475 -55.80 -4.56 -52.86
C ALA B 475 -56.38 -5.94 -53.20
N GLY B 476 -56.04 -6.49 -54.35
CA GLY B 476 -56.55 -7.78 -54.75
C GLY B 476 -55.50 -8.67 -55.38
N SER B 477 -55.94 -9.64 -56.19
CA SER B 477 -55.01 -10.54 -56.86
C SER B 477 -54.57 -10.04 -58.22
N THR B 478 -55.37 -9.20 -58.87
CA THR B 478 -55.00 -8.67 -60.18
C THR B 478 -53.93 -7.61 -60.03
N PRO B 479 -52.78 -7.73 -60.70
CA PRO B 479 -51.74 -6.71 -60.58
C PRO B 479 -52.21 -5.37 -61.15
N CYS B 480 -51.72 -4.29 -60.55
CA CYS B 480 -52.09 -2.96 -61.01
C CYS B 480 -51.45 -2.63 -62.35
N ASN B 481 -50.21 -3.09 -62.56
CA ASN B 481 -49.46 -2.85 -63.79
C ASN B 481 -49.26 -1.35 -64.05
N GLY B 482 -49.22 -0.56 -62.99
CA GLY B 482 -49.01 0.88 -63.13
C GLY B 482 -50.21 1.66 -63.61
N VAL B 483 -51.39 1.05 -63.67
CA VAL B 483 -52.60 1.69 -64.14
C VAL B 483 -53.62 1.69 -63.02
N GLU B 484 -54.18 2.85 -62.72
CA GLU B 484 -55.20 2.96 -61.68
C GLU B 484 -56.51 2.32 -62.13
N GLY B 485 -57.30 1.89 -61.17
CA GLY B 485 -58.57 1.25 -61.48
C GLY B 485 -59.15 0.59 -60.25
N PHE B 486 -60.05 -0.36 -60.49
CA PHE B 486 -60.66 -1.11 -59.39
C PHE B 486 -59.61 -1.89 -58.63
N ASN B 487 -59.66 -1.81 -57.30
CA ASN B 487 -58.69 -2.45 -56.42
C ASN B 487 -57.27 -1.98 -56.72
N CYS B 488 -57.14 -0.74 -57.22
CA CYS B 488 -55.83 -0.15 -57.52
C CYS B 488 -55.92 1.32 -57.12
N TYR B 489 -55.48 1.62 -55.90
CA TYR B 489 -55.57 2.97 -55.34
C TYR B 489 -54.18 3.57 -55.22
N PHE B 490 -54.07 4.86 -55.52
CA PHE B 490 -52.80 5.55 -55.38
C PHE B 490 -52.43 5.63 -53.90
N PRO B 491 -51.20 5.24 -53.52
CA PRO B 491 -50.83 5.28 -52.10
C PRO B 491 -50.77 6.69 -51.53
N LEU B 492 -50.69 7.72 -52.38
CA LEU B 492 -50.51 9.09 -51.94
C LEU B 492 -51.78 9.89 -52.19
N GLN B 493 -52.18 10.68 -51.19
CA GLN B 493 -53.39 11.50 -51.25
C GLN B 493 -52.99 12.96 -51.11
N SER B 494 -53.51 13.79 -52.02
CA SER B 494 -53.15 15.21 -52.02
C SER B 494 -53.83 15.94 -50.87
N TYR B 495 -53.20 17.04 -50.44
CA TYR B 495 -53.73 17.89 -49.38
C TYR B 495 -54.33 19.16 -49.96
N GLY B 496 -55.32 19.71 -49.26
CA GLY B 496 -55.95 20.93 -49.68
C GLY B 496 -55.85 22.03 -48.64
N PHE B 497 -55.10 23.09 -48.95
CA PHE B 497 -54.92 24.23 -48.06
C PHE B 497 -55.45 25.49 -48.74
N GLN B 498 -56.36 26.18 -48.06
CA GLN B 498 -56.97 27.40 -48.56
C GLN B 498 -57.00 28.45 -47.46
N PRO B 499 -56.95 29.73 -47.83
CA PRO B 499 -57.04 30.79 -46.80
C PRO B 499 -58.36 30.79 -46.04
N THR B 500 -59.42 30.25 -46.64
CA THR B 500 -60.73 30.21 -45.99
C THR B 500 -60.98 28.91 -45.24
N ASN B 501 -60.00 28.02 -45.18
CA ASN B 501 -60.17 26.75 -44.48
C ASN B 501 -60.34 26.97 -42.99
N GLY B 502 -61.08 26.06 -42.36
CA GLY B 502 -61.31 26.14 -40.92
C GLY B 502 -60.09 25.75 -40.12
N VAL B 503 -60.23 25.90 -38.80
CA VAL B 503 -59.12 25.60 -37.89
C VAL B 503 -58.74 24.12 -37.96
N GLY B 504 -59.71 23.25 -38.25
CA GLY B 504 -59.41 21.83 -38.38
C GLY B 504 -58.76 21.44 -39.68
N TYR B 505 -58.81 22.31 -40.69
CA TYR B 505 -58.23 22.03 -42.00
C TYR B 505 -57.08 22.98 -42.35
N GLN B 506 -56.81 23.98 -41.53
CA GLN B 506 -55.72 24.89 -41.81
C GLN B 506 -54.37 24.17 -41.71
N PRO B 507 -53.42 24.53 -42.55
CA PRO B 507 -52.10 23.89 -42.49
C PRO B 507 -51.37 24.25 -41.20
N TYR B 508 -50.58 23.29 -40.71
CA TYR B 508 -49.78 23.46 -39.50
C TYR B 508 -48.37 22.97 -39.76
N ARG B 509 -47.39 23.75 -39.29
CA ARG B 509 -45.98 23.40 -39.41
C ARG B 509 -45.53 22.74 -38.11
N VAL B 510 -45.01 21.51 -38.22
CA VAL B 510 -44.61 20.73 -37.05
C VAL B 510 -43.12 20.45 -37.16
N VAL B 511 -42.38 20.77 -36.10
CA VAL B 511 -40.94 20.53 -36.03
C VAL B 511 -40.65 19.73 -34.77
N VAL B 512 -39.93 18.62 -34.92
CA VAL B 512 -39.57 17.75 -33.81
C VAL B 512 -38.06 17.72 -33.69
N LEU B 513 -37.55 17.94 -32.48
CA LEU B 513 -36.12 18.01 -32.22
C LEU B 513 -35.64 16.69 -31.63
N SER B 514 -34.55 16.16 -32.19
CA SER B 514 -33.91 14.96 -31.69
C SER B 514 -32.46 15.26 -31.37
N PHE B 515 -31.96 14.66 -30.29
CA PHE B 515 -30.63 14.93 -29.78
C PHE B 515 -29.78 13.67 -29.83
N GLU B 516 -28.52 13.84 -30.22
CA GLU B 516 -27.56 12.74 -30.31
C GLU B 516 -26.47 12.94 -29.25
N LEU B 517 -26.24 11.91 -28.45
CA LEU B 517 -25.25 11.95 -27.38
C LEU B 517 -24.28 10.79 -27.57
N LEU B 518 -23.03 11.12 -27.86
CA LEU B 518 -21.96 10.13 -28.05
C LEU B 518 -20.78 10.47 -27.14
N HIS B 519 -19.71 9.72 -27.30
CA HIS B 519 -18.47 9.96 -26.56
C HIS B 519 -17.56 10.93 -27.32
N ALA B 520 -18.12 12.08 -27.68
CA ALA B 520 -17.41 13.12 -28.43
C ALA B 520 -17.76 14.48 -27.85
N PRO B 521 -16.88 15.46 -27.99
CA PRO B 521 -17.19 16.81 -27.50
C PRO B 521 -18.41 17.38 -28.22
N ALA B 522 -19.22 18.11 -27.47
CA ALA B 522 -20.47 18.67 -27.98
C ALA B 522 -20.17 19.98 -28.72
N THR B 523 -20.54 20.04 -30.00
CA THR B 523 -20.33 21.25 -30.79
C THR B 523 -21.43 22.28 -30.59
N VAL B 524 -22.53 21.91 -29.93
CA VAL B 524 -23.64 22.82 -29.67
C VAL B 524 -23.76 22.99 -28.17
N CYS B 525 -23.70 24.23 -27.69
CA CYS B 525 -23.78 24.55 -26.28
C CYS B 525 -24.72 25.72 -26.06
N GLY B 526 -25.26 25.81 -24.85
CA GLY B 526 -26.11 26.91 -24.49
C GLY B 526 -25.33 28.15 -24.15
N PRO B 527 -26.04 29.26 -24.00
CA PRO B 527 -25.38 30.53 -23.65
C PRO B 527 -24.80 30.46 -22.24
N LYS B 528 -23.47 30.60 -22.16
CA LYS B 528 -22.79 30.52 -20.86
C LYS B 528 -23.14 31.72 -19.99
N LYS B 529 -23.36 31.45 -18.71
CA LYS B 529 -23.65 32.53 -17.76
C LYS B 529 -22.41 33.37 -17.51
N SER B 530 -22.63 34.62 -17.11
CA SER B 530 -21.54 35.54 -16.87
C SER B 530 -21.95 36.55 -15.80
N THR B 531 -20.94 37.12 -15.15
CA THR B 531 -21.12 38.11 -14.10
C THR B 531 -20.46 39.42 -14.51
N ASN B 532 -20.48 40.39 -13.59
CA ASN B 532 -19.87 41.69 -13.81
C ASN B 532 -18.41 41.67 -13.43
N LEU B 533 -17.62 42.51 -14.10
CA LEU B 533 -16.19 42.58 -13.84
C LEU B 533 -15.90 43.12 -12.45
N VAL B 534 -14.93 42.52 -11.78
CA VAL B 534 -14.48 42.96 -10.47
C VAL B 534 -12.95 43.10 -10.50
N LYS B 535 -12.45 44.20 -9.94
CA LYS B 535 -11.03 44.48 -9.94
C LYS B 535 -10.62 45.04 -8.59
N ASN B 536 -9.36 44.79 -8.22
CA ASN B 536 -8.76 45.33 -7.00
C ASN B 536 -9.59 44.97 -5.76
N LYS B 537 -9.99 43.70 -5.69
CA LYS B 537 -10.70 43.20 -4.53
C LYS B 537 -10.54 41.69 -4.48
N CYS B 538 -10.38 41.14 -3.28
CA CYS B 538 -10.17 39.70 -3.10
C CYS B 538 -11.45 38.97 -3.45
N VAL B 539 -11.50 38.36 -4.63
CA VAL B 539 -12.67 37.66 -5.13
C VAL B 539 -12.28 36.27 -5.59
N ASN B 540 -13.29 35.44 -5.80
CA ASN B 540 -13.12 34.13 -6.41
C ASN B 540 -13.46 34.22 -7.89
N PHE B 541 -12.63 33.58 -8.71
CA PHE B 541 -12.78 33.66 -10.16
C PHE B 541 -12.87 32.26 -10.75
N ASN B 542 -13.60 32.16 -11.87
CA ASN B 542 -13.73 30.91 -12.62
C ASN B 542 -13.71 31.29 -14.10
N PHE B 543 -12.52 31.28 -14.68
CA PHE B 543 -12.36 31.63 -16.10
C PHE B 543 -12.59 30.37 -16.94
N ASN B 544 -12.22 30.45 -18.22
CA ASN B 544 -12.50 29.36 -19.16
C ASN B 544 -11.59 28.18 -18.85
N GLY B 545 -12.09 27.24 -18.04
CA GLY B 545 -11.39 26.01 -17.76
C GLY B 545 -10.43 26.06 -16.59
N LEU B 546 -10.17 27.23 -16.02
CA LEU B 546 -9.26 27.35 -14.89
C LEU B 546 -9.97 28.04 -13.73
N THR B 547 -9.78 27.49 -12.53
CA THR B 547 -10.44 27.99 -11.33
C THR B 547 -9.40 28.27 -10.25
N GLY B 548 -9.59 29.36 -9.52
CA GLY B 548 -8.68 29.71 -8.45
C GLY B 548 -9.20 30.90 -7.68
N THR B 549 -8.47 31.25 -6.63
CA THR B 549 -8.82 32.35 -5.76
C THR B 549 -7.67 33.35 -5.69
N GLY B 550 -8.01 34.62 -5.53
CA GLY B 550 -7.02 35.66 -5.40
C GLY B 550 -7.47 36.94 -6.08
N VAL B 551 -6.90 38.05 -5.62
CA VAL B 551 -7.21 39.34 -6.23
C VAL B 551 -6.66 39.40 -7.65
N LEU B 552 -7.34 40.17 -8.49
CA LEU B 552 -6.97 40.29 -9.89
C LEU B 552 -7.07 41.75 -10.31
N THR B 553 -6.03 42.25 -10.96
CA THR B 553 -5.94 43.65 -11.34
C THR B 553 -5.36 43.77 -12.74
N GLU B 554 -5.46 44.97 -13.31
CA GLU B 554 -4.87 45.25 -14.61
C GLU B 554 -3.36 45.29 -14.52
N SER B 555 -2.69 44.72 -15.53
CA SER B 555 -1.24 44.71 -15.57
C SER B 555 -0.71 45.22 -16.90
N ASN B 556 0.58 45.06 -17.15
CA ASN B 556 1.22 45.61 -18.34
C ASN B 556 1.87 44.58 -19.25
N LYS B 557 2.07 43.35 -18.79
CA LYS B 557 2.74 42.33 -19.60
C LYS B 557 1.76 41.83 -20.65
N LYS B 558 1.74 42.55 -21.79
CA LYS B 558 0.77 42.27 -22.84
C LYS B 558 0.98 40.89 -23.43
N PHE B 559 -0.11 40.30 -23.91
CA PHE B 559 -0.11 38.96 -24.48
C PHE B 559 -0.04 39.01 -26.01
N LEU B 560 0.47 37.94 -26.58
CA LEU B 560 0.37 37.73 -28.02
C LEU B 560 -1.02 37.22 -28.37
N PRO B 561 -1.46 37.39 -29.62
CA PRO B 561 -2.85 37.04 -29.96
C PRO B 561 -3.21 35.60 -29.66
N PHE B 562 -2.30 34.66 -29.85
CA PHE B 562 -2.62 33.25 -29.63
C PHE B 562 -2.67 32.87 -28.15
N GLN B 563 -2.08 33.68 -27.28
CA GLN B 563 -2.03 33.35 -25.87
C GLN B 563 -3.42 33.38 -25.24
N GLN B 564 -3.60 32.58 -24.19
CA GLN B 564 -4.85 32.53 -23.44
C GLN B 564 -4.68 32.93 -21.99
N PHE B 565 -3.69 32.36 -21.29
CA PHE B 565 -3.45 32.69 -19.90
C PHE B 565 -1.97 32.51 -19.58
N GLY B 566 -1.44 33.42 -18.76
CA GLY B 566 -0.03 33.42 -18.45
C GLY B 566 0.34 32.44 -17.35
N ARG B 567 1.64 32.42 -17.04
CA ARG B 567 2.18 31.53 -16.03
C ARG B 567 3.53 32.06 -15.59
N ASP B 568 4.05 31.50 -14.51
CA ASP B 568 5.34 31.91 -13.95
C ASP B 568 6.07 30.65 -13.49
N ILE B 569 7.12 30.84 -12.69
CA ILE B 569 7.89 29.72 -12.18
C ILE B 569 6.98 28.75 -11.42
N ALA B 570 7.35 27.47 -11.44
CA ALA B 570 6.66 26.39 -10.73
C ALA B 570 5.27 26.11 -11.30
N ASP B 571 4.99 26.57 -12.53
CA ASP B 571 3.75 26.26 -13.23
C ASP B 571 2.51 26.69 -12.43
N THR B 572 2.58 27.86 -11.81
CA THR B 572 1.46 28.42 -11.06
C THR B 572 0.86 29.58 -11.85
N THR B 573 -0.47 29.58 -11.97
CA THR B 573 -1.13 30.63 -12.72
C THR B 573 -1.03 31.97 -11.98
N ASP B 574 -0.60 33.00 -12.70
CA ASP B 574 -0.51 34.33 -12.11
C ASP B 574 -0.98 35.44 -13.04
N ALA B 575 -1.46 35.13 -14.25
CA ALA B 575 -1.94 36.14 -15.18
C ALA B 575 -2.92 35.49 -16.14
N VAL B 576 -4.10 36.09 -16.29
CA VAL B 576 -5.14 35.58 -17.15
C VAL B 576 -5.68 36.73 -17.99
N ARG B 577 -5.87 36.48 -19.28
CA ARG B 577 -6.46 37.47 -20.16
C ARG B 577 -7.98 37.39 -20.09
N ASP B 578 -8.62 38.55 -20.22
CA ASP B 578 -10.07 38.63 -20.11
C ASP B 578 -10.72 38.08 -21.37
N PRO B 579 -11.58 37.07 -21.28
CA PRO B 579 -12.31 36.62 -22.48
C PRO B 579 -13.25 37.67 -23.04
N GLN B 580 -13.62 38.69 -22.27
CA GLN B 580 -14.57 39.70 -22.71
C GLN B 580 -13.90 40.83 -23.48
N THR B 581 -12.96 41.52 -22.85
CA THR B 581 -12.31 42.69 -23.44
C THR B 581 -10.91 42.41 -23.94
N LEU B 582 -10.47 41.15 -23.92
CA LEU B 582 -9.12 40.77 -24.36
C LEU B 582 -8.05 41.60 -23.65
N GLU B 583 -8.21 41.76 -22.34
CA GLU B 583 -7.31 42.54 -21.53
C GLU B 583 -6.74 41.68 -20.42
N ILE B 584 -5.42 41.81 -20.18
CA ILE B 584 -4.73 40.94 -19.25
C ILE B 584 -5.11 41.30 -17.81
N LEU B 585 -5.10 40.29 -16.94
CA LEU B 585 -5.40 40.44 -15.52
C LEU B 585 -4.40 39.62 -14.72
N ASP B 586 -3.71 40.27 -13.79
CA ASP B 586 -2.81 39.58 -12.90
C ASP B 586 -3.59 38.74 -11.89
N ILE B 587 -2.90 37.85 -11.20
CA ILE B 587 -3.48 37.04 -10.13
C ILE B 587 -2.52 37.13 -8.95
N THR B 588 -2.76 38.06 -8.05
CA THR B 588 -2.03 38.09 -6.80
C THR B 588 -2.77 37.27 -5.76
N PRO B 589 -2.11 36.29 -5.14
CA PRO B 589 -2.80 35.45 -4.15
C PRO B 589 -3.36 36.28 -3.00
N CYS B 590 -4.48 35.84 -2.46
CA CYS B 590 -5.13 36.55 -1.37
C CYS B 590 -4.17 36.70 -0.20
N SER B 591 -4.12 37.91 0.35
CA SER B 591 -3.13 38.22 1.39
C SER B 591 -3.28 37.29 2.57
N PHE B 592 -2.14 36.81 3.07
CA PHE B 592 -2.13 35.85 4.17
C PHE B 592 -0.83 35.98 4.93
N GLY B 593 -0.82 35.42 6.13
CA GLY B 593 0.37 35.44 6.95
C GLY B 593 0.01 35.23 8.40
N GLY B 594 1.03 34.88 9.19
CA GLY B 594 0.81 34.67 10.61
C GLY B 594 0.51 35.97 11.33
N VAL B 595 -0.18 35.83 12.46
CA VAL B 595 -0.49 36.96 13.34
C VAL B 595 0.32 36.77 14.62
N SER B 596 1.09 37.79 14.97
CA SER B 596 1.95 37.75 16.15
C SER B 596 1.39 38.70 17.19
N VAL B 597 1.27 38.23 18.42
CA VAL B 597 0.75 39.02 19.53
C VAL B 597 1.93 39.49 20.37
N ILE B 598 2.13 40.80 20.41
CA ILE B 598 3.27 41.41 21.09
C ILE B 598 2.80 41.89 22.45
N THR B 599 3.50 41.47 23.52
CA THR B 599 3.10 41.84 24.86
C THR B 599 4.29 41.79 25.79
N PRO B 600 4.38 42.69 26.77
CA PRO B 600 5.39 42.53 27.82
C PRO B 600 4.98 41.45 28.80
N GLY B 601 5.77 41.24 29.84
CA GLY B 601 5.41 40.23 30.83
C GLY B 601 4.14 40.62 31.57
N THR B 602 3.32 39.62 31.88
CA THR B 602 2.10 39.87 32.63
C THR B 602 2.39 40.49 33.99
N ASN B 603 3.52 40.13 34.60
CA ASN B 603 3.90 40.74 35.87
C ASN B 603 4.09 42.24 35.74
N THR B 604 4.74 42.70 34.65
CA THR B 604 4.98 44.13 34.50
C THR B 604 3.69 44.88 34.17
N SER B 605 2.90 44.36 33.24
CA SER B 605 1.65 45.00 32.85
C SER B 605 0.77 43.97 32.15
N ASN B 606 -0.45 44.39 31.82
CA ASN B 606 -1.43 43.52 31.20
C ASN B 606 -1.90 44.02 29.84
N GLN B 607 -1.33 45.11 29.34
CA GLN B 607 -1.69 45.59 28.01
C GLN B 607 -1.10 44.68 26.95
N VAL B 608 -1.52 44.89 25.70
CA VAL B 608 -1.12 44.03 24.59
C VAL B 608 -1.24 44.80 23.28
N ALA B 609 -0.48 44.36 22.28
CA ALA B 609 -0.53 44.92 20.94
C ALA B 609 -0.46 43.78 19.93
N VAL B 610 -1.26 43.86 18.89
CA VAL B 610 -1.39 42.79 17.90
C VAL B 610 -0.65 43.20 16.63
N LEU B 611 0.15 42.28 16.10
CA LEU B 611 0.90 42.50 14.87
C LEU B 611 0.46 41.52 13.81
N TYR B 612 0.17 42.02 12.60
CA TYR B 612 -0.13 41.20 11.44
C TYR B 612 1.06 41.25 10.50
N GLN B 613 1.50 40.08 10.04
CA GLN B 613 2.72 39.97 9.26
C GLN B 613 2.43 40.01 7.76
N ASP B 614 3.13 40.91 7.06
CA ASP B 614 3.01 41.08 5.61
C ASP B 614 1.56 41.23 5.16
N VAL B 615 0.96 42.35 5.55
CA VAL B 615 -0.44 42.66 5.29
C VAL B 615 -0.60 44.17 5.19
N ASN B 616 -1.36 44.62 4.19
CA ASN B 616 -1.64 46.04 4.06
C ASN B 616 -2.57 46.51 5.16
N CYS B 617 -2.43 47.77 5.54
CA CYS B 617 -3.17 48.30 6.68
C CYS B 617 -4.68 48.23 6.44
N THR B 618 -5.13 48.54 5.23
CA THR B 618 -6.56 48.58 4.95
C THR B 618 -7.19 47.19 4.81
N GLU B 619 -6.38 46.14 4.71
CA GLU B 619 -6.91 44.80 4.47
C GLU B 619 -7.15 44.00 5.76
N VAL B 620 -6.64 44.47 6.91
CA VAL B 620 -6.85 43.72 8.15
C VAL B 620 -8.32 43.62 8.56
N PRO B 621 -9.16 44.67 8.47
CA PRO B 621 -10.52 44.52 9.01
C PRO B 621 -11.39 43.55 8.21
N VAL B 622 -10.99 43.20 6.99
CA VAL B 622 -11.80 42.29 6.17
C VAL B 622 -11.89 40.92 6.82
N ALA B 623 -10.82 40.46 7.46
CA ALA B 623 -10.80 39.17 8.12
C ALA B 623 -11.80 39.12 9.27
N THR B 630 -13.03 35.87 15.13
CA THR B 630 -13.22 36.55 13.85
C THR B 630 -14.21 37.72 13.90
N PRO B 631 -15.46 37.49 14.38
CA PRO B 631 -16.43 38.59 14.35
C PRO B 631 -16.02 39.79 15.19
N THR B 632 -15.33 39.57 16.31
CA THR B 632 -14.88 40.67 17.15
C THR B 632 -13.46 41.13 16.80
N TRP B 633 -12.71 40.31 16.06
CA TRP B 633 -11.34 40.68 15.73
C TRP B 633 -11.29 41.89 14.81
N ARG B 634 -12.25 42.01 13.89
CA ARG B 634 -12.27 43.17 12.99
C ARG B 634 -12.49 44.46 13.77
N VAL B 635 -13.41 44.44 14.74
CA VAL B 635 -13.67 45.65 15.51
C VAL B 635 -12.55 45.91 16.50
N TYR B 636 -11.85 44.87 16.95
CA TYR B 636 -10.68 45.07 17.79
C TYR B 636 -9.54 45.70 16.99
N SER B 637 -9.40 45.30 15.74
CA SER B 637 -8.34 45.85 14.88
C SER B 637 -8.65 47.29 14.48
N THR B 638 -9.90 47.54 14.08
CA THR B 638 -10.28 48.89 13.66
C THR B 638 -10.28 49.83 14.84
N GLY B 639 -9.80 51.06 14.61
CA GLY B 639 -9.76 52.05 15.67
C GLY B 639 -8.93 53.24 15.24
N SER B 640 -8.59 54.06 16.22
CA SER B 640 -7.81 55.27 16.01
C SER B 640 -6.32 55.07 16.24
N ASN B 641 -5.89 53.83 16.54
CA ASN B 641 -4.48 53.53 16.80
C ASN B 641 -4.06 52.37 15.92
N VAL B 642 -3.65 52.67 14.69
CA VAL B 642 -3.14 51.69 13.75
C VAL B 642 -1.91 52.27 13.06
N PHE B 643 -0.86 51.46 12.94
CA PHE B 643 0.39 51.91 12.35
C PHE B 643 0.82 50.91 11.28
N GLN B 644 1.51 51.41 10.26
CA GLN B 644 1.98 50.62 9.14
C GLN B 644 3.50 50.49 9.24
N THR B 645 3.98 49.25 9.22
CA THR B 645 5.39 48.94 9.37
C THR B 645 5.82 47.96 8.29
N ARG B 646 7.05 48.11 7.80
CA ARG B 646 7.56 47.25 6.74
C ARG B 646 7.43 45.77 7.10
N ALA B 647 7.62 45.43 8.37
CA ALA B 647 7.42 44.05 8.80
C ALA B 647 5.97 43.63 8.67
N GLY B 648 5.04 44.57 8.83
CA GLY B 648 3.63 44.27 8.73
C GLY B 648 2.81 45.32 9.45
N CYS B 649 1.51 45.08 9.48
CA CYS B 649 0.58 45.98 10.14
C CYS B 649 0.42 45.57 11.60
N LEU B 650 0.88 46.41 12.52
CA LEU B 650 0.75 46.16 13.95
C LEU B 650 -0.32 47.08 14.51
N ILE B 651 -1.08 46.56 15.48
CA ILE B 651 -2.26 47.23 16.00
C ILE B 651 -2.16 47.28 17.51
N GLY B 652 -2.42 48.45 18.09
CA GLY B 652 -2.31 48.65 19.51
C GLY B 652 -1.02 49.28 19.97
N ALA B 653 -0.16 49.72 19.06
CA ALA B 653 1.11 50.32 19.40
C ALA B 653 1.15 51.75 18.85
N GLU B 654 1.62 52.67 19.68
CA GLU B 654 1.69 54.09 19.30
C GLU B 654 3.08 54.37 18.73
N HIS B 655 3.11 54.89 17.50
CA HIS B 655 4.37 55.20 16.86
C HIS B 655 5.00 56.43 17.48
N VAL B 656 6.31 56.36 17.72
CA VAL B 656 7.05 57.45 18.35
C VAL B 656 8.24 57.80 17.45
N ASN B 657 8.80 58.99 17.68
CA ASN B 657 9.85 59.51 16.82
C ASN B 657 11.25 59.16 17.31
N ASN B 658 11.62 59.66 18.50
CA ASN B 658 12.97 59.44 18.99
C ASN B 658 13.22 57.96 19.25
N SER B 659 14.39 57.49 18.85
CA SER B 659 14.72 56.08 18.93
C SER B 659 15.15 55.68 20.34
N TYR B 660 15.07 54.39 20.62
CA TYR B 660 15.45 53.82 21.90
C TYR B 660 16.37 52.64 21.65
N GLU B 661 16.54 51.81 22.68
CA GLU B 661 17.25 50.56 22.56
C GLU B 661 16.28 49.43 22.25
N CYS B 662 16.78 48.40 21.57
CA CYS B 662 15.95 47.27 21.19
C CYS B 662 15.47 46.52 22.44
N ASP B 663 14.15 46.28 22.49
CA ASP B 663 13.54 45.54 23.60
C ASP B 663 12.93 44.23 23.13
N ILE B 664 12.03 44.26 22.15
CA ILE B 664 11.45 43.04 21.59
C ILE B 664 11.53 43.13 20.07
N PRO B 665 11.70 41.99 19.38
CA PRO B 665 12.05 42.05 17.95
C PRO B 665 10.82 42.09 17.06
N ILE B 666 10.82 43.04 16.13
CA ILE B 666 9.94 43.02 14.96
C ILE B 666 10.81 43.22 13.73
N GLY B 667 10.33 42.76 12.59
CA GLY B 667 11.15 42.76 11.39
C GLY B 667 11.46 44.15 10.89
N ALA B 668 12.47 44.22 10.01
CA ALA B 668 12.84 45.43 9.29
C ALA B 668 13.21 46.57 10.24
N GLY B 669 13.99 46.24 11.27
CA GLY B 669 14.53 47.28 12.16
C GLY B 669 13.48 48.07 12.90
N ILE B 670 12.45 47.39 13.39
CA ILE B 670 11.41 48.02 14.20
C ILE B 670 11.32 47.24 15.51
N CYS B 671 11.31 47.96 16.63
CA CYS B 671 11.24 47.33 17.94
C CYS B 671 10.16 48.01 18.77
N ALA B 672 9.35 47.18 19.44
CA ALA B 672 8.33 47.68 20.35
C ALA B 672 8.91 47.82 21.75
N SER B 673 8.25 48.64 22.56
CA SER B 673 8.72 48.90 23.91
C SER B 673 7.58 49.41 24.77
N TYR B 674 7.80 49.41 26.08
CA TYR B 674 6.87 49.96 27.05
C TYR B 674 7.38 51.32 27.51
N GLN B 675 6.46 52.27 27.65
CA GLN B 675 6.82 53.63 28.05
C GLN B 675 7.39 53.64 29.47
N GLN B 690 0.68 56.10 29.38
CA GLN B 690 1.16 54.72 29.39
C GLN B 690 0.51 53.91 28.28
N SER B 691 1.33 53.36 27.39
CA SER B 691 0.85 52.60 26.25
C SER B 691 1.99 51.73 25.74
N ILE B 692 1.79 51.14 24.56
CA ILE B 692 2.82 50.35 23.88
C ILE B 692 3.35 51.18 22.72
N ILE B 693 4.67 51.31 22.64
CA ILE B 693 5.30 52.16 21.64
C ILE B 693 6.18 51.31 20.73
N ALA B 694 6.16 51.66 19.45
CA ALA B 694 7.01 51.05 18.44
C ALA B 694 7.79 52.15 17.73
N TYR B 695 9.07 51.87 17.44
CA TYR B 695 9.95 52.87 16.88
C TYR B 695 10.95 52.21 15.95
N THR B 696 11.92 52.98 15.49
CA THR B 696 13.05 52.45 14.73
C THR B 696 14.25 52.31 15.68
N MET B 697 14.86 51.13 15.66
CA MET B 697 15.89 50.82 16.65
C MET B 697 17.16 51.62 16.38
N SER B 698 17.81 52.05 17.46
CA SER B 698 19.08 52.75 17.41
C SER B 698 20.18 51.86 17.98
N LEU B 699 21.38 51.99 17.43
CA LEU B 699 22.48 51.08 17.73
C LEU B 699 23.36 51.64 18.85
N GLY B 700 22.75 51.91 19.99
CA GLY B 700 23.48 52.33 21.17
C GLY B 700 24.18 53.68 21.09
N ALA B 701 23.50 54.69 20.55
CA ALA B 701 23.98 56.07 20.54
C ALA B 701 25.33 56.22 19.84
N GLU B 702 25.96 57.38 20.01
CA GLU B 702 27.21 57.71 19.36
C GLU B 702 28.24 58.14 20.39
N ASN B 703 29.46 57.59 20.28
CA ASN B 703 30.58 57.97 21.14
C ASN B 703 31.76 58.26 20.22
N SER B 704 31.85 59.48 19.71
CA SER B 704 32.94 59.87 18.84
C SER B 704 34.18 60.17 19.66
N VAL B 705 35.32 59.67 19.19
CA VAL B 705 36.60 59.85 19.87
C VAL B 705 37.40 60.91 19.13
N ALA B 706 37.91 61.90 19.87
CA ALA B 706 38.71 62.94 19.27
C ALA B 706 40.03 62.36 18.77
N TYR B 707 40.41 62.74 17.55
CA TYR B 707 41.60 62.20 16.90
C TYR B 707 42.51 63.33 16.48
N SER B 708 43.82 63.11 16.67
CA SER B 708 44.83 64.05 16.22
C SER B 708 46.12 63.28 15.96
N ASN B 709 46.94 63.81 15.06
CA ASN B 709 48.15 63.10 14.66
C ASN B 709 49.18 63.01 15.78
N ASN B 710 49.02 63.76 16.86
CA ASN B 710 49.98 63.75 17.96
C ASN B 710 49.26 63.73 19.31
N SER B 711 48.22 62.92 19.43
CA SER B 711 47.46 62.81 20.67
C SER B 711 47.20 61.34 20.99
N ILE B 712 47.53 60.95 22.22
CA ILE B 712 47.34 59.57 22.68
C ILE B 712 46.64 59.60 24.04
N ALA B 713 45.73 58.66 24.25
CA ALA B 713 45.07 58.49 25.53
C ALA B 713 45.58 57.23 26.19
N ILE B 714 45.98 57.34 27.46
CA ILE B 714 46.56 56.20 28.18
C ILE B 714 45.82 56.03 29.50
N PRO B 715 45.38 54.82 29.83
CA PRO B 715 44.68 54.62 31.10
C PRO B 715 45.61 54.81 32.29
N THR B 716 45.03 55.27 33.39
CA THR B 716 45.76 55.46 34.63
C THR B 716 45.22 54.60 35.77
N ASN B 717 44.15 53.85 35.54
CA ASN B 717 43.55 53.03 36.58
C ASN B 717 42.83 51.87 35.92
N PHE B 718 42.58 50.83 36.70
CA PHE B 718 42.01 49.59 36.18
C PHE B 718 40.92 49.09 37.09
N THR B 719 39.97 48.36 36.51
CA THR B 719 38.85 47.77 37.25
C THR B 719 38.71 46.31 36.83
N ILE B 720 39.03 45.39 37.74
CA ILE B 720 38.85 43.98 37.46
C ILE B 720 37.36 43.65 37.43
N SER B 721 36.96 42.82 36.48
CA SER B 721 35.56 42.43 36.34
C SER B 721 35.49 40.95 36.02
N VAL B 722 34.36 40.34 36.38
CA VAL B 722 34.10 38.93 36.10
C VAL B 722 32.90 38.83 35.18
N THR B 723 33.09 38.20 34.03
CA THR B 723 32.03 37.97 33.07
C THR B 723 31.76 36.48 32.97
N THR B 724 30.50 36.09 33.13
CA THR B 724 30.11 34.70 33.14
C THR B 724 29.62 34.27 31.77
N GLU B 725 29.98 33.05 31.38
CA GLU B 725 29.53 32.47 30.12
C GLU B 725 29.05 31.05 30.38
N ILE B 726 27.90 30.70 29.82
CA ILE B 726 27.25 29.42 30.06
C ILE B 726 27.20 28.64 28.75
N LEU B 727 27.63 27.38 28.80
CA LEU B 727 27.67 26.55 27.61
C LEU B 727 27.12 25.16 27.90
N PRO B 728 26.12 24.70 27.15
CA PRO B 728 25.65 23.32 27.31
C PRO B 728 26.73 22.34 26.87
N VAL B 729 26.78 21.20 27.56
CA VAL B 729 27.83 20.22 27.31
C VAL B 729 27.24 18.88 26.88
N SER B 730 26.04 18.56 27.38
CA SER B 730 25.48 17.24 27.13
C SER B 730 23.99 17.25 27.42
N MET B 731 23.20 16.78 26.45
CA MET B 731 21.78 16.55 26.67
C MET B 731 21.58 15.21 27.38
N THR B 732 20.35 14.97 27.83
CA THR B 732 20.04 13.74 28.57
C THR B 732 20.05 12.55 27.63
N LYS B 733 20.68 11.46 28.06
CA LYS B 733 20.71 10.24 27.27
C LYS B 733 19.34 9.60 27.22
N THR B 734 19.00 9.04 26.06
CA THR B 734 17.71 8.39 25.89
C THR B 734 17.85 7.23 24.92
N SER B 735 16.88 6.31 24.98
CA SER B 735 16.86 5.17 24.08
C SER B 735 15.43 4.64 24.03
N VAL B 736 15.00 4.24 22.84
CA VAL B 736 13.64 3.76 22.62
C VAL B 736 13.69 2.36 22.04
N ASP B 737 12.75 1.52 22.46
CA ASP B 737 12.59 0.18 21.90
C ASP B 737 11.57 0.24 20.78
N CYS B 738 12.01 -0.04 19.55
CA CYS B 738 11.14 0.14 18.39
C CYS B 738 9.90 -0.74 18.48
N THR B 739 10.09 -2.03 18.71
CA THR B 739 8.94 -2.94 18.78
C THR B 739 8.03 -2.57 19.96
N MET B 740 8.61 -2.29 21.12
CA MET B 740 7.79 -1.95 22.28
C MET B 740 7.03 -0.66 22.07
N TYR B 741 7.67 0.35 21.47
CA TYR B 741 7.01 1.63 21.27
C TYR B 741 5.90 1.52 20.23
N ILE B 742 6.19 0.91 19.09
CA ILE B 742 5.24 0.94 17.98
C ILE B 742 4.17 -0.13 18.14
N CYS B 743 4.58 -1.38 18.35
CA CYS B 743 3.67 -2.51 18.22
C CYS B 743 2.92 -2.85 19.51
N GLY B 744 3.27 -2.23 20.63
CA GLY B 744 2.59 -2.53 21.88
C GLY B 744 2.74 -3.95 22.36
N ASP B 745 3.76 -4.65 21.89
CA ASP B 745 4.04 -6.05 22.26
C ASP B 745 2.92 -7.00 21.88
N SER B 746 2.01 -6.59 20.99
CA SER B 746 1.03 -7.52 20.44
C SER B 746 1.72 -8.43 19.42
N THR B 747 1.46 -9.74 19.54
CA THR B 747 2.24 -10.73 18.81
C THR B 747 2.15 -10.57 17.29
N GLU B 748 0.96 -10.81 16.73
CA GLU B 748 0.82 -10.83 15.27
C GLU B 748 1.19 -9.49 14.66
N CYS B 749 0.78 -8.39 15.30
CA CYS B 749 1.14 -7.07 14.80
C CYS B 749 2.65 -6.87 14.84
N SER B 750 3.33 -7.47 15.83
CA SER B 750 4.78 -7.36 15.89
C SER B 750 5.45 -8.16 14.77
N ASN B 751 5.03 -9.41 14.56
CA ASN B 751 5.61 -10.18 13.47
C ASN B 751 5.30 -9.58 12.11
N LEU B 752 4.22 -8.80 12.00
CA LEU B 752 3.97 -8.11 10.74
C LEU B 752 4.95 -6.96 10.52
N LEU B 753 5.53 -6.43 11.60
CA LEU B 753 6.46 -5.31 11.47
C LEU B 753 7.75 -5.73 10.77
N LEU B 754 8.20 -6.97 11.00
CA LEU B 754 9.47 -7.42 10.42
C LEU B 754 9.46 -7.40 8.90
N GLN B 755 8.28 -7.38 8.27
CA GLN B 755 8.22 -7.25 6.82
C GLN B 755 8.79 -5.91 6.35
N TYR B 756 8.66 -4.86 7.18
CA TYR B 756 9.14 -3.55 6.80
C TYR B 756 10.66 -3.47 6.71
N GLY B 757 11.38 -4.44 7.27
CA GLY B 757 12.83 -4.47 7.14
C GLY B 757 13.56 -4.20 8.44
N SER B 758 14.77 -3.64 8.33
CA SER B 758 15.63 -3.39 9.47
C SER B 758 15.51 -1.96 9.99
N PHE B 759 14.33 -1.35 9.86
CA PHE B 759 14.14 0.00 10.36
C PHE B 759 14.30 0.06 11.88
N CYS B 760 13.99 -1.02 12.58
CA CYS B 760 14.10 -1.03 14.03
C CYS B 760 15.55 -0.93 14.49
N THR B 761 16.46 -1.61 13.80
CA THR B 761 17.85 -1.65 14.23
C THR B 761 18.53 -0.30 14.05
N GLN B 762 18.23 0.39 12.95
CA GLN B 762 18.92 1.65 12.65
C GLN B 762 18.64 2.70 13.72
N LEU B 763 17.39 2.82 14.16
CA LEU B 763 17.05 3.82 15.16
C LEU B 763 17.70 3.51 16.50
N ASN B 764 17.70 2.24 16.90
CA ASN B 764 18.38 1.85 18.14
C ASN B 764 19.87 2.17 18.07
N ARG B 765 20.51 1.86 16.94
CA ARG B 765 21.93 2.15 16.79
C ARG B 765 22.19 3.65 16.84
N ALA B 766 21.34 4.44 16.19
CA ALA B 766 21.51 5.89 16.22
C ALA B 766 21.37 6.43 17.64
N LEU B 767 20.39 5.95 18.38
CA LEU B 767 20.20 6.43 19.76
C LEU B 767 21.37 6.02 20.65
N THR B 768 21.88 4.79 20.47
CA THR B 768 23.05 4.38 21.23
C THR B 768 24.25 5.25 20.90
N GLY B 769 24.44 5.57 19.62
CA GLY B 769 25.51 6.48 19.25
C GLY B 769 25.36 7.86 19.87
N ILE B 770 24.13 8.37 19.92
CA ILE B 770 23.89 9.67 20.51
C ILE B 770 24.22 9.65 22.00
N ALA B 771 23.80 8.59 22.70
CA ALA B 771 24.09 8.49 24.12
C ALA B 771 25.59 8.40 24.39
N VAL B 772 26.30 7.57 23.62
CA VAL B 772 27.74 7.47 23.83
C VAL B 772 28.43 8.77 23.46
N GLU B 773 27.89 9.51 22.49
CA GLU B 773 28.46 10.82 22.17
C GLU B 773 28.27 11.80 23.32
N GLN B 774 27.10 11.77 23.97
CA GLN B 774 26.89 12.63 25.13
C GLN B 774 27.89 12.29 26.24
N ASP B 775 28.08 10.99 26.49
CA ASP B 775 29.04 10.57 27.51
C ASP B 775 30.45 11.04 27.16
N LYS B 776 30.84 10.87 25.89
CA LYS B 776 32.16 11.31 25.46
C LYS B 776 32.32 12.81 25.60
N ASN B 777 31.26 13.57 25.29
CA ASN B 777 31.31 15.02 25.43
C ASN B 777 31.57 15.41 26.89
N THR B 778 30.81 14.80 27.81
CA THR B 778 31.00 15.13 29.22
C THR B 778 32.41 14.78 29.67
N GLN B 779 32.90 13.59 29.31
CA GLN B 779 34.24 13.19 29.72
C GLN B 779 35.31 14.11 29.14
N GLU B 780 35.18 14.46 27.86
CA GLU B 780 36.16 15.32 27.22
C GLU B 780 36.17 16.71 27.83
N VAL B 781 35.00 17.26 28.16
CA VAL B 781 34.94 18.61 28.72
C VAL B 781 35.52 18.63 30.13
N PHE B 782 35.14 17.66 30.96
CA PHE B 782 35.45 17.75 32.38
C PHE B 782 36.68 16.95 32.81
N ALA B 783 37.01 15.84 32.15
CA ALA B 783 38.16 15.03 32.53
C ALA B 783 39.39 15.50 31.75
N GLN B 784 39.84 16.70 32.07
CA GLN B 784 40.99 17.32 31.43
C GLN B 784 42.29 17.14 32.19
N VAL B 785 42.27 16.42 33.31
CA VAL B 785 43.45 16.25 34.15
C VAL B 785 43.58 14.78 34.53
N LYS B 786 44.82 14.28 34.55
CA LYS B 786 45.11 12.91 34.94
C LYS B 786 45.29 12.75 36.44
N GLN B 787 45.23 13.84 37.20
CA GLN B 787 45.35 13.79 38.65
C GLN B 787 44.30 14.72 39.26
N ILE B 788 43.96 14.44 40.52
CA ILE B 788 43.02 15.25 41.29
C ILE B 788 43.79 16.01 42.34
N TYR B 789 43.51 17.31 42.45
CA TYR B 789 44.22 18.20 43.36
C TYR B 789 43.31 18.66 44.48
N LYS B 790 43.92 19.02 45.60
CA LYS B 790 43.20 19.50 46.77
C LYS B 790 43.77 20.84 47.20
N THR B 791 42.89 21.77 47.54
CA THR B 791 43.33 23.08 48.01
C THR B 791 44.01 22.94 49.36
N PRO B 792 44.97 23.81 49.66
CA PRO B 792 45.63 23.77 50.99
C PRO B 792 44.63 23.96 52.10
N PRO B 793 44.82 23.29 53.24
CA PRO B 793 43.87 23.44 54.35
C PRO B 793 43.73 24.86 54.85
N ILE B 794 44.80 25.65 54.82
CA ILE B 794 44.79 27.03 55.28
C ILE B 794 44.95 27.94 54.07
N LYS B 795 44.05 28.92 53.94
CA LYS B 795 44.06 29.83 52.81
C LYS B 795 45.09 30.92 53.08
N ASP B 796 46.32 30.69 52.62
CA ASP B 796 47.41 31.63 52.84
C ASP B 796 47.45 32.75 51.80
N PHE B 797 46.56 32.73 50.81
CA PHE B 797 46.45 33.81 49.84
C PHE B 797 45.38 34.83 50.24
N GLY B 798 45.23 35.08 51.53
CA GLY B 798 44.13 35.85 52.08
C GLY B 798 43.83 37.19 51.44
N GLY B 799 44.74 37.69 50.61
CA GLY B 799 44.43 38.82 49.77
C GLY B 799 43.19 38.55 48.95
N PHE B 800 43.29 37.60 48.03
CA PHE B 800 42.13 37.15 47.27
C PHE B 800 41.33 36.14 48.07
N ASN B 801 40.01 36.17 47.89
CA ASN B 801 39.09 35.34 48.65
C ASN B 801 38.38 34.40 47.69
N PHE B 802 38.60 33.09 47.86
CA PHE B 802 38.07 32.08 46.95
C PHE B 802 36.99 31.21 47.59
N SER B 803 36.43 31.65 48.72
CA SER B 803 35.42 30.84 49.39
C SER B 803 34.13 30.73 48.58
N GLN B 804 33.89 31.64 47.64
CA GLN B 804 32.66 31.63 46.85
C GLN B 804 32.72 30.64 45.70
N ILE B 805 33.87 30.04 45.42
CA ILE B 805 33.96 29.06 44.34
C ILE B 805 34.55 27.73 44.77
N LEU B 806 35.24 27.64 45.91
CA LEU B 806 35.75 26.38 46.40
C LEU B 806 34.62 25.52 46.95
N PRO B 807 34.79 24.20 46.97
CA PRO B 807 33.72 23.33 47.47
C PRO B 807 33.46 23.57 48.95
N ASP B 808 32.24 24.02 49.26
CA ASP B 808 31.87 24.26 50.64
C ASP B 808 31.73 22.95 51.39
N PRO B 809 32.39 22.79 52.54
CA PRO B 809 32.29 21.51 53.26
C PRO B 809 31.09 21.40 54.19
N SER B 810 30.48 22.53 54.57
CA SER B 810 29.38 22.48 55.53
C SER B 810 28.16 21.77 54.95
N LYS B 811 27.82 22.07 53.70
CA LYS B 811 26.64 21.50 53.09
C LYS B 811 26.83 19.99 52.87
N PRO B 812 25.74 19.22 52.90
CA PRO B 812 25.86 17.79 52.59
C PRO B 812 26.38 17.53 51.19
N SER B 813 26.07 18.39 50.23
CA SER B 813 26.62 18.29 48.90
C SER B 813 27.97 18.98 48.83
N LYS B 814 28.83 18.51 47.94
CA LYS B 814 30.16 19.06 47.77
C LYS B 814 30.21 20.20 46.78
N ARG B 815 29.07 20.61 46.24
CA ARG B 815 29.04 21.70 45.28
C ARG B 815 29.37 23.03 45.96
N SER B 816 30.05 23.90 45.22
CA SER B 816 30.39 25.22 45.73
C SER B 816 29.14 26.09 45.82
N PRO B 817 29.18 27.17 46.61
CA PRO B 817 27.99 28.04 46.72
C PRO B 817 27.48 28.53 45.37
N ILE B 818 28.36 28.90 44.46
CA ILE B 818 27.90 29.28 43.12
C ILE B 818 27.35 28.07 42.39
N GLU B 819 27.98 26.91 42.55
CA GLU B 819 27.44 25.67 41.98
C GLU B 819 26.07 25.36 42.58
N ASP B 820 25.92 25.53 43.89
CA ASP B 820 24.64 25.27 44.53
C ASP B 820 23.57 26.22 44.02
N LEU B 821 23.92 27.50 43.82
CA LEU B 821 22.97 28.44 43.24
C LEU B 821 22.59 28.03 41.83
N LEU B 822 23.56 27.54 41.06
CA LEU B 822 23.26 27.09 39.69
C LEU B 822 22.32 25.90 39.69
N PHE B 823 22.53 24.94 40.59
CA PHE B 823 21.71 23.73 40.60
C PHE B 823 20.25 24.05 40.91
N ASN B 824 20.00 24.92 41.88
CA ASN B 824 18.64 25.24 42.29
C ASN B 824 17.92 26.15 41.30
N LYS B 825 18.61 26.71 40.32
CA LYS B 825 18.02 27.63 39.36
C LYS B 825 17.55 26.95 38.08
N VAL B 826 17.70 25.63 37.98
CA VAL B 826 17.31 24.89 36.78
C VAL B 826 16.21 23.91 37.16
N THR B 827 15.07 24.01 36.46
CA THR B 827 13.93 23.13 36.70
C THR B 827 13.31 22.75 35.37
N LEU B 828 12.50 21.70 35.38
CA LEU B 828 11.81 21.23 34.20
C LEU B 828 10.78 22.25 33.74
N ALA B 852 11.32 14.62 31.50
CA ALA B 852 12.11 13.40 31.50
C ALA B 852 11.51 12.37 32.45
N GLN B 853 10.60 11.55 31.93
CA GLN B 853 9.93 10.52 32.72
C GLN B 853 9.90 9.22 31.93
N LYS B 854 9.76 8.11 32.66
CA LYS B 854 9.62 6.81 32.03
C LYS B 854 8.23 6.68 31.41
N PHE B 855 8.15 5.88 30.35
CA PHE B 855 6.90 5.73 29.61
C PHE B 855 6.85 4.31 29.05
N ASN B 856 5.96 4.09 28.07
CA ASN B 856 5.71 2.74 27.57
C ASN B 856 6.94 2.15 26.89
N GLY B 857 7.55 2.90 25.98
CA GLY B 857 8.67 2.38 25.22
C GLY B 857 9.94 3.21 25.30
N LEU B 858 9.91 4.28 26.07
CA LEU B 858 11.03 5.20 26.19
C LEU B 858 11.67 5.07 27.56
N THR B 859 13.00 5.15 27.59
CA THR B 859 13.78 5.10 28.82
C THR B 859 14.83 6.20 28.79
N VAL B 860 15.47 6.41 29.95
CA VAL B 860 16.55 7.37 30.08
C VAL B 860 17.71 6.69 30.79
N LEU B 861 18.90 6.85 30.23
CA LEU B 861 20.04 6.20 30.88
C LEU B 861 20.83 7.20 31.71
N PRO B 862 21.27 6.82 32.90
CA PRO B 862 22.06 7.74 33.71
C PRO B 862 23.42 7.98 33.07
N PRO B 863 24.00 9.16 33.25
CA PRO B 863 25.34 9.41 32.71
C PRO B 863 26.39 8.62 33.46
N LEU B 864 27.51 8.39 32.78
CA LEU B 864 28.64 7.69 33.41
C LEU B 864 29.17 8.51 34.59
N LEU B 865 29.40 9.80 34.38
CA LEU B 865 29.91 10.68 35.42
C LEU B 865 28.73 11.28 36.17
N THR B 866 28.55 10.87 37.42
CA THR B 866 27.48 11.45 38.24
C THR B 866 27.81 12.89 38.58
N ASP B 867 26.81 13.59 39.12
CA ASP B 867 26.96 15.01 39.41
C ASP B 867 28.06 15.25 40.45
N GLU B 868 28.15 14.39 41.45
CA GLU B 868 29.15 14.55 42.49
C GLU B 868 30.56 14.46 41.92
N MET B 869 30.80 13.50 41.01
CA MET B 869 32.13 13.37 40.43
C MET B 869 32.43 14.49 39.45
N ILE B 870 31.42 15.03 38.77
CA ILE B 870 31.63 16.21 37.94
C ILE B 870 32.04 17.39 38.81
N ALA B 871 31.38 17.57 39.95
CA ALA B 871 31.77 18.62 40.88
C ALA B 871 33.18 18.40 41.40
N GLN B 872 33.54 17.13 41.63
CA GLN B 872 34.90 16.82 42.07
C GLN B 872 35.92 17.20 41.01
N TYR B 873 35.62 16.90 39.74
CA TYR B 873 36.50 17.29 38.65
C TYR B 873 36.67 18.81 38.59
N THR B 874 35.57 19.54 38.71
CA THR B 874 35.64 21.00 38.67
C THR B 874 36.43 21.54 39.85
N SER B 875 36.26 20.94 41.03
CA SER B 875 37.04 21.34 42.19
C SER B 875 38.52 21.08 41.98
N ALA B 876 38.85 19.94 41.37
CA ALA B 876 40.26 19.65 41.07
C ALA B 876 40.84 20.67 40.11
N LEU B 877 40.09 21.01 39.05
CA LEU B 877 40.58 22.02 38.11
C LEU B 877 40.76 23.37 38.79
N LEU B 878 39.82 23.76 39.64
CA LEU B 878 39.93 25.03 40.34
C LEU B 878 41.12 25.06 41.29
N ALA B 879 41.32 23.97 42.02
CA ALA B 879 42.47 23.90 42.93
C ALA B 879 43.78 23.92 42.15
N GLY B 880 43.81 23.28 40.99
CA GLY B 880 45.01 23.33 40.17
C GLY B 880 45.30 24.72 39.65
N THR B 881 44.27 25.44 39.19
CA THR B 881 44.47 26.80 38.69
C THR B 881 44.68 27.82 39.80
N ILE B 882 44.37 27.47 41.05
CA ILE B 882 44.60 28.36 42.17
C ILE B 882 45.99 28.15 42.78
N THR B 883 46.36 26.90 43.02
CA THR B 883 47.63 26.60 43.67
C THR B 883 48.78 26.61 42.68
N SER B 884 48.72 25.74 41.67
CA SER B 884 49.83 25.53 40.75
C SER B 884 49.84 26.50 39.58
N GLY B 885 48.84 27.37 39.47
CA GLY B 885 48.86 28.29 38.35
C GLY B 885 48.52 27.60 37.04
N TRP B 886 49.10 28.12 35.95
CA TRP B 886 48.79 27.64 34.62
C TRP B 886 49.64 26.44 34.22
N THR B 887 50.65 26.07 35.01
CA THR B 887 51.60 25.05 34.59
C THR B 887 51.17 23.64 34.96
N PHE B 888 50.09 23.46 35.71
CA PHE B 888 49.63 22.12 36.04
C PHE B 888 48.97 21.43 34.86
N GLY B 889 48.55 22.20 33.85
CA GLY B 889 48.00 21.61 32.64
C GLY B 889 49.04 21.17 31.63
N ALA B 890 50.28 21.61 31.80
CA ALA B 890 51.35 21.26 30.87
C ALA B 890 52.18 20.08 31.35
N GLY B 891 52.57 20.08 32.63
CA GLY B 891 53.34 19.00 33.18
C GLY B 891 53.03 18.77 34.64
N PRO B 892 54.01 18.34 35.42
CA PRO B 892 53.80 18.17 36.86
C PRO B 892 53.45 19.51 37.51
N ALA B 893 52.60 19.44 38.53
CA ALA B 893 52.14 20.65 39.20
C ALA B 893 53.30 21.31 39.93
N LEU B 894 53.45 22.61 39.73
CA LEU B 894 54.51 23.40 40.35
C LEU B 894 53.87 24.43 41.27
N GLN B 895 54.13 24.31 42.57
CA GLN B 895 53.58 25.27 43.51
C GLN B 895 54.17 26.65 43.28
N ILE B 896 53.34 27.68 43.45
CA ILE B 896 53.75 29.06 43.25
C ILE B 896 52.78 29.96 44.01
N PRO B 897 53.27 30.96 44.74
CA PRO B 897 52.35 31.83 45.49
C PRO B 897 51.37 32.52 44.55
N PHE B 898 50.12 32.63 45.00
CA PHE B 898 49.10 33.22 44.15
C PHE B 898 49.38 34.66 43.73
N PRO B 899 49.83 35.57 44.61
CA PRO B 899 50.21 36.90 44.12
C PRO B 899 51.29 36.86 43.06
N MET B 900 52.24 35.93 43.14
CA MET B 900 53.25 35.83 42.09
C MET B 900 52.64 35.35 40.78
N GLN B 901 51.67 34.43 40.85
CA GLN B 901 50.98 34.00 39.65
C GLN B 901 50.20 35.15 39.02
N MET B 902 49.55 35.97 39.85
CA MET B 902 48.86 37.16 39.34
C MET B 902 49.85 38.14 38.73
N ALA B 903 51.04 38.24 39.31
CA ALA B 903 52.07 39.10 38.74
C ALA B 903 52.49 38.61 37.36
N TYR B 904 52.68 37.31 37.22
CA TYR B 904 52.96 36.75 35.89
C TYR B 904 51.82 37.07 34.92
N ARG B 905 50.59 36.83 35.35
CA ARG B 905 49.45 37.01 34.45
C ARG B 905 49.31 38.46 34.02
N PHE B 906 49.58 39.41 34.93
CA PHE B 906 49.63 40.81 34.54
C PHE B 906 50.75 41.06 33.55
N ASN B 907 51.92 40.44 33.78
CA ASN B 907 53.04 40.61 32.86
C ASN B 907 52.73 40.06 31.47
N GLY B 908 51.78 39.14 31.37
CA GLY B 908 51.41 38.57 30.09
C GLY B 908 50.42 39.37 29.26
N ILE B 909 49.97 40.52 29.75
CA ILE B 909 49.00 41.33 29.02
C ILE B 909 49.55 42.74 28.82
N GLY B 910 50.87 42.87 28.78
CA GLY B 910 51.51 44.11 28.43
C GLY B 910 51.73 45.10 29.55
N VAL B 911 51.39 44.76 30.79
CA VAL B 911 51.59 45.64 31.93
C VAL B 911 52.54 44.95 32.91
N THR B 912 53.56 45.68 33.36
CA THR B 912 54.62 45.10 34.15
C THR B 912 54.12 44.72 35.55
N GLN B 913 55.02 44.09 36.32
CA GLN B 913 54.68 43.60 37.65
C GLN B 913 54.51 44.71 38.67
N ASN B 914 54.89 45.95 38.36
CA ASN B 914 54.77 47.03 39.32
C ASN B 914 53.31 47.26 39.71
N VAL B 915 52.40 47.10 38.75
CA VAL B 915 51.01 47.48 38.97
C VAL B 915 50.38 46.60 40.05
N LEU B 916 50.62 45.30 40.02
CA LEU B 916 49.96 44.40 40.96
C LEU B 916 50.48 44.60 42.37
N TYR B 917 51.80 44.46 42.57
CA TYR B 917 52.35 44.43 43.91
C TYR B 917 52.13 45.76 44.62
N GLU B 918 52.28 46.88 43.90
CA GLU B 918 52.01 48.18 44.49
C GLU B 918 50.53 48.43 44.73
N ASN B 919 49.65 47.60 44.16
CA ASN B 919 48.21 47.75 44.33
C ASN B 919 47.55 46.42 44.65
N GLN B 920 48.22 45.59 45.46
CA GLN B 920 47.67 44.27 45.78
C GLN B 920 46.37 44.38 46.56
N LYS B 921 46.31 45.32 47.51
CA LYS B 921 45.09 45.47 48.31
C LYS B 921 43.91 45.88 47.44
N LEU B 922 44.11 46.84 46.54
CA LEU B 922 43.02 47.27 45.66
C LEU B 922 42.57 46.14 44.75
N ILE B 923 43.52 45.40 44.18
CA ILE B 923 43.17 44.31 43.28
C ILE B 923 42.40 43.22 44.03
N ALA B 924 42.87 42.88 45.23
CA ALA B 924 42.18 41.87 46.03
C ALA B 924 40.77 42.31 46.38
N ASN B 925 40.61 43.56 46.80
CA ASN B 925 39.28 44.06 47.16
C ASN B 925 38.35 44.06 45.95
N GLN B 926 38.84 44.50 44.79
CA GLN B 926 38.00 44.52 43.60
C GLN B 926 37.63 43.10 43.16
N PHE B 927 38.59 42.18 43.23
CA PHE B 927 38.30 40.79 42.87
C PHE B 927 37.25 40.18 43.79
N ASN B 928 37.39 40.42 45.10
CA ASN B 928 36.40 39.90 46.04
C ASN B 928 35.03 40.51 45.79
N SER B 929 34.98 41.83 45.53
CA SER B 929 33.70 42.47 45.26
C SER B 929 33.05 41.90 44.00
N ALA B 930 33.83 41.70 42.94
CA ALA B 930 33.28 41.15 41.70
C ALA B 930 32.81 39.72 41.88
N ILE B 931 33.56 38.91 42.63
CA ILE B 931 33.16 37.53 42.88
C ILE B 931 31.90 37.48 43.73
N GLY B 932 31.75 38.40 44.67
CA GLY B 932 30.49 38.50 45.39
C GLY B 932 29.34 38.95 44.52
N LYS B 933 29.61 39.87 43.60
CA LYS B 933 28.55 40.47 42.78
C LYS B 933 28.05 39.54 41.69
N ILE B 934 28.90 38.64 41.18
CA ILE B 934 28.47 37.76 40.10
C ILE B 934 27.37 36.82 40.60
N GLN B 935 27.47 36.37 41.86
CA GLN B 935 26.43 35.52 42.42
C GLN B 935 25.08 36.23 42.45
N ASP B 936 25.08 37.49 42.91
CA ASP B 936 23.82 38.24 42.94
C ASP B 936 23.29 38.50 41.54
N SER B 937 24.18 38.78 40.58
CA SER B 937 23.75 39.01 39.20
C SER B 937 23.12 37.75 38.62
N LEU B 938 23.70 36.58 38.91
CA LEU B 938 23.15 35.33 38.38
C LEU B 938 21.84 34.98 39.06
N SER B 939 21.73 35.21 40.36
CA SER B 939 20.51 34.89 41.08
C SER B 939 19.38 35.89 40.82
N SER B 940 19.71 37.08 40.33
CA SER B 940 18.69 38.11 40.16
C SER B 940 17.69 37.74 39.07
N THR B 941 18.17 37.25 37.93
CA THR B 941 17.31 36.97 36.79
C THR B 941 17.27 35.47 36.52
N PRO B 942 16.10 34.83 36.62
CA PRO B 942 16.03 33.40 36.30
C PRO B 942 16.42 33.07 34.88
N SER B 943 16.18 33.97 33.93
CA SER B 943 16.48 33.72 32.52
C SER B 943 17.95 33.82 32.19
N ALA B 944 18.81 34.07 33.18
CA ALA B 944 20.24 34.13 32.92
C ALA B 944 20.79 32.80 32.46
N LEU B 945 20.32 31.70 33.06
CA LEU B 945 20.74 30.35 32.70
C LEU B 945 19.93 29.78 31.56
N GLY B 946 19.35 30.63 30.71
CA GLY B 946 18.46 30.17 29.66
C GLY B 946 19.09 29.22 28.66
N LYS B 947 20.41 29.25 28.51
CA LYS B 947 21.06 28.40 27.52
C LYS B 947 20.99 26.92 27.86
N LEU B 948 20.74 26.57 29.13
CA LEU B 948 20.56 25.18 29.54
C LEU B 948 19.10 24.81 29.71
N GLN B 949 18.31 25.71 30.31
CA GLN B 949 16.87 25.50 30.37
C GLN B 949 16.28 25.32 28.98
N ASP B 950 16.82 26.02 27.98
CA ASP B 950 16.32 25.89 26.62
C ASP B 950 16.48 24.46 26.11
N VAL B 951 17.69 23.90 26.22
CA VAL B 951 17.92 22.56 25.69
C VAL B 951 17.13 21.53 26.49
N VAL B 952 17.07 21.68 27.81
CA VAL B 952 16.31 20.71 28.62
C VAL B 952 14.83 20.75 28.26
N ASN B 953 14.25 21.94 28.24
CA ASN B 953 12.83 22.08 27.93
C ASN B 953 12.51 21.61 26.53
N GLN B 954 13.39 21.90 25.56
CA GLN B 954 13.09 21.52 24.19
C GLN B 954 13.23 20.02 23.98
N ASN B 955 14.20 19.37 24.65
CA ASN B 955 14.25 17.92 24.61
C ASN B 955 13.01 17.31 25.24
N ALA B 956 12.56 17.87 26.37
CA ALA B 956 11.34 17.37 26.99
C ALA B 956 10.13 17.54 26.07
N GLN B 957 10.05 18.68 25.40
CA GLN B 957 8.96 18.93 24.45
C GLN B 957 9.00 17.94 23.30
N ALA B 958 10.19 17.65 22.78
CA ALA B 958 10.30 16.66 21.70
C ALA B 958 9.87 15.28 22.18
N LEU B 959 10.27 14.89 23.39
CA LEU B 959 9.85 13.59 23.92
C LEU B 959 8.34 13.54 24.10
N ASN B 960 7.74 14.61 24.61
CA ASN B 960 6.29 14.64 24.79
C ASN B 960 5.57 14.58 23.45
N THR B 961 6.10 15.27 22.43
CA THR B 961 5.52 15.19 21.10
C THR B 961 5.60 13.77 20.55
N LEU B 962 6.73 13.09 20.79
CA LEU B 962 6.85 11.70 20.37
C LEU B 962 5.82 10.83 21.07
N VAL B 963 5.62 11.04 22.38
CA VAL B 963 4.64 10.23 23.12
C VAL B 963 3.22 10.58 22.71
N LYS B 964 2.94 11.88 22.51
CA LYS B 964 1.58 12.31 22.22
C LYS B 964 1.06 11.77 20.89
N GLN B 965 1.95 11.30 20.01
CA GLN B 965 1.53 10.82 18.70
C GLN B 965 0.86 9.46 18.74
N LEU B 966 0.87 8.83 19.90
CA LEU B 966 0.20 7.56 20.02
C LEU B 966 -1.28 7.79 19.73
N SER B 967 -1.86 8.81 20.37
CA SER B 967 -3.30 9.06 20.29
C SER B 967 -3.77 9.26 18.85
N SER B 968 -2.88 9.73 17.97
CA SER B 968 -3.27 9.96 16.58
C SER B 968 -3.45 8.64 15.85
N ASN B 969 -4.56 8.50 15.14
CA ASN B 969 -4.87 7.26 14.44
C ASN B 969 -4.21 7.16 13.07
N PHE B 970 -3.70 8.26 12.53
CA PHE B 970 -3.14 8.30 11.17
C PHE B 970 -4.16 7.81 10.14
N GLY B 971 -5.42 8.19 10.33
CA GLY B 971 -6.48 7.78 9.43
C GLY B 971 -7.04 6.40 9.68
N ALA B 972 -6.56 5.69 10.70
CA ALA B 972 -7.06 4.36 11.00
C ALA B 972 -8.34 4.45 11.83
N ILE B 973 -8.88 3.30 12.20
CA ILE B 973 -10.14 3.26 12.93
C ILE B 973 -9.95 3.79 14.35
N SER B 974 -8.89 3.37 15.03
CA SER B 974 -8.67 3.76 16.40
C SER B 974 -7.18 3.76 16.70
N SER B 975 -6.81 4.40 17.81
CA SER B 975 -5.42 4.52 18.23
C SER B 975 -4.93 3.33 19.04
N VAL B 976 -5.80 2.38 19.38
CA VAL B 976 -5.44 1.23 20.18
C VAL B 976 -5.52 -0.01 19.30
N LEU B 977 -4.44 -0.79 19.27
CA LEU B 977 -4.41 -1.99 18.44
C LEU B 977 -5.32 -3.08 18.99
N ASN B 978 -5.66 -3.04 20.28
CA ASN B 978 -6.55 -4.04 20.86
C ASN B 978 -7.92 -4.00 20.21
N ASP B 979 -8.45 -2.79 19.99
CA ASP B 979 -9.77 -2.66 19.36
C ASP B 979 -9.76 -3.22 17.95
N ILE B 980 -8.72 -2.91 17.18
CA ILE B 980 -8.63 -3.42 15.81
C ILE B 980 -8.50 -4.93 15.81
N LEU B 981 -7.69 -5.48 16.72
CA LEU B 981 -7.49 -6.93 16.74
C LEU B 981 -8.75 -7.67 17.17
N SER B 982 -9.50 -7.11 18.14
CA SER B 982 -10.65 -7.79 18.69
C SER B 982 -11.97 -7.40 18.02
N ARG B 983 -11.94 -6.50 17.04
CA ARG B 983 -13.16 -6.07 16.36
C ARG B 983 -13.19 -6.43 14.89
N LEU B 984 -12.18 -6.07 14.13
CA LEU B 984 -12.19 -6.21 12.68
C LEU B 984 -11.59 -7.54 12.25
N ASP B 985 -12.06 -8.04 11.11
CA ASP B 985 -11.53 -9.27 10.57
C ASP B 985 -10.10 -9.07 10.06
N PRO B 986 -9.29 -10.13 10.08
CA PRO B 986 -7.87 -10.00 9.69
C PRO B 986 -7.67 -9.42 8.30
N PRO B 987 -8.49 -9.76 7.29
CA PRO B 987 -8.20 -9.24 5.93
C PRO B 987 -8.05 -7.72 5.84
N GLU B 988 -8.86 -6.95 6.57
CA GLU B 988 -8.69 -5.50 6.60
C GLU B 988 -8.02 -4.99 7.87
N ALA B 989 -8.03 -5.79 8.94
CA ALA B 989 -7.24 -5.43 10.11
C ALA B 989 -5.76 -5.35 9.77
N GLU B 990 -5.30 -6.21 8.85
CA GLU B 990 -3.91 -6.14 8.40
C GLU B 990 -3.62 -4.80 7.74
N VAL B 991 -4.51 -4.33 6.87
CA VAL B 991 -4.30 -3.06 6.20
C VAL B 991 -4.31 -1.90 7.20
N GLN B 992 -5.28 -1.93 8.12
CA GLN B 992 -5.36 -0.86 9.12
C GLN B 992 -4.13 -0.83 10.00
N ILE B 993 -3.68 -2.01 10.46
CA ILE B 993 -2.51 -2.08 11.33
C ILE B 993 -1.25 -1.69 10.56
N ASP B 994 -1.22 -1.96 9.25
CA ASP B 994 -0.07 -1.56 8.45
C ASP B 994 -0.02 -0.05 8.30
N ARG B 995 -1.18 0.59 8.09
CA ARG B 995 -1.21 2.04 8.02
C ARG B 995 -0.77 2.67 9.35
N LEU B 996 -1.25 2.11 10.47
CA LEU B 996 -0.84 2.61 11.77
C LEU B 996 0.65 2.40 11.99
N ILE B 997 1.18 1.26 11.55
CA ILE B 997 2.61 0.98 11.68
C ILE B 997 3.41 2.01 10.89
N THR B 998 2.99 2.30 9.67
CA THR B 998 3.69 3.28 8.85
C THR B 998 3.69 4.65 9.53
N GLY B 999 2.54 5.06 10.06
CA GLY B 999 2.47 6.36 10.72
C GLY B 999 3.38 6.44 11.93
N ARG B 1000 3.32 5.44 12.80
CA ARG B 1000 4.14 5.46 14.01
C ARG B 1000 5.63 5.37 13.67
N LEU B 1001 5.99 4.55 12.68
CA LEU B 1001 7.38 4.45 12.27
C LEU B 1001 7.90 5.77 11.72
N GLN B 1002 7.09 6.46 10.92
CA GLN B 1002 7.51 7.77 10.41
C GLN B 1002 7.68 8.77 11.54
N SER B 1003 6.78 8.75 12.53
CA SER B 1003 6.91 9.65 13.66
C SER B 1003 8.20 9.38 14.42
N LEU B 1004 8.50 8.10 14.68
CA LEU B 1004 9.72 7.76 15.41
C LEU B 1004 10.96 8.14 14.60
N GLN B 1005 10.90 7.94 13.28
CA GLN B 1005 12.03 8.30 12.42
C GLN B 1005 12.30 9.80 12.44
N THR B 1006 11.24 10.61 12.39
CA THR B 1006 11.46 12.05 12.42
C THR B 1006 11.96 12.50 13.79
N TYR B 1007 11.50 11.85 14.87
CA TYR B 1007 12.05 12.15 16.19
C TYR B 1007 13.54 11.80 16.24
N VAL B 1008 13.92 10.66 15.66
CA VAL B 1008 15.32 10.26 15.66
C VAL B 1008 16.17 11.26 14.88
N THR B 1009 15.67 11.72 13.74
CA THR B 1009 16.43 12.70 12.95
C THR B 1009 16.58 14.01 13.72
N GLN B 1010 15.51 14.46 14.38
CA GLN B 1010 15.61 15.68 15.17
C GLN B 1010 16.61 15.53 16.31
N GLN B 1011 16.61 14.37 16.97
CA GLN B 1011 17.58 14.13 18.02
C GLN B 1011 19.00 14.07 17.48
N LEU B 1012 19.18 13.54 16.27
CA LEU B 1012 20.51 13.54 15.66
C LEU B 1012 21.00 14.95 15.40
N ILE B 1013 20.13 15.81 14.89
CA ILE B 1013 20.51 17.20 14.65
C ILE B 1013 20.85 17.89 15.97
N ARG B 1014 20.03 17.66 16.99
CA ARG B 1014 20.28 18.25 18.31
C ARG B 1014 21.61 17.76 18.88
N ALA B 1015 21.90 16.47 18.71
CA ALA B 1015 23.16 15.92 19.21
C ALA B 1015 24.35 16.50 18.46
N ALA B 1016 24.21 16.73 17.16
CA ALA B 1016 25.29 17.38 16.41
C ALA B 1016 25.54 18.80 16.94
N GLU B 1017 24.47 19.55 17.17
CA GLU B 1017 24.63 20.90 17.71
C GLU B 1017 25.26 20.87 19.10
N ILE B 1018 24.83 19.94 19.95
CA ILE B 1018 25.38 19.84 21.30
C ILE B 1018 26.83 19.40 21.25
N ARG B 1019 27.19 18.52 20.30
CA ARG B 1019 28.58 18.12 20.16
C ARG B 1019 29.45 19.30 19.75
N ALA B 1020 28.96 20.13 18.83
CA ALA B 1020 29.69 21.33 18.48
C ALA B 1020 29.87 22.25 19.69
N SER B 1021 28.81 22.44 20.46
CA SER B 1021 28.90 23.28 21.65
C SER B 1021 29.87 22.70 22.68
N ALA B 1022 29.87 21.38 22.84
CA ALA B 1022 30.75 20.75 23.81
C ALA B 1022 32.20 20.82 23.38
N ASN B 1023 32.46 20.67 22.07
CA ASN B 1023 33.82 20.86 21.57
C ASN B 1023 34.29 22.29 21.79
N LEU B 1024 33.42 23.26 21.53
CA LEU B 1024 33.77 24.65 21.81
C LEU B 1024 34.04 24.88 23.28
N ALA B 1025 33.22 24.27 24.15
CA ALA B 1025 33.42 24.43 25.59
C ALA B 1025 34.73 23.78 26.06
N ALA B 1026 35.06 22.62 25.51
CA ALA B 1026 36.32 21.97 25.87
C ALA B 1026 37.51 22.80 25.42
N THR B 1027 37.46 23.34 24.20
CA THR B 1027 38.53 24.22 23.73
C THR B 1027 38.63 25.45 24.62
N LYS B 1028 37.49 26.04 24.99
CA LYS B 1028 37.49 27.21 25.84
C LYS B 1028 38.09 26.89 27.20
N MET B 1029 37.75 25.75 27.77
CA MET B 1029 38.34 25.35 29.05
C MET B 1029 39.85 25.21 28.93
N SER B 1030 40.31 24.42 27.95
CA SER B 1030 41.73 24.16 27.81
C SER B 1030 42.53 25.41 27.46
N GLU B 1031 41.90 26.43 26.89
CA GLU B 1031 42.62 27.66 26.58
C GLU B 1031 42.47 28.74 27.65
N CYS B 1032 41.43 28.67 28.49
CA CYS B 1032 41.20 29.69 29.51
C CYS B 1032 41.75 29.26 30.87
N VAL B 1033 41.27 28.15 31.43
CA VAL B 1033 41.61 27.86 32.81
C VAL B 1033 43.01 27.27 32.92
N LEU B 1034 43.41 26.46 31.94
CA LEU B 1034 44.71 25.80 31.96
C LEU B 1034 45.82 26.65 31.36
N GLY B 1035 45.62 27.96 31.26
CA GLY B 1035 46.65 28.82 30.72
C GLY B 1035 46.17 30.24 30.55
N GLN B 1036 46.87 30.98 29.70
CA GLN B 1036 46.50 32.33 29.32
C GLN B 1036 46.24 32.37 27.83
N SER B 1037 45.26 33.16 27.41
CA SER B 1037 44.90 33.29 26.01
C SER B 1037 45.12 34.72 25.55
N LYS B 1038 45.77 34.87 24.41
CA LYS B 1038 45.92 36.17 23.75
C LYS B 1038 44.79 36.45 22.77
N ARG B 1039 43.81 35.55 22.68
CA ARG B 1039 42.69 35.70 21.76
C ARG B 1039 41.69 36.67 22.37
N VAL B 1040 41.59 37.87 21.79
CA VAL B 1040 40.72 38.89 22.35
C VAL B 1040 39.26 38.51 22.15
N ASP B 1041 38.46 38.72 23.20
CA ASP B 1041 37.01 38.53 23.20
C ASP B 1041 36.62 37.05 23.15
N PHE B 1042 37.61 36.17 23.05
CA PHE B 1042 37.33 34.74 23.15
C PHE B 1042 37.10 34.30 24.59
N CYS B 1043 37.55 35.08 25.56
CA CYS B 1043 37.46 34.72 26.97
C CYS B 1043 36.75 35.79 27.78
N GLY B 1044 35.83 36.52 27.17
CA GLY B 1044 35.15 37.60 27.85
C GLY B 1044 35.73 38.96 27.50
N LYS B 1045 34.92 40.00 27.73
CA LYS B 1045 35.34 41.36 27.43
C LYS B 1045 36.53 41.73 28.30
N GLY B 1046 37.47 42.48 27.72
CA GLY B 1046 38.69 42.86 28.40
C GLY B 1046 39.79 41.83 28.25
N TYR B 1047 41.00 42.24 28.61
CA TYR B 1047 42.13 41.33 28.61
C TYR B 1047 41.91 40.23 29.63
N HIS B 1048 42.31 39.01 29.28
CA HIS B 1048 42.04 37.85 30.12
C HIS B 1048 43.16 37.64 31.13
N LEU B 1049 42.77 37.31 32.37
CA LEU B 1049 43.72 37.03 33.44
C LEU B 1049 43.65 35.57 33.88
N MET B 1050 42.48 35.11 34.31
CA MET B 1050 42.29 33.73 34.74
C MET B 1050 40.91 33.28 34.29
N SER B 1051 40.50 32.10 34.78
CA SER B 1051 39.16 31.59 34.52
C SER B 1051 38.88 30.46 35.50
N PHE B 1052 37.70 30.48 36.10
CA PHE B 1052 37.31 29.48 37.09
C PHE B 1052 36.08 28.73 36.60
N PRO B 1053 36.24 27.50 36.11
CA PRO B 1053 35.07 26.73 35.67
C PRO B 1053 34.23 26.27 36.86
N GLN B 1054 32.94 26.11 36.60
CA GLN B 1054 32.01 25.59 37.59
C GLN B 1054 31.01 24.69 36.91
N SER B 1055 30.54 23.67 37.64
CA SER B 1055 29.62 22.70 37.06
C SER B 1055 28.23 23.31 36.90
N ALA B 1056 27.41 22.62 36.11
CA ALA B 1056 26.03 23.01 35.83
C ALA B 1056 25.22 21.75 35.70
N PRO B 1057 23.89 21.84 35.82
CA PRO B 1057 23.05 20.63 35.74
C PRO B 1057 23.26 19.84 34.46
N HIS B 1058 23.42 20.52 33.32
CA HIS B 1058 23.66 19.83 32.07
C HIS B 1058 24.71 20.54 31.23
N GLY B 1059 25.68 21.16 31.87
CA GLY B 1059 26.71 21.88 31.14
C GLY B 1059 27.80 22.37 32.06
N VAL B 1060 28.51 23.39 31.59
CA VAL B 1060 29.58 24.01 32.36
C VAL B 1060 29.43 25.52 32.27
N VAL B 1061 29.72 26.20 33.37
CA VAL B 1061 29.71 27.66 33.41
C VAL B 1061 31.12 28.12 33.72
N PHE B 1062 31.47 29.29 33.19
CA PHE B 1062 32.82 29.83 33.31
C PHE B 1062 32.77 31.19 34.00
N LEU B 1063 33.69 31.42 34.93
CA LEU B 1063 33.82 32.71 35.58
C LEU B 1063 35.14 33.33 35.12
N HIS B 1064 35.08 34.01 33.99
CA HIS B 1064 36.27 34.66 33.45
C HIS B 1064 36.67 35.84 34.33
N VAL B 1065 37.97 35.97 34.55
CA VAL B 1065 38.52 37.10 35.32
C VAL B 1065 39.30 37.96 34.34
N THR B 1066 38.81 39.18 34.11
CA THR B 1066 39.33 40.04 33.07
C THR B 1066 39.85 41.36 33.65
N TYR B 1067 40.88 41.90 33.01
CA TYR B 1067 41.47 43.17 33.38
C TYR B 1067 41.01 44.22 32.37
N VAL B 1068 40.32 45.24 32.86
CA VAL B 1068 39.72 46.27 32.01
C VAL B 1068 40.27 47.63 32.44
N PRO B 1069 40.98 48.34 31.58
CA PRO B 1069 41.47 49.67 31.95
C PRO B 1069 40.34 50.68 31.98
N ALA B 1070 40.58 51.78 32.70
CA ALA B 1070 39.60 52.84 32.82
C ALA B 1070 40.29 54.13 33.23
N GLN B 1071 39.51 55.22 33.25
CA GLN B 1071 39.98 56.53 33.69
C GLN B 1071 41.19 56.99 32.86
N GLU B 1072 41.00 57.01 31.54
CA GLU B 1072 42.06 57.45 30.65
C GLU B 1072 42.34 58.94 30.83
N LYS B 1073 43.57 59.33 30.52
CA LYS B 1073 43.99 60.72 30.58
C LYS B 1073 44.62 61.13 29.25
N ASN B 1074 44.51 62.41 28.93
CA ASN B 1074 44.94 62.91 27.64
C ASN B 1074 46.44 63.18 27.66
N PHE B 1075 47.11 62.88 26.54
CA PHE B 1075 48.56 63.05 26.48
C PHE B 1075 48.98 63.36 25.06
N THR B 1076 49.93 64.28 24.92
CA THR B 1076 50.54 64.56 23.63
C THR B 1076 51.70 63.60 23.40
N THR B 1077 51.86 63.16 22.16
CA THR B 1077 52.86 62.13 21.85
C THR B 1077 53.63 62.52 20.60
N ALA B 1078 54.75 61.84 20.40
CA ALA B 1078 55.55 61.90 19.19
C ALA B 1078 56.19 60.53 18.98
N PRO B 1079 56.40 60.13 17.72
CA PRO B 1079 56.95 58.79 17.47
C PRO B 1079 58.30 58.55 18.11
N ALA B 1080 59.18 59.56 18.13
CA ALA B 1080 60.52 59.36 18.66
C ALA B 1080 61.06 60.69 19.16
N ILE B 1081 62.08 60.60 20.02
CA ILE B 1081 62.70 61.77 20.64
C ILE B 1081 64.02 62.06 19.95
N CYS B 1082 64.23 63.31 19.57
CA CYS B 1082 65.44 63.73 18.89
C CYS B 1082 66.43 64.33 19.88
N HIS B 1083 67.66 63.83 19.86
CA HIS B 1083 68.72 64.36 20.70
C HIS B 1083 70.07 63.96 20.10
N ASP B 1084 71.01 64.89 20.09
CA ASP B 1084 72.38 64.66 19.64
C ASP B 1084 72.44 64.19 18.20
N GLY B 1085 71.42 64.49 17.39
CA GLY B 1085 71.39 64.08 16.01
C GLY B 1085 71.03 62.64 15.76
N LYS B 1086 70.67 61.88 16.79
CA LYS B 1086 70.28 60.49 16.66
C LYS B 1086 68.87 60.31 17.21
N ALA B 1087 67.99 59.73 16.40
CA ALA B 1087 66.62 59.52 16.82
C ALA B 1087 66.56 58.41 17.86
N HIS B 1088 65.83 58.67 18.95
CA HIS B 1088 65.70 57.73 20.05
C HIS B 1088 64.28 57.18 20.08
N PHE B 1089 64.15 55.86 19.94
CA PHE B 1089 62.89 55.16 19.97
C PHE B 1089 62.72 54.44 21.32
N PRO B 1090 61.49 54.22 21.76
CA PRO B 1090 61.30 53.54 23.06
C PRO B 1090 61.50 52.05 22.94
N ARG B 1091 62.20 51.49 23.92
CA ARG B 1091 62.42 50.04 23.93
C ARG B 1091 61.11 49.29 24.06
N GLU B 1092 60.25 49.75 24.97
CA GLU B 1092 58.88 49.25 25.07
C GLU B 1092 58.04 50.35 25.72
N GLY B 1093 56.78 50.42 25.32
CA GLY B 1093 55.93 51.53 25.71
C GLY B 1093 56.02 52.68 24.74
N VAL B 1094 55.26 53.73 25.04
CA VAL B 1094 55.14 54.88 24.16
C VAL B 1094 55.74 56.10 24.85
N PHE B 1095 55.86 57.18 24.07
CA PHE B 1095 56.34 58.46 24.56
C PHE B 1095 55.14 59.36 24.80
N VAL B 1096 55.00 59.86 26.04
CA VAL B 1096 53.93 60.78 26.39
C VAL B 1096 54.54 62.04 26.96
N SER B 1097 53.76 63.12 26.91
CA SER B 1097 54.22 64.41 27.42
C SER B 1097 53.00 65.23 27.82
N ASN B 1098 53.20 66.12 28.78
CA ASN B 1098 52.17 67.03 29.26
C ASN B 1098 52.62 68.48 29.09
N GLY B 1099 53.18 68.80 27.93
CA GLY B 1099 53.55 70.16 27.61
C GLY B 1099 54.99 70.53 27.92
N THR B 1100 55.43 70.30 29.15
CA THR B 1100 56.75 70.75 29.58
C THR B 1100 57.82 69.67 29.55
N HIS B 1101 57.51 68.45 29.97
CA HIS B 1101 58.48 67.37 30.03
C HIS B 1101 57.99 66.21 29.18
N TRP B 1102 58.86 65.21 29.02
CA TRP B 1102 58.55 64.04 28.22
C TRP B 1102 58.95 62.79 29.00
N PHE B 1103 58.08 61.79 28.98
CA PHE B 1103 58.26 60.59 29.79
C PHE B 1103 57.99 59.34 28.95
N VAL B 1104 58.46 58.20 29.45
CA VAL B 1104 58.24 56.90 28.84
C VAL B 1104 57.37 56.10 29.78
N THR B 1105 56.23 55.62 29.28
CA THR B 1105 55.28 54.87 30.09
C THR B 1105 54.94 53.56 29.39
N GLN B 1106 54.56 52.56 30.19
CA GLN B 1106 54.02 51.34 29.61
C GLN B 1106 52.67 51.64 28.95
N ARG B 1107 52.37 50.87 27.91
CA ARG B 1107 51.29 51.23 27.01
C ARG B 1107 49.91 51.09 27.65
N ASN B 1108 49.78 50.36 28.75
CA ASN B 1108 48.47 50.05 29.32
C ASN B 1108 48.29 50.58 30.74
N PHE B 1109 49.24 51.36 31.25
CA PHE B 1109 49.12 51.96 32.58
C PHE B 1109 50.09 53.12 32.67
N TYR B 1110 49.57 54.32 32.91
CA TYR B 1110 50.41 55.52 32.90
C TYR B 1110 51.29 55.51 34.14
N GLU B 1111 52.55 55.10 33.96
CA GLU B 1111 53.57 55.14 35.01
C GLU B 1111 54.79 55.84 34.43
N PRO B 1112 54.79 57.17 34.43
CA PRO B 1112 55.86 57.90 33.72
C PRO B 1112 57.21 57.69 34.37
N GLN B 1113 58.24 57.63 33.52
CA GLN B 1113 59.63 57.58 33.96
C GLN B 1113 60.44 58.53 33.10
N ILE B 1114 61.56 59.00 33.66
CA ILE B 1114 62.46 59.86 32.90
C ILE B 1114 63.07 59.07 31.75
N ILE B 1115 63.41 59.77 30.67
CA ILE B 1115 63.88 59.10 29.45
C ILE B 1115 65.36 58.78 29.57
N THR B 1116 65.66 57.62 30.15
CA THR B 1116 67.03 57.15 30.24
C THR B 1116 67.42 56.39 28.97
N THR B 1117 68.73 56.28 28.75
CA THR B 1117 69.22 55.49 27.63
C THR B 1117 69.12 53.99 27.88
N ASP B 1118 68.82 53.58 29.10
CA ASP B 1118 68.70 52.15 29.39
C ASP B 1118 67.42 51.57 28.80
N ASN B 1119 66.32 52.33 28.84
CA ASN B 1119 65.05 51.89 28.28
C ASN B 1119 64.75 52.57 26.95
N THR B 1120 65.78 52.77 26.13
CA THR B 1120 65.62 53.43 24.85
C THR B 1120 66.73 52.97 23.92
N PHE B 1121 66.36 52.52 22.72
CA PHE B 1121 67.32 52.04 21.74
C PHE B 1121 67.36 52.99 20.55
N VAL B 1122 68.57 53.24 20.06
CA VAL B 1122 68.81 54.20 18.98
C VAL B 1122 68.83 53.47 17.64
N SER B 1123 68.16 54.03 16.65
CA SER B 1123 68.17 53.47 15.31
C SER B 1123 67.82 54.57 14.32
N GLY B 1124 68.56 54.62 13.21
CA GLY B 1124 68.28 55.57 12.16
C GLY B 1124 68.94 56.92 12.40
N ASN B 1125 68.82 57.77 11.38
CA ASN B 1125 69.38 59.11 11.42
C ASN B 1125 68.41 60.06 12.11
N CYS B 1126 68.64 61.37 11.95
CA CYS B 1126 67.86 62.36 12.68
C CYS B 1126 66.60 62.79 11.92
N ASP B 1127 66.75 63.26 10.69
CA ASP B 1127 65.66 63.89 9.97
C ASP B 1127 64.84 62.92 9.12
N VAL B 1128 65.21 61.65 9.04
CA VAL B 1128 64.47 60.73 8.18
C VAL B 1128 63.06 60.47 8.74
N VAL B 1129 62.91 60.48 10.06
CA VAL B 1129 61.62 60.18 10.66
C VAL B 1129 60.70 61.39 10.54
N ILE B 1130 59.39 61.12 10.56
CA ILE B 1130 58.37 62.14 10.48
C ILE B 1130 57.69 62.26 11.84
N GLY B 1131 57.46 63.50 12.28
CA GLY B 1131 56.90 63.73 13.59
C GLY B 1131 57.91 63.76 14.72
N ILE B 1132 59.19 63.93 14.42
CA ILE B 1132 60.21 63.96 15.45
C ILE B 1132 59.99 65.17 16.37
N VAL B 1133 60.56 65.08 17.57
CA VAL B 1133 60.45 66.15 18.55
C VAL B 1133 61.75 66.21 19.34
N ASN B 1134 62.11 67.42 19.79
CA ASN B 1134 63.37 67.64 20.48
C ASN B 1134 63.19 67.51 21.98
N ASN B 1135 64.08 66.77 22.62
CA ASN B 1135 64.12 66.67 24.07
C ASN B 1135 65.43 66.00 24.48
N THR B 1136 65.87 66.28 25.70
CA THR B 1136 67.08 65.66 26.22
C THR B 1136 66.84 64.18 26.50
N VAL B 1137 67.93 63.41 26.49
CA VAL B 1137 67.90 62.00 26.82
C VAL B 1137 68.85 61.78 27.99
N TYR B 1138 68.35 61.19 29.07
CA TYR B 1138 69.15 60.97 30.26
C TYR B 1138 70.10 59.81 30.05
N ASP B 1139 71.33 59.98 30.53
CA ASP B 1139 72.34 58.92 30.50
C ASP B 1139 72.72 58.58 31.93
N PRO B 1140 72.46 57.36 32.40
CA PRO B 1140 72.79 57.03 33.80
C PRO B 1140 74.28 57.06 34.11
N LEU B 1141 75.14 56.98 33.10
CA LEU B 1141 76.57 57.01 33.34
C LEU B 1141 77.07 58.42 33.64
N GLN B 1142 76.46 59.43 33.03
CA GLN B 1142 76.99 60.79 33.12
C GLN B 1142 77.06 61.35 34.54
N PRO B 1143 76.03 61.23 35.39
CA PRO B 1143 76.15 61.83 36.74
C PRO B 1143 77.28 61.24 37.57
N GLU B 1144 77.38 59.92 37.64
CA GLU B 1144 78.47 59.31 38.39
C GLU B 1144 79.81 59.57 37.72
N LEU B 1145 79.83 59.64 36.38
CA LEU B 1145 81.07 59.95 35.67
C LEU B 1145 81.58 61.33 36.05
N ASP B 1146 80.67 62.31 36.18
CA ASP B 1146 81.09 63.65 36.56
C ASP B 1146 81.44 63.72 38.04
N SER B 1147 80.70 62.99 38.88
CA SER B 1147 80.90 63.11 40.33
C SER B 1147 82.20 62.43 40.77
N PHE B 1148 82.46 61.22 40.27
CA PHE B 1148 83.61 60.44 40.73
C PHE B 1148 84.72 60.31 39.71
N LYS B 1149 84.41 60.32 38.42
CA LYS B 1149 85.41 60.22 37.36
C LYS B 1149 86.26 58.96 37.47
N GLN C 14 -13.99 13.70 -63.03
CA GLN C 14 -13.28 12.53 -63.52
C GLN C 14 -11.82 12.54 -63.06
N CYS C 15 -11.17 11.37 -63.13
CA CYS C 15 -9.78 11.22 -62.76
C CYS C 15 -8.98 10.90 -64.02
N VAL C 16 -7.91 11.66 -64.23
CA VAL C 16 -7.05 11.51 -65.40
C VAL C 16 -5.66 11.14 -64.94
N ASN C 17 -5.13 10.03 -65.46
CA ASN C 17 -3.78 9.58 -65.11
C ASN C 17 -2.76 10.45 -65.84
N LEU C 18 -1.98 11.20 -65.08
CA LEU C 18 -0.96 12.10 -65.64
C LEU C 18 0.33 11.88 -64.86
N THR C 19 1.14 10.93 -65.29
CA THR C 19 2.43 10.65 -64.69
C THR C 19 3.50 10.61 -65.77
N THR C 20 4.70 11.06 -65.41
CA THR C 20 5.83 11.12 -66.33
C THR C 20 6.67 9.86 -66.20
N ARG C 21 7.26 9.44 -67.32
CA ARG C 21 8.07 8.23 -67.34
C ARG C 21 9.30 8.37 -66.45
N THR C 22 9.92 9.54 -66.45
CA THR C 22 11.14 9.77 -65.67
C THR C 22 10.76 9.98 -64.21
N GLN C 23 11.29 9.12 -63.34
CA GLN C 23 11.06 9.21 -61.89
C GLN C 23 12.30 9.81 -61.24
N LEU C 24 12.15 10.99 -60.67
CA LEU C 24 13.30 11.67 -60.06
C LEU C 24 13.71 10.95 -58.78
N PRO C 25 15.00 10.67 -58.58
CA PRO C 25 15.43 10.02 -57.35
C PRO C 25 15.23 10.95 -56.17
N PRO C 26 14.97 10.39 -54.98
CA PRO C 26 14.75 11.24 -53.80
C PRO C 26 16.01 11.96 -53.34
N ALA C 27 15.97 13.29 -53.34
CA ALA C 27 17.08 14.09 -52.85
C ALA C 27 16.83 14.47 -51.39
N TYR C 28 17.86 14.39 -50.56
CA TYR C 28 17.75 14.59 -49.13
C TYR C 28 18.53 15.83 -48.72
N THR C 29 17.90 16.66 -47.89
CA THR C 29 18.53 17.86 -47.35
C THR C 29 18.24 17.92 -45.85
N ASN C 30 19.27 18.26 -45.08
CA ASN C 30 19.14 18.27 -43.63
C ASN C 30 18.42 19.53 -43.15
N SER C 31 17.61 19.36 -42.10
CA SER C 31 17.01 20.48 -41.40
C SER C 31 17.98 21.01 -40.36
N PHE C 32 18.08 22.33 -40.27
CA PHE C 32 19.02 22.96 -39.35
C PHE C 32 18.38 23.36 -38.02
N THR C 33 17.39 24.25 -38.06
CA THR C 33 16.82 24.77 -36.82
C THR C 33 15.30 24.87 -36.82
N ARG C 34 14.64 24.76 -37.96
CA ARG C 34 13.19 24.95 -38.02
C ARG C 34 12.47 23.81 -37.32
N GLY C 35 11.21 24.07 -36.95
CA GLY C 35 10.38 23.05 -36.35
C GLY C 35 10.19 23.22 -34.85
N VAL C 36 10.05 24.45 -34.39
CA VAL C 36 9.80 24.76 -32.98
C VAL C 36 8.47 25.48 -32.88
N TYR C 37 7.55 24.93 -32.10
CA TYR C 37 6.24 25.55 -31.90
C TYR C 37 5.85 25.46 -30.43
N TYR C 38 5.03 26.40 -29.98
CA TYR C 38 4.62 26.45 -28.58
C TYR C 38 3.83 25.21 -28.23
N PRO C 39 4.21 24.45 -27.19
CA PRO C 39 3.45 23.24 -26.85
C PRO C 39 2.02 23.52 -26.47
N ASP C 40 1.73 24.68 -25.87
CA ASP C 40 0.38 25.08 -25.51
C ASP C 40 0.24 26.57 -25.79
N LYS C 41 -0.86 27.15 -25.32
CA LYS C 41 -1.12 28.57 -25.49
C LYS C 41 -0.75 29.39 -24.27
N VAL C 42 -0.10 28.77 -23.28
CA VAL C 42 0.29 29.49 -22.07
C VAL C 42 1.36 30.53 -22.40
N PHE C 43 1.54 31.47 -21.49
CA PHE C 43 2.48 32.57 -21.66
C PHE C 43 3.53 32.51 -20.55
N ARG C 44 4.79 32.68 -20.93
CA ARG C 44 5.90 32.72 -19.98
C ARG C 44 6.79 33.90 -20.33
N SER C 45 7.48 34.43 -19.32
CA SER C 45 8.30 35.62 -19.47
C SER C 45 9.69 35.36 -18.94
N SER C 46 10.67 35.29 -19.85
CA SER C 46 12.08 35.09 -19.51
C SER C 46 12.27 33.86 -18.64
N VAL C 47 11.65 32.75 -19.05
CA VAL C 47 11.71 31.50 -18.32
C VAL C 47 12.22 30.41 -19.25
N LEU C 48 13.18 29.62 -18.77
CA LEU C 48 13.66 28.44 -19.48
C LEU C 48 12.82 27.25 -19.03
N HIS C 49 11.94 26.78 -19.92
CA HIS C 49 11.00 25.72 -19.59
C HIS C 49 11.24 24.52 -20.49
N SER C 50 11.30 23.34 -19.89
CA SER C 50 11.48 22.09 -20.61
C SER C 50 10.13 21.40 -20.79
N THR C 51 9.66 21.32 -22.02
CA THR C 51 8.36 20.74 -22.34
C THR C 51 8.57 19.43 -23.09
N GLN C 52 7.91 18.37 -22.61
CA GLN C 52 7.99 17.06 -23.23
C GLN C 52 6.78 16.87 -24.15
N ASP C 53 7.02 16.96 -25.46
CA ASP C 53 5.98 16.79 -26.46
C ASP C 53 6.65 16.32 -27.74
N LEU C 54 5.90 16.37 -28.86
CA LEU C 54 6.41 15.94 -30.17
C LEU C 54 7.05 17.08 -30.97
N PHE C 55 8.38 17.02 -31.13
CA PHE C 55 9.13 18.03 -31.84
C PHE C 55 9.96 17.38 -32.93
N LEU C 56 10.28 18.16 -33.95
CA LEU C 56 11.14 17.69 -35.03
C LEU C 56 12.60 17.73 -34.58
N PRO C 57 13.34 16.63 -34.68
CA PRO C 57 14.76 16.66 -34.36
C PRO C 57 15.46 17.80 -35.08
N PHE C 58 16.35 18.49 -34.36
CA PHE C 58 16.99 19.68 -34.89
C PHE C 58 17.81 19.36 -36.14
N PHE C 59 18.84 18.55 -35.98
CA PHE C 59 19.71 18.18 -37.10
C PHE C 59 19.22 16.86 -37.71
N SER C 60 18.06 16.95 -38.36
CA SER C 60 17.45 15.82 -39.03
C SER C 60 17.42 16.08 -40.54
N ASN C 61 17.43 15.00 -41.31
CA ASN C 61 17.53 15.07 -42.77
C ASN C 61 16.13 14.88 -43.37
N VAL C 62 15.47 16.00 -43.68
CA VAL C 62 14.15 15.96 -44.29
C VAL C 62 14.29 15.54 -45.75
N THR C 63 13.17 15.16 -46.36
CA THR C 63 13.17 14.68 -47.73
C THR C 63 12.65 15.76 -48.68
N TRP C 64 13.35 15.93 -49.79
CA TRP C 64 12.99 16.91 -50.81
C TRP C 64 12.33 16.19 -51.97
N PHE C 65 11.10 16.60 -52.30
CA PHE C 65 10.36 16.05 -53.42
C PHE C 65 10.12 17.13 -54.46
N HIS C 66 9.87 16.69 -55.70
CA HIS C 66 9.65 17.59 -56.83
C HIS C 66 8.30 17.23 -57.46
N ALA C 67 7.27 18.01 -57.14
CA ALA C 67 5.97 17.79 -57.75
C ALA C 67 6.01 18.11 -59.24
N ILE C 68 6.58 19.24 -59.60
CA ILE C 68 6.75 19.64 -61.00
C ILE C 68 8.21 20.04 -61.20
N HIS C 69 8.86 19.43 -62.18
CA HIS C 69 10.25 19.73 -62.51
C HIS C 69 10.33 20.05 -64.00
N VAL C 70 10.97 21.17 -64.33
CA VAL C 70 11.04 21.61 -65.72
C VAL C 70 12.19 20.92 -66.45
N SER C 71 13.37 20.84 -65.81
CA SER C 71 14.55 20.21 -66.40
C SER C 71 14.90 20.84 -67.74
N GLY C 72 14.94 22.17 -67.76
CA GLY C 72 15.29 22.91 -68.96
C GLY C 72 14.10 23.20 -69.86
N THR C 73 14.34 24.04 -70.85
CA THR C 73 13.28 24.43 -71.79
C THR C 73 12.83 23.24 -72.64
N ASN C 74 13.78 22.43 -73.10
CA ASN C 74 13.42 21.27 -73.92
C ASN C 74 12.56 20.28 -73.16
N GLY C 75 12.90 20.01 -71.90
CA GLY C 75 12.10 19.12 -71.08
C GLY C 75 10.77 19.77 -70.74
N THR C 76 9.67 19.15 -71.18
CA THR C 76 8.35 19.72 -70.94
C THR C 76 8.04 19.79 -69.46
N LYS C 77 8.17 18.66 -68.76
CA LYS C 77 7.90 18.59 -67.34
C LYS C 77 8.39 17.25 -66.82
N ARG C 78 8.44 17.13 -65.48
CA ARG C 78 8.76 15.87 -64.80
C ARG C 78 7.88 15.81 -63.55
N PHE C 79 6.72 15.18 -63.69
CA PHE C 79 5.74 15.12 -62.60
C PHE C 79 6.10 14.00 -61.63
N ASP C 80 6.08 14.32 -60.34
CA ASP C 80 6.30 13.32 -59.29
C ASP C 80 5.54 13.78 -58.05
N ASN C 81 4.33 13.25 -57.86
CA ASN C 81 3.54 13.56 -56.69
C ASN C 81 3.49 12.34 -55.79
N PRO C 82 4.19 12.35 -54.66
CA PRO C 82 4.26 11.15 -53.81
C PRO C 82 3.20 11.16 -52.71
N VAL C 83 3.02 9.98 -52.11
CA VAL C 83 2.16 9.79 -50.95
C VAL C 83 3.03 9.28 -49.81
N LEU C 84 2.94 9.94 -48.66
CA LEU C 84 3.85 9.65 -47.56
C LEU C 84 3.09 9.25 -46.30
N PRO C 85 3.66 8.37 -45.48
CA PRO C 85 3.03 8.01 -44.21
C PRO C 85 3.00 9.21 -43.26
N PHE C 86 2.03 9.17 -42.35
CA PHE C 86 1.80 10.26 -41.40
C PHE C 86 2.60 10.09 -40.12
N ASN C 87 2.62 8.88 -39.57
CA ASN C 87 3.27 8.58 -38.28
C ASN C 87 2.61 9.45 -37.20
N ASP C 88 3.38 10.03 -36.29
CA ASP C 88 2.82 10.84 -35.22
C ASP C 88 2.78 12.33 -35.54
N GLY C 89 3.33 12.74 -36.68
CA GLY C 89 3.33 14.14 -37.05
C GLY C 89 4.00 14.34 -38.38
N VAL C 90 3.73 15.51 -38.96
CA VAL C 90 4.26 15.86 -40.28
C VAL C 90 4.71 17.31 -40.25
N TYR C 91 5.89 17.58 -40.77
CA TYR C 91 6.42 18.93 -40.93
C TYR C 91 6.41 19.29 -42.41
N PHE C 92 5.81 20.43 -42.73
CA PHE C 92 5.63 20.85 -44.12
C PHE C 92 6.08 22.29 -44.29
N ALA C 93 6.80 22.55 -45.37
CA ALA C 93 7.25 23.90 -45.68
C ALA C 93 7.43 24.02 -47.19
N SER C 94 7.42 25.26 -47.68
CA SER C 94 7.57 25.52 -49.10
C SER C 94 7.90 26.99 -49.31
N THR C 95 8.69 27.25 -50.37
CA THR C 95 9.01 28.62 -50.78
C THR C 95 8.42 28.95 -52.14
N GLU C 96 7.33 28.29 -52.51
CA GLU C 96 6.73 28.49 -53.83
C GLU C 96 6.13 29.88 -53.95
N LYS C 97 6.28 30.48 -55.12
CA LYS C 97 5.70 31.78 -55.43
C LYS C 97 4.47 31.68 -56.31
N SER C 98 4.22 30.53 -56.94
CA SER C 98 3.08 30.35 -57.82
C SER C 98 1.87 29.76 -57.10
N ASN C 99 1.97 29.50 -55.79
CA ASN C 99 0.88 28.94 -55.00
C ASN C 99 0.37 27.62 -55.59
N ILE C 100 1.30 26.75 -55.97
CA ILE C 100 0.92 25.48 -56.59
C ILE C 100 0.28 24.57 -55.56
N ILE C 101 0.84 24.50 -54.36
CA ILE C 101 0.34 23.61 -53.30
C ILE C 101 -0.90 24.28 -52.72
N ARG C 102 -2.08 23.88 -53.19
CA ARG C 102 -3.31 24.52 -52.76
C ARG C 102 -3.76 24.04 -51.38
N GLY C 103 -3.58 22.77 -51.08
CA GLY C 103 -4.06 22.26 -49.81
C GLY C 103 -3.45 20.92 -49.47
N TRP C 104 -4.04 20.29 -48.46
CA TRP C 104 -3.57 19.01 -47.95
C TRP C 104 -4.76 18.09 -47.74
N ILE C 105 -4.49 16.78 -47.77
CA ILE C 105 -5.51 15.78 -47.50
C ILE C 105 -4.99 14.84 -46.40
N PHE C 106 -5.93 14.23 -45.68
CA PHE C 106 -5.58 13.33 -44.59
C PHE C 106 -6.64 12.25 -44.49
N GLY C 107 -6.21 11.00 -44.45
CA GLY C 107 -7.14 9.90 -44.38
C GLY C 107 -6.43 8.58 -44.24
N THR C 108 -7.18 7.50 -44.47
CA THR C 108 -6.65 6.15 -44.39
C THR C 108 -6.90 5.34 -45.65
N THR C 109 -8.04 5.51 -46.30
CA THR C 109 -8.37 4.77 -47.52
C THR C 109 -8.47 5.65 -48.75
N LEU C 110 -8.69 6.95 -48.60
CA LEU C 110 -8.74 7.91 -49.72
C LEU C 110 -9.82 7.53 -50.74
N ASP C 111 -10.96 7.08 -50.23
CA ASP C 111 -12.10 6.78 -51.10
C ASP C 111 -13.39 7.02 -50.30
N SER C 112 -14.50 6.51 -50.82
CA SER C 112 -15.79 6.67 -50.16
C SER C 112 -16.03 5.66 -49.05
N LYS C 113 -15.12 4.71 -48.85
CA LYS C 113 -15.31 3.70 -47.82
C LYS C 113 -15.32 4.32 -46.44
N THR C 114 -14.40 5.26 -46.19
CA THR C 114 -14.30 5.92 -44.89
C THR C 114 -14.25 7.42 -45.09
N GLN C 115 -14.63 8.14 -44.03
CA GLN C 115 -14.59 9.60 -44.08
C GLN C 115 -13.15 10.10 -44.18
N SER C 116 -12.96 11.16 -44.95
CA SER C 116 -11.63 11.72 -45.19
C SER C 116 -11.65 13.21 -44.95
N LEU C 117 -10.52 13.74 -44.47
CA LEU C 117 -10.36 15.16 -44.21
C LEU C 117 -9.66 15.80 -45.40
N LEU C 118 -10.39 16.65 -46.11
CA LEU C 118 -9.87 17.34 -47.29
C LEU C 118 -9.77 18.83 -46.99
N ILE C 119 -8.61 19.41 -47.26
CA ILE C 119 -8.36 20.83 -47.03
C ILE C 119 -8.04 21.46 -48.38
N VAL C 120 -8.81 22.48 -48.75
CA VAL C 120 -8.62 23.21 -50.00
C VAL C 120 -8.77 24.69 -49.73
N ASN C 121 -7.93 25.50 -50.39
CA ASN C 121 -7.93 26.94 -50.19
C ASN C 121 -7.97 27.63 -51.54
N ASN C 122 -8.59 28.81 -51.57
CA ASN C 122 -8.65 29.64 -52.76
C ASN C 122 -8.43 31.09 -52.34
N ALA C 123 -8.69 32.02 -53.27
CA ALA C 123 -8.45 33.43 -53.01
C ALA C 123 -9.51 34.06 -52.12
N THR C 124 -10.60 33.35 -51.81
CA THR C 124 -11.69 33.92 -51.03
C THR C 124 -11.68 33.44 -49.58
N ASN C 125 -11.70 32.13 -49.36
CA ASN C 125 -11.79 31.57 -48.03
C ASN C 125 -11.08 30.22 -48.00
N VAL C 126 -11.34 29.44 -46.96
CA VAL C 126 -10.81 28.09 -46.81
C VAL C 126 -11.98 27.14 -46.62
N VAL C 127 -12.01 26.07 -47.40
CA VAL C 127 -13.05 25.04 -47.30
C VAL C 127 -12.41 23.80 -46.70
N ILE C 128 -12.88 23.41 -45.52
CA ILE C 128 -12.39 22.22 -44.82
C ILE C 128 -13.59 21.35 -44.50
N LYS C 129 -13.58 20.12 -44.99
CA LYS C 129 -14.69 19.19 -44.79
C LYS C 129 -14.15 17.82 -44.41
N VAL C 130 -14.98 17.07 -43.71
CA VAL C 130 -14.68 15.68 -43.34
C VAL C 130 -15.80 14.84 -43.95
N CYS C 131 -15.58 14.34 -45.16
CA CYS C 131 -16.58 13.57 -45.89
C CYS C 131 -15.92 12.37 -46.52
N GLU C 132 -16.73 11.54 -47.19
CA GLU C 132 -16.24 10.35 -47.90
C GLU C 132 -15.84 10.73 -49.33
N PHE C 133 -14.82 11.59 -49.41
CA PHE C 133 -14.34 12.05 -50.71
C PHE C 133 -13.74 10.90 -51.50
N GLN C 134 -13.99 10.89 -52.81
CA GLN C 134 -13.47 9.86 -53.71
C GLN C 134 -12.18 10.39 -54.34
N PHE C 135 -11.10 10.30 -53.57
CA PHE C 135 -9.81 10.77 -54.05
C PHE C 135 -9.32 9.90 -55.21
N CYS C 136 -8.82 10.55 -56.25
CA CYS C 136 -8.27 9.85 -57.39
C CYS C 136 -6.83 9.42 -57.10
N ASN C 137 -6.32 8.51 -57.94
CA ASN C 137 -4.93 8.09 -57.81
C ASN C 137 -3.97 9.23 -58.16
N ASP C 138 -4.41 10.15 -59.01
CA ASP C 138 -3.62 11.33 -59.37
C ASP C 138 -4.49 12.56 -59.19
N PRO C 139 -4.75 12.96 -57.94
CA PRO C 139 -5.64 14.11 -57.70
C PRO C 139 -4.87 15.43 -57.78
N PHE C 140 -5.46 16.39 -58.48
CA PHE C 140 -4.87 17.71 -58.62
C PHE C 140 -5.97 18.71 -58.93
N LEU C 141 -5.68 19.99 -58.66
CA LEU C 141 -6.64 21.06 -58.90
C LEU C 141 -6.54 21.49 -60.35
N GLY C 142 -7.58 21.22 -61.14
CA GLY C 142 -7.60 21.63 -62.52
C GLY C 142 -8.29 22.96 -62.73
N VAL C 143 -7.51 24.00 -63.00
CA VAL C 143 -8.04 25.34 -63.23
C VAL C 143 -8.15 25.57 -64.72
N TYR C 144 -9.08 26.44 -65.11
CA TYR C 144 -9.29 26.75 -66.51
C TYR C 144 -9.68 28.22 -66.64
N TYR C 145 -9.51 28.75 -67.85
CA TYR C 145 -9.76 30.15 -68.15
C TYR C 145 -11.09 30.30 -68.86
N HIS C 146 -11.94 31.19 -68.33
CA HIS C 146 -13.24 31.45 -68.93
C HIS C 146 -13.09 32.59 -69.93
N LYS C 147 -13.22 32.27 -71.22
CA LYS C 147 -13.04 33.29 -72.25
C LYS C 147 -14.11 34.37 -72.17
N ASN C 148 -15.37 33.96 -71.92
CA ASN C 148 -16.44 34.94 -71.81
C ASN C 148 -16.25 35.84 -70.59
N ASN C 149 -15.86 35.27 -69.45
CA ASN C 149 -15.66 36.04 -68.23
C ASN C 149 -14.29 36.69 -68.16
N LYS C 150 -13.36 36.34 -69.06
CA LYS C 150 -12.01 36.90 -69.06
C LYS C 150 -11.32 36.69 -67.71
N SER C 151 -11.47 35.51 -67.14
CA SER C 151 -10.89 35.20 -65.84
C SER C 151 -10.63 33.71 -65.75
N TRP C 152 -9.79 33.32 -64.79
CA TRP C 152 -9.41 31.93 -64.57
C TRP C 152 -10.28 31.34 -63.47
N MET C 153 -10.89 30.20 -63.75
CA MET C 153 -11.83 29.55 -62.84
C MET C 153 -11.23 28.23 -62.41
N GLU C 154 -11.17 27.99 -61.10
CA GLU C 154 -10.44 26.85 -60.54
C GLU C 154 -11.42 25.76 -60.12
N SER C 155 -11.36 24.62 -60.80
CA SER C 155 -12.30 23.53 -60.57
C SER C 155 -11.65 22.46 -59.71
N GLU C 156 -12.32 22.08 -58.63
CA GLU C 156 -11.83 21.05 -57.71
C GLU C 156 -12.38 19.67 -58.01
N PHE C 157 -13.16 19.52 -59.09
CA PHE C 157 -13.76 18.22 -59.41
C PHE C 157 -12.72 17.18 -59.77
N ARG C 158 -11.53 17.59 -60.20
CA ARG C 158 -10.49 16.62 -60.56
C ARG C 158 -9.95 15.90 -59.33
N VAL C 159 -9.88 16.58 -58.19
CA VAL C 159 -9.32 15.96 -56.98
C VAL C 159 -10.20 14.82 -56.49
N TYR C 160 -11.50 15.07 -56.39
CA TYR C 160 -12.44 14.10 -55.84
C TYR C 160 -13.62 13.93 -56.80
N SER C 161 -14.04 12.68 -56.97
CA SER C 161 -15.15 12.37 -57.86
C SER C 161 -16.51 12.49 -57.17
N SER C 162 -16.59 12.08 -55.90
CA SER C 162 -17.84 12.14 -55.15
C SER C 162 -17.53 12.45 -53.69
N ALA C 163 -18.54 12.96 -53.00
CA ALA C 163 -18.44 13.29 -51.58
C ALA C 163 -19.72 12.88 -50.86
N ASN C 164 -19.57 12.31 -49.67
CA ASN C 164 -20.71 11.87 -48.88
C ASN C 164 -20.34 11.88 -47.40
N ASN C 165 -21.37 11.92 -46.57
CA ASN C 165 -21.23 11.85 -45.11
C ASN C 165 -20.31 12.96 -44.58
N CYS C 166 -20.75 14.20 -44.80
CA CYS C 166 -20.02 15.37 -44.32
C CYS C 166 -20.44 15.67 -42.88
N THR C 167 -19.44 15.87 -42.01
CA THR C 167 -19.70 16.11 -40.60
C THR C 167 -19.09 17.40 -40.04
N PHE C 168 -17.97 17.87 -40.58
CA PHE C 168 -17.30 19.05 -40.06
C PHE C 168 -17.08 20.06 -41.17
N GLU C 169 -17.40 21.32 -40.89
CA GLU C 169 -17.22 22.41 -41.84
C GLU C 169 -16.56 23.57 -41.13
N TYR C 170 -15.42 24.02 -41.64
CA TYR C 170 -14.69 25.14 -41.06
C TYR C 170 -14.26 26.08 -42.18
N VAL C 171 -14.50 27.37 -42.00
CA VAL C 171 -14.17 28.38 -42.99
C VAL C 171 -13.49 29.55 -42.30
N SER C 172 -12.45 30.09 -42.95
CA SER C 172 -11.71 31.21 -42.40
C SER C 172 -10.99 31.94 -43.52
N GLN C 173 -10.41 33.07 -43.17
CA GLN C 173 -9.65 33.87 -44.14
C GLN C 173 -8.44 33.06 -44.61
N PRO C 174 -8.19 32.98 -45.91
CA PRO C 174 -7.22 32.00 -46.43
C PRO C 174 -5.78 32.38 -46.08
N PHE C 175 -5.03 31.39 -45.59
CA PHE C 175 -3.64 31.58 -45.19
C PHE C 175 -2.67 31.40 -46.36
N LEU C 176 -3.14 31.58 -47.59
CA LEU C 176 -2.27 31.54 -48.76
C LEU C 176 -1.51 32.84 -48.97
N MET C 177 -1.82 33.88 -48.21
CA MET C 177 -1.17 35.18 -48.32
C MET C 177 0.01 35.28 -47.38
N ASP C 178 0.86 36.28 -47.62
CA ASP C 178 2.06 36.47 -46.83
C ASP C 178 2.12 37.89 -46.26
N ASN C 185 16.67 38.62 -53.61
CA ASN C 185 15.56 37.71 -53.86
C ASN C 185 14.35 38.06 -53.00
N PHE C 186 14.57 38.12 -51.68
CA PHE C 186 13.52 38.43 -50.72
C PHE C 186 12.34 37.48 -50.85
N LYS C 187 12.63 36.20 -51.08
CA LYS C 187 11.59 35.20 -51.23
C LYS C 187 10.95 34.89 -49.88
N ASN C 188 9.77 34.27 -49.94
CA ASN C 188 8.98 33.97 -48.75
C ASN C 188 8.93 32.46 -48.52
N LEU C 189 8.99 32.07 -47.25
CA LEU C 189 8.92 30.66 -46.86
C LEU C 189 7.88 30.50 -45.76
N ARG C 190 6.99 29.53 -45.92
CA ARG C 190 5.97 29.22 -44.94
C ARG C 190 6.25 27.83 -44.36
N GLU C 191 6.05 27.69 -43.04
CA GLU C 191 6.31 26.45 -42.34
C GLU C 191 5.04 25.98 -41.65
N PHE C 192 4.72 24.69 -41.78
CA PHE C 192 3.52 24.12 -41.21
C PHE C 192 3.87 22.90 -40.37
N VAL C 193 3.07 22.67 -39.34
CA VAL C 193 3.19 21.50 -38.48
C VAL C 193 1.81 20.91 -38.26
N PHE C 194 1.67 19.60 -38.49
CA PHE C 194 0.41 18.91 -38.34
C PHE C 194 0.54 17.85 -37.25
N LYS C 195 -0.45 17.82 -36.34
CA LYS C 195 -0.43 16.90 -35.21
C LYS C 195 -1.83 16.34 -35.01
N ASN C 196 -1.90 15.08 -34.57
CA ASN C 196 -3.17 14.38 -34.37
C ASN C 196 -3.09 13.71 -33.00
N ILE C 197 -3.71 14.34 -31.99
CA ILE C 197 -3.74 13.81 -30.63
C ILE C 197 -5.11 14.09 -30.02
N ASP C 198 -5.63 13.12 -29.27
CA ASP C 198 -6.87 13.27 -28.51
C ASP C 198 -8.04 13.71 -29.40
N GLY C 199 -8.07 13.18 -30.62
CA GLY C 199 -9.13 13.56 -31.54
C GLY C 199 -9.08 15.02 -31.97
N TYR C 200 -7.88 15.56 -32.11
CA TYR C 200 -7.68 16.94 -32.55
C TYR C 200 -6.71 16.97 -33.71
N PHE C 201 -6.81 18.00 -34.53
CA PHE C 201 -5.92 18.22 -35.67
C PHE C 201 -5.39 19.65 -35.57
N LYS C 202 -4.32 19.84 -34.80
CA LYS C 202 -3.77 21.17 -34.57
C LYS C 202 -2.87 21.56 -35.73
N ILE C 203 -3.07 22.76 -36.26
CA ILE C 203 -2.31 23.26 -37.39
C ILE C 203 -1.60 24.54 -36.96
N TYR C 204 -0.28 24.55 -37.04
CA TYR C 204 0.54 25.71 -36.75
C TYR C 204 1.23 26.18 -38.02
N SER C 205 1.23 27.49 -38.26
CA SER C 205 1.81 28.06 -39.47
C SER C 205 2.55 29.34 -39.13
N LYS C 206 3.44 29.73 -40.04
CA LYS C 206 4.22 30.95 -39.86
C LYS C 206 4.84 31.39 -41.19
N HIS C 207 4.64 32.65 -41.55
CA HIS C 207 5.25 33.22 -42.75
C HIS C 207 6.63 33.75 -42.41
N THR C 208 7.62 33.38 -43.21
CA THR C 208 8.99 33.78 -42.94
C THR C 208 9.73 34.12 -44.23
N PRO C 209 10.02 35.39 -44.48
CA PRO C 209 10.81 35.75 -45.67
C PRO C 209 12.22 35.22 -45.57
N ILE C 210 12.81 34.91 -46.73
CA ILE C 210 14.17 34.41 -46.82
C ILE C 210 14.94 35.25 -47.84
N ASN C 211 16.26 35.28 -47.67
CA ASN C 211 17.12 36.02 -48.59
C ASN C 211 18.43 35.29 -48.92
N LEU C 212 18.61 34.06 -48.45
CA LEU C 212 19.84 33.31 -48.72
C LEU C 212 19.65 32.38 -49.91
N VAL C 213 20.77 31.82 -50.38
CA VAL C 213 20.72 30.88 -51.50
C VAL C 213 19.94 29.64 -51.12
N ARG C 214 20.22 29.09 -49.93
CA ARG C 214 19.47 27.96 -49.43
C ARG C 214 18.04 28.39 -49.10
N ASP C 215 17.07 27.56 -49.49
CA ASP C 215 15.67 27.88 -49.21
C ASP C 215 15.41 27.89 -47.71
N LEU C 216 15.94 26.92 -46.98
CA LEU C 216 15.83 26.93 -45.53
C LEU C 216 16.90 27.84 -44.95
N PRO C 217 16.54 28.86 -44.18
CA PRO C 217 17.56 29.73 -43.57
C PRO C 217 18.27 29.04 -42.43
N GLN C 218 19.16 29.77 -41.73
CA GLN C 218 19.86 29.18 -40.60
C GLN C 218 18.88 28.78 -39.49
N GLY C 219 17.88 29.62 -39.24
CA GLY C 219 16.87 29.30 -38.24
C GLY C 219 16.41 30.48 -37.41
N PHE C 220 16.48 30.33 -36.09
CA PHE C 220 16.04 31.36 -35.14
C PHE C 220 14.58 31.74 -35.37
N SER C 221 13.74 30.75 -35.67
CA SER C 221 12.33 30.98 -35.97
C SER C 221 11.47 30.02 -35.17
N ALA C 222 10.24 30.45 -34.87
CA ALA C 222 9.26 29.65 -34.15
C ALA C 222 8.00 29.51 -34.99
N LEU C 223 7.00 28.82 -34.42
CA LEU C 223 5.73 28.59 -35.09
C LEU C 223 4.60 28.99 -34.16
N GLU C 224 3.74 29.89 -34.62
CA GLU C 224 2.59 30.42 -33.88
C GLU C 224 1.31 29.75 -34.35
N PRO C 225 0.47 29.29 -33.41
CA PRO C 225 -0.80 28.65 -33.80
C PRO C 225 -1.67 29.59 -34.60
N LEU C 226 -2.33 29.04 -35.62
CA LEU C 226 -3.21 29.81 -36.48
C LEU C 226 -4.66 29.32 -36.44
N VAL C 227 -4.89 28.03 -36.64
CA VAL C 227 -6.23 27.46 -36.63
C VAL C 227 -6.22 26.18 -35.81
N ASP C 228 -7.41 25.76 -35.37
CA ASP C 228 -7.59 24.53 -34.63
C ASP C 228 -8.79 23.79 -35.19
N LEU C 229 -8.66 22.47 -35.32
CA LEU C 229 -9.70 21.63 -35.90
C LEU C 229 -9.93 20.40 -35.02
N PRO C 230 -10.98 20.42 -34.18
CA PRO C 230 -11.25 19.31 -33.25
C PRO C 230 -12.15 18.21 -33.83
N ILE C 231 -11.57 17.39 -34.71
CA ILE C 231 -12.27 16.24 -35.27
C ILE C 231 -11.45 14.99 -34.98
N GLY C 232 -12.11 13.96 -34.47
CA GLY C 232 -11.44 12.71 -34.17
C GLY C 232 -11.49 11.71 -35.31
N ILE C 233 -10.43 11.63 -36.10
CA ILE C 233 -10.35 10.71 -37.23
C ILE C 233 -8.93 10.19 -37.31
N ASN C 234 -8.77 8.86 -37.31
CA ASN C 234 -7.46 8.25 -37.37
C ASN C 234 -6.86 8.43 -38.77
N ILE C 235 -5.62 8.89 -38.82
CA ILE C 235 -4.93 9.16 -40.07
C ILE C 235 -3.61 8.40 -40.07
N THR C 236 -3.27 7.82 -41.23
CA THR C 236 -2.00 7.12 -41.40
C THR C 236 -1.21 7.60 -42.60
N ARG C 237 -1.81 8.36 -43.52
CA ARG C 237 -1.11 8.89 -44.68
C ARG C 237 -1.66 10.26 -45.01
N PHE C 238 -0.84 11.06 -45.67
CA PHE C 238 -1.24 12.38 -46.14
C PHE C 238 -0.75 12.55 -47.56
N GLN C 239 -1.45 13.38 -48.33
CA GLN C 239 -1.10 13.66 -49.71
C GLN C 239 -1.35 15.12 -50.00
N THR C 240 -0.38 15.77 -50.64
CA THR C 240 -0.52 17.18 -51.01
C THR C 240 -1.41 17.32 -52.24
N LEU C 241 -1.72 18.58 -52.56
CA LEU C 241 -2.54 18.91 -53.72
C LEU C 241 -1.84 19.97 -54.53
N LEU C 242 -1.82 19.80 -55.85
CA LEU C 242 -1.14 20.71 -56.75
C LEU C 242 -2.12 21.19 -57.82
N ALA C 243 -1.92 22.42 -58.28
CA ALA C 243 -2.77 23.03 -59.29
C ALA C 243 -1.97 23.28 -60.56
N LEU C 244 -2.46 22.74 -61.68
CA LEU C 244 -1.82 22.92 -62.98
C LEU C 244 -2.75 23.74 -63.87
N HIS C 245 -2.22 24.83 -64.42
CA HIS C 245 -3.02 25.69 -65.27
C HIS C 245 -3.30 25.03 -66.62
N ARG C 246 -4.51 25.24 -67.13
CA ARG C 246 -4.89 24.67 -68.41
C ARG C 246 -4.06 25.27 -69.54
N SER C 247 -3.58 24.41 -70.43
CA SER C 247 -2.76 24.81 -71.56
C SER C 247 -3.59 24.68 -72.83
N TYR C 248 -3.81 25.81 -73.51
CA TYR C 248 -4.54 25.82 -74.78
C TYR C 248 -3.57 25.40 -75.87
N LEU C 249 -3.75 24.19 -76.39
CA LEU C 249 -2.81 23.60 -77.34
C LEU C 249 -3.29 23.82 -78.77
N THR C 250 -2.38 24.28 -79.63
CA THR C 250 -2.68 24.42 -81.03
C THR C 250 -2.85 23.05 -81.68
N PRO C 251 -3.56 22.98 -82.81
CA PRO C 251 -3.74 21.69 -83.49
C PRO C 251 -2.40 21.08 -83.87
N GLY C 252 -2.34 19.75 -83.79
CA GLY C 252 -1.10 19.03 -84.05
C GLY C 252 -0.02 19.27 -83.02
N ASP C 253 -0.37 19.27 -81.73
CA ASP C 253 0.57 19.47 -80.65
C ASP C 253 0.61 18.22 -79.77
N SER C 254 1.81 17.81 -79.39
CA SER C 254 2.01 16.65 -78.53
C SER C 254 2.25 17.04 -77.07
N SER C 255 2.08 18.31 -76.73
CA SER C 255 2.33 18.76 -75.37
C SER C 255 1.21 18.29 -74.44
N SER C 256 1.49 18.37 -73.14
CA SER C 256 0.52 17.95 -72.13
C SER C 256 -0.63 18.96 -72.06
N GLY C 257 -1.78 18.47 -71.59
CA GLY C 257 -2.97 19.30 -71.51
C GLY C 257 -2.94 20.33 -70.40
N TRP C 258 -2.02 20.21 -69.45
CA TRP C 258 -1.90 21.16 -68.35
C TRP C 258 -0.43 21.55 -68.18
N THR C 259 -0.17 22.84 -68.09
CA THR C 259 1.18 23.36 -67.90
C THR C 259 1.20 24.30 -66.71
N ALA C 260 2.24 24.19 -65.89
CA ALA C 260 2.37 25.02 -64.71
C ALA C 260 3.83 25.11 -64.32
N GLY C 261 4.14 26.06 -63.43
CA GLY C 261 5.50 26.24 -62.98
C GLY C 261 5.96 25.12 -62.05
N ALA C 262 7.27 25.10 -61.81
CA ALA C 262 7.86 24.09 -60.95
C ALA C 262 7.40 24.28 -59.51
N ALA C 263 7.20 23.17 -58.81
CA ALA C 263 6.77 23.17 -57.42
C ALA C 263 7.63 22.22 -56.60
N ALA C 264 7.85 22.59 -55.34
CA ALA C 264 8.64 21.78 -54.43
C ALA C 264 8.23 22.11 -53.01
N TYR C 265 8.53 21.18 -52.11
CA TYR C 265 8.21 21.34 -50.69
C TYR C 265 9.11 20.42 -49.88
N TYR C 266 9.16 20.68 -48.57
CA TYR C 266 10.00 19.90 -47.65
C TYR C 266 9.09 19.13 -46.70
N VAL C 267 9.46 17.88 -46.44
CA VAL C 267 8.68 17.00 -45.56
C VAL C 267 9.60 16.45 -44.49
N GLY C 268 9.21 16.66 -43.23
CA GLY C 268 9.90 16.06 -42.10
C GLY C 268 9.06 14.96 -41.46
N TYR C 269 9.52 14.53 -40.29
CA TYR C 269 8.82 13.50 -39.53
C TYR C 269 8.97 13.79 -38.05
N LEU C 270 7.85 14.07 -37.39
CA LEU C 270 7.86 14.37 -35.96
C LEU C 270 8.16 13.11 -35.16
N GLN C 271 8.95 13.26 -34.10
CA GLN C 271 9.26 12.17 -33.20
C GLN C 271 9.14 12.65 -31.76
N PRO C 272 8.79 11.76 -30.82
CA PRO C 272 8.68 12.18 -29.42
C PRO C 272 10.05 12.45 -28.82
N ARG C 273 10.28 13.68 -28.40
CA ARG C 273 11.56 14.10 -27.83
C ARG C 273 11.29 14.90 -26.56
N THR C 274 12.37 15.43 -25.98
CA THR C 274 12.30 16.38 -24.89
C THR C 274 13.03 17.64 -25.31
N PHE C 275 12.38 18.79 -25.14
CA PHE C 275 12.89 20.05 -25.65
C PHE C 275 12.95 21.08 -24.55
N LEU C 276 13.85 22.05 -24.73
CA LEU C 276 13.97 23.20 -23.85
C LEU C 276 13.80 24.46 -24.68
N LEU C 277 12.85 25.30 -24.28
CA LEU C 277 12.53 26.51 -25.02
C LEU C 277 12.87 27.74 -24.18
N LYS C 278 13.37 28.77 -24.83
CA LYS C 278 13.77 30.01 -24.17
C LYS C 278 12.76 31.09 -24.51
N TYR C 279 12.08 31.60 -23.48
CA TYR C 279 11.13 32.70 -23.63
C TYR C 279 11.81 34.01 -23.28
N ASN C 280 11.25 35.10 -23.81
CA ASN C 280 11.71 36.44 -23.52
C ASN C 280 10.67 37.18 -22.67
N GLU C 281 10.95 38.45 -22.40
CA GLU C 281 10.01 39.26 -21.62
C GLU C 281 8.69 39.45 -22.36
N ASN C 282 8.77 39.68 -23.68
CA ASN C 282 7.56 39.86 -24.47
C ASN C 282 6.72 38.58 -24.51
N GLY C 283 7.38 37.43 -24.65
CA GLY C 283 6.67 36.16 -24.67
C GLY C 283 6.84 35.40 -25.97
N THR C 284 7.94 35.65 -26.68
CA THR C 284 8.22 35.00 -27.95
C THR C 284 9.48 34.15 -27.80
N ILE C 285 9.41 32.91 -28.30
CA ILE C 285 10.58 32.03 -28.24
C ILE C 285 11.65 32.57 -29.17
N THR C 286 12.87 32.70 -28.64
CA THR C 286 14.00 33.21 -29.41
C THR C 286 14.89 32.07 -29.92
N ASP C 287 15.39 31.23 -29.02
CA ASP C 287 16.23 30.10 -29.39
C ASP C 287 15.78 28.88 -28.61
N ALA C 288 16.05 27.70 -29.18
CA ALA C 288 15.70 26.44 -28.55
C ALA C 288 16.92 25.51 -28.58
N VAL C 289 17.06 24.73 -27.52
CA VAL C 289 18.17 23.78 -27.39
C VAL C 289 17.59 22.40 -27.20
N ASP C 290 18.01 21.45 -28.04
CA ASP C 290 17.54 20.09 -27.93
C ASP C 290 18.22 19.39 -26.75
N CYS C 291 17.66 18.23 -26.38
CA CYS C 291 18.20 17.43 -25.28
C CYS C 291 18.78 16.12 -25.77
N ALA C 292 18.81 15.87 -27.07
CA ALA C 292 19.40 14.65 -27.61
C ALA C 292 20.16 14.92 -28.90
N LEU C 293 20.70 16.12 -29.03
CA LEU C 293 21.46 16.46 -30.21
C LEU C 293 22.92 16.14 -29.93
N ASP C 294 23.54 17.00 -29.15
CA ASP C 294 24.94 16.86 -28.76
C ASP C 294 25.03 16.61 -27.27
N PRO C 295 26.13 16.02 -26.80
CA PRO C 295 26.34 15.91 -25.35
C PRO C 295 26.35 17.25 -24.64
N LEU C 296 26.86 18.30 -25.30
CA LEU C 296 26.76 19.64 -24.75
C LEU C 296 25.30 20.07 -24.61
N SER C 297 24.48 19.70 -25.59
CA SER C 297 23.05 19.99 -25.50
C SER C 297 22.42 19.27 -24.31
N GLU C 298 22.80 18.01 -24.09
CA GLU C 298 22.28 17.28 -22.93
C GLU C 298 22.75 17.92 -21.62
N THR C 299 24.00 18.42 -21.60
CA THR C 299 24.49 19.13 -20.42
C THR C 299 23.66 20.38 -20.16
N LYS C 300 23.34 21.13 -21.23
CA LYS C 300 22.47 22.28 -21.08
C LYS C 300 21.09 21.88 -20.57
N CYS C 301 20.55 20.76 -21.08
CA CYS C 301 19.21 20.34 -20.71
C CYS C 301 19.14 19.85 -19.27
N THR C 302 20.21 19.26 -18.75
CA THR C 302 20.22 18.86 -17.34
C THR C 302 20.08 20.08 -16.44
N LEU C 303 20.78 21.15 -16.75
CA LEU C 303 20.58 22.43 -16.09
C LEU C 303 19.43 23.17 -16.79
N LYS C 304 19.27 24.45 -16.47
CA LYS C 304 18.25 25.25 -17.13
C LYS C 304 18.85 26.55 -17.68
N SER C 305 20.08 26.47 -18.17
CA SER C 305 20.78 27.63 -18.71
C SER C 305 21.20 27.37 -20.15
N PHE C 306 21.18 28.42 -20.95
CA PHE C 306 21.64 28.33 -22.34
C PHE C 306 23.15 28.39 -22.47
N THR C 307 23.86 28.82 -21.43
CA THR C 307 25.31 28.88 -21.43
C THR C 307 25.82 28.18 -20.18
N VAL C 308 26.85 27.35 -20.34
CA VAL C 308 27.42 26.59 -19.24
C VAL C 308 28.90 26.93 -19.13
N GLU C 309 29.36 27.12 -17.89
CA GLU C 309 30.74 27.48 -17.62
C GLU C 309 31.59 26.23 -17.43
N LYS C 310 32.83 26.41 -16.97
CA LYS C 310 33.75 25.30 -16.79
C LYS C 310 33.28 24.38 -15.67
N GLY C 311 33.33 23.08 -15.91
CA GLY C 311 32.97 22.11 -14.90
C GLY C 311 32.56 20.79 -15.53
N ILE C 312 32.34 19.81 -14.68
CA ILE C 312 31.87 18.49 -15.09
C ILE C 312 30.58 18.18 -14.35
N TYR C 313 29.60 17.66 -15.10
CA TYR C 313 28.28 17.38 -14.56
C TYR C 313 27.81 16.04 -15.09
N GLN C 314 27.24 15.21 -14.22
CA GLN C 314 26.63 13.96 -14.66
C GLN C 314 25.35 14.31 -15.43
N THR C 315 25.32 13.95 -16.70
CA THR C 315 24.20 14.34 -17.55
C THR C 315 23.20 13.21 -17.75
N SER C 316 23.65 11.96 -17.63
CA SER C 316 22.77 10.81 -17.76
C SER C 316 23.50 9.59 -17.21
N ASN C 317 22.74 8.53 -16.98
CA ASN C 317 23.29 7.26 -16.52
C ASN C 317 23.06 6.21 -17.58
N PHE C 318 24.08 5.38 -17.82
CA PHE C 318 24.04 4.38 -18.87
C PHE C 318 24.20 2.99 -18.27
N ARG C 319 23.54 2.02 -18.89
CA ARG C 319 23.66 0.62 -18.52
C ARG C 319 23.88 -0.20 -19.77
N VAL C 320 24.74 -1.23 -19.66
CA VAL C 320 25.04 -2.09 -20.80
C VAL C 320 23.85 -3.01 -21.02
N GLN C 321 23.16 -2.84 -22.14
CA GLN C 321 22.00 -3.67 -22.42
C GLN C 321 22.47 -5.07 -22.78
N PRO C 322 22.02 -6.12 -22.08
CA PRO C 322 22.49 -7.46 -22.38
C PRO C 322 22.11 -7.91 -23.78
N THR C 323 22.99 -8.69 -24.40
CA THR C 323 22.76 -9.22 -25.72
C THR C 323 21.76 -10.37 -25.67
N GLU C 324 21.36 -10.84 -26.86
CA GLU C 324 20.34 -11.87 -26.99
C GLU C 324 21.02 -13.24 -27.00
N SER C 325 21.13 -13.84 -25.80
CA SER C 325 21.61 -15.20 -25.67
C SER C 325 21.12 -15.75 -24.33
N ILE C 326 21.04 -17.08 -24.25
CA ILE C 326 20.51 -17.79 -23.09
C ILE C 326 21.59 -18.76 -22.61
N VAL C 327 21.30 -19.46 -21.51
CA VAL C 327 22.21 -20.43 -20.93
C VAL C 327 21.45 -21.74 -20.75
N ARG C 328 22.21 -22.83 -20.55
CA ARG C 328 21.72 -24.19 -20.66
C ARG C 328 21.24 -24.74 -19.32
N PHE C 329 20.94 -26.04 -19.31
CA PHE C 329 20.43 -26.81 -18.18
C PHE C 329 21.34 -27.99 -17.91
N PRO C 330 21.21 -28.68 -16.78
CA PRO C 330 22.01 -29.90 -16.56
C PRO C 330 21.66 -30.99 -17.56
N ASN C 331 22.63 -31.85 -17.83
CA ASN C 331 22.46 -32.92 -18.80
C ASN C 331 21.47 -33.97 -18.28
N ILE C 332 20.99 -34.79 -19.22
CA ILE C 332 20.06 -35.86 -18.88
C ILE C 332 20.78 -36.92 -18.06
N THR C 333 20.16 -37.34 -16.95
CA THR C 333 20.77 -38.36 -16.11
C THR C 333 20.87 -39.70 -16.82
N ASN C 334 19.82 -40.09 -17.55
CA ASN C 334 19.80 -41.35 -18.26
C ASN C 334 19.04 -41.17 -19.57
N LEU C 335 18.85 -42.28 -20.28
CA LEU C 335 18.10 -42.28 -21.52
C LEU C 335 16.62 -42.60 -21.25
N CYS C 336 15.85 -42.70 -22.31
CA CYS C 336 14.42 -42.98 -22.17
C CYS C 336 14.21 -44.42 -21.70
N PRO C 337 13.24 -44.64 -20.80
CA PRO C 337 12.89 -46.01 -20.38
C PRO C 337 11.91 -46.69 -21.33
N PHE C 338 12.18 -46.59 -22.62
CA PHE C 338 11.34 -47.17 -23.65
C PHE C 338 12.05 -48.20 -24.52
N GLY C 339 13.37 -48.09 -24.68
CA GLY C 339 14.10 -49.15 -25.35
C GLY C 339 13.99 -50.47 -24.60
N GLU C 340 14.04 -50.41 -23.28
CA GLU C 340 13.79 -51.60 -22.47
C GLU C 340 12.36 -52.10 -22.60
N VAL C 341 11.44 -51.24 -23.01
CA VAL C 341 10.03 -51.62 -23.13
C VAL C 341 9.67 -52.00 -24.56
N PHE C 342 9.93 -51.11 -25.51
CA PHE C 342 9.55 -51.37 -26.89
C PHE C 342 10.48 -52.37 -27.57
N ASN C 343 11.76 -52.37 -27.22
CA ASN C 343 12.71 -53.36 -27.70
C ASN C 343 12.93 -54.48 -26.70
N ALA C 344 11.88 -54.84 -25.94
CA ALA C 344 12.01 -55.84 -24.88
C ALA C 344 12.22 -57.23 -25.45
N THR C 345 12.90 -58.07 -24.67
CA THR C 345 13.17 -59.44 -25.11
C THR C 345 11.90 -60.29 -25.08
N ARG C 346 11.13 -60.19 -24.01
CA ARG C 346 9.94 -61.01 -23.81
C ARG C 346 8.68 -60.16 -23.84
N PHE C 347 7.58 -60.78 -24.26
CA PHE C 347 6.28 -60.12 -24.36
C PHE C 347 5.30 -60.79 -23.42
N ALA C 348 4.21 -60.07 -23.12
CA ALA C 348 3.20 -60.54 -22.20
C ALA C 348 1.85 -60.67 -22.90
N SER C 349 1.04 -61.62 -22.44
CA SER C 349 -0.28 -61.83 -23.01
C SER C 349 -1.21 -60.68 -22.65
N VAL C 350 -2.26 -60.52 -23.45
CA VAL C 350 -3.19 -59.41 -23.25
C VAL C 350 -4.02 -59.63 -21.99
N TYR C 351 -4.47 -60.86 -21.73
CA TYR C 351 -5.23 -61.15 -20.53
C TYR C 351 -4.40 -60.98 -19.27
N ALA C 352 -3.08 -60.98 -19.39
CA ALA C 352 -2.15 -60.78 -18.28
C ALA C 352 -1.17 -59.66 -18.62
N TRP C 353 -1.71 -58.53 -19.07
CA TRP C 353 -0.89 -57.41 -19.53
C TRP C 353 0.03 -56.93 -18.41
N ASN C 354 1.34 -57.03 -18.65
CA ASN C 354 2.33 -56.61 -17.67
C ASN C 354 2.31 -55.09 -17.52
N ARG C 355 2.66 -54.64 -16.31
CA ARG C 355 2.71 -53.21 -16.01
C ARG C 355 4.16 -52.81 -15.76
N LYS C 356 4.61 -51.78 -16.48
CA LYS C 356 5.96 -51.25 -16.34
C LYS C 356 5.89 -49.88 -15.67
N ARG C 357 6.68 -49.69 -14.62
CA ARG C 357 6.70 -48.46 -13.85
C ARG C 357 7.87 -47.60 -14.30
N ILE C 358 7.60 -46.33 -14.59
CA ILE C 358 8.60 -45.39 -15.07
C ILE C 358 8.75 -44.29 -14.04
N SER C 359 9.95 -44.12 -13.49
CA SER C 359 10.21 -43.09 -12.51
C SER C 359 11.70 -42.77 -12.49
N ASN C 360 12.01 -41.54 -12.10
CA ASN C 360 13.39 -41.07 -11.92
C ASN C 360 14.23 -41.29 -13.18
N CYS C 361 13.72 -40.78 -14.30
CA CYS C 361 14.42 -40.89 -15.56
C CYS C 361 13.94 -39.79 -16.50
N VAL C 362 14.75 -39.52 -17.51
CA VAL C 362 14.43 -38.53 -18.54
C VAL C 362 14.16 -39.29 -19.84
N ALA C 363 13.00 -39.04 -20.44
CA ALA C 363 12.58 -39.72 -21.64
C ALA C 363 12.36 -38.71 -22.76
N ASP C 364 12.88 -39.03 -23.94
CA ASP C 364 12.75 -38.19 -25.12
C ASP C 364 11.73 -38.82 -26.06
N TYR C 365 10.63 -38.14 -26.29
CA TYR C 365 9.56 -38.65 -27.14
C TYR C 365 9.71 -38.23 -28.59
N SER C 366 10.74 -37.45 -28.93
CA SER C 366 10.96 -37.05 -30.31
C SER C 366 11.23 -38.27 -31.19
N VAL C 367 12.10 -39.18 -30.72
CA VAL C 367 12.38 -40.40 -31.46
C VAL C 367 11.14 -41.27 -31.55
N LEU C 368 10.22 -41.15 -30.60
CA LEU C 368 9.03 -41.99 -30.60
C LEU C 368 8.07 -41.61 -31.72
N TYR C 369 7.80 -40.31 -31.87
CA TYR C 369 6.83 -39.90 -32.88
C TYR C 369 7.48 -39.46 -34.18
N ASN C 370 8.81 -39.45 -34.26
CA ASN C 370 9.50 -39.08 -35.49
C ASN C 370 10.01 -40.29 -36.27
N SER C 371 9.57 -41.48 -35.93
CA SER C 371 10.01 -42.71 -36.57
C SER C 371 8.93 -43.22 -37.52
N ALA C 372 9.32 -43.46 -38.77
CA ALA C 372 8.41 -44.05 -39.75
C ALA C 372 8.53 -45.58 -39.78
N SER C 373 8.44 -46.18 -38.59
CA SER C 373 8.47 -47.63 -38.45
C SER C 373 7.39 -48.12 -37.51
N PHE C 374 6.50 -47.23 -37.07
CA PHE C 374 5.47 -47.53 -36.08
C PHE C 374 4.13 -47.25 -36.73
N SER C 375 3.23 -48.24 -36.68
CA SER C 375 2.01 -48.19 -37.48
C SER C 375 1.16 -46.97 -37.10
N THR C 376 0.64 -46.95 -35.88
CA THR C 376 -0.19 -45.86 -35.42
C THR C 376 -0.02 -45.70 -33.92
N PHE C 377 0.14 -44.46 -33.46
CA PHE C 377 0.24 -44.15 -32.04
C PHE C 377 -0.97 -43.28 -31.65
N LYS C 378 -1.96 -43.95 -31.07
CA LYS C 378 -3.23 -43.32 -30.72
C LYS C 378 -3.05 -42.57 -29.40
N CYS C 379 -3.19 -41.25 -29.45
CA CYS C 379 -2.95 -40.39 -28.29
C CYS C 379 -4.26 -39.69 -27.90
N TYR C 380 -4.77 -40.01 -26.72
CA TYR C 380 -5.98 -39.40 -26.19
C TYR C 380 -5.71 -38.76 -24.83
N GLY C 381 -6.13 -37.51 -24.70
CA GLY C 381 -6.24 -36.87 -23.41
C GLY C 381 -5.58 -35.51 -23.27
N VAL C 382 -4.36 -35.34 -23.80
CA VAL C 382 -3.73 -34.03 -23.74
C VAL C 382 -3.26 -33.57 -25.13
N SER C 383 -2.31 -34.28 -25.73
CA SER C 383 -1.70 -33.90 -26.99
C SER C 383 -0.66 -34.95 -27.36
N PRO C 384 -0.36 -35.15 -28.65
CA PRO C 384 0.78 -35.99 -29.01
C PRO C 384 2.05 -35.21 -29.32
N THR C 385 1.94 -33.90 -29.47
CA THR C 385 3.08 -33.14 -29.94
C THR C 385 3.51 -32.03 -28.99
N LYS C 386 2.59 -31.16 -28.59
CA LYS C 386 2.91 -29.97 -27.81
C LYS C 386 2.88 -30.26 -26.32
N LEU C 387 3.16 -31.51 -25.95
CA LEU C 387 3.15 -31.96 -24.58
C LEU C 387 4.50 -31.78 -23.90
N ASN C 388 5.51 -31.35 -24.64
CA ASN C 388 6.87 -31.27 -24.11
C ASN C 388 7.05 -30.19 -23.06
N ASP C 389 6.02 -29.39 -22.78
CA ASP C 389 6.07 -28.38 -21.74
C ASP C 389 5.30 -28.84 -20.51
N LEU C 390 5.02 -30.14 -20.42
CA LEU C 390 4.26 -30.70 -19.31
C LEU C 390 5.03 -31.86 -18.70
N CYS C 391 5.16 -31.84 -17.38
CA CYS C 391 5.90 -32.86 -16.64
C CYS C 391 4.93 -33.81 -15.95
N PHE C 392 5.48 -34.92 -15.45
CA PHE C 392 4.67 -35.94 -14.80
C PHE C 392 5.46 -36.61 -13.70
N THR C 393 4.74 -37.20 -12.74
CA THR C 393 5.39 -37.88 -11.63
C THR C 393 5.80 -39.31 -11.99
N ASN C 394 4.82 -40.15 -12.34
CA ASN C 394 5.09 -41.53 -12.68
C ASN C 394 4.26 -41.90 -13.91
N VAL C 395 4.81 -42.82 -14.70
CA VAL C 395 4.16 -43.29 -15.93
C VAL C 395 4.03 -44.80 -15.87
N TYR C 396 2.81 -45.29 -16.08
CA TYR C 396 2.54 -46.73 -16.11
C TYR C 396 2.50 -47.18 -17.57
N ALA C 397 3.34 -48.16 -17.89
CA ALA C 397 3.48 -48.65 -19.26
C ALA C 397 2.99 -50.10 -19.34
N ASP C 398 2.12 -50.37 -20.31
CA ASP C 398 1.60 -51.70 -20.54
C ASP C 398 1.72 -52.03 -22.02
N SER C 399 1.91 -53.32 -22.32
CA SER C 399 2.07 -53.77 -23.70
C SER C 399 1.50 -55.16 -23.84
N PHE C 400 0.81 -55.40 -24.97
CA PHE C 400 0.25 -56.71 -25.25
C PHE C 400 0.05 -56.86 -26.75
N VAL C 401 -0.12 -58.10 -27.19
CA VAL C 401 -0.26 -58.44 -28.59
C VAL C 401 -1.73 -58.74 -28.88
N ILE C 402 -2.30 -58.03 -29.86
CA ILE C 402 -3.66 -58.28 -30.33
C ILE C 402 -3.66 -58.22 -31.85
N ARG C 403 -4.80 -58.60 -32.43
CA ARG C 403 -4.97 -58.55 -33.87
C ARG C 403 -5.23 -57.12 -34.33
N GLY C 404 -5.02 -56.89 -35.63
CA GLY C 404 -5.22 -55.56 -36.19
C GLY C 404 -6.66 -55.11 -36.23
N ASP C 405 -7.61 -56.05 -36.28
CA ASP C 405 -9.03 -55.69 -36.29
C ASP C 405 -9.45 -55.02 -34.99
N GLU C 406 -8.70 -55.25 -33.91
CA GLU C 406 -9.07 -54.78 -32.59
C GLU C 406 -8.37 -53.49 -32.21
N VAL C 407 -7.72 -52.82 -33.17
CA VAL C 407 -7.03 -51.57 -32.87
C VAL C 407 -8.03 -50.52 -32.36
N ARG C 408 -9.17 -50.41 -33.04
CA ARG C 408 -10.20 -49.47 -32.61
C ARG C 408 -10.76 -49.80 -31.23
N GLN C 409 -10.65 -51.06 -30.80
CA GLN C 409 -11.24 -51.45 -29.52
C GLN C 409 -10.50 -50.83 -28.35
N ILE C 410 -9.22 -50.49 -28.53
CA ILE C 410 -8.44 -49.89 -27.46
C ILE C 410 -8.69 -48.39 -27.46
N ALA C 411 -9.73 -47.96 -26.78
CA ALA C 411 -10.15 -46.56 -26.73
C ALA C 411 -11.30 -46.44 -25.75
N PRO C 412 -11.53 -45.25 -25.21
CA PRO C 412 -12.70 -45.05 -24.33
C PRO C 412 -14.00 -45.19 -25.11
N GLY C 413 -15.04 -45.59 -24.40
CA GLY C 413 -16.34 -45.79 -25.03
C GLY C 413 -16.37 -46.89 -26.06
N GLN C 414 -15.60 -47.95 -25.84
CA GLN C 414 -15.55 -49.09 -26.74
C GLN C 414 -15.86 -50.36 -25.98
N THR C 415 -16.46 -51.32 -26.67
CA THR C 415 -16.82 -52.61 -26.10
C THR C 415 -16.32 -53.72 -27.00
N GLY C 416 -15.98 -54.84 -26.38
CA GLY C 416 -15.47 -55.98 -27.13
C GLY C 416 -14.86 -57.00 -26.19
N LYS C 417 -14.20 -57.99 -26.79
CA LYS C 417 -13.55 -59.03 -26.01
C LYS C 417 -12.48 -58.43 -25.10
N ILE C 418 -11.43 -57.85 -25.70
CA ILE C 418 -10.40 -57.21 -24.90
C ILE C 418 -10.93 -55.95 -24.24
N ALA C 419 -11.79 -55.20 -24.94
CA ALA C 419 -12.29 -53.93 -24.44
C ALA C 419 -13.13 -54.08 -23.19
N ASP C 420 -13.65 -55.27 -22.91
CA ASP C 420 -14.47 -55.48 -21.72
C ASP C 420 -13.91 -56.51 -20.76
N TYR C 421 -13.52 -57.69 -21.23
CA TYR C 421 -13.13 -58.79 -20.36
C TYR C 421 -11.63 -58.82 -20.05
N ASN C 422 -10.82 -58.00 -20.72
CA ASN C 422 -9.37 -58.03 -20.53
C ASN C 422 -8.79 -56.68 -20.15
N TYR C 423 -9.29 -55.59 -20.74
CA TYR C 423 -8.75 -54.27 -20.46
C TYR C 423 -9.87 -53.24 -20.58
N LYS C 424 -9.66 -52.09 -19.95
CA LYS C 424 -10.64 -51.01 -19.98
C LYS C 424 -9.92 -49.68 -19.82
N LEU C 425 -10.37 -48.68 -20.58
CA LEU C 425 -9.85 -47.34 -20.48
C LEU C 425 -10.96 -46.36 -20.12
N PRO C 426 -10.77 -45.53 -19.10
CA PRO C 426 -11.80 -44.57 -18.71
C PRO C 426 -11.95 -43.47 -19.75
N ASP C 427 -13.13 -42.85 -19.74
CA ASP C 427 -13.43 -41.77 -20.67
C ASP C 427 -12.60 -40.52 -20.38
N ASP C 428 -11.95 -40.45 -19.21
CA ASP C 428 -11.04 -39.37 -18.86
C ASP C 428 -9.59 -39.83 -18.86
N PHE C 429 -9.29 -40.88 -19.62
CA PHE C 429 -7.93 -41.43 -19.64
C PHE C 429 -6.96 -40.45 -20.28
N THR C 430 -5.79 -40.32 -19.67
CA THR C 430 -4.70 -39.51 -20.19
C THR C 430 -3.53 -40.41 -20.53
N GLY C 431 -3.06 -40.32 -21.76
CA GLY C 431 -1.95 -41.14 -22.19
C GLY C 431 -1.99 -41.34 -23.70
N CYS C 432 -1.16 -42.28 -24.15
CA CYS C 432 -1.05 -42.62 -25.56
C CYS C 432 -1.05 -44.13 -25.73
N VAL C 433 -1.52 -44.58 -26.89
CA VAL C 433 -1.55 -46.00 -27.24
C VAL C 433 -0.83 -46.16 -28.58
N ILE C 434 0.10 -47.10 -28.65
CA ILE C 434 0.89 -47.32 -29.86
C ILE C 434 0.79 -48.77 -30.26
N ALA C 435 0.66 -49.01 -31.57
CA ALA C 435 0.65 -50.35 -32.12
C ALA C 435 1.47 -50.35 -33.41
N TRP C 436 2.01 -51.53 -33.73
CA TRP C 436 2.80 -51.69 -34.96
C TRP C 436 2.84 -53.16 -35.33
N ASN C 437 3.32 -53.42 -36.54
CA ASN C 437 3.32 -54.78 -37.08
C ASN C 437 4.20 -55.69 -36.24
N SER C 438 3.73 -56.93 -36.04
CA SER C 438 4.50 -57.92 -35.28
C SER C 438 4.56 -59.26 -35.99
N ASN C 439 4.24 -59.30 -37.29
CA ASN C 439 4.32 -60.56 -38.03
C ASN C 439 5.74 -61.07 -38.13
N ASN C 440 6.71 -60.16 -38.32
CA ASN C 440 8.10 -60.56 -38.47
C ASN C 440 8.70 -61.17 -37.20
N LEU C 441 8.03 -61.02 -36.06
CA LEU C 441 8.55 -61.51 -34.80
C LEU C 441 7.64 -62.48 -34.07
N ASP C 442 6.32 -62.43 -34.31
CA ASP C 442 5.36 -63.24 -33.58
C ASP C 442 4.46 -64.04 -34.52
N SER C 443 5.02 -64.60 -35.59
CA SER C 443 4.27 -65.43 -36.52
C SER C 443 5.04 -66.73 -36.77
N LYS C 444 4.30 -67.83 -36.82
CA LYS C 444 4.86 -69.15 -37.10
C LYS C 444 4.05 -69.82 -38.19
N VAL C 445 4.72 -70.70 -38.95
CA VAL C 445 4.03 -71.42 -40.02
C VAL C 445 2.92 -72.30 -39.44
N GLY C 446 3.22 -73.00 -38.34
CA GLY C 446 2.24 -73.83 -37.69
C GLY C 446 1.26 -73.09 -36.80
N GLY C 447 1.45 -71.79 -36.61
CA GLY C 447 0.55 -71.00 -35.77
C GLY C 447 1.12 -70.69 -34.41
N ASN C 448 1.14 -69.41 -34.05
CA ASN C 448 1.64 -68.96 -32.75
C ASN C 448 0.46 -68.89 -31.78
N TYR C 449 0.37 -69.85 -30.88
CA TYR C 449 -0.72 -69.93 -29.92
C TYR C 449 -0.26 -69.60 -28.50
N ASN C 450 0.92 -68.98 -28.35
CA ASN C 450 1.41 -68.65 -27.01
C ASN C 450 0.60 -67.55 -26.36
N TYR C 451 -0.08 -66.72 -27.15
CA TYR C 451 -0.85 -65.61 -26.62
C TYR C 451 -2.27 -66.07 -26.33
N LEU C 452 -2.76 -65.74 -25.13
CA LEU C 452 -4.09 -66.12 -24.68
C LEU C 452 -4.87 -64.89 -24.26
N TYR C 453 -6.17 -64.91 -24.52
CA TYR C 453 -7.06 -63.81 -24.16
C TYR C 453 -8.35 -64.37 -23.58
N ARG C 454 -9.01 -63.56 -22.76
CA ARG C 454 -10.28 -63.95 -22.17
C ARG C 454 -11.41 -63.72 -23.16
N LEU C 455 -12.28 -64.72 -23.30
CA LEU C 455 -13.42 -64.66 -24.20
C LEU C 455 -14.76 -64.59 -23.48
N PHE C 456 -14.93 -65.33 -22.40
CA PHE C 456 -16.17 -65.39 -21.66
C PHE C 456 -16.02 -64.69 -20.31
N ARG C 457 -16.92 -63.77 -20.02
CA ARG C 457 -16.95 -63.11 -18.72
C ARG C 457 -18.36 -62.62 -18.44
N LYS C 458 -18.71 -62.57 -17.16
CA LYS C 458 -20.06 -62.18 -16.76
C LYS C 458 -20.29 -60.68 -16.84
N SER C 459 -19.24 -59.88 -16.70
CA SER C 459 -19.39 -58.43 -16.70
C SER C 459 -18.09 -57.79 -17.17
N ASN C 460 -18.18 -56.51 -17.55
CA ASN C 460 -17.03 -55.78 -18.02
C ASN C 460 -16.10 -55.43 -16.85
N LEU C 461 -14.83 -55.26 -17.17
CA LEU C 461 -13.83 -54.93 -16.17
C LEU C 461 -13.83 -53.44 -15.85
N LYS C 462 -13.29 -53.10 -14.68
CA LYS C 462 -13.06 -51.71 -14.32
C LYS C 462 -11.86 -51.18 -15.10
N PRO C 463 -11.73 -49.86 -15.21
CA PRO C 463 -10.54 -49.29 -15.85
C PRO C 463 -9.28 -49.71 -15.11
N PHE C 464 -8.24 -50.03 -15.87
CA PHE C 464 -6.93 -50.46 -15.36
C PHE C 464 -7.02 -51.72 -14.51
N GLU C 465 -8.08 -52.51 -14.68
CA GLU C 465 -8.26 -53.75 -13.93
C GLU C 465 -7.85 -54.93 -14.78
N ARG C 466 -7.01 -55.80 -14.22
CA ARG C 466 -6.51 -56.97 -14.91
C ARG C 466 -7.13 -58.22 -14.30
N ASP C 467 -7.75 -59.05 -15.13
CA ASP C 467 -8.38 -60.29 -14.69
C ASP C 467 -7.61 -61.46 -15.29
N ILE C 468 -7.13 -62.36 -14.43
CA ILE C 468 -6.38 -63.54 -14.85
C ILE C 468 -6.99 -64.82 -14.32
N SER C 469 -8.21 -64.77 -13.80
CA SER C 469 -8.86 -65.95 -13.26
C SER C 469 -9.18 -66.94 -14.38
N THR C 470 -8.98 -68.23 -14.09
CA THR C 470 -9.25 -69.30 -15.03
C THR C 470 -10.50 -70.09 -14.68
N GLU C 471 -11.40 -69.51 -13.89
CA GLU C 471 -12.62 -70.20 -13.51
C GLU C 471 -13.50 -70.44 -14.73
N ILE C 472 -14.05 -71.64 -14.82
CA ILE C 472 -14.86 -72.03 -15.97
C ILE C 472 -16.15 -71.22 -15.99
N TYR C 473 -16.48 -70.66 -17.15
CA TYR C 473 -17.69 -69.86 -17.29
C TYR C 473 -18.89 -70.76 -17.52
N GLN C 474 -19.96 -70.52 -16.76
CA GLN C 474 -21.20 -71.28 -16.87
C GLN C 474 -22.19 -70.47 -17.72
N ALA C 475 -22.51 -70.99 -18.89
CA ALA C 475 -23.42 -70.32 -19.82
C ALA C 475 -24.86 -70.80 -19.68
N GLY C 476 -25.15 -71.70 -18.73
CA GLY C 476 -26.49 -72.21 -18.55
C GLY C 476 -26.95 -72.04 -17.11
N SER C 477 -28.24 -72.33 -16.89
CA SER C 477 -28.80 -72.22 -15.55
C SER C 477 -28.33 -73.36 -14.67
N THR C 478 -28.25 -74.57 -15.20
CA THR C 478 -27.87 -75.73 -14.41
C THR C 478 -26.35 -75.76 -14.24
N PRO C 479 -25.84 -75.72 -13.01
CA PRO C 479 -24.38 -75.80 -12.82
C PRO C 479 -23.85 -77.19 -13.14
N CYS C 480 -22.60 -77.23 -13.57
CA CYS C 480 -21.91 -78.48 -13.88
C CYS C 480 -20.95 -78.90 -12.78
N ASN C 481 -20.98 -78.23 -11.63
CA ASN C 481 -20.09 -78.53 -10.51
C ASN C 481 -18.62 -78.47 -10.91
N GLY C 482 -18.28 -77.46 -11.71
CA GLY C 482 -16.90 -77.29 -12.16
C GLY C 482 -16.40 -78.38 -13.09
N VAL C 483 -17.27 -78.88 -13.97
CA VAL C 483 -16.91 -79.92 -14.93
C VAL C 483 -17.18 -79.38 -16.32
N GLU C 484 -16.19 -79.50 -17.20
CA GLU C 484 -16.35 -79.05 -18.58
C GLU C 484 -17.42 -79.87 -19.28
N GLY C 485 -18.28 -79.18 -20.04
CA GLY C 485 -19.36 -79.85 -20.74
C GLY C 485 -20.21 -78.92 -21.58
N PHE C 486 -21.50 -79.23 -21.69
CA PHE C 486 -22.40 -78.43 -22.53
C PHE C 486 -22.59 -77.03 -21.94
N ASN C 487 -22.72 -76.93 -20.62
CA ASN C 487 -22.99 -75.66 -19.98
C ASN C 487 -21.74 -74.97 -19.44
N CYS C 488 -20.56 -75.55 -19.66
CA CYS C 488 -19.31 -74.99 -19.17
C CYS C 488 -18.34 -74.83 -20.32
N TYR C 489 -17.76 -73.64 -20.45
CA TYR C 489 -16.79 -73.34 -21.49
C TYR C 489 -15.56 -72.67 -20.89
N PHE C 490 -14.41 -72.91 -21.50
CA PHE C 490 -13.18 -72.29 -21.04
C PHE C 490 -13.19 -70.80 -21.37
N PRO C 491 -12.97 -69.92 -20.39
CA PRO C 491 -13.02 -68.48 -20.68
C PRO C 491 -11.82 -67.98 -21.47
N LEU C 492 -10.73 -68.73 -21.53
CA LEU C 492 -9.53 -68.32 -22.23
C LEU C 492 -9.52 -68.85 -23.66
N GLN C 493 -8.96 -68.05 -24.56
CA GLN C 493 -8.88 -68.40 -25.97
C GLN C 493 -7.58 -67.86 -26.56
N SER C 494 -7.17 -68.44 -27.68
CA SER C 494 -5.94 -68.06 -28.36
C SER C 494 -6.21 -67.82 -29.83
N TYR C 495 -5.33 -67.06 -30.46
CA TYR C 495 -5.42 -66.73 -31.86
C TYR C 495 -4.25 -67.35 -32.63
N GLY C 496 -4.51 -67.70 -33.89
CA GLY C 496 -3.49 -68.29 -34.73
C GLY C 496 -2.78 -67.28 -35.59
N PHE C 497 -1.46 -67.15 -35.41
CA PHE C 497 -0.64 -66.21 -36.16
C PHE C 497 0.21 -66.99 -37.17
N GLN C 498 0.06 -66.64 -38.44
CA GLN C 498 0.79 -67.29 -39.52
C GLN C 498 1.29 -66.23 -40.48
N PRO C 499 2.43 -66.47 -41.14
CA PRO C 499 2.94 -65.50 -42.12
C PRO C 499 2.00 -65.24 -43.27
N THR C 500 1.21 -66.24 -43.67
CA THR C 500 0.28 -66.08 -44.78
C THR C 500 -0.92 -65.20 -44.44
N ASN C 501 -1.09 -64.83 -43.18
CA ASN C 501 -2.21 -63.98 -42.79
C ASN C 501 -2.09 -62.61 -43.46
N GLY C 502 -3.24 -62.05 -43.83
CA GLY C 502 -3.25 -60.78 -44.52
C GLY C 502 -2.90 -59.61 -43.61
N VAL C 503 -2.71 -58.45 -44.24
CA VAL C 503 -2.36 -57.25 -43.50
C VAL C 503 -3.45 -56.90 -42.49
N GLY C 504 -4.71 -57.19 -42.82
CA GLY C 504 -5.79 -57.05 -41.87
C GLY C 504 -5.91 -58.17 -40.89
N TYR C 505 -5.05 -59.19 -41.00
CA TYR C 505 -5.08 -60.34 -40.09
C TYR C 505 -3.72 -60.68 -39.51
N GLN C 506 -2.69 -59.91 -39.83
CA GLN C 506 -1.38 -60.14 -39.22
C GLN C 506 -1.40 -59.75 -37.76
N PRO C 507 -0.55 -60.37 -36.94
CA PRO C 507 -0.47 -59.98 -35.52
C PRO C 507 0.15 -58.61 -35.34
N TYR C 508 -0.23 -57.94 -34.26
CA TYR C 508 0.31 -56.64 -33.91
C TYR C 508 0.63 -56.60 -32.43
N ARG C 509 1.60 -55.76 -32.06
CA ARG C 509 1.92 -55.50 -30.67
C ARG C 509 1.48 -54.09 -30.31
N VAL C 510 0.71 -53.97 -29.23
CA VAL C 510 0.14 -52.69 -28.82
C VAL C 510 0.75 -52.30 -27.48
N VAL C 511 1.23 -51.06 -27.39
CA VAL C 511 1.79 -50.52 -26.16
C VAL C 511 0.97 -49.30 -25.76
N VAL C 512 0.56 -49.27 -24.50
CA VAL C 512 -0.25 -48.18 -23.96
C VAL C 512 0.52 -47.53 -22.82
N LEU C 513 0.45 -46.20 -22.74
CA LEU C 513 1.10 -45.43 -21.70
C LEU C 513 0.07 -44.60 -20.95
N SER C 514 0.28 -44.45 -19.64
CA SER C 514 -0.59 -43.65 -18.80
C SER C 514 0.27 -42.87 -17.81
N PHE C 515 -0.25 -41.76 -17.33
CA PHE C 515 0.47 -40.88 -16.42
C PHE C 515 -0.27 -40.79 -15.09
N GLU C 516 0.49 -40.81 -14.00
CA GLU C 516 -0.03 -40.64 -12.65
C GLU C 516 0.44 -39.29 -12.13
N LEU C 517 -0.52 -38.44 -11.72
CA LEU C 517 -0.24 -37.09 -11.26
C LEU C 517 -0.77 -36.97 -9.83
N LEU C 518 0.06 -37.33 -8.85
CA LEU C 518 -0.29 -37.19 -7.45
C LEU C 518 0.20 -35.84 -6.93
N HIS C 519 0.04 -35.63 -5.63
CA HIS C 519 0.53 -34.41 -4.97
C HIS C 519 1.98 -34.58 -4.53
N ALA C 520 2.84 -34.99 -5.46
CA ALA C 520 4.25 -35.23 -5.23
C ALA C 520 5.07 -34.57 -6.33
N PRO C 521 6.32 -34.20 -6.04
CA PRO C 521 7.18 -33.63 -7.08
C PRO C 521 7.38 -34.60 -8.23
N ALA C 522 7.45 -34.05 -9.44
CA ALA C 522 7.57 -34.87 -10.64
C ALA C 522 8.90 -35.59 -10.68
N THR C 523 8.88 -36.86 -11.10
CA THR C 523 10.07 -37.67 -11.23
C THR C 523 10.40 -38.05 -12.66
N VAL C 524 9.44 -37.95 -13.58
CA VAL C 524 9.66 -38.24 -14.99
C VAL C 524 9.59 -36.92 -15.74
N CYS C 525 10.70 -36.51 -16.33
CA CYS C 525 10.81 -35.23 -17.00
C CYS C 525 11.33 -35.42 -18.42
N GLY C 526 11.11 -34.39 -19.24
CA GLY C 526 11.63 -34.37 -20.58
C GLY C 526 12.89 -33.53 -20.67
N PRO C 527 13.71 -33.77 -21.69
CA PRO C 527 14.94 -32.97 -21.85
C PRO C 527 14.64 -31.50 -22.10
N LYS C 528 15.02 -30.65 -21.15
CA LYS C 528 14.77 -29.23 -21.27
C LYS C 528 15.64 -28.63 -22.36
N LYS C 529 15.22 -27.47 -22.86
CA LYS C 529 15.96 -26.79 -23.91
C LYS C 529 17.34 -26.38 -23.40
N SER C 530 18.36 -26.67 -24.19
CA SER C 530 19.74 -26.36 -23.84
C SER C 530 20.38 -25.56 -24.97
N THR C 531 21.21 -24.60 -24.59
CA THR C 531 21.87 -23.72 -25.54
C THR C 531 23.30 -23.45 -25.09
N ASN C 532 24.18 -23.21 -26.06
CA ASN C 532 25.55 -22.86 -25.75
C ASN C 532 25.60 -21.51 -25.05
N LEU C 533 26.53 -21.38 -24.11
CA LEU C 533 26.64 -20.19 -23.28
C LEU C 533 27.86 -19.38 -23.70
N VAL C 534 27.66 -18.07 -23.86
CA VAL C 534 28.74 -17.15 -24.15
C VAL C 534 29.34 -16.68 -22.83
N LYS C 535 30.66 -16.78 -22.71
CA LYS C 535 31.32 -16.53 -21.43
C LYS C 535 31.65 -15.06 -21.23
N ASN C 536 32.49 -14.49 -22.09
CA ASN C 536 32.97 -13.12 -21.91
C ASN C 536 32.07 -12.12 -22.65
N LYS C 537 30.84 -12.01 -22.17
CA LYS C 537 29.88 -11.06 -22.74
C LYS C 537 28.83 -10.76 -21.69
N CYS C 538 28.28 -9.54 -21.77
CA CYS C 538 27.20 -9.11 -20.87
C CYS C 538 25.90 -9.68 -21.39
N VAL C 539 25.45 -10.79 -20.80
CA VAL C 539 24.29 -11.53 -21.29
C VAL C 539 23.41 -11.88 -20.10
N ASN C 540 22.14 -12.15 -20.40
CA ASN C 540 21.19 -12.64 -19.40
C ASN C 540 21.37 -14.14 -19.23
N PHE C 541 21.55 -14.59 -17.99
CA PHE C 541 21.85 -15.99 -17.70
C PHE C 541 20.70 -16.62 -16.92
N ASN C 542 20.45 -17.90 -17.20
CA ASN C 542 19.48 -18.68 -16.44
C ASN C 542 20.05 -20.06 -16.17
N PHE C 543 20.01 -20.47 -14.91
CA PHE C 543 20.38 -21.82 -14.49
C PHE C 543 19.21 -22.43 -13.74
N ASN C 544 19.34 -23.71 -13.39
CA ASN C 544 18.27 -24.40 -12.69
C ASN C 544 18.06 -23.80 -11.30
N GLY C 545 16.87 -23.23 -11.08
CA GLY C 545 16.49 -22.71 -9.79
C GLY C 545 16.79 -21.23 -9.56
N LEU C 546 17.51 -20.58 -10.46
CA LEU C 546 17.83 -19.17 -10.27
C LEU C 546 18.05 -18.50 -11.62
N THR C 547 17.73 -17.21 -11.68
CA THR C 547 17.87 -16.40 -12.88
C THR C 547 18.52 -15.07 -12.54
N GLY C 548 19.13 -14.45 -13.54
CA GLY C 548 19.75 -13.16 -13.34
C GLY C 548 20.37 -12.64 -14.62
N THR C 549 21.08 -11.53 -14.49
CA THR C 549 21.79 -10.92 -15.61
C THR C 549 23.20 -10.55 -15.17
N GLY C 550 24.16 -10.79 -16.05
CA GLY C 550 25.54 -10.43 -15.78
C GLY C 550 26.50 -11.14 -16.69
N VAL C 551 27.74 -10.67 -16.67
CA VAL C 551 28.82 -11.23 -17.49
C VAL C 551 29.57 -12.26 -16.64
N LEU C 552 29.99 -13.34 -17.28
CA LEU C 552 30.56 -14.49 -16.60
C LEU C 552 32.03 -14.65 -16.95
N THR C 553 32.77 -15.30 -16.04
CA THR C 553 34.17 -15.63 -16.28
C THR C 553 34.55 -16.80 -15.37
N GLU C 554 35.62 -17.49 -15.76
CA GLU C 554 36.09 -18.66 -15.02
C GLU C 554 37.03 -18.19 -13.92
N SER C 555 36.51 -18.07 -12.69
CA SER C 555 37.33 -17.68 -11.56
C SER C 555 38.17 -18.85 -11.06
N ASN C 556 39.13 -18.53 -10.20
CA ASN C 556 40.01 -19.53 -9.60
C ASN C 556 39.45 -20.10 -8.31
N LYS C 557 38.24 -19.71 -7.91
CA LYS C 557 37.64 -20.27 -6.71
C LYS C 557 37.35 -21.75 -6.89
N LYS C 558 37.41 -22.49 -5.79
CA LYS C 558 37.18 -23.92 -5.78
C LYS C 558 35.89 -24.21 -5.02
N PHE C 559 34.99 -24.95 -5.65
CA PHE C 559 33.70 -25.27 -5.04
C PHE C 559 33.75 -26.63 -4.35
N LEU C 560 32.90 -26.78 -3.34
CA LEU C 560 32.75 -28.08 -2.72
C LEU C 560 31.91 -29.00 -3.60
N PRO C 561 32.11 -30.31 -3.51
CA PRO C 561 31.47 -31.22 -4.47
C PRO C 561 29.94 -31.22 -4.43
N PHE C 562 29.32 -30.73 -3.37
CA PHE C 562 27.88 -30.83 -3.22
C PHE C 562 27.14 -29.53 -3.49
N GLN C 563 27.84 -28.41 -3.66
CA GLN C 563 27.19 -27.12 -3.85
C GLN C 563 27.00 -26.83 -5.34
N GLN C 564 26.03 -25.96 -5.61
CA GLN C 564 25.70 -25.57 -6.98
C GLN C 564 26.00 -24.11 -7.25
N PHE C 565 25.44 -23.19 -6.48
CA PHE C 565 25.65 -21.76 -6.67
C PHE C 565 26.02 -21.12 -5.34
N GLY C 566 26.89 -20.11 -5.42
CA GLY C 566 27.47 -19.50 -4.24
C GLY C 566 27.03 -18.06 -4.00
N ARG C 567 27.56 -17.51 -2.91
CA ARG C 567 27.29 -16.15 -2.47
C ARG C 567 28.60 -15.50 -2.07
N ASP C 568 28.62 -14.16 -2.08
CA ASP C 568 29.86 -13.43 -1.81
C ASP C 568 29.79 -12.64 -0.50
N ILE C 569 28.84 -11.71 -0.38
CA ILE C 569 28.71 -10.90 0.82
C ILE C 569 27.39 -10.14 0.76
N ALA C 570 26.82 -9.83 1.94
CA ALA C 570 25.57 -9.07 2.03
C ALA C 570 24.47 -9.68 1.20
N ASP C 571 24.36 -11.01 1.27
CA ASP C 571 23.32 -11.78 0.57
C ASP C 571 23.41 -11.60 -0.95
N THR C 572 24.61 -11.36 -1.47
CA THR C 572 24.81 -11.32 -2.91
C THR C 572 24.68 -12.73 -3.48
N THR C 573 24.10 -12.84 -4.67
CA THR C 573 23.75 -14.12 -5.26
C THR C 573 24.41 -14.31 -6.62
N ASP C 574 25.71 -14.01 -6.72
CA ASP C 574 26.44 -14.15 -7.99
C ASP C 574 27.67 -15.01 -7.79
N ALA C 575 27.48 -16.33 -7.87
CA ALA C 575 28.56 -17.29 -8.03
C ALA C 575 27.91 -18.60 -8.44
N VAL C 576 28.08 -19.01 -9.70
CA VAL C 576 27.32 -20.11 -10.26
C VAL C 576 28.27 -21.08 -10.95
N ARG C 577 28.07 -22.37 -10.72
CA ARG C 577 28.82 -23.43 -11.37
C ARG C 577 27.99 -24.03 -12.50
N ASP C 578 28.65 -24.35 -13.61
CA ASP C 578 27.97 -24.95 -14.75
C ASP C 578 27.55 -26.37 -14.38
N PRO C 579 26.27 -26.71 -14.48
CA PRO C 579 25.84 -28.07 -14.08
C PRO C 579 26.48 -29.19 -14.88
N GLN C 580 26.74 -28.98 -16.18
CA GLN C 580 27.26 -30.08 -16.99
C GLN C 580 28.77 -30.22 -16.85
N THR C 581 29.52 -29.16 -17.15
CA THR C 581 30.96 -29.23 -17.16
C THR C 581 31.58 -29.10 -15.77
N LEU C 582 30.76 -28.86 -14.74
CA LEU C 582 31.25 -28.66 -13.37
C LEU C 582 32.29 -27.55 -13.31
N GLU C 583 32.07 -26.48 -14.07
CA GLU C 583 33.01 -25.37 -14.13
C GLU C 583 32.50 -24.19 -13.32
N ILE C 584 33.39 -23.57 -12.56
CA ILE C 584 33.05 -22.44 -11.71
C ILE C 584 33.05 -21.18 -12.56
N LEU C 585 31.92 -20.49 -12.61
CA LEU C 585 31.79 -19.25 -13.38
C LEU C 585 31.52 -18.11 -12.42
N ASP C 586 32.37 -17.10 -12.44
CA ASP C 586 32.19 -15.93 -11.59
C ASP C 586 31.28 -14.97 -12.32
N ILE C 587 30.28 -14.46 -11.60
CA ILE C 587 29.24 -13.62 -12.19
C ILE C 587 29.39 -12.22 -11.61
N THR C 588 29.70 -11.26 -12.46
CA THR C 588 29.77 -9.86 -12.11
C THR C 588 28.65 -9.09 -12.81
N PRO C 589 28.12 -8.04 -12.18
CA PRO C 589 26.99 -7.33 -12.80
C PRO C 589 27.44 -6.52 -14.00
N CYS C 590 26.44 -6.01 -14.73
CA CYS C 590 26.71 -5.25 -15.94
C CYS C 590 27.49 -3.98 -15.61
N SER C 591 28.36 -3.58 -16.53
CA SER C 591 29.25 -2.44 -16.32
C SER C 591 28.49 -1.12 -16.49
N PHE C 592 27.49 -0.94 -15.62
CA PHE C 592 26.70 0.28 -15.60
C PHE C 592 27.47 1.42 -14.94
N GLY C 593 27.04 2.64 -15.20
CA GLY C 593 27.68 3.80 -14.60
C GLY C 593 26.98 5.07 -15.03
N GLY C 594 27.56 6.19 -14.63
CA GLY C 594 27.07 7.51 -14.99
C GLY C 594 28.06 8.21 -15.90
N VAL C 595 27.53 8.93 -16.89
CA VAL C 595 28.36 9.65 -17.87
C VAL C 595 28.34 11.12 -17.52
N SER C 596 29.51 11.75 -17.56
CA SER C 596 29.65 13.18 -17.33
C SER C 596 30.32 13.82 -18.55
N VAL C 597 30.03 15.09 -18.76
CA VAL C 597 30.52 15.80 -19.94
C VAL C 597 31.51 16.87 -19.47
N ILE C 598 32.77 16.71 -19.85
CA ILE C 598 33.78 17.73 -19.61
C ILE C 598 33.58 18.87 -20.60
N THR C 599 33.61 20.10 -20.10
CA THR C 599 33.39 21.22 -21.00
C THR C 599 34.05 22.49 -20.48
N PRO C 600 34.72 23.25 -21.34
CA PRO C 600 35.05 24.64 -21.01
C PRO C 600 33.81 25.51 -21.16
N GLY C 601 33.97 26.79 -20.82
CA GLY C 601 32.87 27.72 -20.96
C GLY C 601 32.42 27.83 -22.40
N THR C 602 31.10 27.83 -22.59
CA THR C 602 30.55 28.02 -23.93
C THR C 602 30.94 29.37 -24.50
N ASN C 603 31.16 30.37 -23.64
CA ASN C 603 31.70 31.64 -24.09
C ASN C 603 33.08 31.47 -24.70
N THR C 604 33.86 30.49 -24.23
CA THR C 604 35.19 30.25 -24.76
C THR C 604 35.14 29.40 -26.04
N SER C 605 34.63 28.18 -25.94
CA SER C 605 34.54 27.27 -27.08
C SER C 605 33.22 26.52 -27.02
N ASN C 606 32.93 25.77 -28.08
CA ASN C 606 31.65 25.07 -28.23
C ASN C 606 31.94 23.63 -28.64
N GLN C 607 32.85 22.98 -27.90
CA GLN C 607 33.09 21.56 -28.07
C GLN C 607 33.35 20.96 -26.70
N VAL C 608 33.05 19.67 -26.57
CA VAL C 608 33.02 19.01 -25.26
C VAL C 608 33.75 17.68 -25.36
N ALA C 609 34.06 17.13 -24.19
CA ALA C 609 34.63 15.80 -24.05
C ALA C 609 33.77 15.00 -23.10
N VAL C 610 33.42 13.78 -23.50
CA VAL C 610 32.48 12.94 -22.76
C VAL C 610 33.27 11.99 -21.88
N LEU C 611 32.92 11.92 -20.60
CA LEU C 611 33.58 11.06 -19.63
C LEU C 611 32.60 10.02 -19.12
N TYR C 612 32.98 8.75 -19.22
CA TYR C 612 32.21 7.64 -18.68
C TYR C 612 32.88 7.15 -17.40
N GLN C 613 32.12 7.07 -16.32
CA GLN C 613 32.68 6.75 -15.01
C GLN C 613 32.59 5.27 -14.73
N ASP C 614 33.72 4.69 -14.29
CA ASP C 614 33.80 3.31 -13.81
C ASP C 614 33.28 2.32 -14.85
N VAL C 615 33.97 2.29 -15.99
CA VAL C 615 33.62 1.36 -17.07
C VAL C 615 34.84 1.22 -17.98
N ASN C 616 35.10 -0.01 -18.40
CA ASN C 616 36.17 -0.28 -19.35
C ASN C 616 35.81 0.28 -20.71
N CYS C 617 36.81 0.81 -21.42
CA CYS C 617 36.58 1.40 -22.73
C CYS C 617 36.33 0.34 -23.81
N THR C 618 36.55 -0.93 -23.51
CA THR C 618 36.38 -1.99 -24.51
C THR C 618 34.92 -2.29 -24.80
N GLU C 619 33.97 -1.74 -24.01
CA GLU C 619 32.56 -2.02 -24.25
C GLU C 619 31.70 -0.76 -24.20
N VAL C 620 32.32 0.43 -24.32
CA VAL C 620 31.54 1.66 -24.28
C VAL C 620 30.56 1.80 -25.44
N PRO C 621 30.88 1.44 -26.69
CA PRO C 621 29.92 1.71 -27.78
C PRO C 621 28.63 0.94 -27.65
N VAL C 622 28.59 -0.13 -26.86
CA VAL C 622 27.37 -0.89 -26.66
C VAL C 622 26.31 -0.05 -25.94
N ALA C 623 26.73 1.00 -25.24
CA ALA C 623 25.81 1.82 -24.47
C ALA C 623 24.88 2.67 -25.33
N ILE C 624 25.12 2.73 -26.64
CA ILE C 624 24.31 3.51 -27.57
C ILE C 624 24.35 4.99 -27.19
N PRO C 631 21.41 11.04 -34.09
CA PRO C 631 22.00 12.37 -33.98
C PRO C 631 23.53 12.34 -34.02
N THR C 632 24.17 12.78 -32.94
CA THR C 632 25.62 12.80 -32.85
C THR C 632 26.16 11.72 -31.92
N TRP C 633 25.29 10.96 -31.24
CA TRP C 633 25.75 9.92 -30.34
C TRP C 633 26.55 8.85 -31.08
N ARG C 634 26.23 8.61 -32.35
CA ARG C 634 27.02 7.67 -33.13
C ARG C 634 28.45 8.15 -33.30
N VAL C 635 28.62 9.45 -33.54
CA VAL C 635 29.97 10.00 -33.75
C VAL C 635 30.78 9.94 -32.46
N TYR C 636 30.18 10.36 -31.35
CA TYR C 636 30.91 10.42 -30.08
C TYR C 636 31.05 9.07 -29.40
N SER C 637 30.30 8.05 -29.83
CA SER C 637 30.51 6.72 -29.29
C SER C 637 31.87 6.17 -29.70
N THR C 638 32.30 6.46 -30.93
CA THR C 638 33.59 6.06 -31.47
C THR C 638 34.35 7.29 -31.98
N GLY C 639 34.42 8.31 -31.12
CA GLY C 639 34.93 9.62 -31.51
C GLY C 639 36.39 9.69 -31.93
N SER C 640 36.92 10.91 -31.98
CA SER C 640 38.25 11.14 -32.54
C SER C 640 39.31 10.39 -31.74
N ASN C 641 39.23 10.43 -30.42
CA ASN C 641 40.21 9.77 -29.57
C ASN C 641 39.51 9.10 -28.40
N VAL C 642 40.04 7.96 -27.98
CA VAL C 642 39.55 7.22 -26.82
C VAL C 642 40.73 6.97 -25.90
N PHE C 643 40.59 7.38 -24.63
CA PHE C 643 41.64 7.23 -23.64
C PHE C 643 41.05 6.63 -22.38
N GLN C 644 41.76 5.69 -21.78
CA GLN C 644 41.29 4.95 -20.61
C GLN C 644 42.05 5.41 -19.38
N THR C 645 41.33 5.83 -18.35
CA THR C 645 41.90 6.28 -17.09
C THR C 645 41.38 5.41 -15.96
N ARG C 646 41.84 5.70 -14.75
CA ARG C 646 41.37 4.96 -13.58
C ARG C 646 39.92 5.30 -13.25
N ALA C 647 39.54 6.58 -13.37
CA ALA C 647 38.18 6.99 -13.09
C ALA C 647 37.19 6.48 -14.13
N GLY C 648 37.67 6.13 -15.32
CA GLY C 648 36.82 5.64 -16.36
C GLY C 648 37.35 6.05 -17.72
N CYS C 649 36.67 5.56 -18.75
CA CYS C 649 37.07 5.89 -20.12
C CYS C 649 36.74 7.35 -20.42
N LEU C 650 37.62 8.00 -21.17
CA LEU C 650 37.44 9.39 -21.57
C LEU C 650 37.44 9.47 -23.09
N ILE C 651 36.42 10.11 -23.64
CA ILE C 651 36.21 10.20 -25.08
C ILE C 651 36.28 11.65 -25.51
N GLY C 652 37.06 11.93 -26.54
CA GLY C 652 37.16 13.27 -27.08
C GLY C 652 38.27 14.11 -26.51
N ALA C 653 39.01 13.62 -25.51
CA ALA C 653 40.10 14.35 -24.91
C ALA C 653 41.40 13.59 -25.16
N GLU C 654 42.41 14.30 -25.65
CA GLU C 654 43.69 13.69 -25.96
C GLU C 654 44.60 13.69 -24.75
N HIS C 655 45.52 12.73 -24.72
CA HIS C 655 46.41 12.52 -23.59
C HIS C 655 47.77 13.15 -23.85
N VAL C 656 48.36 13.74 -22.80
CA VAL C 656 49.67 14.36 -22.87
C VAL C 656 50.50 13.84 -21.71
N ASN C 657 51.81 14.09 -21.78
CA ASN C 657 52.74 13.66 -20.74
C ASN C 657 53.20 14.78 -19.84
N ASN C 658 53.17 16.03 -20.31
CA ASN C 658 53.45 17.15 -19.42
C ASN C 658 52.31 17.33 -18.43
N SER C 659 52.54 18.15 -17.41
CA SER C 659 51.62 18.28 -16.30
C SER C 659 51.26 19.75 -16.08
N TYR C 660 50.05 19.96 -15.57
CA TYR C 660 49.54 21.29 -15.25
C TYR C 660 48.78 21.20 -13.93
N GLU C 661 48.25 22.34 -13.49
CA GLU C 661 47.67 22.47 -12.16
C GLU C 661 46.16 22.62 -12.22
N CYS C 662 45.46 21.76 -11.49
CA CYS C 662 44.03 21.88 -11.23
C CYS C 662 43.19 22.01 -12.50
N ASP C 663 42.57 23.16 -12.69
CA ASP C 663 41.63 23.42 -13.79
C ASP C 663 40.45 22.45 -13.62
N ILE C 664 40.02 21.78 -14.68
CA ILE C 664 38.84 20.91 -14.63
C ILE C 664 39.21 19.64 -13.87
N PRO C 665 38.51 19.32 -12.77
CA PRO C 665 38.82 18.10 -12.01
C PRO C 665 37.99 16.91 -12.49
N ILE C 666 38.66 15.77 -12.61
CA ILE C 666 38.01 14.54 -13.05
C ILE C 666 38.03 13.52 -11.93
N GLY C 667 39.21 13.13 -11.50
CA GLY C 667 39.37 12.14 -10.45
C GLY C 667 40.64 11.35 -10.66
N ALA C 668 41.08 10.70 -9.58
CA ALA C 668 42.30 9.88 -9.58
C ALA C 668 43.52 10.67 -10.04
N GLY C 669 43.54 11.96 -9.75
CA GLY C 669 44.69 12.78 -10.06
C GLY C 669 44.78 13.24 -11.50
N ILE C 670 43.77 12.98 -12.32
CA ILE C 670 43.76 13.37 -13.72
C ILE C 670 42.82 14.56 -13.89
N CYS C 671 43.30 15.60 -14.57
CA CYS C 671 42.55 16.83 -14.73
C CYS C 671 42.56 17.24 -16.20
N ALA C 672 41.39 17.58 -16.72
CA ALA C 672 41.26 18.03 -18.11
C ALA C 672 41.47 19.53 -18.22
N SER C 673 41.73 19.98 -19.43
CA SER C 673 41.96 21.40 -19.69
C SER C 673 41.71 21.68 -21.16
N TYR C 674 41.55 22.96 -21.47
CA TYR C 674 41.36 23.43 -22.84
C TYR C 674 42.59 24.24 -23.25
N GLN C 675 43.23 23.82 -24.35
CA GLN C 675 44.44 24.48 -24.82
C GLN C 675 44.11 25.60 -25.79
N GLN C 690 42.53 24.36 -29.93
CA GLN C 690 42.39 23.44 -31.05
C GLN C 690 41.89 22.07 -30.59
N SER C 691 42.08 21.79 -29.30
CA SER C 691 41.67 20.50 -28.74
C SER C 691 41.53 20.65 -27.23
N ILE C 692 40.91 19.65 -26.62
CA ILE C 692 40.76 19.57 -25.17
C ILE C 692 41.60 18.39 -24.68
N ILE C 693 42.48 18.66 -23.72
CA ILE C 693 43.47 17.68 -23.29
C ILE C 693 43.22 17.28 -21.84
N ALA C 694 43.71 16.09 -21.49
CA ALA C 694 43.63 15.57 -20.13
C ALA C 694 45.01 15.07 -19.73
N TYR C 695 45.40 15.34 -18.48
CA TYR C 695 46.74 15.06 -18.02
C TYR C 695 46.70 14.66 -16.55
N THR C 696 47.78 14.02 -16.11
CA THR C 696 47.99 13.84 -14.68
C THR C 696 48.30 15.19 -14.04
N MET C 697 47.69 15.47 -12.91
CA MET C 697 47.76 16.81 -12.33
C MET C 697 49.11 17.08 -11.70
N SER C 698 49.69 18.24 -12.01
CA SER C 698 50.90 18.70 -11.38
C SER C 698 50.59 19.25 -9.99
N LEU C 699 51.54 19.12 -9.09
CA LEU C 699 51.34 19.54 -7.71
C LEU C 699 52.03 20.84 -7.38
N GLY C 700 52.63 21.50 -8.36
CA GLY C 700 53.32 22.75 -8.18
C GLY C 700 54.70 22.71 -8.80
N ALA C 701 55.50 23.72 -8.48
CA ALA C 701 56.87 23.82 -8.98
C ALA C 701 57.83 23.38 -7.88
N GLU C 702 58.76 22.49 -8.24
CA GLU C 702 59.74 22.01 -7.27
C GLU C 702 60.65 23.15 -6.84
N ASN C 703 60.89 23.24 -5.53
CA ASN C 703 61.67 24.33 -4.96
C ASN C 703 62.59 23.74 -3.89
N SER C 704 63.84 23.49 -4.25
CA SER C 704 64.85 22.99 -3.32
C SER C 704 65.61 24.18 -2.76
N VAL C 705 65.38 24.49 -1.48
CA VAL C 705 66.05 25.60 -0.82
C VAL C 705 67.43 25.14 -0.35
N ALA C 706 68.41 26.02 -0.49
CA ALA C 706 69.79 25.69 -0.12
C ALA C 706 69.90 25.61 1.40
N TYR C 707 70.05 24.39 1.92
CA TYR C 707 70.18 24.17 3.35
C TYR C 707 71.63 23.90 3.72
N SER C 708 72.10 24.57 4.76
CA SER C 708 73.43 24.36 5.29
C SER C 708 73.40 24.62 6.78
N ASN C 709 74.18 23.85 7.54
CA ASN C 709 74.20 23.98 8.99
C ASN C 709 74.81 25.29 9.47
N ASN C 710 75.23 26.16 8.57
CA ASN C 710 75.76 27.47 8.97
C ASN C 710 75.29 28.60 8.05
N SER C 711 74.19 28.42 7.33
CA SER C 711 73.68 29.42 6.41
C SER C 711 72.23 29.74 6.75
N ILE C 712 71.92 31.04 6.82
CA ILE C 712 70.56 31.50 7.12
C ILE C 712 70.15 32.50 6.05
N ALA C 713 68.84 32.63 5.87
CA ALA C 713 68.26 33.60 4.95
C ALA C 713 67.44 34.61 5.73
N ILE C 714 67.67 35.88 5.47
CA ILE C 714 66.99 36.95 6.21
C ILE C 714 66.44 37.98 5.22
N PRO C 715 65.15 38.29 5.28
CA PRO C 715 64.58 39.25 4.33
C PRO C 715 65.08 40.66 4.60
N THR C 716 65.09 41.47 3.54
CA THR C 716 65.47 42.87 3.65
C THR C 716 64.39 43.82 3.15
N ASN C 717 63.22 43.31 2.78
CA ASN C 717 62.15 44.15 2.28
C ASN C 717 60.82 43.43 2.51
N PHE C 718 59.74 44.19 2.46
CA PHE C 718 58.42 43.65 2.77
C PHE C 718 57.42 44.09 1.72
N THR C 719 56.27 43.41 1.70
CA THR C 719 55.17 43.73 0.81
C THR C 719 53.87 43.64 1.60
N ILE C 720 53.22 44.79 1.83
CA ILE C 720 51.92 44.78 2.48
C ILE C 720 50.87 44.34 1.47
N SER C 721 50.13 43.29 1.80
CA SER C 721 49.16 42.70 0.89
C SER C 721 47.83 42.52 1.60
N VAL C 722 46.74 42.76 0.87
CA VAL C 722 45.39 42.61 1.38
C VAL C 722 44.78 41.34 0.80
N THR C 723 44.16 40.53 1.66
CA THR C 723 43.55 39.28 1.25
C THR C 723 42.11 39.25 1.75
N THR C 724 41.18 38.90 0.86
CA THR C 724 39.77 38.82 1.21
C THR C 724 39.41 37.42 1.69
N GLU C 725 38.47 37.36 2.63
CA GLU C 725 37.91 36.10 3.10
C GLU C 725 36.41 36.30 3.28
N ILE C 726 35.62 35.71 2.38
CA ILE C 726 34.18 35.89 2.35
C ILE C 726 33.52 34.73 3.07
N LEU C 727 32.65 35.04 4.04
CA LEU C 727 31.99 34.03 4.85
C LEU C 727 30.52 34.39 4.99
N PRO C 728 29.61 33.47 4.65
CA PRO C 728 28.19 33.75 4.86
C PRO C 728 27.83 33.70 6.34
N VAL C 729 26.80 34.44 6.71
CA VAL C 729 26.35 34.47 8.10
C VAL C 729 24.88 34.14 8.27
N SER C 730 24.04 34.32 7.25
CA SER C 730 22.61 34.07 7.40
C SER C 730 21.99 33.87 6.03
N MET C 731 20.83 33.23 6.01
CA MET C 731 20.03 33.06 4.81
C MET C 731 18.64 33.66 5.04
N THR C 732 17.81 33.61 4.01
CA THR C 732 16.46 34.15 4.09
C THR C 732 15.65 33.39 5.14
N LYS C 733 14.90 34.13 5.94
CA LYS C 733 14.06 33.55 6.99
C LYS C 733 12.71 33.21 6.39
N THR C 734 12.48 31.92 6.14
CA THR C 734 11.23 31.45 5.57
C THR C 734 10.42 30.69 6.63
N SER C 735 9.11 30.80 6.53
CA SER C 735 8.19 30.08 7.41
C SER C 735 7.14 29.37 6.57
N VAL C 736 6.83 28.14 6.97
CA VAL C 736 5.91 27.29 6.22
C VAL C 736 4.80 26.84 7.17
N ASP C 737 3.56 27.05 6.75
CA ASP C 737 2.39 26.58 7.49
C ASP C 737 1.80 25.37 6.77
N CYS C 738 1.64 24.27 7.50
CA CYS C 738 1.19 23.02 6.89
C CYS C 738 -0.22 23.16 6.31
N THR C 739 -1.11 23.84 7.03
CA THR C 739 -2.52 23.88 6.63
C THR C 739 -2.68 24.52 5.25
N MET C 740 -2.11 25.70 5.05
CA MET C 740 -2.23 26.35 3.75
C MET C 740 -1.41 25.65 2.67
N TYR C 741 -0.25 25.10 3.04
CA TYR C 741 0.60 24.48 2.03
C TYR C 741 -0.04 23.22 1.46
N ILE C 742 -0.70 22.43 2.29
CA ILE C 742 -1.23 21.15 1.84
C ILE C 742 -2.72 21.21 1.57
N CYS C 743 -3.50 21.77 2.50
CA CYS C 743 -4.94 21.68 2.51
C CYS C 743 -5.59 23.03 2.15
N GLY C 744 -5.00 23.76 1.22
CA GLY C 744 -5.46 25.10 0.91
C GLY C 744 -6.89 25.20 0.42
N ASP C 745 -7.70 26.00 1.11
CA ASP C 745 -9.08 26.30 0.71
C ASP C 745 -9.91 25.03 0.57
N SER C 746 -9.83 24.16 1.58
CA SER C 746 -10.62 22.93 1.60
C SER C 746 -10.82 22.53 3.04
N THR C 747 -12.03 22.80 3.57
CA THR C 747 -12.31 22.49 4.97
C THR C 747 -12.25 21.00 5.24
N GLU C 748 -12.83 20.19 4.36
CA GLU C 748 -12.86 18.75 4.58
C GLU C 748 -11.46 18.14 4.51
N CYS C 749 -10.67 18.54 3.52
CA CYS C 749 -9.32 18.00 3.39
C CYS C 749 -8.43 18.45 4.53
N SER C 750 -8.63 19.68 5.01
CA SER C 750 -7.92 20.12 6.20
C SER C 750 -8.34 19.31 7.42
N ASN C 751 -9.62 19.00 7.54
CA ASN C 751 -10.09 18.17 8.65
C ASN C 751 -9.48 16.78 8.60
N LEU C 752 -9.31 16.23 7.40
CA LEU C 752 -8.69 14.92 7.27
C LEU C 752 -7.24 14.95 7.74
N LEU C 753 -6.53 16.04 7.46
CA LEU C 753 -5.13 16.16 7.88
C LEU C 753 -5.01 16.17 9.41
N LEU C 754 -6.05 16.64 10.11
CA LEU C 754 -6.00 16.70 11.57
C LEU C 754 -5.74 15.34 12.20
N GLN C 755 -6.12 14.26 11.52
CA GLN C 755 -5.92 12.92 12.05
C GLN C 755 -4.45 12.62 12.32
N TYR C 756 -3.55 13.16 11.48
CA TYR C 756 -2.13 12.86 11.64
C TYR C 756 -1.59 13.41 12.95
N GLY C 757 -1.99 14.62 13.33
CA GLY C 757 -1.62 15.16 14.62
C GLY C 757 -0.58 16.25 14.61
N SER C 758 0.56 15.99 15.26
CA SER C 758 1.58 17.01 15.49
C SER C 758 2.48 17.23 14.29
N PHE C 759 2.35 16.45 13.22
CA PHE C 759 3.19 16.64 12.05
C PHE C 759 2.91 17.96 11.36
N CYS C 760 1.78 18.58 11.63
CA CYS C 760 1.44 19.88 11.05
C CYS C 760 1.86 21.06 11.92
N THR C 761 2.38 20.80 13.12
CA THR C 761 2.75 21.86 14.04
C THR C 761 4.25 21.90 14.34
N GLN C 762 4.86 20.75 14.63
CA GLN C 762 6.28 20.75 14.97
C GLN C 762 7.13 21.19 13.79
N LEU C 763 6.65 20.99 12.56
CA LEU C 763 7.38 21.48 11.40
C LEU C 763 7.47 23.00 11.42
N ASN C 764 6.34 23.65 11.66
CA ASN C 764 6.32 25.11 11.77
C ASN C 764 7.13 25.58 12.96
N ARG C 765 7.11 24.81 14.06
CA ARG C 765 7.92 25.18 15.22
C ARG C 765 9.41 25.15 14.88
N ALA C 766 9.86 24.12 14.18
CA ALA C 766 11.26 24.04 13.79
C ALA C 766 11.64 25.16 12.83
N LEU C 767 10.76 25.47 11.87
CA LEU C 767 11.05 26.56 10.94
C LEU C 767 11.11 27.89 11.65
N THR C 768 10.20 28.14 12.60
CA THR C 768 10.25 29.37 13.38
C THR C 768 11.52 29.45 14.20
N GLY C 769 11.93 28.34 14.80
CA GLY C 769 13.19 28.33 15.53
C GLY C 769 14.38 28.64 14.66
N ILE C 770 14.37 28.12 13.42
CA ILE C 770 15.45 28.44 12.48
C ILE C 770 15.43 29.92 12.12
N ALA C 771 14.24 30.49 11.88
CA ALA C 771 14.14 31.88 11.48
C ALA C 771 14.65 32.81 12.58
N VAL C 772 14.31 32.51 13.83
CA VAL C 772 14.77 33.35 14.94
C VAL C 772 16.29 33.28 15.07
N GLU C 773 16.85 32.09 14.91
CA GLU C 773 18.29 31.91 15.08
C GLU C 773 19.09 32.72 14.06
N GLN C 774 18.51 32.97 12.88
CA GLN C 774 19.23 33.72 11.86
C GLN C 774 19.55 35.14 12.32
N ASP C 775 18.60 35.80 12.99
CA ASP C 775 18.88 37.12 13.54
C ASP C 775 19.94 37.06 14.63
N LYS C 776 19.99 35.96 15.37
CA LYS C 776 21.03 35.80 16.39
C LYS C 776 22.41 35.79 15.77
N ASN C 777 22.55 35.15 14.61
CA ASN C 777 23.85 35.09 13.95
C ASN C 777 24.34 36.48 13.58
N THR C 778 23.47 37.30 13.01
CA THR C 778 23.85 38.67 12.68
C THR C 778 24.14 39.48 13.94
N GLN C 779 23.32 39.32 14.98
CA GLN C 779 23.55 40.07 16.21
C GLN C 779 24.84 39.66 16.89
N GLU C 780 25.33 38.44 16.62
CA GLU C 780 26.59 38.00 17.22
C GLU C 780 27.78 38.38 16.36
N VAL C 781 27.63 38.39 15.04
CA VAL C 781 28.73 38.66 14.14
C VAL C 781 28.87 40.14 13.80
N PHE C 782 27.93 40.98 14.20
CA PHE C 782 28.09 42.40 13.89
C PHE C 782 27.98 43.30 15.10
N ALA C 783 27.12 42.97 16.06
CA ALA C 783 26.95 43.81 17.24
C ALA C 783 27.99 43.48 18.29
N GLN C 784 29.27 43.58 17.94
CA GLN C 784 30.35 43.33 18.88
C GLN C 784 30.76 44.56 19.67
N VAL C 785 30.18 45.72 19.37
CA VAL C 785 30.51 46.95 20.07
C VAL C 785 29.25 47.52 20.71
N LYS C 786 29.45 48.31 21.76
CA LYS C 786 28.35 48.94 22.49
C LYS C 786 28.13 50.39 22.09
N GLN C 787 28.99 50.96 21.25
CA GLN C 787 28.87 52.34 20.83
C GLN C 787 29.17 52.43 19.33
N ILE C 788 28.82 53.57 18.74
CA ILE C 788 29.02 53.81 17.32
C ILE C 788 30.05 54.92 17.19
N TYR C 789 31.31 54.53 16.99
CA TYR C 789 32.37 55.51 16.81
C TYR C 789 32.28 56.12 15.41
N LYS C 790 32.73 57.37 15.30
CA LYS C 790 32.67 58.11 14.05
C LYS C 790 34.03 58.70 13.74
N THR C 791 34.47 58.56 12.50
CA THR C 791 35.76 59.07 12.09
C THR C 791 35.76 60.60 12.09
N PRO C 792 36.88 61.24 12.44
CA PRO C 792 36.95 62.70 12.44
C PRO C 792 36.82 63.25 11.03
N PRO C 793 36.36 64.50 10.89
CA PRO C 793 36.14 65.06 9.55
C PRO C 793 37.40 65.13 8.70
N ILE C 794 38.56 65.37 9.29
CA ILE C 794 39.81 65.49 8.55
C ILE C 794 40.56 64.16 8.66
N LYS C 795 40.86 63.56 7.51
CA LYS C 795 41.48 62.23 7.47
C LYS C 795 42.99 62.36 7.24
N ASP C 796 43.67 62.84 8.29
CA ASP C 796 45.13 62.96 8.26
C ASP C 796 45.75 61.77 8.99
N PHE C 797 45.65 60.61 8.35
CA PHE C 797 46.17 59.36 8.93
C PHE C 797 47.60 59.09 8.51
N GLY C 798 48.49 60.07 8.69
CA GLY C 798 49.90 59.88 8.41
C GLY C 798 50.21 59.46 6.99
N GLY C 799 49.37 59.82 6.03
CA GLY C 799 49.55 59.43 4.65
C GLY C 799 48.71 58.25 4.21
N PHE C 800 48.15 57.49 5.14
CA PHE C 800 47.29 56.38 4.78
C PHE C 800 45.99 56.89 4.17
N ASN C 801 45.43 56.11 3.25
CA ASN C 801 44.22 56.48 2.53
C ASN C 801 43.16 55.41 2.79
N PHE C 802 42.09 55.80 3.49
CA PHE C 802 41.03 54.88 3.87
C PHE C 802 39.72 55.14 3.15
N SER C 803 39.73 55.98 2.10
CA SER C 803 38.48 56.37 1.45
C SER C 803 37.80 55.20 0.74
N GLN C 804 38.53 54.12 0.44
CA GLN C 804 37.95 53.00 -0.28
C GLN C 804 37.20 52.03 0.62
N ILE C 805 37.26 52.20 1.95
CA ILE C 805 36.53 51.34 2.86
C ILE C 805 35.64 52.10 3.83
N LEU C 806 35.91 53.37 4.11
CA LEU C 806 35.05 54.16 4.97
C LEU C 806 33.78 54.55 4.20
N PRO C 807 32.65 54.71 4.91
CA PRO C 807 31.40 55.04 4.23
C PRO C 807 31.48 56.40 3.53
N ASP C 808 30.84 56.48 2.37
CA ASP C 808 30.80 57.71 1.59
C ASP C 808 29.41 58.32 1.66
N PRO C 809 29.25 59.51 2.21
CA PRO C 809 27.91 60.09 2.37
C PRO C 809 27.27 60.55 1.06
N SER C 810 28.02 60.58 -0.05
CA SER C 810 27.46 61.05 -1.31
C SER C 810 26.32 60.14 -1.76
N LYS C 811 26.52 58.82 -1.69
CA LYS C 811 25.45 57.90 -2.02
C LYS C 811 24.38 57.95 -0.92
N PRO C 812 23.10 57.80 -1.28
CA PRO C 812 22.04 57.89 -0.26
C PRO C 812 22.21 56.89 0.88
N SER C 813 22.69 55.69 0.58
CA SER C 813 22.96 54.70 1.62
C SER C 813 24.40 54.85 2.12
N LYS C 814 24.58 54.71 3.43
CA LYS C 814 25.90 54.86 4.05
C LYS C 814 26.72 53.60 3.78
N ARG C 815 27.16 53.47 2.53
CA ARG C 815 27.91 52.32 2.08
C ARG C 815 29.19 52.76 1.39
N SER C 816 30.28 52.06 1.70
CA SER C 816 31.56 52.34 1.07
C SER C 816 31.56 51.82 -0.38
N PRO C 817 32.47 52.34 -1.21
CA PRO C 817 32.52 51.83 -2.60
C PRO C 817 32.73 50.34 -2.71
N ILE C 818 33.52 49.75 -1.81
CA ILE C 818 33.69 48.30 -1.81
C ILE C 818 32.36 47.62 -1.49
N GLU C 819 31.60 48.15 -0.53
CA GLU C 819 30.29 47.59 -0.23
C GLU C 819 29.34 47.73 -1.40
N ASP C 820 29.40 48.86 -2.11
CA ASP C 820 28.57 49.03 -3.29
C ASP C 820 28.92 48.01 -4.37
N LEU C 821 30.22 47.78 -4.59
CA LEU C 821 30.64 46.77 -5.55
C LEU C 821 30.17 45.38 -5.13
N LEU C 822 30.25 45.07 -3.83
CA LEU C 822 29.77 43.79 -3.34
C LEU C 822 28.28 43.61 -3.59
N PHE C 823 27.49 44.65 -3.31
CA PHE C 823 26.05 44.55 -3.49
C PHE C 823 25.69 44.43 -4.97
N ASN C 824 26.34 45.21 -5.84
CA ASN C 824 26.02 45.14 -7.26
C ASN C 824 26.56 43.87 -7.90
N LYS C 825 27.53 43.21 -7.28
CA LYS C 825 28.07 41.97 -7.83
C LYS C 825 27.14 40.79 -7.60
N VAL C 826 26.44 40.76 -6.47
CA VAL C 826 25.56 39.66 -6.11
C VAL C 826 24.14 40.03 -6.51
N THR C 827 23.54 39.22 -7.38
CA THR C 827 22.18 39.43 -7.86
C THR C 827 21.31 38.25 -7.42
N LEU C 828 20.16 38.56 -6.84
CA LEU C 828 19.23 37.54 -6.38
C LEU C 828 17.82 37.78 -6.93
N ALA C 852 12.81 35.57 -5.10
CA ALA C 852 11.92 35.94 -4.00
C ALA C 852 10.55 36.35 -4.52
N GLN C 853 9.55 35.52 -4.26
CA GLN C 853 8.19 35.79 -4.70
C GLN C 853 7.21 35.27 -3.65
N LYS C 854 5.96 35.75 -3.74
CA LYS C 854 4.91 35.33 -2.82
C LYS C 854 4.31 34.03 -3.33
N PHE C 855 4.99 32.93 -3.01
CA PHE C 855 4.49 31.61 -3.38
C PHE C 855 3.27 31.26 -2.54
N ASN C 856 2.53 30.26 -3.02
CA ASN C 856 1.31 29.82 -2.33
C ASN C 856 1.67 29.15 -1.01
N GLY C 857 1.11 29.66 0.08
CA GLY C 857 1.38 29.11 1.39
C GLY C 857 2.78 29.33 1.90
N LEU C 858 3.59 30.14 1.20
CA LEU C 858 4.98 30.37 1.56
C LEU C 858 5.22 31.86 1.77
N THR C 859 5.79 32.21 2.91
CA THR C 859 6.14 33.59 3.22
C THR C 859 7.54 33.66 3.78
N VAL C 860 8.22 34.77 3.53
CA VAL C 860 9.58 35.01 3.99
C VAL C 860 9.58 36.23 4.90
N LEU C 861 10.07 36.06 6.12
CA LEU C 861 10.15 37.17 7.05
C LEU C 861 11.37 38.04 6.76
N PRO C 862 11.30 39.33 7.05
CA PRO C 862 12.45 40.21 6.82
C PRO C 862 13.46 40.07 7.95
N PRO C 863 14.73 40.37 7.68
CA PRO C 863 15.73 40.31 8.75
C PRO C 863 15.52 41.38 9.79
N LEU C 864 15.97 41.11 11.02
CA LEU C 864 15.80 42.06 12.10
C LEU C 864 16.58 43.35 11.84
N LEU C 865 17.87 43.20 11.51
CA LEU C 865 18.73 44.35 11.23
C LEU C 865 18.75 44.59 9.73
N THR C 866 18.15 45.70 9.29
CA THR C 866 18.17 46.04 7.88
C THR C 866 19.60 46.35 7.44
N ASP C 867 19.81 46.36 6.12
CA ASP C 867 21.15 46.54 5.58
C ASP C 867 21.77 47.86 6.02
N GLU C 868 20.96 48.89 6.25
CA GLU C 868 21.49 50.16 6.71
C GLU C 868 22.15 50.01 8.08
N MET C 869 21.49 49.30 9.00
CA MET C 869 22.07 49.12 10.34
C MET C 869 23.31 48.23 10.30
N ILE C 870 23.32 47.22 9.42
CA ILE C 870 24.52 46.40 9.27
C ILE C 870 25.68 47.24 8.75
N ALA C 871 25.41 48.09 7.76
CA ALA C 871 26.45 48.99 7.24
C ALA C 871 26.93 49.94 8.33
N GLN C 872 26.02 50.45 9.15
CA GLN C 872 26.42 51.33 10.25
C GLN C 872 27.30 50.60 11.25
N TYR C 873 26.96 49.34 11.56
CA TYR C 873 27.79 48.55 12.46
C TYR C 873 29.19 48.34 11.90
N THR C 874 29.28 47.99 10.61
CA THR C 874 30.59 47.81 10.00
C THR C 874 31.38 49.10 9.99
N SER C 875 30.72 50.23 9.70
CA SER C 875 31.41 51.52 9.71
C SER C 875 31.90 51.86 11.11
N ALA C 876 31.10 51.59 12.14
CA ALA C 876 31.53 51.86 13.50
C ALA C 876 32.72 51.00 13.88
N LEU C 877 32.70 49.71 13.51
CA LEU C 877 33.84 48.84 13.79
C LEU C 877 35.09 49.33 13.06
N LEU C 878 34.93 49.77 11.81
CA LEU C 878 36.07 50.28 11.05
C LEU C 878 36.64 51.53 11.70
N ALA C 879 35.77 52.45 12.12
CA ALA C 879 36.24 53.67 12.78
C ALA C 879 36.94 53.35 14.09
N GLY C 880 36.40 52.39 14.85
CA GLY C 880 37.05 52.01 16.09
C GLY C 880 38.41 51.39 15.87
N THR C 881 38.53 50.53 14.87
CA THR C 881 39.81 49.90 14.59
C THR C 881 40.80 50.84 13.89
N ILE C 882 40.33 51.97 13.37
CA ILE C 882 41.24 52.94 12.77
C ILE C 882 41.72 53.92 13.82
N THR C 883 40.79 54.64 14.45
CA THR C 883 41.19 55.72 15.36
C THR C 883 41.74 55.18 16.67
N SER C 884 41.10 54.16 17.25
CA SER C 884 41.40 53.70 18.59
C SER C 884 42.26 52.45 18.62
N GLY C 885 42.75 51.99 17.48
CA GLY C 885 43.52 50.76 17.47
C GLY C 885 42.65 49.58 17.87
N TRP C 886 43.25 48.65 18.61
CA TRP C 886 42.53 47.49 19.11
C TRP C 886 41.98 47.69 20.52
N THR C 887 42.18 48.87 21.10
CA THR C 887 41.73 49.10 22.47
C THR C 887 40.23 49.32 22.55
N PHE C 888 39.63 49.91 21.50
CA PHE C 888 38.20 50.16 21.51
C PHE C 888 37.40 48.88 21.75
N GLY C 889 37.88 47.76 21.24
CA GLY C 889 37.37 46.47 21.66
C GLY C 889 38.06 46.05 22.95
N ALA C 890 37.26 45.47 23.86
CA ALA C 890 37.75 45.06 25.18
C ALA C 890 38.29 46.26 25.96
N GLY C 891 37.40 47.21 26.23
CA GLY C 891 37.73 48.38 27.00
C GLY C 891 37.19 49.65 26.39
N PRO C 892 37.48 50.79 27.01
CA PRO C 892 37.06 52.08 26.43
C PRO C 892 38.03 52.53 25.34
N ALA C 893 37.47 53.11 24.28
CA ALA C 893 38.29 53.52 23.15
C ALA C 893 39.24 54.65 23.55
N LEU C 894 40.50 54.49 23.18
CA LEU C 894 41.53 55.49 23.46
C LEU C 894 42.20 55.88 22.15
N GLN C 895 42.20 57.17 21.86
CA GLN C 895 42.78 57.65 20.60
C GLN C 895 44.30 57.47 20.61
N ILE C 896 44.83 57.16 19.44
CA ILE C 896 46.27 57.00 19.24
C ILE C 896 46.55 57.25 17.76
N PRO C 897 47.59 58.01 17.42
CA PRO C 897 47.86 58.27 16.00
C PRO C 897 48.08 56.97 15.25
N PHE C 898 47.53 56.91 14.03
CA PHE C 898 47.57 55.67 13.26
C PHE C 898 48.97 55.15 13.01
N PRO C 899 49.97 55.97 12.65
CA PRO C 899 51.33 55.42 12.51
C PRO C 899 51.84 54.76 13.78
N MET C 900 51.49 55.28 14.96
CA MET C 900 51.92 54.63 16.19
C MET C 900 51.25 53.27 16.36
N GLN C 901 49.98 53.15 15.95
CA GLN C 901 49.31 51.86 15.99
C GLN C 901 49.95 50.87 15.02
N MET C 902 50.33 51.35 13.82
CA MET C 902 51.10 50.52 12.91
C MET C 902 52.41 50.08 13.54
N ALA C 903 53.05 50.99 14.28
CA ALA C 903 54.31 50.65 14.93
C ALA C 903 54.12 49.55 15.96
N TYR C 904 53.04 49.63 16.75
CA TYR C 904 52.82 48.57 17.74
C TYR C 904 52.49 47.26 17.06
N ARG C 905 51.71 47.29 15.97
CA ARG C 905 51.41 46.05 15.27
C ARG C 905 52.68 45.43 14.69
N PHE C 906 53.56 46.25 14.13
CA PHE C 906 54.84 45.76 13.66
C PHE C 906 55.66 45.16 14.79
N ASN C 907 55.66 45.81 15.96
CA ASN C 907 56.35 45.25 17.12
C ASN C 907 55.76 43.92 17.51
N GLY C 908 54.42 43.79 17.41
CA GLY C 908 53.78 42.55 17.79
C GLY C 908 54.14 41.41 16.86
N ILE C 909 54.17 41.66 15.55
CA ILE C 909 54.53 40.59 14.62
C ILE C 909 56.00 40.21 14.74
N GLY C 910 56.83 41.05 15.35
CA GLY C 910 58.22 40.69 15.59
C GLY C 910 59.23 41.56 14.88
N VAL C 911 58.82 42.76 14.48
CA VAL C 911 59.70 43.71 13.79
C VAL C 911 59.73 44.99 14.59
N THR C 912 60.92 45.51 14.84
CA THR C 912 61.08 46.67 15.72
C THR C 912 60.35 47.89 15.15
N GLN C 913 60.13 48.86 16.03
CA GLN C 913 59.36 50.04 15.66
C GLN C 913 60.02 50.83 14.54
N ASN C 914 61.34 50.97 14.60
CA ASN C 914 62.05 51.87 13.70
C ASN C 914 61.89 51.49 12.24
N VAL C 915 61.57 50.23 11.94
CA VAL C 915 61.43 49.81 10.54
C VAL C 915 60.28 50.57 9.88
N LEU C 916 59.15 50.71 10.58
CA LEU C 916 58.02 51.41 9.99
C LEU C 916 58.29 52.90 9.83
N TYR C 917 58.86 53.53 10.86
CA TYR C 917 58.95 54.98 10.87
C TYR C 917 59.87 55.50 9.77
N GLU C 918 60.98 54.81 9.51
CA GLU C 918 61.84 55.22 8.41
C GLU C 918 61.24 54.90 7.04
N ASN C 919 60.19 54.10 6.97
CA ASN C 919 59.56 53.72 5.72
C ASN C 919 58.06 53.96 5.78
N GLN C 920 57.64 55.04 6.45
CA GLN C 920 56.22 55.32 6.59
C GLN C 920 55.58 55.62 5.23
N LYS C 921 56.22 56.45 4.42
CA LYS C 921 55.64 56.82 3.13
C LYS C 921 55.54 55.61 2.20
N LEU C 922 56.60 54.78 2.16
CA LEU C 922 56.57 53.60 1.30
C LEU C 922 55.49 52.62 1.75
N ILE C 923 55.37 52.41 3.06
CA ILE C 923 54.36 51.48 3.56
C ILE C 923 52.96 52.01 3.28
N ALA C 924 52.75 53.32 3.45
CA ALA C 924 51.45 53.90 3.13
C ALA C 924 51.12 53.75 1.65
N ASN C 925 52.11 53.98 0.79
CA ASN C 925 51.89 53.81 -0.65
C ASN C 925 51.54 52.36 -0.98
N GLN C 926 52.24 51.41 -0.38
CA GLN C 926 51.93 50.00 -0.63
C GLN C 926 50.53 49.65 -0.15
N PHE C 927 50.14 50.14 1.02
CA PHE C 927 48.80 49.88 1.55
C PHE C 927 47.73 50.46 0.63
N ASN C 928 47.93 51.71 0.20
CA ASN C 928 46.96 52.33 -0.70
C ASN C 928 46.88 51.60 -2.03
N SER C 929 48.02 51.15 -2.56
CA SER C 929 48.01 50.41 -3.81
C SER C 929 47.25 49.10 -3.67
N ALA C 930 47.47 48.38 -2.57
CA ALA C 930 46.75 47.11 -2.36
C ALA C 930 45.26 47.35 -2.20
N ILE C 931 44.88 48.38 -1.44
CA ILE C 931 43.46 48.67 -1.23
C ILE C 931 42.80 49.07 -2.54
N GLY C 932 43.50 49.83 -3.38
CA GLY C 932 42.97 50.14 -4.69
C GLY C 932 42.87 48.94 -5.60
N LYS C 933 43.83 48.02 -5.51
CA LYS C 933 43.83 46.86 -6.40
C LYS C 933 42.77 45.85 -6.04
N ILE C 934 42.42 45.73 -4.75
CA ILE C 934 41.49 44.67 -4.36
C ILE C 934 40.10 44.93 -4.93
N GLN C 935 39.74 46.20 -5.14
CA GLN C 935 38.46 46.52 -5.78
C GLN C 935 38.40 45.92 -7.19
N ASP C 936 39.45 46.14 -7.98
CA ASP C 936 39.49 45.57 -9.33
C ASP C 936 39.58 44.05 -9.28
N SER C 937 40.25 43.49 -8.27
CA SER C 937 40.30 42.04 -8.13
C SER C 937 38.91 41.47 -7.89
N LEU C 938 38.12 42.12 -7.03
CA LEU C 938 36.75 41.68 -6.81
C LEU C 938 35.89 41.85 -8.07
N SER C 939 36.05 42.98 -8.77
CA SER C 939 35.20 43.26 -9.93
C SER C 939 35.49 42.31 -11.08
N SER C 940 36.77 42.12 -11.42
CA SER C 940 37.11 41.30 -12.58
C SER C 940 36.81 39.83 -12.34
N THR C 941 37.21 39.30 -11.21
CA THR C 941 36.99 37.89 -10.92
C THR C 941 35.50 37.64 -10.69
N PRO C 942 34.89 36.70 -11.42
CA PRO C 942 33.44 36.49 -11.28
C PRO C 942 33.08 35.54 -10.14
N SER C 943 33.98 34.64 -9.78
CA SER C 943 33.72 33.63 -8.77
C SER C 943 34.18 34.05 -7.39
N ALA C 944 34.65 35.28 -7.22
CA ALA C 944 35.09 35.74 -5.91
C ALA C 944 33.94 35.77 -4.91
N LEU C 945 32.76 36.22 -5.35
CA LEU C 945 31.59 36.32 -4.49
C LEU C 945 30.75 35.05 -4.47
N GLY C 946 31.36 33.89 -4.76
CA GLY C 946 30.59 32.67 -4.88
C GLY C 946 29.96 32.23 -3.57
N LYS C 947 30.68 32.40 -2.46
CA LYS C 947 30.28 31.78 -1.20
C LYS C 947 28.98 32.34 -0.62
N LEU C 948 28.48 33.46 -1.14
CA LEU C 948 27.18 33.98 -0.74
C LEU C 948 26.10 33.69 -1.79
N GLN C 949 26.44 33.90 -3.06
CA GLN C 949 25.54 33.47 -4.13
C GLN C 949 25.30 31.97 -4.06
N ASP C 950 26.26 31.20 -3.54
CA ASP C 950 26.06 29.77 -3.40
C ASP C 950 24.89 29.45 -2.48
N VAL C 951 24.90 30.01 -1.27
CA VAL C 951 23.83 29.71 -0.33
C VAL C 951 22.51 30.32 -0.80
N VAL C 952 22.55 31.51 -1.41
CA VAL C 952 21.32 32.11 -1.91
C VAL C 952 20.69 31.23 -2.97
N ASN C 953 21.50 30.76 -3.93
CA ASN C 953 21.00 29.92 -5.00
C ASN C 953 20.55 28.56 -4.46
N GLN C 954 21.24 28.03 -3.45
CA GLN C 954 20.83 26.75 -2.87
C GLN C 954 19.47 26.87 -2.21
N ASN C 955 19.25 27.94 -1.44
CA ASN C 955 17.95 28.14 -0.81
C ASN C 955 16.85 28.35 -1.87
N ALA C 956 17.15 29.12 -2.91
CA ALA C 956 16.16 29.33 -3.96
C ALA C 956 15.82 28.03 -4.68
N GLN C 957 16.84 27.20 -4.94
CA GLN C 957 16.62 25.92 -5.60
C GLN C 957 15.78 24.99 -4.73
N ALA C 958 16.07 24.96 -3.41
CA ALA C 958 15.28 24.14 -2.52
C ALA C 958 13.83 24.59 -2.48
N LEU C 959 13.60 25.91 -2.44
CA LEU C 959 12.23 26.41 -2.44
C LEU C 959 11.52 26.07 -3.74
N ASN C 960 12.22 26.20 -4.87
CA ASN C 960 11.62 25.88 -6.17
C ASN C 960 11.27 24.41 -6.24
N THR C 961 12.14 23.53 -5.75
CA THR C 961 11.82 22.11 -5.72
C THR C 961 10.62 21.84 -4.81
N LEU C 962 10.52 22.56 -3.70
CA LEU C 962 9.37 22.38 -2.82
C LEU C 962 8.07 22.76 -3.51
N VAL C 963 8.03 23.93 -4.14
CA VAL C 963 6.79 24.40 -4.74
C VAL C 963 6.41 23.53 -5.94
N LYS C 964 7.41 23.10 -6.71
CA LYS C 964 7.14 22.25 -7.88
C LYS C 964 6.51 20.92 -7.48
N GLN C 965 6.73 20.47 -6.24
CA GLN C 965 6.20 19.19 -5.80
C GLN C 965 4.68 19.16 -5.76
N LEU C 966 4.02 20.31 -5.85
CA LEU C 966 2.56 20.33 -5.85
C LEU C 966 1.99 19.58 -7.05
N SER C 967 2.60 19.78 -8.23
CA SER C 967 2.10 19.14 -9.44
C SER C 967 2.63 17.72 -9.58
N SER C 968 2.41 16.90 -8.56
CA SER C 968 2.79 15.48 -8.59
C SER C 968 1.60 14.65 -8.15
N ASN C 969 1.25 13.64 -8.96
CA ASN C 969 0.08 12.83 -8.68
C ASN C 969 0.23 11.98 -7.43
N PHE C 970 1.47 11.60 -7.07
CA PHE C 970 1.73 10.73 -5.93
C PHE C 970 0.96 9.41 -6.03
N GLY C 971 0.70 8.97 -7.27
CA GLY C 971 -0.07 7.78 -7.50
C GLY C 971 -1.57 7.96 -7.47
N ALA C 972 -2.06 9.18 -7.27
CA ALA C 972 -3.48 9.44 -7.19
C ALA C 972 -4.04 9.77 -8.57
N ILE C 973 -5.33 10.13 -8.60
CA ILE C 973 -6.00 10.41 -9.86
C ILE C 973 -5.46 11.69 -10.48
N SER C 974 -5.34 12.75 -9.69
CA SER C 974 -4.89 14.03 -10.20
C SER C 974 -4.20 14.81 -9.10
N SER C 975 -3.38 15.78 -9.51
CA SER C 975 -2.61 16.60 -8.58
C SER C 975 -3.39 17.79 -8.05
N VAL C 976 -4.54 18.10 -8.62
CA VAL C 976 -5.36 19.24 -8.19
C VAL C 976 -6.41 18.75 -7.20
N LEU C 977 -6.46 19.39 -6.04
CA LEU C 977 -7.34 18.94 -4.97
C LEU C 977 -8.81 19.11 -5.33
N ASN C 978 -9.16 20.22 -5.99
CA ASN C 978 -10.55 20.52 -6.25
C ASN C 978 -11.18 19.49 -7.19
N ASP C 979 -10.46 19.07 -8.22
CA ASP C 979 -11.00 18.06 -9.12
C ASP C 979 -11.24 16.74 -8.38
N ILE C 980 -10.32 16.36 -7.51
CA ILE C 980 -10.48 15.12 -6.75
C ILE C 980 -11.68 15.21 -5.82
N LEU C 981 -11.84 16.34 -5.12
CA LEU C 981 -12.93 16.44 -4.17
C LEU C 981 -14.29 16.72 -4.82
N SER C 982 -14.31 17.12 -6.09
CA SER C 982 -15.56 17.37 -6.79
C SER C 982 -16.00 16.24 -7.69
N ARG C 983 -15.06 15.44 -8.21
CA ARG C 983 -15.38 14.36 -9.13
C ARG C 983 -15.54 13.01 -8.44
N LEU C 984 -15.41 12.94 -7.12
CA LEU C 984 -15.45 11.66 -6.43
C LEU C 984 -16.20 11.80 -5.12
N ASP C 985 -16.73 10.67 -4.64
CA ASP C 985 -17.46 10.61 -3.39
C ASP C 985 -16.52 10.59 -2.20
N PRO C 986 -17.01 10.97 -1.03
CA PRO C 986 -16.17 10.97 0.18
C PRO C 986 -15.55 9.61 0.49
N PRO C 987 -16.23 8.48 0.25
CA PRO C 987 -15.58 7.19 0.55
C PRO C 987 -14.24 6.99 -0.15
N GLU C 988 -14.11 7.40 -1.41
CA GLU C 988 -12.82 7.32 -2.09
C GLU C 988 -12.00 8.60 -1.97
N ALA C 989 -12.64 9.70 -1.59
CA ALA C 989 -11.88 10.90 -1.24
C ALA C 989 -11.00 10.65 -0.04
N GLU C 990 -11.52 9.94 0.97
CA GLU C 990 -10.73 9.62 2.15
C GLU C 990 -9.52 8.76 1.84
N VAL C 991 -9.39 8.28 0.61
CA VAL C 991 -8.21 7.54 0.17
C VAL C 991 -7.32 8.40 -0.72
N GLN C 992 -7.90 9.05 -1.73
CA GLN C 992 -7.11 9.85 -2.65
C GLN C 992 -6.53 11.08 -1.96
N ILE C 993 -7.36 11.81 -1.22
CA ILE C 993 -6.89 12.98 -0.48
C ILE C 993 -5.87 12.55 0.57
N ASP C 994 -6.06 11.38 1.18
CA ASP C 994 -5.08 10.88 2.14
C ASP C 994 -3.74 10.61 1.49
N ARG C 995 -3.77 10.03 0.27
CA ARG C 995 -2.53 9.82 -0.46
C ARG C 995 -1.83 11.14 -0.76
N LEU C 996 -2.60 12.15 -1.18
CA LEU C 996 -2.03 13.47 -1.40
C LEU C 996 -1.44 14.04 -0.11
N ILE C 997 -2.15 13.87 1.00
CA ILE C 997 -1.66 14.33 2.30
C ILE C 997 -0.31 13.71 2.59
N THR C 998 -0.21 12.40 2.43
CA THR C 998 1.03 11.69 2.72
C THR C 998 2.17 12.20 1.85
N GLY C 999 1.91 12.32 0.54
CA GLY C 999 2.97 12.75 -0.37
C GLY C 999 3.45 14.16 -0.07
N ARG C 1000 2.51 15.10 0.06
CA ARG C 1000 2.89 16.49 0.30
C ARG C 1000 3.60 16.64 1.64
N LEU C 1001 3.12 15.94 2.67
CA LEU C 1001 3.74 16.04 3.98
C LEU C 1001 5.13 15.42 3.99
N GLN C 1002 5.32 14.31 3.26
CA GLN C 1002 6.66 13.74 3.16
C GLN C 1002 7.62 14.70 2.48
N SER C 1003 7.15 15.36 1.41
CA SER C 1003 7.99 16.36 0.74
C SER C 1003 8.35 17.49 1.69
N LEU C 1004 7.36 17.98 2.46
CA LEU C 1004 7.62 19.05 3.41
C LEU C 1004 8.62 18.61 4.48
N GLN C 1005 8.49 17.37 4.97
CA GLN C 1005 9.42 16.88 5.99
C GLN C 1005 10.84 16.78 5.45
N THR C 1006 10.99 16.29 4.21
CA THR C 1006 12.32 16.24 3.61
C THR C 1006 12.91 17.64 3.46
N TYR C 1007 12.09 18.60 3.01
CA TYR C 1007 12.57 19.97 2.91
C TYR C 1007 12.99 20.51 4.27
N VAL C 1008 12.21 20.22 5.30
CA VAL C 1008 12.52 20.73 6.64
C VAL C 1008 13.84 20.14 7.13
N THR C 1009 14.04 18.84 6.93
CA THR C 1009 15.30 18.23 7.37
C THR C 1009 16.49 18.80 6.61
N GLN C 1010 16.36 18.98 5.29
CA GLN C 1010 17.46 19.57 4.53
C GLN C 1010 17.73 20.99 5.00
N GLN C 1011 16.69 21.76 5.28
CA GLN C 1011 16.86 23.12 5.77
C GLN C 1011 17.52 23.13 7.15
N LEU C 1012 17.19 22.16 8.00
CA LEU C 1012 17.82 22.08 9.30
C LEU C 1012 19.32 21.80 9.17
N ILE C 1013 19.68 20.88 8.28
CA ILE C 1013 21.11 20.59 8.08
C ILE C 1013 21.83 21.81 7.53
N ARG C 1014 21.23 22.48 6.54
CA ARG C 1014 21.85 23.68 5.99
C ARG C 1014 21.95 24.78 7.03
N ALA C 1015 20.97 24.87 7.93
CA ALA C 1015 21.01 25.87 8.98
C ALA C 1015 22.11 25.57 9.99
N ALA C 1016 22.35 24.28 10.27
CA ALA C 1016 23.50 23.93 11.11
C ALA C 1016 24.80 24.34 10.45
N GLU C 1017 24.92 24.08 9.14
CA GLU C 1017 26.13 24.48 8.42
C GLU C 1017 26.32 26.00 8.46
N ILE C 1018 25.24 26.75 8.22
CA ILE C 1018 25.32 28.21 8.23
C ILE C 1018 25.63 28.73 9.63
N ARG C 1019 25.09 28.08 10.66
CA ARG C 1019 25.41 28.46 12.03
C ARG C 1019 26.90 28.25 12.32
N ALA C 1020 27.46 27.14 11.86
CA ALA C 1020 28.89 26.92 12.02
C ALA C 1020 29.69 28.01 11.30
N SER C 1021 29.29 28.34 10.07
CA SER C 1021 29.99 29.39 9.32
C SER C 1021 29.87 30.74 10.03
N ALA C 1022 28.69 31.04 10.59
CA ALA C 1022 28.51 32.32 11.26
C ALA C 1022 29.31 32.38 12.56
N ASN C 1023 29.41 31.26 13.28
CA ASN C 1023 30.26 31.23 14.46
C ASN C 1023 31.73 31.42 14.10
N LEU C 1024 32.16 30.81 13.00
CA LEU C 1024 33.52 31.04 12.53
C LEU C 1024 33.75 32.49 12.16
N ALA C 1025 32.77 33.12 11.50
CA ALA C 1025 32.89 34.53 11.16
C ALA C 1025 32.92 35.39 12.42
N ALA C 1026 32.13 35.04 13.43
CA ALA C 1026 32.10 35.80 14.67
C ALA C 1026 33.44 35.73 15.39
N THR C 1027 34.01 34.52 15.52
CA THR C 1027 35.30 34.42 16.18
C THR C 1027 36.40 35.08 15.35
N LYS C 1028 36.29 35.03 14.02
CA LYS C 1028 37.25 35.73 13.17
C LYS C 1028 37.18 37.23 13.39
N MET C 1029 35.97 37.77 13.47
CA MET C 1029 35.82 39.20 13.74
C MET C 1029 36.37 39.57 15.11
N SER C 1030 36.08 38.74 16.12
CA SER C 1030 36.53 39.04 17.47
C SER C 1030 38.05 39.02 17.57
N GLU C 1031 38.69 38.03 16.95
CA GLU C 1031 40.12 37.83 17.09
C GLU C 1031 40.94 38.42 15.95
N CYS C 1032 40.32 39.11 15.02
CA CYS C 1032 41.08 39.70 13.93
C CYS C 1032 40.82 41.18 13.75
N VAL C 1033 39.57 41.63 13.91
CA VAL C 1033 39.24 43.04 13.77
C VAL C 1033 39.48 43.80 15.06
N LEU C 1034 39.02 43.24 16.18
CA LEU C 1034 39.17 43.86 17.49
C LEU C 1034 40.54 43.58 18.11
N GLY C 1035 41.52 43.17 17.32
CA GLY C 1035 42.83 42.89 17.85
C GLY C 1035 43.74 42.36 16.77
N GLN C 1036 44.78 41.65 17.21
CA GLN C 1036 45.74 41.02 16.30
C GLN C 1036 46.03 39.62 16.82
N SER C 1037 46.10 38.66 15.91
CA SER C 1037 46.26 37.26 16.27
C SER C 1037 47.58 36.72 15.78
N LYS C 1038 48.17 35.82 16.56
CA LYS C 1038 49.41 35.14 16.20
C LYS C 1038 49.16 33.80 15.51
N ARG C 1039 47.90 33.48 15.23
CA ARG C 1039 47.55 32.22 14.57
C ARG C 1039 47.84 32.36 13.08
N VAL C 1040 48.94 31.74 12.64
CA VAL C 1040 49.35 31.82 11.24
C VAL C 1040 48.30 31.15 10.36
N ASP C 1041 48.03 31.76 9.21
CA ASP C 1041 47.08 31.31 8.19
C ASP C 1041 45.62 31.49 8.64
N PHE C 1042 45.38 31.97 9.85
CA PHE C 1042 44.03 32.32 10.27
C PHE C 1042 43.62 33.70 9.79
N CYS C 1043 44.54 34.46 9.20
CA CYS C 1043 44.27 35.82 8.73
C CYS C 1043 44.88 36.04 7.37
N GLY C 1044 44.83 35.02 6.52
CA GLY C 1044 45.46 35.07 5.21
C GLY C 1044 46.94 34.73 5.28
N LYS C 1045 47.54 34.63 4.10
CA LYS C 1045 48.95 34.31 4.01
C LYS C 1045 49.79 35.43 4.59
N GLY C 1046 50.80 35.05 5.38
CA GLY C 1046 51.71 36.02 5.97
C GLY C 1046 51.32 36.40 7.39
N TYR C 1047 52.22 37.14 8.03
CA TYR C 1047 51.96 37.65 9.36
C TYR C 1047 50.85 38.70 9.33
N HIS C 1048 50.09 38.77 10.41
CA HIS C 1048 48.84 39.53 10.47
C HIS C 1048 49.10 40.91 11.06
N LEU C 1049 48.61 41.95 10.39
CA LEU C 1049 48.68 43.32 10.89
C LEU C 1049 47.35 43.77 11.48
N MET C 1050 46.28 43.75 10.67
CA MET C 1050 44.93 44.04 11.15
C MET C 1050 43.96 43.48 10.12
N SER C 1051 42.69 43.87 10.25
CA SER C 1051 41.68 43.44 9.28
C SER C 1051 40.45 44.33 9.41
N PHE C 1052 39.96 44.81 8.28
CA PHE C 1052 38.75 45.60 8.28
C PHE C 1052 37.59 44.78 7.73
N PRO C 1053 36.41 44.87 8.33
CA PRO C 1053 35.26 44.15 7.81
C PRO C 1053 34.45 44.98 6.82
N GLN C 1054 33.66 44.29 6.02
CA GLN C 1054 32.78 44.93 5.05
C GLN C 1054 31.45 44.19 5.04
N SER C 1055 30.37 44.94 4.84
CA SER C 1055 29.05 44.34 4.78
C SER C 1055 28.88 43.58 3.46
N ALA C 1056 27.86 42.73 3.42
CA ALA C 1056 27.62 41.88 2.27
C ALA C 1056 26.14 41.52 2.26
N PRO C 1057 25.62 41.04 1.11
CA PRO C 1057 24.20 40.64 1.05
C PRO C 1057 23.79 39.67 2.15
N HIS C 1058 24.50 38.55 2.28
CA HIS C 1058 24.16 37.54 3.28
C HIS C 1058 25.40 37.07 4.04
N GLY C 1059 26.43 37.90 4.11
CA GLY C 1059 27.64 37.51 4.78
C GLY C 1059 28.46 38.71 5.19
N VAL C 1060 29.75 38.46 5.41
CA VAL C 1060 30.71 39.50 5.77
C VAL C 1060 31.97 39.27 4.96
N VAL C 1061 32.57 40.37 4.48
CA VAL C 1061 33.80 40.32 3.69
C VAL C 1061 34.89 41.02 4.50
N PHE C 1062 35.97 40.30 4.75
CA PHE C 1062 37.11 40.82 5.48
C PHE C 1062 38.20 41.27 4.51
N LEU C 1063 38.96 42.28 4.91
CA LEU C 1063 40.13 42.74 4.17
C LEU C 1063 41.32 42.59 5.10
N HIS C 1064 41.90 41.39 5.14
CA HIS C 1064 43.05 41.15 5.99
C HIS C 1064 44.25 41.93 5.49
N VAL C 1065 45.00 42.53 6.42
CA VAL C 1065 46.22 43.24 6.10
C VAL C 1065 47.38 42.40 6.61
N THR C 1066 48.23 41.94 5.69
CA THR C 1066 49.27 40.98 6.02
C THR C 1066 50.65 41.54 5.67
N TYR C 1067 51.61 41.29 6.56
CA TYR C 1067 53.00 41.67 6.37
C TYR C 1067 53.73 40.45 5.83
N VAL C 1068 54.12 40.49 4.55
CA VAL C 1068 54.77 39.38 3.89
C VAL C 1068 56.20 39.82 3.53
N PRO C 1069 57.23 39.16 4.05
CA PRO C 1069 58.59 39.50 3.66
C PRO C 1069 58.87 39.08 2.23
N ALA C 1070 59.83 39.77 1.61
CA ALA C 1070 60.22 39.49 0.23
C ALA C 1070 61.64 40.02 0.02
N GLN C 1071 62.17 39.76 -1.17
CA GLN C 1071 63.52 40.18 -1.54
C GLN C 1071 64.55 39.68 -0.54
N GLU C 1072 64.40 38.42 -0.12
CA GLU C 1072 65.23 37.88 0.94
C GLU C 1072 66.68 37.76 0.49
N LYS C 1073 67.58 37.94 1.46
CA LYS C 1073 69.01 37.73 1.30
C LYS C 1073 69.45 36.59 2.21
N ASN C 1074 70.66 36.08 1.95
CA ASN C 1074 71.19 34.98 2.75
C ASN C 1074 72.59 35.31 3.23
N PHE C 1075 72.92 34.86 4.44
CA PHE C 1075 74.20 35.14 5.05
C PHE C 1075 74.68 33.92 5.81
N THR C 1076 76.00 33.82 5.98
CA THR C 1076 76.56 32.81 6.87
C THR C 1076 76.29 33.17 8.32
N THR C 1077 76.01 32.17 9.13
CA THR C 1077 75.57 32.40 10.51
C THR C 1077 76.23 31.38 11.44
N ALA C 1078 76.21 31.72 12.72
CA ALA C 1078 76.71 30.85 13.77
C ALA C 1078 75.79 30.94 14.97
N PRO C 1079 75.70 29.88 15.78
CA PRO C 1079 74.81 29.94 16.95
C PRO C 1079 75.23 30.98 17.97
N ALA C 1080 76.48 30.93 18.45
CA ALA C 1080 76.93 31.81 19.52
C ALA C 1080 78.32 32.33 19.20
N ILE C 1081 78.64 33.49 19.77
CA ILE C 1081 79.92 34.15 19.56
C ILE C 1081 80.81 33.92 20.78
N CYS C 1082 82.01 33.42 20.55
CA CYS C 1082 82.98 33.23 21.61
C CYS C 1082 83.83 34.48 21.76
N HIS C 1083 84.12 34.86 23.00
CA HIS C 1083 84.87 36.08 23.27
C HIS C 1083 85.58 35.94 24.61
N ASP C 1084 86.90 36.00 24.59
CA ASP C 1084 87.77 35.87 25.77
C ASP C 1084 87.27 34.78 26.72
N GLY C 1085 86.94 33.62 26.13
CA GLY C 1085 86.53 32.46 26.91
C GLY C 1085 85.06 32.40 27.26
N LYS C 1086 84.29 33.44 26.95
CA LYS C 1086 82.87 33.47 27.23
C LYS C 1086 82.07 33.22 25.96
N ALA C 1087 80.83 32.74 26.14
CA ALA C 1087 79.93 32.46 25.03
C ALA C 1087 78.82 33.50 25.03
N HIS C 1088 78.68 34.20 23.89
CA HIS C 1088 77.69 35.26 23.74
C HIS C 1088 76.54 34.77 22.86
N PHE C 1089 75.33 34.88 23.37
CA PHE C 1089 74.12 34.56 22.64
C PHE C 1089 73.30 35.83 22.40
N PRO C 1090 72.58 35.92 21.29
CA PRO C 1090 71.84 37.15 20.99
C PRO C 1090 70.59 37.25 21.84
N ARG C 1091 70.36 38.42 22.44
CA ARG C 1091 69.18 38.62 23.28
C ARG C 1091 67.91 38.56 22.44
N GLU C 1092 67.86 39.32 21.35
CA GLU C 1092 66.86 39.11 20.30
C GLU C 1092 67.58 39.14 18.96
N GLY C 1093 67.06 38.35 18.02
CA GLY C 1093 67.66 38.26 16.70
C GLY C 1093 68.66 37.14 16.60
N VAL C 1094 69.36 37.13 15.46
CA VAL C 1094 70.33 36.08 15.15
C VAL C 1094 71.58 36.71 14.57
N PHE C 1095 72.71 36.02 14.76
CA PHE C 1095 73.98 36.51 14.24
C PHE C 1095 74.05 36.28 12.73
N VAL C 1096 74.49 37.30 12.00
CA VAL C 1096 74.74 37.19 10.57
C VAL C 1096 76.10 37.79 10.26
N SER C 1097 76.66 37.39 9.13
CA SER C 1097 77.95 37.89 8.67
C SER C 1097 77.91 38.09 7.17
N ASN C 1098 78.33 39.27 6.72
CA ASN C 1098 78.35 39.58 5.30
C ASN C 1098 79.57 39.00 4.59
N GLY C 1099 80.28 38.07 5.22
CA GLY C 1099 81.44 37.46 4.62
C GLY C 1099 82.72 37.68 5.41
N THR C 1100 82.87 38.86 6.00
CA THR C 1100 84.06 39.20 6.76
C THR C 1100 83.77 39.66 8.18
N HIS C 1101 82.70 40.43 8.38
CA HIS C 1101 82.36 40.96 9.69
C HIS C 1101 80.99 40.45 10.11
N TRP C 1102 80.83 40.26 11.41
CA TRP C 1102 79.59 39.73 11.98
C TRP C 1102 78.75 40.85 12.56
N PHE C 1103 77.45 40.59 12.66
CA PHE C 1103 76.50 41.59 13.13
C PHE C 1103 75.36 40.89 13.87
N VAL C 1104 74.44 41.69 14.38
CA VAL C 1104 73.21 41.21 14.99
C VAL C 1104 72.04 41.92 14.32
N THR C 1105 71.06 41.15 13.86
CA THR C 1105 69.90 41.72 13.20
C THR C 1105 68.64 40.99 13.66
N GLN C 1106 67.51 41.70 13.61
CA GLN C 1106 66.24 41.09 13.93
C GLN C 1106 65.91 39.99 12.92
N ARG C 1107 65.18 38.98 13.40
CA ARG C 1107 64.99 37.76 12.62
C ARG C 1107 64.08 37.95 11.41
N ASN C 1108 63.43 39.10 11.27
CA ASN C 1108 62.50 39.32 10.17
C ASN C 1108 62.85 40.53 9.32
N PHE C 1109 64.00 41.15 9.55
CA PHE C 1109 64.41 42.31 8.76
C PHE C 1109 65.92 42.47 8.88
N TYR C 1110 66.59 42.64 7.75
CA TYR C 1110 68.05 42.75 7.75
C TYR C 1110 68.43 44.18 8.11
N GLU C 1111 68.69 44.41 9.40
CA GLU C 1111 69.18 45.68 9.91
C GLU C 1111 70.40 45.38 10.76
N PRO C 1112 71.55 45.14 10.15
CA PRO C 1112 72.73 44.74 10.91
C PRO C 1112 73.18 45.83 11.88
N GLN C 1113 73.68 45.40 13.03
CA GLN C 1113 74.21 46.29 14.04
C GLN C 1113 75.41 45.63 14.70
N ILE C 1114 76.30 46.46 15.26
CA ILE C 1114 77.52 45.96 15.87
C ILE C 1114 77.18 45.12 17.09
N ILE C 1115 77.96 44.07 17.31
CA ILE C 1115 77.77 43.19 18.46
C ILE C 1115 78.35 43.88 19.68
N THR C 1116 77.48 44.33 20.59
CA THR C 1116 77.91 45.00 21.80
C THR C 1116 77.44 44.22 23.03
N THR C 1117 78.16 44.40 24.14
CA THR C 1117 77.83 43.66 25.35
C THR C 1117 76.47 44.07 25.93
N ASP C 1118 75.93 45.21 25.52
CA ASP C 1118 74.60 45.60 25.93
C ASP C 1118 73.52 45.05 25.01
N ASN C 1119 73.90 44.40 23.91
CA ASN C 1119 72.95 43.83 22.96
C ASN C 1119 72.81 42.32 23.10
N THR C 1120 73.85 41.63 23.59
CA THR C 1120 73.82 40.20 23.78
C THR C 1120 74.03 39.87 25.25
N PHE C 1121 73.49 38.73 25.66
CA PHE C 1121 73.63 38.23 27.03
C PHE C 1121 74.55 37.03 27.03
N VAL C 1122 75.34 36.91 28.10
CA VAL C 1122 76.42 35.92 28.18
C VAL C 1122 76.13 34.98 29.35
N SER C 1123 76.21 33.68 29.08
CA SER C 1123 76.03 32.67 30.12
C SER C 1123 76.64 31.36 29.65
N GLY C 1124 77.67 30.90 30.34
CA GLY C 1124 78.26 29.60 30.06
C GLY C 1124 79.69 29.73 29.55
N ASN C 1125 80.28 28.57 29.29
CA ASN C 1125 81.63 28.45 28.77
C ASN C 1125 81.59 28.18 27.27
N CYS C 1126 82.70 28.50 26.60
CA CYS C 1126 82.76 28.37 25.15
C CYS C 1126 82.74 26.91 24.69
N ASP C 1127 83.31 26.00 25.49
CA ASP C 1127 83.52 24.63 25.03
C ASP C 1127 82.20 23.90 24.79
N VAL C 1128 81.20 24.11 25.65
CA VAL C 1128 79.99 23.29 25.61
C VAL C 1128 79.23 23.51 24.30
N VAL C 1129 79.10 24.77 23.87
CA VAL C 1129 78.33 25.08 22.67
C VAL C 1129 79.07 24.57 21.45
N ILE C 1130 78.33 24.00 20.50
CA ILE C 1130 78.89 23.47 19.27
C ILE C 1130 78.59 24.43 18.14
N GLY C 1131 79.62 24.79 17.37
CA GLY C 1131 79.47 25.67 16.24
C GLY C 1131 79.78 27.13 16.49
N ILE C 1132 80.41 27.47 17.63
CA ILE C 1132 80.74 28.86 17.90
C ILE C 1132 81.81 29.35 16.95
N VAL C 1133 81.97 30.68 16.90
CA VAL C 1133 82.99 31.33 16.09
C VAL C 1133 83.65 32.42 16.91
N ASN C 1134 84.96 32.54 16.79
CA ASN C 1134 85.69 33.56 17.51
C ASN C 1134 85.42 34.93 16.91
N ASN C 1135 85.24 35.93 17.77
CA ASN C 1135 84.95 37.29 17.33
C ASN C 1135 85.17 38.21 18.53
N THR C 1136 85.07 39.52 18.27
CA THR C 1136 85.24 40.54 19.29
C THR C 1136 83.91 41.27 19.49
N VAL C 1137 83.53 41.46 20.75
CA VAL C 1137 82.28 42.12 21.10
C VAL C 1137 82.62 43.51 21.63
N TYR C 1138 82.07 44.53 20.99
CA TYR C 1138 82.34 45.91 21.39
C TYR C 1138 81.77 46.17 22.77
N ASP C 1139 82.35 47.14 23.47
CA ASP C 1139 81.94 47.51 24.83
C ASP C 1139 81.74 49.01 24.89
N PRO C 1140 80.51 49.50 25.07
CA PRO C 1140 80.30 50.95 25.16
C PRO C 1140 80.92 51.58 26.40
N LEU C 1141 81.26 50.78 27.41
CA LEU C 1141 81.88 51.32 28.62
C LEU C 1141 83.31 51.78 28.35
N GLN C 1142 84.06 51.03 27.55
CA GLN C 1142 85.50 51.27 27.42
C GLN C 1142 85.84 52.64 26.86
N PRO C 1143 85.18 53.16 25.82
CA PRO C 1143 85.57 54.48 25.31
C PRO C 1143 85.02 55.64 26.12
N GLU C 1144 83.90 55.46 26.83
CA GLU C 1144 83.41 56.52 27.70
C GLU C 1144 84.25 56.64 28.97
N LEU C 1145 84.66 55.51 29.54
CA LEU C 1145 85.51 55.55 30.72
C LEU C 1145 86.96 55.89 30.39
N ASP C 1146 87.39 55.68 29.14
CA ASP C 1146 88.75 56.02 28.76
C ASP C 1146 88.96 57.52 28.70
N SER C 1147 87.93 58.28 28.34
CA SER C 1147 88.04 59.73 28.26
C SER C 1147 88.10 60.39 29.63
N PHE C 1148 87.86 59.64 30.70
CA PHE C 1148 87.87 60.17 32.06
C PHE C 1148 88.79 59.34 32.95
N LYS C 1149 90.01 59.10 32.48
CA LYS C 1149 91.00 58.36 33.24
C LYS C 1149 91.40 59.10 34.51
N GLN D 1 -22.78 -44.09 -22.68
CA GLN D 1 -22.95 -43.59 -24.04
C GLN D 1 -22.48 -42.14 -24.16
N VAL D 2 -22.00 -41.78 -25.34
CA VAL D 2 -21.55 -40.43 -25.65
C VAL D 2 -22.40 -39.89 -26.79
N GLN D 3 -22.89 -38.67 -26.64
CA GLN D 3 -23.74 -38.08 -27.66
C GLN D 3 -23.57 -36.57 -27.67
N LEU D 4 -23.85 -35.97 -28.82
CA LEU D 4 -23.72 -34.53 -29.03
C LEU D 4 -25.05 -33.97 -29.52
N VAL D 5 -25.37 -32.76 -29.06
CA VAL D 5 -26.62 -32.08 -29.42
C VAL D 5 -26.27 -30.69 -29.96
N GLU D 6 -26.84 -30.33 -31.10
CA GLU D 6 -26.67 -29.02 -31.69
C GLU D 6 -28.03 -28.38 -31.93
N SER D 7 -28.13 -27.10 -31.59
CA SER D 7 -29.37 -26.35 -31.79
C SER D 7 -29.04 -24.89 -31.96
N GLY D 8 -29.96 -24.16 -32.58
CA GLY D 8 -29.79 -22.74 -32.83
C GLY D 8 -30.07 -22.31 -34.26
N GLY D 9 -29.94 -23.20 -35.24
CA GLY D 9 -30.24 -22.84 -36.61
C GLY D 9 -31.73 -22.68 -36.86
N GLY D 10 -32.05 -22.07 -37.98
CA GLY D 10 -33.43 -21.83 -38.34
C GLY D 10 -33.54 -20.63 -39.26
N VAL D 11 -34.68 -19.95 -39.16
CA VAL D 11 -34.96 -18.81 -40.04
C VAL D 11 -34.06 -17.66 -39.67
N VAL D 12 -33.19 -17.26 -40.61
CA VAL D 12 -32.25 -16.17 -40.39
C VAL D 12 -32.15 -15.34 -41.67
N GLN D 13 -32.06 -14.03 -41.51
CA GLN D 13 -31.98 -13.08 -42.60
C GLN D 13 -30.56 -12.99 -43.15
N PRO D 14 -30.41 -12.83 -44.46
CA PRO D 14 -29.06 -12.79 -45.05
C PRO D 14 -28.26 -11.57 -44.59
N GLY D 15 -26.95 -11.74 -44.54
CA GLY D 15 -26.02 -10.66 -44.27
C GLY D 15 -25.90 -10.26 -42.82
N ARG D 16 -26.61 -10.91 -41.91
CA ARG D 16 -26.61 -10.54 -40.51
C ARG D 16 -25.57 -11.40 -39.77
N SER D 17 -25.65 -11.43 -38.44
CA SER D 17 -24.77 -12.24 -37.62
C SER D 17 -25.60 -13.22 -36.80
N LEU D 18 -24.98 -14.34 -36.43
CA LEU D 18 -25.68 -15.39 -35.69
C LEU D 18 -24.68 -16.12 -34.81
N ARG D 19 -25.23 -16.86 -33.83
CA ARG D 19 -24.43 -17.64 -32.89
C ARG D 19 -24.99 -19.05 -32.81
N LEU D 20 -24.10 -20.04 -32.85
CA LEU D 20 -24.47 -21.45 -32.80
C LEU D 20 -23.68 -22.15 -31.70
N SER D 21 -24.15 -23.33 -31.32
CA SER D 21 -23.57 -24.05 -30.19
C SER D 21 -23.65 -25.56 -30.42
N CYS D 22 -22.80 -26.29 -29.68
CA CYS D 22 -22.79 -27.75 -29.68
C CYS D 22 -22.83 -28.24 -28.24
N ALA D 23 -23.94 -28.83 -27.83
CA ALA D 23 -24.02 -29.49 -26.54
C ALA D 23 -23.33 -30.84 -26.59
N ALA D 24 -22.68 -31.21 -25.49
CA ALA D 24 -21.94 -32.46 -25.41
C ALA D 24 -22.39 -33.25 -24.18
N SER D 25 -22.40 -34.57 -24.32
CA SER D 25 -22.85 -35.44 -23.23
C SER D 25 -22.18 -36.80 -23.37
N GLY D 26 -21.52 -37.25 -22.31
CA GLY D 26 -20.97 -38.59 -22.23
C GLY D 26 -19.48 -38.66 -21.99
N PHE D 27 -18.70 -37.73 -22.53
CA PHE D 27 -17.24 -37.83 -22.48
C PHE D 27 -16.64 -36.54 -21.98
N THR D 28 -15.32 -36.58 -21.74
CA THR D 28 -14.57 -35.41 -21.30
C THR D 28 -14.35 -34.51 -22.52
N PHE D 29 -15.20 -33.51 -22.64
CA PHE D 29 -15.18 -32.63 -23.81
C PHE D 29 -13.84 -31.90 -23.92
N ARG D 30 -13.29 -31.45 -22.79
CA ARG D 30 -12.05 -30.70 -22.80
C ARG D 30 -10.84 -31.53 -23.23
N SER D 31 -10.98 -32.85 -23.30
CA SER D 31 -9.90 -33.74 -23.69
C SER D 31 -9.94 -34.09 -25.17
N TYR D 32 -10.74 -33.38 -25.96
CA TYR D 32 -10.97 -33.72 -27.36
C TYR D 32 -10.92 -32.46 -28.21
N GLY D 33 -10.64 -32.65 -29.50
CA GLY D 33 -10.65 -31.56 -30.45
C GLY D 33 -11.97 -31.51 -31.21
N MET D 34 -12.64 -30.37 -31.14
CA MET D 34 -14.00 -30.25 -31.65
C MET D 34 -14.02 -30.02 -33.16
N HIS D 35 -15.24 -30.06 -33.71
CA HIS D 35 -15.47 -30.02 -35.15
C HIS D 35 -16.50 -28.97 -35.49
N TRP D 36 -16.55 -28.61 -36.77
CA TRP D 36 -17.64 -27.83 -37.34
C TRP D 36 -17.79 -28.23 -38.80
N VAL D 37 -18.94 -28.80 -39.14
CA VAL D 37 -19.20 -29.37 -40.45
C VAL D 37 -20.65 -29.14 -40.81
N ARG D 38 -20.91 -28.75 -42.06
CA ARG D 38 -22.25 -28.49 -42.55
C ARG D 38 -22.57 -29.41 -43.71
N GLN D 39 -23.85 -29.80 -43.82
CA GLN D 39 -24.32 -30.72 -44.86
C GLN D 39 -25.52 -30.09 -45.55
N ALA D 40 -25.34 -29.63 -46.77
CA ALA D 40 -26.41 -28.98 -47.51
C ALA D 40 -27.39 -30.03 -48.06
N PRO D 41 -28.69 -29.78 -47.95
CA PRO D 41 -29.66 -30.67 -48.63
C PRO D 41 -29.46 -30.60 -50.13
N GLY D 42 -29.58 -31.75 -50.78
CA GLY D 42 -29.27 -31.86 -52.19
C GLY D 42 -27.78 -31.87 -52.50
N LYS D 43 -26.93 -31.77 -51.48
CA LYS D 43 -25.48 -31.79 -51.64
C LYS D 43 -24.87 -32.81 -50.69
N GLY D 44 -23.54 -32.81 -50.58
CA GLY D 44 -22.85 -33.67 -49.67
C GLY D 44 -22.25 -32.93 -48.50
N LEU D 45 -21.32 -33.57 -47.82
CA LEU D 45 -20.67 -32.96 -46.65
C LEU D 45 -19.84 -31.77 -47.07
N GLU D 46 -19.90 -30.71 -46.27
CA GLU D 46 -19.15 -29.48 -46.50
C GLU D 46 -18.48 -29.11 -45.18
N TRP D 47 -17.22 -29.52 -45.02
CA TRP D 47 -16.50 -29.27 -43.78
C TRP D 47 -16.24 -27.78 -43.61
N VAL D 48 -16.31 -27.30 -42.37
CA VAL D 48 -16.11 -25.89 -42.09
C VAL D 48 -14.73 -25.63 -41.48
N ALA D 49 -14.49 -26.17 -40.29
CA ALA D 49 -13.27 -25.83 -39.57
C ALA D 49 -12.97 -26.90 -38.53
N PHE D 50 -11.94 -26.62 -37.72
CA PHE D 50 -11.51 -27.50 -36.64
C PHE D 50 -10.80 -26.66 -35.59
N ILE D 51 -10.64 -27.25 -34.40
CA ILE D 51 -10.09 -26.53 -33.27
C ILE D 51 -9.35 -27.52 -32.38
N SER D 52 -8.19 -27.10 -31.86
CA SER D 52 -7.41 -27.95 -30.97
C SER D 52 -8.15 -28.19 -29.66
N TYR D 53 -7.70 -29.20 -28.92
CA TYR D 53 -8.36 -29.57 -27.67
C TYR D 53 -8.30 -28.44 -26.64
N ASP D 54 -7.30 -27.58 -26.71
CA ASP D 54 -7.15 -26.48 -25.78
C ASP D 54 -7.38 -25.11 -26.39
N GLY D 55 -7.68 -25.03 -27.67
CA GLY D 55 -7.94 -23.76 -28.30
C GLY D 55 -6.74 -23.03 -28.83
N SER D 56 -5.53 -23.55 -28.63
CA SER D 56 -4.35 -22.90 -29.18
C SER D 56 -4.30 -23.03 -30.69
N ASP D 57 -4.54 -24.23 -31.22
CA ASP D 57 -4.43 -24.50 -32.64
C ASP D 57 -5.81 -24.50 -33.27
N LYS D 58 -5.95 -23.80 -34.39
CA LYS D 58 -7.21 -23.69 -35.10
C LYS D 58 -6.97 -23.95 -36.58
N TYR D 59 -7.91 -24.63 -37.21
CA TYR D 59 -7.80 -24.92 -38.64
C TYR D 59 -9.11 -24.58 -39.32
N TYR D 60 -9.00 -24.01 -40.52
CA TYR D 60 -10.11 -23.34 -41.19
C TYR D 60 -10.17 -23.77 -42.66
N ALA D 61 -11.21 -23.32 -43.34
CA ALA D 61 -11.45 -23.64 -44.75
C ALA D 61 -11.20 -22.42 -45.63
N ASP D 62 -10.88 -22.70 -46.90
CA ASP D 62 -10.52 -21.65 -47.85
C ASP D 62 -11.73 -20.89 -48.37
N SER D 63 -12.87 -21.57 -48.56
CA SER D 63 -14.01 -20.95 -49.23
C SER D 63 -14.53 -19.75 -48.44
N VAL D 64 -14.62 -19.87 -47.12
CA VAL D 64 -15.14 -18.81 -46.28
C VAL D 64 -14.03 -18.28 -45.37
N LYS D 65 -12.79 -18.33 -45.87
CA LYS D 65 -11.61 -17.91 -45.13
C LYS D 65 -11.83 -16.55 -44.46
N GLY D 66 -11.86 -16.54 -43.13
CA GLY D 66 -12.12 -15.34 -42.37
C GLY D 66 -13.58 -14.96 -42.23
N ARG D 67 -14.50 -15.64 -42.94
CA ARG D 67 -15.89 -15.20 -42.95
C ARG D 67 -16.67 -15.65 -41.73
N PHE D 68 -16.23 -16.70 -41.05
CA PHE D 68 -16.89 -17.18 -39.83
C PHE D 68 -15.98 -16.91 -38.63
N THR D 69 -16.41 -17.40 -37.47
CA THR D 69 -15.58 -17.41 -36.28
C THR D 69 -15.86 -18.68 -35.49
N ILE D 70 -14.79 -19.28 -34.96
CA ILE D 70 -14.85 -20.57 -34.31
C ILE D 70 -14.28 -20.45 -32.90
N SER D 71 -14.96 -21.07 -31.94
CA SER D 71 -14.58 -20.91 -30.54
C SER D 71 -15.10 -22.08 -29.72
N ARG D 72 -14.48 -22.27 -28.55
CA ARG D 72 -14.91 -23.26 -27.58
C ARG D 72 -14.57 -22.75 -26.17
N ASP D 73 -15.30 -23.26 -25.19
CA ASP D 73 -15.09 -22.92 -23.79
C ASP D 73 -15.12 -24.21 -22.98
N ASN D 74 -14.06 -24.42 -22.18
CA ASN D 74 -13.89 -25.70 -21.50
C ASN D 74 -14.90 -25.89 -20.37
N SER D 75 -15.09 -24.86 -19.54
CA SER D 75 -15.85 -25.02 -18.30
C SER D 75 -17.31 -25.38 -18.58
N LYS D 76 -17.93 -24.70 -19.55
CA LYS D 76 -19.35 -24.93 -19.80
C LYS D 76 -19.61 -26.17 -20.64
N ASN D 77 -18.56 -26.89 -21.05
CA ASN D 77 -18.71 -28.13 -21.81
C ASN D 77 -19.49 -27.89 -23.11
N THR D 78 -19.16 -26.80 -23.80
CA THR D 78 -19.89 -26.40 -24.99
C THR D 78 -18.90 -25.99 -26.08
N LEU D 79 -19.39 -26.01 -27.31
CA LEU D 79 -18.60 -25.66 -28.49
C LEU D 79 -19.40 -24.65 -29.31
N TYR D 80 -18.72 -23.67 -29.89
CA TYR D 80 -19.39 -22.54 -30.52
C TYR D 80 -18.82 -22.26 -31.91
N LEU D 81 -19.64 -21.62 -32.73
CA LEU D 81 -19.29 -21.24 -34.10
C LEU D 81 -19.98 -19.92 -34.42
N GLN D 82 -19.23 -18.82 -34.30
CA GLN D 82 -19.77 -17.49 -34.61
C GLN D 82 -19.65 -17.28 -36.11
N MET D 83 -20.58 -17.90 -36.84
CA MET D 83 -20.68 -17.79 -38.29
C MET D 83 -21.26 -16.43 -38.68
N ASN D 84 -20.87 -15.94 -39.85
CA ASN D 84 -21.29 -14.62 -40.31
C ASN D 84 -21.43 -14.64 -41.84
N SER D 85 -22.18 -13.65 -42.34
CA SER D 85 -22.30 -13.39 -43.78
C SER D 85 -22.85 -14.60 -44.52
N LEU D 86 -24.11 -14.92 -44.24
CA LEU D 86 -24.77 -16.05 -44.89
C LEU D 86 -25.04 -15.76 -46.36
N ARG D 87 -24.87 -16.78 -47.19
CA ARG D 87 -25.09 -16.73 -48.63
C ARG D 87 -26.08 -17.83 -49.02
N ALA D 88 -26.24 -18.03 -50.34
CA ALA D 88 -27.22 -18.99 -50.82
C ALA D 88 -26.78 -20.43 -50.58
N GLU D 89 -25.50 -20.73 -50.86
CA GLU D 89 -25.04 -22.12 -50.81
C GLU D 89 -25.03 -22.67 -49.39
N ASP D 90 -24.78 -21.83 -48.39
CA ASP D 90 -24.55 -22.31 -47.04
C ASP D 90 -25.79 -22.90 -46.37
N THR D 91 -26.91 -23.02 -47.07
CA THR D 91 -28.06 -23.69 -46.47
C THR D 91 -27.72 -25.15 -46.20
N ALA D 92 -27.51 -25.48 -44.93
CA ALA D 92 -26.92 -26.78 -44.59
C ALA D 92 -27.13 -27.05 -43.11
N VAL D 93 -27.46 -28.31 -42.79
CA VAL D 93 -27.49 -28.72 -41.40
C VAL D 93 -26.08 -28.76 -40.85
N TYR D 94 -25.91 -28.31 -39.61
CA TYR D 94 -24.60 -28.22 -38.99
C TYR D 94 -24.43 -29.36 -38.00
N TYR D 95 -23.34 -30.11 -38.14
CA TYR D 95 -23.11 -31.32 -37.36
C TYR D 95 -21.84 -31.16 -36.54
N CYS D 96 -21.99 -31.11 -35.22
CA CYS D 96 -20.87 -31.10 -34.30
C CYS D 96 -20.38 -32.53 -34.09
N ALA D 97 -19.07 -32.70 -34.02
CA ALA D 97 -18.48 -34.03 -34.09
C ALA D 97 -17.35 -34.20 -33.09
N ARG D 98 -17.12 -35.45 -32.70
CA ARG D 98 -16.02 -35.85 -31.83
C ARG D 98 -14.88 -36.42 -32.68
N ASP D 99 -13.65 -36.22 -32.21
CA ASP D 99 -12.48 -36.64 -32.96
C ASP D 99 -12.14 -38.09 -32.65
N LEU D 100 -12.00 -38.90 -33.70
CA LEU D 100 -11.60 -40.29 -33.50
C LEU D 100 -10.18 -40.38 -32.97
N SER D 101 -9.30 -39.50 -33.44
CA SER D 101 -7.95 -39.39 -32.89
C SER D 101 -7.65 -37.91 -32.69
N ALA D 102 -6.78 -37.62 -31.73
CA ALA D 102 -6.50 -36.23 -31.38
C ALA D 102 -5.51 -35.61 -32.35
N GLY D 103 -4.27 -36.11 -32.36
CA GLY D 103 -3.22 -35.53 -33.17
C GLY D 103 -2.34 -36.57 -33.83
N HIS D 104 -2.92 -37.72 -34.17
CA HIS D 104 -2.15 -38.85 -34.66
C HIS D 104 -1.28 -38.47 -35.85
N CYS D 105 -0.30 -39.32 -36.15
CA CYS D 105 0.69 -39.05 -37.17
C CYS D 105 1.00 -40.32 -37.97
N THR D 106 1.53 -40.10 -39.17
CA THR D 106 2.11 -41.17 -39.97
C THR D 106 3.49 -41.58 -39.48
N GLY D 107 4.23 -40.68 -38.85
CA GLY D 107 5.58 -40.93 -38.41
C GLY D 107 6.47 -39.73 -38.68
N GLY D 108 6.14 -38.98 -39.72
CA GLY D 108 6.87 -37.77 -40.06
C GLY D 108 5.99 -36.54 -40.04
N VAL D 109 4.70 -36.69 -40.29
CA VAL D 109 3.77 -35.57 -40.32
C VAL D 109 2.85 -35.63 -39.10
N CYS D 110 2.91 -34.59 -38.27
CA CYS D 110 2.18 -34.56 -37.00
C CYS D 110 1.28 -33.33 -36.96
N TYR D 111 -0.01 -33.56 -37.18
CA TYR D 111 -1.02 -32.51 -37.11
C TYR D 111 -2.28 -33.06 -36.45
N THR D 112 -3.08 -32.14 -35.93
CA THR D 112 -4.37 -32.49 -35.34
C THR D 112 -5.34 -32.84 -36.46
N ALA D 113 -5.54 -34.13 -36.70
CA ALA D 113 -6.36 -34.58 -37.81
C ALA D 113 -7.84 -34.56 -37.42
N GLY D 114 -8.67 -35.03 -38.35
CA GLY D 114 -10.09 -35.10 -38.12
C GLY D 114 -10.68 -36.46 -38.41
N GLY D 115 -11.18 -37.13 -37.39
CA GLY D 115 -11.84 -38.41 -37.56
C GLY D 115 -13.14 -38.45 -36.77
N ILE D 116 -14.23 -38.77 -37.47
CA ILE D 116 -15.56 -38.77 -36.87
C ILE D 116 -16.17 -40.15 -36.95
N ASP D 117 -16.62 -40.66 -35.81
CA ASP D 117 -17.46 -41.85 -35.71
C ASP D 117 -18.76 -41.58 -34.96
N TYR D 118 -18.75 -40.69 -33.98
CA TYR D 118 -19.94 -40.24 -33.28
C TYR D 118 -20.25 -38.81 -33.71
N TRP D 119 -21.51 -38.56 -34.04
CA TRP D 119 -21.95 -37.26 -34.54
C TRP D 119 -23.00 -36.68 -33.61
N GLY D 120 -23.50 -35.49 -33.98
CA GLY D 120 -24.53 -34.83 -33.22
C GLY D 120 -25.91 -34.98 -33.84
N GLN D 121 -26.91 -34.37 -33.18
CA GLN D 121 -28.28 -34.45 -33.67
C GLN D 121 -28.46 -33.66 -34.96
N GLY D 122 -27.99 -32.42 -34.98
CA GLY D 122 -28.07 -31.61 -36.21
C GLY D 122 -28.90 -30.35 -36.04
N THR D 123 -28.32 -29.24 -36.50
CA THR D 123 -29.02 -27.97 -36.56
C THR D 123 -28.85 -27.39 -37.96
N LEU D 124 -29.94 -26.90 -38.55
CA LEU D 124 -29.97 -26.48 -39.94
C LEU D 124 -30.23 -24.99 -40.04
N VAL D 125 -29.45 -24.32 -40.87
CA VAL D 125 -29.58 -22.88 -41.09
C VAL D 125 -30.50 -22.65 -42.29
N THR D 126 -31.44 -21.73 -42.14
CA THR D 126 -32.43 -21.42 -43.18
C THR D 126 -32.23 -19.98 -43.63
N VAL D 127 -31.56 -19.81 -44.76
CA VAL D 127 -31.39 -18.50 -45.41
C VAL D 127 -32.03 -18.62 -46.79
N SER D 128 -33.15 -17.93 -46.99
CA SER D 128 -33.88 -18.04 -48.24
C SER D 128 -34.69 -16.77 -48.47
N SER D 129 -35.13 -16.59 -49.71
CA SER D 129 -35.98 -15.46 -50.07
C SER D 129 -37.43 -15.69 -49.65
N ALA D 130 -37.97 -16.88 -49.90
CA ALA D 130 -39.31 -17.21 -49.47
C ALA D 130 -39.38 -17.18 -47.94
N SER D 131 -40.42 -16.53 -47.42
CA SER D 131 -40.57 -16.39 -45.98
C SER D 131 -41.19 -17.66 -45.39
N THR D 132 -41.37 -17.65 -44.07
CA THR D 132 -41.99 -18.78 -43.36
C THR D 132 -43.50 -18.70 -43.57
N LYS D 133 -43.94 -19.14 -44.75
CA LYS D 133 -45.34 -19.08 -45.13
C LYS D 133 -46.08 -20.32 -44.64
N GLY D 134 -47.32 -20.12 -44.19
CA GLY D 134 -48.16 -21.20 -43.73
C GLY D 134 -48.76 -21.99 -44.89
N PRO D 135 -49.04 -23.26 -44.65
CA PRO D 135 -49.54 -24.14 -45.72
C PRO D 135 -51.06 -24.20 -45.79
N SER D 136 -51.54 -24.87 -46.83
CA SER D 136 -52.93 -25.30 -46.95
C SER D 136 -52.93 -26.80 -47.19
N VAL D 137 -53.60 -27.55 -46.32
CA VAL D 137 -53.52 -29.00 -46.27
C VAL D 137 -54.78 -29.59 -46.90
N PHE D 138 -54.58 -30.57 -47.80
CA PHE D 138 -55.64 -31.29 -48.49
C PHE D 138 -55.77 -32.71 -47.94
N PRO D 139 -56.98 -33.26 -47.86
CA PRO D 139 -57.12 -34.67 -47.50
C PRO D 139 -57.14 -35.55 -48.75
N LEU D 140 -56.53 -36.73 -48.65
CA LEU D 140 -56.46 -37.68 -49.76
C LEU D 140 -57.40 -38.84 -49.47
N ALA D 141 -58.56 -38.83 -50.12
CA ALA D 141 -59.52 -39.90 -49.97
C ALA D 141 -59.18 -41.07 -50.89
N PRO D 142 -59.51 -42.31 -50.49
CA PRO D 142 -59.25 -43.45 -51.37
C PRO D 142 -60.31 -43.55 -52.47
N SER D 143 -59.85 -43.83 -53.68
CA SER D 143 -60.78 -44.03 -54.80
C SER D 143 -61.60 -45.29 -54.58
N SER D 144 -62.80 -45.30 -55.13
CA SER D 144 -63.76 -46.38 -54.88
C SER D 144 -63.33 -47.71 -55.49
N LYS D 145 -62.32 -47.73 -56.36
CA LYS D 145 -61.91 -48.96 -57.02
C LYS D 145 -61.23 -49.96 -56.09
N SER D 146 -60.86 -49.55 -54.87
CA SER D 146 -60.17 -50.43 -53.93
C SER D 146 -61.18 -50.92 -52.90
N THR D 147 -61.83 -52.04 -53.20
CA THR D 147 -62.80 -52.65 -52.31
C THR D 147 -62.69 -54.17 -52.40
N SER D 148 -63.51 -54.85 -51.60
CA SER D 148 -63.63 -56.31 -51.61
C SER D 148 -62.29 -56.98 -51.27
N GLY D 149 -61.81 -56.70 -50.06
CA GLY D 149 -60.63 -57.35 -49.55
C GLY D 149 -59.30 -56.81 -50.05
N GLY D 150 -59.30 -55.65 -50.69
CA GLY D 150 -58.09 -55.05 -51.18
C GLY D 150 -57.48 -54.05 -50.21
N THR D 151 -56.58 -53.23 -50.72
CA THR D 151 -55.94 -52.17 -49.96
C THR D 151 -56.33 -50.83 -50.56
N ALA D 152 -56.83 -49.93 -49.73
CA ALA D 152 -57.27 -48.60 -50.16
C ALA D 152 -56.41 -47.54 -49.48
N ALA D 153 -55.41 -47.04 -50.21
CA ALA D 153 -54.52 -46.01 -49.69
C ALA D 153 -55.31 -44.74 -49.43
N LEU D 154 -55.05 -44.11 -48.29
CA LEU D 154 -55.76 -42.90 -47.91
C LEU D 154 -54.94 -42.13 -46.89
N GLY D 155 -55.20 -40.83 -46.80
CA GLY D 155 -54.50 -39.97 -45.88
C GLY D 155 -54.78 -38.50 -46.09
N CYS D 156 -53.73 -37.68 -46.05
CA CYS D 156 -53.87 -36.24 -46.26
C CYS D 156 -52.64 -35.73 -46.98
N LEU D 157 -52.79 -34.58 -47.64
CA LEU D 157 -51.75 -34.01 -48.49
C LEU D 157 -51.45 -32.59 -48.04
N VAL D 158 -50.17 -32.27 -47.92
CA VAL D 158 -49.69 -30.94 -47.57
C VAL D 158 -48.85 -30.41 -48.73
N LYS D 159 -49.18 -29.22 -49.21
CA LYS D 159 -48.50 -28.62 -50.35
C LYS D 159 -48.32 -27.13 -50.11
N ASP D 160 -47.27 -26.57 -50.71
CA ASP D 160 -46.99 -25.14 -50.67
C ASP D 160 -46.76 -24.65 -49.23
N TYR D 161 -45.69 -25.15 -48.62
CA TYR D 161 -45.28 -24.70 -47.29
C TYR D 161 -43.79 -24.43 -47.26
N PHE D 162 -43.34 -23.88 -46.14
CA PHE D 162 -41.95 -23.49 -45.92
C PHE D 162 -41.78 -23.08 -44.47
N PRO D 163 -40.66 -23.40 -43.81
CA PRO D 163 -39.55 -24.27 -44.25
C PRO D 163 -39.64 -25.69 -43.68
N GLU D 164 -38.57 -26.45 -43.83
CA GLU D 164 -38.47 -27.76 -43.21
C GLU D 164 -38.30 -27.62 -41.70
N PRO D 165 -38.56 -28.70 -40.93
CA PRO D 165 -39.11 -30.00 -41.35
C PRO D 165 -40.59 -30.17 -40.98
N VAL D 166 -41.18 -31.29 -41.40
CA VAL D 166 -42.52 -31.68 -41.01
C VAL D 166 -42.53 -33.18 -40.79
N THR D 167 -43.25 -33.62 -39.75
CA THR D 167 -43.31 -35.03 -39.39
C THR D 167 -44.76 -35.50 -39.45
N VAL D 168 -44.96 -36.71 -39.98
CA VAL D 168 -46.27 -37.31 -40.11
C VAL D 168 -46.25 -38.67 -39.42
N SER D 169 -47.10 -38.84 -38.42
CA SER D 169 -47.31 -40.12 -37.75
C SER D 169 -48.80 -40.40 -37.68
N TRP D 170 -49.18 -41.61 -38.09
CA TRP D 170 -50.59 -41.96 -38.18
C TRP D 170 -51.17 -42.17 -36.78
N ASN D 171 -52.35 -41.60 -36.55
CA ASN D 171 -53.04 -41.66 -35.25
C ASN D 171 -52.17 -41.08 -34.14
N SER D 172 -51.44 -40.01 -34.46
CA SER D 172 -50.57 -39.32 -33.50
C SER D 172 -49.56 -40.28 -32.87
N GLY D 173 -49.01 -41.18 -33.69
CA GLY D 173 -48.05 -42.15 -33.22
C GLY D 173 -48.63 -43.46 -32.73
N ALA D 174 -49.96 -43.57 -32.62
CA ALA D 174 -50.56 -44.82 -32.21
C ALA D 174 -50.50 -45.88 -33.29
N LEU D 175 -50.34 -45.48 -34.55
CA LEU D 175 -50.22 -46.41 -35.67
C LEU D 175 -48.88 -46.17 -36.35
N THR D 176 -48.10 -47.25 -36.50
CA THR D 176 -46.78 -47.18 -37.11
C THR D 176 -46.56 -48.13 -38.27
N SER D 177 -47.38 -49.16 -38.43
CA SER D 177 -47.20 -50.12 -39.52
C SER D 177 -47.89 -49.58 -40.77
N GLY D 178 -47.09 -49.19 -41.75
CA GLY D 178 -47.60 -48.67 -43.00
C GLY D 178 -47.35 -47.19 -43.23
N VAL D 179 -46.86 -46.46 -42.23
CA VAL D 179 -46.58 -45.05 -42.39
C VAL D 179 -45.43 -44.87 -43.36
N HIS D 180 -45.69 -44.16 -44.45
CA HIS D 180 -44.68 -43.91 -45.50
C HIS D 180 -44.73 -42.43 -45.84
N THR D 181 -43.94 -41.64 -45.12
CA THR D 181 -43.89 -40.19 -45.35
C THR D 181 -42.95 -39.91 -46.51
N PHE D 182 -43.51 -39.47 -47.63
CA PHE D 182 -42.70 -39.13 -48.79
C PHE D 182 -41.80 -37.94 -48.47
N PRO D 183 -40.59 -37.91 -49.02
CA PRO D 183 -39.70 -36.76 -48.78
C PRO D 183 -40.31 -35.47 -49.29
N ALA D 184 -39.95 -34.38 -48.63
CA ALA D 184 -40.47 -33.07 -49.00
C ALA D 184 -40.00 -32.69 -50.40
N VAL D 185 -40.81 -31.91 -51.10
CA VAL D 185 -40.56 -31.52 -52.48
C VAL D 185 -40.48 -30.01 -52.53
N LEU D 186 -39.31 -29.48 -52.91
CA LEU D 186 -39.12 -28.04 -53.06
C LEU D 186 -39.55 -27.64 -54.46
N GLN D 187 -40.63 -26.86 -54.54
CA GLN D 187 -41.19 -26.48 -55.82
C GLN D 187 -40.50 -25.23 -56.35
N SER D 188 -40.74 -24.94 -57.64
CA SER D 188 -40.16 -23.76 -58.27
C SER D 188 -40.66 -22.47 -57.63
N SER D 189 -41.82 -22.50 -56.96
CA SER D 189 -42.32 -21.36 -56.22
C SER D 189 -41.64 -21.16 -54.88
N GLY D 190 -40.58 -21.92 -54.60
CA GLY D 190 -39.89 -21.82 -53.32
C GLY D 190 -40.63 -22.45 -52.16
N LEU D 191 -41.62 -23.28 -52.42
CA LEU D 191 -42.48 -23.88 -51.41
C LEU D 191 -42.22 -25.38 -51.33
N TYR D 192 -42.96 -26.05 -50.44
CA TYR D 192 -42.71 -27.45 -50.13
C TYR D 192 -43.98 -28.27 -50.23
N SER D 193 -43.80 -29.57 -50.45
CA SER D 193 -44.91 -30.52 -50.52
C SER D 193 -44.36 -31.93 -50.37
N LEU D 194 -45.23 -32.85 -49.96
CA LEU D 194 -44.89 -34.27 -49.85
C LEU D 194 -46.18 -35.06 -49.65
N SER D 195 -46.03 -36.36 -49.43
CA SER D 195 -47.15 -37.26 -49.21
C SER D 195 -46.85 -38.19 -48.05
N SER D 196 -47.91 -38.70 -47.42
CA SER D 196 -47.77 -39.62 -46.31
C SER D 196 -49.09 -40.36 -46.13
N VAL D 197 -49.07 -41.69 -46.30
CA VAL D 197 -50.25 -42.53 -46.17
C VAL D 197 -49.88 -43.78 -45.37
N VAL D 198 -50.90 -44.58 -45.06
CA VAL D 198 -50.72 -45.84 -44.37
C VAL D 198 -51.43 -46.93 -45.18
N THR D 199 -50.98 -48.17 -45.00
CA THR D 199 -51.54 -49.31 -45.71
C THR D 199 -52.38 -50.13 -44.74
N VAL D 200 -53.69 -50.18 -44.99
CA VAL D 200 -54.61 -50.98 -44.18
C VAL D 200 -55.57 -51.71 -45.09
N PRO D 201 -56.07 -52.87 -44.65
CA PRO D 201 -57.04 -53.61 -45.46
C PRO D 201 -58.34 -52.82 -45.63
N SER D 202 -59.01 -53.08 -46.76
CA SER D 202 -60.27 -52.42 -47.05
C SER D 202 -61.42 -52.89 -46.17
N SER D 203 -61.18 -53.86 -45.28
CA SER D 203 -62.22 -54.28 -44.34
C SER D 203 -62.54 -53.20 -43.33
N SER D 204 -61.71 -52.16 -43.24
CA SER D 204 -61.93 -51.06 -42.31
C SER D 204 -62.74 -49.91 -42.91
N LEU D 205 -63.26 -50.09 -44.13
CA LEU D 205 -64.05 -49.03 -44.76
C LEU D 205 -65.30 -48.74 -43.94
N GLY D 206 -65.53 -47.46 -43.64
CA GLY D 206 -66.69 -47.03 -42.91
C GLY D 206 -66.68 -47.36 -41.43
N THR D 207 -65.62 -47.98 -40.92
CA THR D 207 -65.54 -48.32 -39.50
C THR D 207 -64.32 -47.72 -38.82
N GLN D 208 -63.16 -47.75 -39.47
CA GLN D 208 -61.97 -47.14 -38.90
C GLN D 208 -62.03 -45.63 -39.04
N THR D 209 -61.48 -44.94 -38.05
CA THR D 209 -61.45 -43.48 -38.03
C THR D 209 -60.05 -43.00 -38.41
N TYR D 210 -59.96 -42.20 -39.47
CA TYR D 210 -58.70 -41.62 -39.90
C TYR D 210 -58.58 -40.21 -39.35
N ILE D 211 -57.45 -39.90 -38.74
CA ILE D 211 -57.09 -38.54 -38.38
C ILE D 211 -55.64 -38.32 -38.81
N CYS D 212 -55.45 -37.52 -39.86
CA CYS D 212 -54.12 -37.28 -40.41
C CYS D 212 -53.40 -36.24 -39.56
N ASN D 213 -52.17 -36.55 -39.15
CA ASN D 213 -51.38 -35.70 -38.29
C ASN D 213 -50.29 -35.02 -39.10
N VAL D 214 -50.22 -33.70 -39.03
CA VAL D 214 -49.19 -32.90 -39.69
C VAL D 214 -48.52 -32.05 -38.62
N ASN D 215 -47.19 -32.12 -38.55
CA ASN D 215 -46.41 -31.40 -37.56
C ASN D 215 -45.33 -30.59 -38.29
N HIS D 216 -45.72 -29.41 -38.77
CA HIS D 216 -44.83 -28.51 -39.48
C HIS D 216 -44.34 -27.47 -38.48
N LYS D 217 -43.29 -27.85 -37.73
CA LYS D 217 -43.02 -27.18 -36.45
C LYS D 217 -42.44 -25.77 -36.61
N PRO D 218 -41.42 -25.52 -37.43
CA PRO D 218 -40.87 -24.16 -37.50
C PRO D 218 -41.87 -23.10 -37.91
N SER D 219 -43.02 -23.48 -38.48
CA SER D 219 -44.14 -22.58 -38.68
C SER D 219 -45.33 -22.91 -37.81
N ASN D 220 -45.37 -24.13 -37.24
CA ASN D 220 -46.33 -24.52 -36.21
C ASN D 220 -47.78 -24.34 -36.68
N THR D 221 -48.12 -25.07 -37.73
CA THR D 221 -49.48 -25.14 -38.25
C THR D 221 -49.92 -26.59 -38.31
N LYS D 222 -51.13 -26.87 -37.83
CA LYS D 222 -51.68 -28.22 -37.86
C LYS D 222 -53.09 -28.16 -38.43
N VAL D 223 -53.48 -29.20 -39.16
CA VAL D 223 -54.79 -29.30 -39.77
C VAL D 223 -55.39 -30.65 -39.41
N ASP D 224 -56.62 -30.65 -38.89
CA ASP D 224 -57.36 -31.87 -38.60
C ASP D 224 -58.71 -31.77 -39.29
N LYS D 225 -58.73 -32.09 -40.58
CA LYS D 225 -59.95 -32.26 -41.33
C LYS D 225 -60.44 -33.68 -41.14
N ARG D 226 -61.74 -33.86 -40.95
CA ARG D 226 -62.26 -35.20 -40.79
C ARG D 226 -62.00 -36.03 -42.04
N VAL D 227 -61.31 -37.14 -41.87
CA VAL D 227 -60.79 -37.93 -42.98
C VAL D 227 -61.77 -39.07 -43.26
N GLU D 228 -62.13 -39.23 -44.52
CA GLU D 228 -63.05 -40.27 -44.95
C GLU D 228 -62.90 -40.45 -46.45
N PRO D 229 -63.32 -41.59 -46.99
CA PRO D 229 -63.50 -41.67 -48.44
C PRO D 229 -64.71 -40.81 -48.84
N LYS D 230 -64.51 -39.95 -49.83
CA LYS D 230 -65.57 -39.04 -50.23
C LYS D 230 -66.76 -39.81 -50.79
N SER D 231 -67.96 -39.41 -50.38
CA SER D 231 -69.16 -40.13 -50.76
C SER D 231 -69.46 -39.95 -52.24
N CYS D 232 -70.19 -40.93 -52.80
CA CYS D 232 -70.54 -40.92 -54.22
C CYS D 232 -71.91 -40.25 -54.41
N ASP D 233 -71.91 -38.93 -54.24
CA ASP D 233 -73.09 -38.10 -54.39
C ASP D 233 -72.87 -37.11 -55.52
N LYS D 234 -73.82 -37.05 -56.44
CA LYS D 234 -73.73 -36.13 -57.57
C LYS D 234 -74.00 -34.70 -57.15
N ASN E 1 -8.60 -25.92 -52.85
CA ASN E 1 -7.26 -26.49 -52.84
C ASN E 1 -7.17 -27.73 -53.71
N PHE E 2 -7.77 -28.82 -53.25
CA PHE E 2 -7.68 -30.11 -53.91
C PHE E 2 -9.08 -30.62 -54.22
N MET E 3 -9.15 -31.73 -54.95
CA MET E 3 -10.45 -32.24 -55.37
C MET E 3 -10.37 -33.74 -55.63
N LEU E 4 -11.33 -34.48 -55.07
CA LEU E 4 -11.51 -35.89 -55.34
C LEU E 4 -12.67 -36.11 -56.30
N THR E 5 -12.55 -37.14 -57.12
CA THR E 5 -13.55 -37.47 -58.13
C THR E 5 -14.16 -38.83 -57.80
N GLN E 6 -15.49 -38.91 -57.81
CA GLN E 6 -16.20 -40.15 -57.56
C GLN E 6 -17.23 -40.39 -58.66
N PRO E 7 -17.40 -41.63 -59.11
CA PRO E 7 -18.48 -41.93 -60.04
C PRO E 7 -19.83 -41.71 -59.37
N HIS E 8 -20.64 -40.84 -59.97
CA HIS E 8 -21.88 -40.41 -59.32
C HIS E 8 -22.89 -41.52 -59.22
N SER E 9 -22.72 -42.61 -59.97
CA SER E 9 -23.65 -43.74 -59.90
C SER E 9 -22.96 -44.99 -60.43
N VAL E 10 -23.03 -46.06 -59.64
CA VAL E 10 -22.52 -47.37 -60.04
C VAL E 10 -23.56 -48.41 -59.64
N SER E 11 -23.86 -49.34 -60.55
CA SER E 11 -24.86 -50.36 -60.33
C SER E 11 -24.19 -51.73 -60.28
N GLU E 12 -24.57 -52.54 -59.30
CA GLU E 12 -24.01 -53.88 -59.17
C GLU E 12 -24.93 -54.72 -58.30
N SER E 13 -25.15 -55.96 -58.71
CA SER E 13 -25.98 -56.88 -57.95
C SER E 13 -25.32 -57.20 -56.61
N PRO E 14 -26.10 -57.50 -55.58
CA PRO E 14 -25.51 -57.68 -54.24
C PRO E 14 -24.53 -58.83 -54.14
N GLY E 15 -24.56 -59.79 -55.06
CA GLY E 15 -23.68 -60.94 -54.96
C GLY E 15 -22.22 -60.64 -55.22
N LYS E 16 -21.92 -59.57 -55.95
CA LYS E 16 -20.56 -59.20 -56.30
C LYS E 16 -20.13 -57.94 -55.54
N THR E 17 -18.90 -57.51 -55.81
CA THR E 17 -18.24 -56.45 -55.06
C THR E 17 -18.09 -55.21 -55.93
N VAL E 18 -18.21 -54.04 -55.30
CA VAL E 18 -18.11 -52.76 -55.98
C VAL E 18 -16.82 -52.07 -55.52
N THR E 19 -16.30 -51.20 -56.39
CA THR E 19 -15.09 -50.44 -56.11
C THR E 19 -15.30 -48.98 -56.50
N ILE E 20 -14.58 -48.10 -55.82
CA ILE E 20 -14.67 -46.66 -56.06
C ILE E 20 -13.26 -46.14 -56.29
N SER E 21 -13.09 -45.34 -57.35
CA SER E 21 -11.79 -44.74 -57.67
C SER E 21 -11.71 -43.38 -56.98
N CYS E 22 -11.22 -43.38 -55.74
CA CYS E 22 -11.00 -42.13 -54.99
C CYS E 22 -9.75 -41.47 -55.55
N THR E 23 -9.92 -40.72 -56.63
CA THR E 23 -8.81 -40.12 -57.37
C THR E 23 -8.77 -38.63 -57.06
N ARG E 24 -7.79 -38.21 -56.27
CA ARG E 24 -7.48 -36.81 -56.07
C ARG E 24 -6.43 -36.42 -57.09
N ASN E 25 -6.85 -35.73 -58.15
CA ASN E 25 -6.05 -35.57 -59.36
C ASN E 25 -4.80 -34.73 -59.16
N SER E 26 -4.71 -33.98 -58.08
CA SER E 26 -3.57 -33.11 -57.84
C SER E 26 -2.64 -33.71 -56.79
N GLY E 27 -1.39 -33.27 -56.81
CA GLY E 27 -0.43 -33.60 -55.77
C GLY E 27 -0.31 -35.09 -55.53
N SER E 28 -0.23 -35.45 -54.26
CA SER E 28 -0.17 -36.85 -53.83
C SER E 28 -1.00 -37.04 -52.58
N ILE E 29 -1.45 -38.28 -52.36
CA ILE E 29 -2.22 -38.62 -51.17
C ILE E 29 -1.61 -39.83 -50.48
N ALA E 30 -0.30 -40.00 -50.62
CA ALA E 30 0.39 -41.09 -49.95
C ALA E 30 0.91 -40.65 -48.59
N SER E 31 0.76 -41.53 -47.59
CA SER E 31 1.23 -41.29 -46.23
C SER E 31 0.53 -40.11 -45.57
N ASN E 32 -0.74 -39.89 -45.88
CA ASN E 32 -1.54 -38.85 -45.23
C ASN E 32 -2.79 -39.45 -44.58
N TYR E 33 -3.66 -38.59 -44.10
CA TYR E 33 -4.87 -38.99 -43.39
C TYR E 33 -5.95 -39.41 -44.37
N VAL E 34 -6.69 -40.46 -44.01
CA VAL E 34 -7.68 -41.09 -44.88
C VAL E 34 -9.01 -41.18 -44.16
N GLN E 35 -10.09 -40.86 -44.87
CA GLN E 35 -11.44 -40.92 -44.32
C GLN E 35 -12.38 -41.50 -45.36
N TRP E 36 -13.54 -41.97 -44.90
CA TRP E 36 -14.59 -42.47 -45.77
C TRP E 36 -15.92 -42.49 -45.02
N TYR E 37 -16.96 -41.98 -45.67
CA TYR E 37 -18.26 -41.83 -45.04
C TYR E 37 -19.34 -42.29 -46.00
N GLN E 38 -20.42 -42.84 -45.45
CA GLN E 38 -21.54 -43.32 -46.26
C GLN E 38 -22.83 -42.70 -45.74
N GLN E 39 -23.67 -42.25 -46.67
CA GLN E 39 -24.85 -41.46 -46.34
C GLN E 39 -26.09 -42.11 -46.91
N ARG E 40 -27.03 -42.45 -46.03
CA ARG E 40 -28.38 -42.79 -46.45
C ARG E 40 -29.12 -41.51 -46.81
N PRO E 41 -29.73 -41.42 -48.00
CA PRO E 41 -30.32 -40.14 -48.43
C PRO E 41 -31.32 -39.61 -47.42
N GLY E 42 -31.26 -38.31 -47.17
CA GLY E 42 -32.10 -37.67 -46.19
C GLY E 42 -31.64 -37.80 -44.76
N SER E 43 -30.46 -38.38 -44.52
CA SER E 43 -29.95 -38.59 -43.17
C SER E 43 -28.47 -38.21 -43.14
N ALA E 44 -27.90 -38.24 -41.94
CA ALA E 44 -26.50 -37.89 -41.76
C ALA E 44 -25.60 -38.98 -42.31
N PRO E 45 -24.45 -38.62 -42.89
CA PRO E 45 -23.51 -39.65 -43.37
C PRO E 45 -22.92 -40.45 -42.23
N THR E 46 -22.58 -41.70 -42.52
CA THR E 46 -21.97 -42.61 -41.57
C THR E 46 -20.57 -42.99 -42.02
N THR E 47 -19.62 -42.94 -41.11
CA THR E 47 -18.22 -43.23 -41.44
C THR E 47 -18.06 -44.67 -41.91
N VAL E 48 -17.16 -44.86 -42.88
CA VAL E 48 -16.88 -46.20 -43.41
C VAL E 48 -15.48 -46.65 -42.99
N ILE E 49 -14.46 -45.93 -43.46
CA ILE E 49 -13.08 -46.34 -43.25
C ILE E 49 -12.23 -45.10 -42.95
N TYR E 50 -11.35 -45.22 -41.97
CA TYR E 50 -10.40 -44.17 -41.63
C TYR E 50 -9.00 -44.78 -41.62
N GLU E 51 -8.06 -44.13 -42.30
CA GLU E 51 -6.66 -44.55 -42.31
C GLU E 51 -6.52 -46.00 -42.79
N ASP E 52 -6.91 -46.19 -44.06
CA ASP E 52 -6.62 -47.36 -44.87
C ASP E 52 -7.68 -48.46 -44.69
N ASN E 53 -7.64 -49.23 -43.61
CA ASN E 53 -8.55 -50.37 -43.48
C ASN E 53 -9.11 -50.48 -42.05
N GLN E 54 -9.50 -49.36 -41.48
CA GLN E 54 -10.05 -49.35 -40.12
C GLN E 54 -11.54 -49.03 -40.17
N ARG E 55 -12.34 -49.93 -39.61
CA ARG E 55 -13.80 -49.96 -39.68
C ARG E 55 -14.42 -49.61 -38.34
N PRO E 56 -15.55 -48.89 -38.34
CA PRO E 56 -16.18 -48.49 -37.08
C PRO E 56 -16.98 -49.63 -36.45
N SER E 57 -17.69 -49.28 -35.38
CA SER E 57 -18.49 -50.25 -34.65
C SER E 57 -19.88 -50.38 -35.25
N GLY E 58 -20.38 -51.61 -35.30
CA GLY E 58 -21.71 -51.88 -35.81
C GLY E 58 -21.82 -52.04 -37.31
N VAL E 59 -20.79 -51.63 -38.05
CA VAL E 59 -20.79 -51.75 -39.51
C VAL E 59 -20.55 -53.21 -39.87
N PRO E 60 -21.15 -53.73 -40.95
CA PRO E 60 -20.81 -55.08 -41.40
C PRO E 60 -19.34 -55.20 -41.76
N ASP E 61 -18.78 -56.39 -41.52
CA ASP E 61 -17.38 -56.65 -41.82
C ASP E 61 -17.10 -56.68 -43.32
N ARG E 62 -18.13 -56.65 -44.15
CA ARG E 62 -17.95 -56.79 -45.60
C ARG E 62 -17.14 -55.64 -46.19
N PHE E 63 -17.31 -54.43 -45.67
CA PHE E 63 -16.57 -53.29 -46.19
C PHE E 63 -15.08 -53.43 -45.92
N SER E 64 -14.28 -52.93 -46.84
CA SER E 64 -12.82 -52.93 -46.70
C SER E 64 -12.19 -51.93 -47.65
N GLY E 65 -11.37 -51.02 -47.11
CA GLY E 65 -10.76 -49.97 -47.89
C GLY E 65 -9.40 -50.36 -48.45
N SER E 66 -8.94 -49.57 -49.41
CA SER E 66 -7.65 -49.81 -50.05
C SER E 66 -7.17 -48.52 -50.69
N ILE E 67 -5.87 -48.47 -50.96
CA ILE E 67 -5.24 -47.31 -51.60
C ILE E 67 -4.36 -47.81 -52.72
N ASP E 68 -4.46 -47.16 -53.89
CA ASP E 68 -3.60 -47.46 -55.03
C ASP E 68 -2.35 -46.60 -54.88
N SER E 69 -1.26 -47.21 -54.41
CA SER E 69 -0.04 -46.46 -54.16
C SER E 69 0.54 -45.87 -55.43
N SER E 70 0.57 -46.65 -56.51
CA SER E 70 1.17 -46.18 -57.75
C SER E 70 0.35 -45.07 -58.39
N SER E 71 -0.96 -45.24 -58.46
CA SER E 71 -1.83 -44.29 -59.13
C SER E 71 -2.28 -43.13 -58.25
N ASN E 72 -1.85 -43.10 -56.99
CA ASN E 72 -2.20 -42.04 -56.05
C ASN E 72 -3.72 -41.92 -55.91
N SER E 73 -4.32 -43.02 -55.45
CA SER E 73 -5.76 -43.10 -55.31
C SER E 73 -6.09 -44.14 -54.26
N ALA E 74 -7.38 -44.26 -53.97
CA ALA E 74 -7.89 -45.19 -52.97
C ALA E 74 -9.07 -45.96 -53.53
N SER E 75 -9.51 -46.98 -52.79
CA SER E 75 -10.63 -47.79 -53.22
C SER E 75 -11.23 -48.51 -52.02
N LEU E 76 -12.53 -48.78 -52.10
CA LEU E 76 -13.27 -49.49 -51.05
C LEU E 76 -13.83 -50.78 -51.62
N THR E 77 -13.63 -51.88 -50.89
CA THR E 77 -14.11 -53.20 -51.29
C THR E 77 -15.14 -53.68 -50.27
N ILE E 78 -16.33 -54.03 -50.76
CA ILE E 78 -17.39 -54.60 -49.93
C ILE E 78 -17.81 -55.91 -50.59
N SER E 79 -17.57 -57.02 -49.90
CA SER E 79 -17.82 -58.35 -50.44
C SER E 79 -19.19 -58.84 -50.01
N GLY E 80 -19.98 -59.29 -50.98
CA GLY E 80 -21.32 -59.79 -50.69
C GLY E 80 -22.26 -58.69 -50.24
N LEU E 81 -22.58 -57.78 -51.16
CA LEU E 81 -23.42 -56.63 -50.82
C LEU E 81 -24.83 -57.08 -50.44
N LYS E 82 -25.60 -56.12 -49.93
CA LYS E 82 -27.00 -56.32 -49.58
C LYS E 82 -27.81 -55.16 -50.12
N THR E 83 -29.11 -55.41 -50.33
CA THR E 83 -30.00 -54.32 -50.74
C THR E 83 -30.09 -53.24 -49.67
N GLU E 84 -29.83 -53.60 -48.41
CA GLU E 84 -29.80 -52.60 -47.35
C GLU E 84 -28.67 -51.61 -47.54
N ASP E 85 -27.67 -51.96 -48.36
CA ASP E 85 -26.49 -51.13 -48.56
C ASP E 85 -26.70 -50.01 -49.58
N GLU E 86 -27.89 -49.87 -50.14
CA GLU E 86 -28.17 -48.82 -51.12
C GLU E 86 -28.08 -47.46 -50.43
N ALA E 87 -27.03 -46.69 -50.73
CA ALA E 87 -26.82 -45.39 -50.10
C ALA E 87 -25.85 -44.57 -50.92
N ASP E 88 -25.42 -43.44 -50.34
CA ASP E 88 -24.43 -42.55 -50.92
C ASP E 88 -23.09 -42.75 -50.21
N TYR E 89 -22.02 -42.87 -50.99
CA TYR E 89 -20.68 -43.07 -50.46
C TYR E 89 -19.83 -41.85 -50.81
N TYR E 90 -19.08 -41.36 -49.83
CA TYR E 90 -18.28 -40.15 -49.99
C TYR E 90 -16.83 -40.44 -49.64
N CYS E 91 -15.93 -39.64 -50.21
CA CYS E 91 -14.50 -39.79 -50.01
C CYS E 91 -13.94 -38.50 -49.43
N HIS E 92 -13.75 -38.48 -48.11
CA HIS E 92 -13.10 -37.39 -47.42
C HIS E 92 -11.68 -37.77 -47.03
N SER E 93 -10.87 -36.75 -46.79
CA SER E 93 -9.52 -36.91 -46.27
C SER E 93 -9.04 -35.54 -45.83
N TYR E 94 -7.76 -35.41 -45.52
CA TYR E 94 -7.17 -34.14 -45.16
C TYR E 94 -5.73 -34.09 -45.65
N ASP E 95 -5.47 -33.28 -46.67
CA ASP E 95 -4.11 -32.81 -46.89
C ASP E 95 -3.82 -31.71 -45.88
N SER E 96 -2.53 -31.46 -45.62
CA SER E 96 -2.23 -30.68 -44.44
C SER E 96 -2.43 -29.18 -44.67
N ASP E 97 -3.55 -28.82 -45.28
CA ASP E 97 -4.09 -27.46 -45.18
C ASP E 97 -5.60 -27.49 -44.93
N ASN E 98 -6.30 -28.43 -45.56
CA ASN E 98 -7.76 -28.43 -45.53
C ASN E 98 -8.29 -29.82 -45.88
N VAL E 99 -9.62 -29.94 -45.85
CA VAL E 99 -10.31 -31.20 -46.09
C VAL E 99 -11.05 -31.10 -47.41
N VAL E 100 -11.06 -32.20 -48.17
CA VAL E 100 -11.63 -32.24 -49.51
C VAL E 100 -12.63 -33.38 -49.58
N PHE E 101 -13.74 -33.16 -50.30
CA PHE E 101 -14.76 -34.18 -50.50
C PHE E 101 -14.92 -34.49 -51.98
N GLY E 102 -15.27 -35.74 -52.28
CA GLY E 102 -15.37 -36.22 -53.64
C GLY E 102 -16.71 -35.92 -54.28
N GLY E 103 -16.89 -36.48 -55.48
CA GLY E 103 -18.09 -36.20 -56.27
C GLY E 103 -19.33 -36.91 -55.81
N GLY E 104 -19.19 -37.97 -55.02
CA GLY E 104 -20.34 -38.73 -54.56
C GLY E 104 -20.66 -39.92 -55.45
N THR E 105 -21.43 -40.85 -54.89
CA THR E 105 -21.80 -42.08 -55.59
C THR E 105 -23.26 -42.39 -55.36
N LYS E 106 -23.85 -43.15 -56.29
CA LYS E 106 -25.19 -43.71 -56.13
C LYS E 106 -25.09 -45.19 -56.43
N LEU E 107 -24.74 -45.97 -55.41
CA LEU E 107 -24.59 -47.41 -55.58
C LEU E 107 -25.95 -48.06 -55.68
N THR E 108 -26.14 -48.87 -56.73
CA THR E 108 -27.41 -49.53 -56.99
C THR E 108 -27.26 -51.02 -56.82
N VAL E 109 -28.13 -51.65 -56.00
CA VAL E 109 -28.08 -53.10 -55.75
C VAL E 109 -29.09 -53.83 -56.64
N LEU E 110 -28.58 -54.55 -57.64
CA LEU E 110 -29.39 -55.17 -58.69
C LEU E 110 -29.91 -56.55 -58.23
N GLY E 111 -30.67 -56.52 -57.14
CA GLY E 111 -31.22 -57.74 -56.57
C GLY E 111 -32.70 -57.91 -56.81
N GLN E 112 -33.35 -56.91 -57.39
CA GLN E 112 -34.78 -56.94 -57.65
C GLN E 112 -35.06 -56.60 -59.11
N PRO E 113 -36.15 -57.13 -59.67
CA PRO E 113 -36.49 -56.82 -61.06
C PRO E 113 -36.84 -55.35 -61.25
N LYS E 114 -36.61 -54.86 -62.46
CA LYS E 114 -36.95 -53.49 -62.80
C LYS E 114 -38.47 -53.33 -62.91
N ALA E 115 -38.93 -52.10 -62.76
CA ALA E 115 -40.35 -51.78 -62.78
C ALA E 115 -40.67 -50.88 -63.97
N ALA E 116 -41.82 -51.12 -64.59
CA ALA E 116 -42.26 -50.28 -65.70
C ALA E 116 -42.86 -48.99 -65.15
N PRO E 117 -42.34 -47.83 -65.53
CA PRO E 117 -42.87 -46.57 -64.99
C PRO E 117 -44.21 -46.21 -65.60
N SER E 118 -45.21 -46.02 -64.74
CA SER E 118 -46.51 -45.51 -65.14
C SER E 118 -46.76 -44.21 -64.40
N VAL E 119 -47.14 -43.17 -65.13
CA VAL E 119 -47.19 -41.80 -64.60
C VAL E 119 -48.62 -41.26 -64.73
N THR E 120 -49.02 -40.47 -63.74
CA THR E 120 -50.28 -39.75 -63.76
C THR E 120 -50.07 -38.36 -63.18
N LEU E 121 -50.65 -37.35 -63.81
CA LEU E 121 -50.45 -35.96 -63.45
C LEU E 121 -51.56 -35.45 -62.54
N PHE E 122 -51.36 -34.25 -62.00
CA PHE E 122 -52.33 -33.61 -61.12
C PHE E 122 -52.52 -32.16 -61.58
N PRO E 123 -53.58 -31.86 -62.31
CA PRO E 123 -53.78 -30.48 -62.79
C PRO E 123 -54.15 -29.54 -61.66
N PRO E 124 -53.88 -28.25 -61.81
CA PRO E 124 -54.28 -27.28 -60.79
C PRO E 124 -55.79 -27.11 -60.73
N SER E 125 -56.27 -26.60 -59.60
CA SER E 125 -57.68 -26.38 -59.38
C SER E 125 -58.10 -24.97 -59.79
N SER E 126 -59.41 -24.76 -59.88
CA SER E 126 -59.94 -23.49 -60.37
C SER E 126 -59.87 -22.40 -59.31
N GLU E 127 -60.09 -22.75 -58.05
CA GLU E 127 -60.17 -21.74 -57.00
C GLU E 127 -58.86 -20.99 -56.82
N GLU E 128 -57.73 -21.71 -56.87
CA GLU E 128 -56.44 -21.06 -56.67
C GLU E 128 -56.02 -20.23 -57.87
N LEU E 129 -56.61 -20.50 -59.05
CA LEU E 129 -56.20 -19.82 -60.27
C LEU E 129 -56.51 -18.32 -60.24
N GLN E 130 -57.36 -17.87 -59.31
CA GLN E 130 -57.75 -16.46 -59.27
C GLN E 130 -56.60 -15.54 -58.89
N ALA E 131 -55.52 -16.08 -58.31
CA ALA E 131 -54.38 -15.29 -57.89
C ALA E 131 -53.23 -15.33 -58.89
N ASN E 132 -53.49 -15.79 -60.11
CA ASN E 132 -52.47 -15.89 -61.16
C ASN E 132 -51.28 -16.75 -60.72
N LYS E 133 -51.58 -17.84 -59.99
CA LYS E 133 -50.56 -18.75 -59.52
C LYS E 133 -51.03 -20.19 -59.74
N ALA E 134 -50.20 -20.99 -60.40
CA ALA E 134 -50.51 -22.39 -60.65
C ALA E 134 -49.21 -23.14 -60.90
N THR E 135 -49.12 -24.35 -60.38
CA THR E 135 -47.94 -25.18 -60.49
C THR E 135 -48.30 -26.48 -61.21
N LEU E 136 -47.49 -26.85 -62.20
CA LEU E 136 -47.71 -28.10 -62.92
C LEU E 136 -47.12 -29.25 -62.11
N VAL E 137 -47.93 -30.29 -61.89
CA VAL E 137 -47.58 -31.38 -60.99
C VAL E 137 -47.36 -32.64 -61.81
N CYS E 138 -46.23 -33.32 -61.56
CA CYS E 138 -45.91 -34.58 -62.20
C CYS E 138 -45.56 -35.61 -61.12
N LEU E 139 -46.18 -36.79 -61.21
CA LEU E 139 -45.96 -37.86 -60.26
C LEU E 139 -45.32 -39.04 -60.98
N ILE E 140 -44.19 -39.50 -60.48
CA ILE E 140 -43.52 -40.69 -60.99
C ILE E 140 -43.41 -41.70 -59.84
N SER E 141 -43.83 -42.94 -60.09
CA SER E 141 -43.82 -43.94 -59.03
C SER E 141 -43.56 -45.31 -59.64
N ASP E 142 -43.05 -46.21 -58.79
CA ASP E 142 -42.83 -47.62 -59.14
C ASP E 142 -41.90 -47.75 -60.35
N PHE E 143 -40.65 -47.31 -60.16
CA PHE E 143 -39.63 -47.46 -61.18
C PHE E 143 -38.38 -48.06 -60.56
N TYR E 144 -37.74 -48.98 -61.28
CA TYR E 144 -36.46 -49.54 -60.90
C TYR E 144 -35.57 -49.63 -62.12
N PRO E 145 -34.26 -49.32 -61.99
CA PRO E 145 -33.56 -48.86 -60.77
C PRO E 145 -33.85 -47.40 -60.44
N GLY E 146 -33.49 -46.97 -59.24
CA GLY E 146 -33.79 -45.62 -58.78
C GLY E 146 -33.12 -44.51 -59.56
N ALA E 147 -32.08 -44.82 -60.32
CA ALA E 147 -31.40 -43.82 -61.15
C ALA E 147 -32.37 -43.35 -62.23
N VAL E 148 -32.91 -42.15 -62.06
CA VAL E 148 -33.94 -41.62 -62.95
C VAL E 148 -33.57 -40.20 -63.36
N THR E 149 -34.11 -39.77 -64.49
CA THR E 149 -33.90 -38.43 -65.02
C THR E 149 -35.24 -37.89 -65.52
N VAL E 150 -35.57 -36.66 -65.13
CA VAL E 150 -36.83 -36.03 -65.50
C VAL E 150 -36.53 -34.72 -66.20
N ALA E 151 -37.17 -34.50 -67.35
CA ALA E 151 -37.02 -33.28 -68.12
C ALA E 151 -38.38 -32.72 -68.47
N TRP E 152 -38.46 -31.40 -68.59
CA TRP E 152 -39.69 -30.69 -68.91
C TRP E 152 -39.56 -29.98 -70.24
N LYS E 153 -40.61 -30.04 -71.05
CA LYS E 153 -40.61 -29.45 -72.38
C LYS E 153 -41.91 -28.68 -72.58
N ALA E 154 -41.86 -27.71 -73.50
CA ALA E 154 -43.02 -26.90 -73.85
C ALA E 154 -43.06 -26.74 -75.36
N ASP E 155 -44.07 -27.34 -75.99
CA ASP E 155 -44.24 -27.32 -77.43
C ASP E 155 -42.97 -27.83 -78.13
N SER E 156 -42.47 -28.97 -77.64
CA SER E 156 -41.25 -29.65 -78.09
C SER E 156 -39.99 -28.86 -77.78
N SER E 157 -40.09 -27.71 -77.10
CA SER E 157 -38.91 -26.93 -76.71
C SER E 157 -38.55 -27.27 -75.28
N PRO E 158 -37.31 -27.69 -75.01
CA PRO E 158 -36.95 -28.04 -73.62
C PRO E 158 -37.07 -26.84 -72.69
N VAL E 159 -37.45 -27.13 -71.45
CA VAL E 159 -37.66 -26.13 -70.42
C VAL E 159 -36.62 -26.31 -69.33
N LYS E 160 -36.00 -25.22 -68.90
CA LYS E 160 -35.02 -25.23 -67.82
C LYS E 160 -35.42 -24.37 -66.63
N ALA E 161 -36.04 -23.22 -66.86
CA ALA E 161 -36.43 -22.35 -65.75
C ALA E 161 -37.59 -22.98 -64.98
N GLY E 162 -37.43 -23.04 -63.65
CA GLY E 162 -38.45 -23.62 -62.81
C GLY E 162 -38.50 -25.12 -62.79
N VAL E 163 -37.56 -25.79 -63.46
CA VAL E 163 -37.53 -27.24 -63.54
C VAL E 163 -36.79 -27.78 -62.33
N GLU E 164 -37.43 -28.69 -61.60
CA GLU E 164 -36.83 -29.27 -60.40
C GLU E 164 -37.27 -30.72 -60.29
N THR E 165 -36.31 -31.65 -60.35
CA THR E 165 -36.56 -33.06 -60.15
C THR E 165 -36.16 -33.45 -58.74
N THR E 166 -37.08 -34.03 -57.99
CA THR E 166 -36.83 -34.36 -56.59
C THR E 166 -36.20 -35.74 -56.46
N THR E 167 -35.74 -36.03 -55.26
CA THR E 167 -35.02 -37.27 -55.00
C THR E 167 -35.96 -38.47 -55.13
N PRO E 168 -35.58 -39.49 -55.90
CA PRO E 168 -36.38 -40.73 -55.89
C PRO E 168 -36.45 -41.32 -54.49
N SER E 169 -37.63 -41.79 -54.13
CA SER E 169 -37.91 -42.21 -52.76
C SER E 169 -38.17 -43.72 -52.71
N LYS E 170 -37.60 -44.36 -51.69
CA LYS E 170 -37.84 -45.78 -51.47
C LYS E 170 -39.31 -46.01 -51.12
N GLN E 171 -39.90 -47.02 -51.75
CA GLN E 171 -41.34 -47.28 -51.64
C GLN E 171 -41.60 -48.55 -50.84
N SER E 172 -42.86 -48.73 -50.47
CA SER E 172 -43.27 -49.90 -49.71
C SER E 172 -43.13 -51.18 -50.51
N ASN E 173 -43.37 -51.12 -51.83
CA ASN E 173 -43.24 -52.27 -52.70
C ASN E 173 -41.83 -52.47 -53.22
N ASN E 174 -40.83 -51.96 -52.51
CA ASN E 174 -39.41 -52.05 -52.83
C ASN E 174 -39.05 -51.29 -54.10
N LYS E 175 -39.98 -50.55 -54.69
CA LYS E 175 -39.72 -49.77 -55.88
C LYS E 175 -39.32 -48.34 -55.48
N TYR E 176 -39.27 -47.44 -56.45
CA TYR E 176 -38.89 -46.07 -56.21
C TYR E 176 -39.96 -45.13 -56.75
N ALA E 177 -40.02 -43.94 -56.16
CA ALA E 177 -40.99 -42.93 -56.59
C ALA E 177 -40.41 -41.54 -56.33
N ALA E 178 -40.93 -40.56 -57.05
CA ALA E 178 -40.51 -39.18 -56.90
C ALA E 178 -41.60 -38.28 -57.47
N SER E 179 -41.31 -37.00 -57.61
CA SER E 179 -42.23 -36.05 -58.21
C SER E 179 -41.45 -34.83 -58.67
N SER E 180 -42.07 -34.07 -59.57
CA SER E 180 -41.48 -32.84 -60.10
C SER E 180 -42.57 -31.81 -60.31
N TYR E 181 -42.29 -30.58 -59.90
CA TYR E 181 -43.26 -29.48 -59.96
C TYR E 181 -42.70 -28.35 -60.82
N LEU E 182 -43.61 -27.50 -61.30
CA LEU E 182 -43.23 -26.37 -62.16
C LEU E 182 -44.29 -25.29 -61.98
N SER E 183 -43.94 -24.24 -61.23
CA SER E 183 -44.82 -23.11 -61.00
C SER E 183 -44.61 -22.09 -62.12
N LEU E 184 -45.64 -21.88 -62.94
CA LEU E 184 -45.58 -20.93 -64.04
C LEU E 184 -46.82 -20.04 -64.01
N THR E 185 -46.67 -18.84 -64.58
CA THR E 185 -47.79 -17.91 -64.65
C THR E 185 -48.87 -18.45 -65.58
N PRO E 186 -50.13 -18.08 -65.34
CA PRO E 186 -51.21 -18.53 -66.23
C PRO E 186 -51.02 -18.09 -67.67
N GLU E 187 -50.34 -16.96 -67.90
CA GLU E 187 -50.06 -16.54 -69.26
C GLU E 187 -49.20 -17.59 -69.98
N GLN E 188 -48.18 -18.11 -69.30
CA GLN E 188 -47.42 -19.23 -69.85
C GLN E 188 -48.28 -20.48 -69.93
N TRP E 189 -49.15 -20.69 -68.94
CA TRP E 189 -50.08 -21.82 -68.98
C TRP E 189 -51.04 -21.70 -70.16
N LYS E 190 -51.57 -20.50 -70.39
CA LYS E 190 -52.55 -20.30 -71.46
C LYS E 190 -51.91 -20.28 -72.85
N SER E 191 -50.76 -19.62 -72.99
CA SER E 191 -50.21 -19.38 -74.33
C SER E 191 -49.77 -20.67 -74.99
N HIS E 192 -48.99 -21.49 -74.28
CA HIS E 192 -48.49 -22.72 -74.86
C HIS E 192 -49.64 -23.73 -75.02
N ARG E 193 -49.68 -24.37 -76.19
CA ARG E 193 -50.75 -25.32 -76.47
C ARG E 193 -50.70 -26.51 -75.53
N SER E 194 -49.51 -27.05 -75.28
CA SER E 194 -49.37 -28.20 -74.40
C SER E 194 -47.93 -28.26 -73.89
N TYR E 195 -47.74 -29.04 -72.83
CA TYR E 195 -46.43 -29.29 -72.26
C TYR E 195 -46.20 -30.79 -72.19
N SER E 196 -45.11 -31.18 -71.52
CA SER E 196 -44.79 -32.59 -71.36
C SER E 196 -43.89 -32.77 -70.15
N CYS E 197 -44.05 -33.90 -69.47
CA CYS E 197 -43.21 -34.29 -68.34
C CYS E 197 -42.39 -35.49 -68.79
N GLN E 198 -41.25 -35.21 -69.43
CA GLN E 198 -40.40 -36.26 -69.97
C GLN E 198 -39.52 -36.84 -68.88
N VAL E 199 -39.63 -38.14 -68.67
CA VAL E 199 -38.87 -38.84 -67.63
C VAL E 199 -38.10 -39.99 -68.29
N THR E 200 -36.79 -40.03 -68.04
CA THR E 200 -35.93 -41.09 -68.56
C THR E 200 -35.71 -42.13 -67.48
N HIS E 201 -36.05 -43.38 -67.79
CA HIS E 201 -35.94 -44.50 -66.86
C HIS E 201 -34.99 -45.52 -67.51
N GLU E 202 -33.69 -45.32 -67.31
CA GLU E 202 -32.64 -46.19 -67.85
C GLU E 202 -32.81 -46.41 -69.35
N GLY E 203 -32.87 -45.30 -70.08
CA GLY E 203 -33.04 -45.35 -71.52
C GLY E 203 -34.46 -45.47 -72.00
N SER E 204 -35.43 -45.59 -71.10
CA SER E 204 -36.84 -45.67 -71.45
C SER E 204 -37.52 -44.37 -71.04
N THR E 205 -38.18 -43.72 -71.99
CA THR E 205 -38.83 -42.44 -71.76
C THR E 205 -40.29 -42.68 -71.39
N VAL E 206 -40.70 -42.14 -70.24
CA VAL E 206 -42.08 -42.21 -69.78
C VAL E 206 -42.59 -40.79 -69.62
N GLU E 207 -43.77 -40.52 -70.17
CA GLU E 207 -44.29 -39.17 -70.29
C GLU E 207 -45.80 -39.21 -70.31
N LYS E 208 -46.43 -38.19 -69.71
CA LYS E 208 -47.87 -38.05 -69.75
C LYS E 208 -48.22 -36.60 -70.03
N THR E 209 -49.47 -36.37 -70.45
CA THR E 209 -49.90 -35.07 -70.95
C THR E 209 -51.04 -34.53 -70.10
N VAL E 210 -51.09 -33.20 -69.98
CA VAL E 210 -52.16 -32.50 -69.30
C VAL E 210 -52.73 -31.47 -70.27
N ALA E 211 -54.01 -31.15 -70.08
CA ALA E 211 -54.72 -30.28 -70.99
C ALA E 211 -55.49 -29.21 -70.22
N PRO E 212 -55.77 -28.09 -70.89
CA PRO E 212 -56.51 -26.95 -70.33
C PRO E 212 -58.03 -27.17 -70.21
N THR E 213 -58.58 -28.20 -70.84
CA THR E 213 -60.02 -28.39 -70.72
C THR E 213 -60.45 -28.63 -69.29
N GLU E 214 -59.54 -29.08 -68.43
CA GLU E 214 -59.81 -29.25 -67.01
C GLU E 214 -59.42 -28.02 -66.20
N CYS E 215 -58.88 -26.98 -66.84
CA CYS E 215 -58.57 -25.72 -66.17
C CYS E 215 -59.72 -24.72 -66.27
N SER E 216 -60.74 -25.02 -67.06
CA SER E 216 -61.89 -24.14 -67.21
C SER E 216 -63.12 -24.95 -67.62
N GLN F 1 -53.06 -15.05 9.17
CA GLN F 1 -53.20 -16.40 9.70
C GLN F 1 -51.89 -17.16 9.56
N VAL F 2 -51.58 -17.99 10.56
CA VAL F 2 -50.35 -18.79 10.53
C VAL F 2 -50.45 -19.82 9.42
N GLN F 3 -49.44 -19.85 8.56
CA GLN F 3 -49.34 -20.83 7.49
C GLN F 3 -47.94 -20.77 6.92
N LEU F 4 -47.42 -21.93 6.52
CA LEU F 4 -46.05 -22.05 6.06
C LEU F 4 -46.05 -22.52 4.60
N VAL F 5 -45.38 -21.76 3.74
CA VAL F 5 -45.36 -22.02 2.30
C VAL F 5 -44.21 -22.96 1.98
N GLU F 6 -44.40 -23.80 0.97
CA GLU F 6 -43.44 -24.81 0.59
C GLU F 6 -43.19 -24.77 -0.92
N SER F 7 -41.92 -24.85 -1.31
CA SER F 7 -41.53 -24.87 -2.71
C SER F 7 -40.04 -25.17 -2.80
N GLY F 8 -39.63 -25.73 -3.93
CA GLY F 8 -38.22 -25.90 -4.21
C GLY F 8 -37.73 -27.33 -4.36
N GLY F 9 -38.18 -28.22 -3.48
CA GLY F 9 -37.73 -29.59 -3.53
C GLY F 9 -38.25 -30.34 -4.75
N GLY F 10 -37.49 -31.36 -5.15
CA GLY F 10 -37.87 -32.12 -6.33
C GLY F 10 -36.77 -33.04 -6.79
N VAL F 11 -36.72 -33.23 -8.12
CA VAL F 11 -35.81 -34.21 -8.71
C VAL F 11 -34.38 -33.72 -8.62
N VAL F 12 -33.47 -34.61 -8.22
CA VAL F 12 -32.05 -34.27 -8.12
C VAL F 12 -31.24 -35.55 -8.31
N GLN F 13 -30.13 -35.42 -9.00
CA GLN F 13 -29.21 -36.54 -9.21
C GLN F 13 -28.53 -36.88 -7.88
N PRO F 14 -28.43 -38.17 -7.53
CA PRO F 14 -27.67 -38.54 -6.33
C PRO F 14 -26.24 -38.02 -6.38
N GLY F 15 -25.75 -37.57 -5.23
CA GLY F 15 -24.43 -36.98 -5.13
C GLY F 15 -24.36 -35.49 -5.37
N ARG F 16 -25.48 -34.84 -5.64
CA ARG F 16 -25.54 -33.41 -5.88
C ARG F 16 -25.90 -32.67 -4.58
N SER F 17 -26.19 -31.38 -4.71
CA SER F 17 -26.63 -30.57 -3.58
C SER F 17 -27.84 -29.75 -3.98
N LEU F 18 -28.77 -29.59 -3.05
CA LEU F 18 -30.00 -28.86 -3.31
C LEU F 18 -30.29 -27.93 -2.13
N ARG F 19 -30.91 -26.79 -2.43
CA ARG F 19 -31.24 -25.78 -1.42
C ARG F 19 -32.76 -25.77 -1.24
N LEU F 20 -33.23 -26.35 -0.14
CA LEU F 20 -34.64 -26.31 0.21
C LEU F 20 -35.00 -24.99 0.87
N SER F 21 -36.30 -24.78 1.09
CA SER F 21 -36.78 -23.51 1.61
C SER F 21 -38.11 -23.70 2.32
N CYS F 22 -38.46 -22.71 3.14
CA CYS F 22 -39.78 -22.61 3.74
C CYS F 22 -40.00 -21.18 4.19
N ALA F 23 -41.16 -20.62 3.87
CA ALA F 23 -41.50 -19.24 4.21
C ALA F 23 -42.89 -19.18 4.80
N ALA F 24 -43.06 -18.37 5.83
CA ALA F 24 -44.35 -18.22 6.51
C ALA F 24 -44.53 -16.76 6.88
N SER F 25 -45.73 -16.44 7.35
CA SER F 25 -46.10 -15.07 7.70
C SER F 25 -47.15 -15.10 8.80
N GLY F 26 -47.61 -13.92 9.21
CA GLY F 26 -48.57 -13.84 10.29
C GLY F 26 -48.00 -13.99 11.67
N PHE F 27 -46.69 -13.85 11.85
CA PHE F 27 -46.05 -14.02 13.14
C PHE F 27 -44.74 -13.26 13.13
N THR F 28 -43.93 -13.45 14.18
CA THR F 28 -42.61 -12.82 14.27
C THR F 28 -41.57 -13.88 13.96
N PHE F 29 -40.97 -13.77 12.78
CA PHE F 29 -40.11 -14.84 12.29
C PHE F 29 -38.78 -14.84 13.04
N ARG F 30 -38.23 -13.66 13.33
CA ARG F 30 -36.92 -13.58 13.98
C ARG F 30 -36.91 -14.21 15.37
N SER F 31 -38.07 -14.36 16.02
CA SER F 31 -38.11 -14.84 17.39
C SER F 31 -38.36 -16.34 17.49
N TYR F 32 -39.26 -16.87 16.68
CA TYR F 32 -39.66 -18.26 16.80
C TYR F 32 -38.51 -19.20 16.47
N GLY F 33 -38.71 -20.47 16.82
CA GLY F 33 -37.79 -21.54 16.46
C GLY F 33 -38.51 -22.56 15.59
N MET F 34 -37.88 -22.92 14.48
CA MET F 34 -38.48 -23.81 13.52
C MET F 34 -37.98 -25.24 13.71
N HIS F 35 -38.27 -26.09 12.73
CA HIS F 35 -37.72 -27.43 12.69
C HIS F 35 -37.81 -27.94 11.26
N TRP F 36 -37.02 -28.97 10.97
CA TRP F 36 -37.08 -29.72 9.73
C TRP F 36 -37.48 -31.16 10.03
N VAL F 37 -38.36 -31.71 9.19
CA VAL F 37 -38.77 -33.09 9.31
C VAL F 37 -39.12 -33.62 7.92
N ARG F 38 -38.45 -34.69 7.49
CA ARG F 38 -38.82 -35.40 6.29
C ARG F 38 -39.72 -36.57 6.67
N GLN F 39 -40.15 -37.33 5.66
CA GLN F 39 -41.11 -38.40 5.89
C GLN F 39 -40.94 -39.43 4.77
N ALA F 40 -40.22 -40.50 5.06
CA ALA F 40 -40.08 -41.58 4.10
C ALA F 40 -41.44 -42.22 3.85
N PRO F 41 -41.89 -42.35 2.61
CA PRO F 41 -43.24 -42.88 2.35
C PRO F 41 -43.40 -44.28 2.92
N GLY F 42 -44.56 -44.51 3.54
CA GLY F 42 -44.84 -45.79 4.16
C GLY F 42 -44.11 -46.05 5.46
N LYS F 43 -43.48 -45.04 6.05
CA LYS F 43 -42.73 -45.20 7.28
C LYS F 43 -43.01 -44.03 8.20
N GLY F 44 -42.49 -44.12 9.42
CA GLY F 44 -42.76 -43.13 10.44
C GLY F 44 -42.01 -41.83 10.22
N LEU F 45 -42.38 -40.84 11.03
CA LEU F 45 -41.75 -39.52 10.95
C LEU F 45 -40.34 -39.57 11.51
N GLU F 46 -39.53 -38.57 11.13
CA GLU F 46 -38.12 -38.54 11.51
C GLU F 46 -37.70 -37.13 11.87
N TRP F 47 -36.95 -37.01 12.96
CA TRP F 47 -36.34 -35.73 13.34
C TRP F 47 -35.17 -35.41 12.41
N VAL F 48 -34.91 -34.12 12.22
CA VAL F 48 -33.81 -33.66 11.39
C VAL F 48 -32.80 -32.84 12.21
N ALA F 49 -33.21 -31.68 12.70
CA ALA F 49 -32.29 -30.73 13.33
C ALA F 49 -33.10 -29.58 13.92
N PHE F 50 -32.39 -28.64 14.55
CA PHE F 50 -32.99 -27.46 15.15
C PHE F 50 -32.01 -26.29 15.05
N ILE F 51 -32.54 -25.11 14.79
CA ILE F 51 -31.77 -23.86 14.77
C ILE F 51 -32.45 -22.87 15.68
N SER F 52 -31.67 -22.22 16.55
CA SER F 52 -32.22 -21.27 17.50
C SER F 52 -32.64 -19.99 16.78
N TYR F 53 -33.08 -19.00 17.57
CA TYR F 53 -33.58 -17.76 16.99
C TYR F 53 -32.43 -16.89 16.47
N ASP F 54 -31.33 -16.82 17.22
CA ASP F 54 -30.25 -15.89 16.89
C ASP F 54 -29.30 -16.43 15.83
N GLY F 55 -29.51 -17.66 15.35
CA GLY F 55 -28.63 -18.22 14.35
C GLY F 55 -27.27 -18.64 14.86
N SER F 56 -27.13 -18.82 16.18
CA SER F 56 -25.85 -19.21 16.76
C SER F 56 -25.77 -20.72 16.96
N ASP F 57 -26.68 -21.29 17.73
CA ASP F 57 -26.61 -22.71 18.04
C ASP F 57 -27.12 -23.55 16.88
N LYS F 58 -26.64 -24.78 16.82
CA LYS F 58 -26.96 -25.69 15.72
C LYS F 58 -26.71 -27.12 16.19
N TYR F 59 -27.78 -27.90 16.36
CA TYR F 59 -27.68 -29.32 16.63
C TYR F 59 -28.30 -30.11 15.48
N TYR F 60 -27.77 -31.32 15.28
CA TYR F 60 -28.10 -32.14 14.13
C TYR F 60 -28.41 -33.57 14.58
N ALA F 61 -29.07 -34.30 13.69
CA ALA F 61 -29.33 -35.71 13.94
C ALA F 61 -28.09 -36.53 13.59
N ASP F 62 -28.21 -37.86 13.70
CA ASP F 62 -27.07 -38.73 13.47
C ASP F 62 -26.75 -38.91 12.00
N SER F 63 -27.77 -38.98 11.14
CA SER F 63 -27.56 -39.29 9.74
C SER F 63 -26.84 -38.19 8.97
N VAL F 64 -27.20 -36.92 9.20
CA VAL F 64 -26.69 -35.82 8.41
C VAL F 64 -25.65 -35.00 9.18
N LYS F 65 -24.96 -35.62 10.14
CA LYS F 65 -23.90 -34.94 10.86
C LYS F 65 -22.82 -34.45 9.90
N GLY F 66 -22.72 -33.14 9.73
CA GLY F 66 -21.74 -32.55 8.85
C GLY F 66 -22.17 -32.54 7.39
N ARG F 67 -22.90 -33.58 6.98
CA ARG F 67 -23.30 -33.71 5.58
C ARG F 67 -24.33 -32.66 5.17
N PHE F 68 -25.05 -32.08 6.12
CA PHE F 68 -26.08 -31.10 5.84
C PHE F 68 -25.74 -29.78 6.53
N THR F 69 -26.19 -28.67 5.93
CA THR F 69 -26.01 -27.34 6.48
C THR F 69 -27.33 -26.60 6.45
N ILE F 70 -27.56 -25.74 7.43
CA ILE F 70 -28.81 -24.99 7.53
C ILE F 70 -28.49 -23.59 8.05
N SER F 71 -29.19 -22.60 7.50
CA SER F 71 -29.07 -21.22 7.97
C SER F 71 -30.34 -20.47 7.60
N ARG F 72 -30.56 -19.34 8.28
CA ARG F 72 -31.70 -18.48 8.02
C ARG F 72 -31.23 -17.05 7.81
N ASP F 73 -32.02 -16.28 7.09
CA ASP F 73 -31.78 -14.85 6.88
C ASP F 73 -32.93 -14.09 7.53
N ASN F 74 -32.66 -13.55 8.73
CA ASN F 74 -33.71 -12.85 9.46
C ASN F 74 -34.22 -11.63 8.70
N SER F 75 -33.32 -10.93 8.00
CA SER F 75 -33.75 -9.80 7.18
C SER F 75 -34.66 -10.25 6.05
N LYS F 76 -34.27 -11.32 5.35
CA LYS F 76 -35.08 -11.87 4.28
C LYS F 76 -36.26 -12.68 4.81
N ASN F 77 -36.29 -12.94 6.11
CA ASN F 77 -37.30 -13.77 6.78
C ASN F 77 -37.62 -15.01 5.96
N THR F 78 -36.58 -15.84 5.78
CA THR F 78 -36.71 -17.15 5.16
C THR F 78 -35.62 -18.06 5.70
N LEU F 79 -35.91 -19.35 5.75
CA LEU F 79 -34.98 -20.34 6.25
C LEU F 79 -34.49 -21.20 5.09
N TYR F 80 -33.17 -21.40 5.03
CA TYR F 80 -32.53 -22.12 3.93
C TYR F 80 -31.92 -23.42 4.44
N LEU F 81 -32.24 -24.52 3.77
CA LEU F 81 -31.56 -25.80 3.98
C LEU F 81 -30.53 -26.01 2.88
N GLN F 82 -29.55 -26.88 3.17
CA GLN F 82 -28.57 -27.31 2.19
C GLN F 82 -28.25 -28.77 2.45
N MET F 83 -28.70 -29.65 1.58
CA MET F 83 -28.37 -31.07 1.63
C MET F 83 -27.33 -31.41 0.57
N ASN F 84 -26.30 -32.14 0.98
CA ASN F 84 -25.23 -32.55 0.10
C ASN F 84 -25.00 -34.05 0.23
N SER F 85 -24.46 -34.64 -0.84
CA SER F 85 -24.17 -36.07 -0.91
C SER F 85 -25.45 -36.90 -0.70
N LEU F 86 -26.37 -36.75 -1.65
CA LEU F 86 -27.65 -37.44 -1.56
C LEU F 86 -27.46 -38.95 -1.64
N ARG F 87 -28.25 -39.67 -0.84
CA ARG F 87 -28.32 -41.12 -0.89
C ARG F 87 -29.70 -41.56 -1.34
N ALA F 88 -29.83 -42.85 -1.65
CA ALA F 88 -31.07 -43.37 -2.23
C ALA F 88 -32.25 -43.23 -1.29
N GLU F 89 -32.02 -43.30 0.02
CA GLU F 89 -33.10 -43.21 1.00
C GLU F 89 -33.59 -41.79 1.22
N ASP F 90 -32.97 -40.80 0.58
CA ASP F 90 -33.34 -39.41 0.81
C ASP F 90 -34.72 -39.06 0.28
N THR F 91 -35.20 -39.77 -0.76
CA THR F 91 -36.51 -39.45 -1.32
C THR F 91 -37.58 -39.58 -0.26
N ALA F 92 -38.18 -38.45 0.10
CA ALA F 92 -39.15 -38.37 1.19
C ALA F 92 -39.77 -36.99 1.17
N VAL F 93 -41.06 -36.93 1.50
CA VAL F 93 -41.73 -35.63 1.58
C VAL F 93 -41.21 -34.88 2.80
N TYR F 94 -40.46 -33.81 2.57
CA TYR F 94 -39.94 -33.00 3.65
C TYR F 94 -41.02 -32.06 4.17
N TYR F 95 -40.78 -31.52 5.36
CA TYR F 95 -41.78 -30.69 6.03
C TYR F 95 -41.04 -29.74 6.96
N CYS F 96 -41.02 -28.46 6.61
CA CYS F 96 -40.52 -27.44 7.52
C CYS F 96 -41.50 -27.28 8.67
N ALA F 97 -40.97 -27.02 9.86
CA ALA F 97 -41.77 -27.08 11.07
C ALA F 97 -41.49 -25.88 11.96
N ARG F 98 -41.92 -25.99 13.21
CA ARG F 98 -42.05 -24.87 14.13
C ARG F 98 -41.91 -25.39 15.56
N ASP F 99 -41.43 -24.55 16.45
CA ASP F 99 -41.45 -24.90 17.86
C ASP F 99 -42.54 -24.09 18.57
N LEU F 100 -42.73 -24.38 19.86
CA LEU F 100 -43.68 -23.59 20.65
C LEU F 100 -43.26 -22.13 20.70
N SER F 101 -41.96 -21.89 20.85
CA SER F 101 -41.38 -20.56 20.84
C SER F 101 -39.90 -20.74 20.54
N ALA F 102 -39.10 -19.71 20.84
CA ALA F 102 -37.68 -19.92 20.93
C ALA F 102 -37.40 -20.97 22.01
N GLY F 103 -36.15 -21.42 22.08
CA GLY F 103 -35.83 -22.49 23.00
C GLY F 103 -36.01 -22.12 24.46
N HIS F 104 -36.97 -22.76 25.13
CA HIS F 104 -37.24 -22.50 26.53
C HIS F 104 -37.49 -23.80 27.26
N CYS F 105 -37.34 -23.76 28.58
CA CYS F 105 -37.34 -24.96 29.39
C CYS F 105 -37.53 -24.56 30.85
N THR F 106 -37.67 -25.56 31.71
CA THR F 106 -37.97 -25.34 33.11
C THR F 106 -37.33 -26.43 33.94
N GLY F 107 -37.20 -26.17 35.25
CA GLY F 107 -36.65 -27.15 36.17
C GLY F 107 -35.18 -26.98 36.50
N GLY F 108 -34.57 -25.86 36.14
CA GLY F 108 -33.14 -25.69 36.32
C GLY F 108 -32.38 -26.47 35.26
N VAL F 109 -32.44 -27.80 35.36
CA VAL F 109 -31.95 -28.63 34.27
C VAL F 109 -32.93 -28.56 33.11
N CYS F 110 -32.44 -28.13 31.95
CA CYS F 110 -33.30 -27.79 30.83
C CYS F 110 -32.39 -27.41 29.66
N TYR F 111 -32.98 -27.30 28.48
CA TYR F 111 -32.22 -26.82 27.33
C TYR F 111 -33.15 -26.09 26.37
N THR F 112 -32.54 -25.24 25.53
CA THR F 112 -33.23 -24.38 24.57
C THR F 112 -33.78 -25.18 23.37
N ALA F 113 -34.84 -25.94 23.64
CA ALA F 113 -35.59 -26.62 22.60
C ALA F 113 -36.93 -27.07 23.16
N GLY F 114 -37.97 -27.04 22.33
CA GLY F 114 -39.29 -27.40 22.78
C GLY F 114 -40.00 -28.41 21.89
N GLY F 115 -41.23 -28.09 21.48
CA GLY F 115 -42.04 -29.03 20.73
C GLY F 115 -42.24 -28.68 19.28
N ILE F 116 -43.32 -29.17 18.68
CA ILE F 116 -43.70 -28.85 17.30
C ILE F 116 -45.15 -28.41 17.31
N ASP F 117 -45.38 -27.10 17.18
CA ASP F 117 -46.73 -26.55 17.28
C ASP F 117 -47.41 -26.42 15.93
N TYR F 118 -46.71 -25.92 14.93
CA TYR F 118 -47.17 -25.98 13.54
C TYR F 118 -46.21 -26.81 12.70
N TRP F 119 -46.62 -27.08 11.46
CA TRP F 119 -45.78 -27.72 10.47
C TRP F 119 -45.96 -27.00 9.15
N GLY F 120 -45.36 -27.56 8.09
CA GLY F 120 -45.42 -26.98 6.77
C GLY F 120 -46.50 -27.60 5.91
N GLN F 121 -46.44 -27.28 4.62
CA GLN F 121 -47.32 -27.89 3.62
C GLN F 121 -46.71 -29.14 2.98
N GLY F 122 -45.40 -29.31 3.09
CA GLY F 122 -44.74 -30.48 2.57
C GLY F 122 -43.97 -30.21 1.29
N THR F 123 -42.88 -30.93 1.10
CA THR F 123 -42.07 -30.81 -0.11
C THR F 123 -41.51 -32.18 -0.45
N LEU F 124 -41.72 -32.61 -1.68
CA LEU F 124 -41.28 -33.92 -2.15
C LEU F 124 -39.94 -33.79 -2.86
N VAL F 125 -38.97 -34.61 -2.45
CA VAL F 125 -37.66 -34.66 -3.08
C VAL F 125 -37.49 -36.02 -3.75
N THR F 126 -36.90 -36.02 -4.94
CA THR F 126 -36.74 -37.22 -5.76
C THR F 126 -35.26 -37.39 -6.07
N VAL F 127 -34.61 -38.30 -5.36
CA VAL F 127 -33.22 -38.64 -5.61
C VAL F 127 -33.20 -40.00 -6.33
N SER F 128 -32.85 -39.98 -7.62
CA SER F 128 -32.91 -41.17 -8.45
C SER F 128 -32.23 -40.94 -9.79
N SER F 129 -32.25 -41.96 -10.65
CA SER F 129 -31.59 -41.89 -11.95
C SER F 129 -32.53 -41.52 -13.09
N ALA F 130 -33.81 -41.87 -12.98
CA ALA F 130 -34.77 -41.61 -14.05
C ALA F 130 -34.97 -40.10 -14.23
N SER F 131 -35.08 -39.69 -15.49
CA SER F 131 -35.18 -38.28 -15.86
C SER F 131 -36.59 -37.98 -16.35
N THR F 132 -36.81 -36.72 -16.73
CA THR F 132 -38.16 -36.22 -17.00
C THR F 132 -38.83 -37.04 -18.09
N LYS F 133 -40.09 -37.38 -17.89
CA LYS F 133 -40.89 -38.06 -18.90
C LYS F 133 -42.30 -37.49 -18.89
N GLY F 134 -42.77 -37.06 -20.06
CA GLY F 134 -44.08 -36.48 -20.20
C GLY F 134 -45.19 -37.49 -19.97
N PRO F 135 -46.31 -37.03 -19.42
CA PRO F 135 -47.45 -37.91 -19.18
C PRO F 135 -48.11 -38.37 -20.47
N SER F 136 -48.69 -39.57 -20.42
CA SER F 136 -49.45 -40.14 -21.52
C SER F 136 -50.85 -40.46 -21.01
N VAL F 137 -51.86 -40.00 -21.75
CA VAL F 137 -53.25 -40.18 -21.36
C VAL F 137 -54.04 -40.79 -22.52
N PHE F 138 -55.09 -41.52 -22.17
CA PHE F 138 -55.99 -42.14 -23.12
C PHE F 138 -57.43 -41.84 -22.73
N PRO F 139 -58.34 -41.75 -23.70
CA PRO F 139 -59.76 -41.57 -23.38
C PRO F 139 -60.38 -42.89 -22.95
N LEU F 140 -60.65 -43.02 -21.65
CA LEU F 140 -61.26 -44.23 -21.12
C LEU F 140 -62.76 -44.23 -21.41
N ALA F 141 -63.15 -44.73 -22.56
CA ALA F 141 -64.56 -44.71 -22.96
C ALA F 141 -65.36 -45.63 -22.04
N PRO F 142 -66.44 -45.13 -21.42
CA PRO F 142 -67.24 -46.00 -20.56
C PRO F 142 -67.98 -47.06 -21.36
N SER F 143 -68.34 -48.14 -20.68
CA SER F 143 -69.10 -49.21 -21.32
C SER F 143 -70.47 -48.68 -21.74
N SER F 144 -70.87 -48.98 -22.98
CA SER F 144 -72.14 -48.50 -23.50
C SER F 144 -73.34 -49.11 -22.80
N LYS F 145 -73.15 -50.18 -22.03
CA LYS F 145 -74.26 -50.82 -21.33
C LYS F 145 -74.81 -49.98 -20.18
N SER F 146 -74.12 -48.91 -19.79
CA SER F 146 -74.57 -48.06 -18.68
C SER F 146 -75.60 -47.07 -19.22
N THR F 147 -76.84 -47.54 -19.33
CA THR F 147 -77.96 -46.73 -19.78
C THR F 147 -79.20 -47.08 -18.97
N SER F 148 -80.19 -46.20 -19.05
CA SER F 148 -81.52 -46.42 -18.45
C SER F 148 -81.43 -46.57 -16.94
N GLY F 149 -81.03 -45.48 -16.27
CA GLY F 149 -81.09 -45.43 -14.82
C GLY F 149 -79.95 -46.13 -14.11
N GLY F 150 -78.73 -45.68 -14.33
CA GLY F 150 -77.57 -46.25 -13.67
C GLY F 150 -76.45 -45.24 -13.56
N THR F 151 -75.36 -45.67 -12.95
CA THR F 151 -74.16 -44.86 -12.79
C THR F 151 -73.03 -45.49 -13.58
N ALA F 152 -72.38 -44.69 -14.42
CA ALA F 152 -71.33 -45.17 -15.30
C ALA F 152 -69.95 -44.89 -14.71
N ALA F 153 -68.95 -45.57 -15.27
CA ALA F 153 -67.56 -45.42 -14.84
C ALA F 153 -66.72 -44.95 -16.01
N LEU F 154 -66.04 -43.81 -15.84
CA LEU F 154 -65.15 -43.29 -16.86
C LEU F 154 -64.09 -42.42 -16.18
N GLY F 155 -63.02 -42.16 -16.91
CA GLY F 155 -61.96 -41.33 -16.37
C GLY F 155 -60.85 -41.13 -17.37
N CYS F 156 -59.71 -40.69 -16.86
CA CYS F 156 -58.51 -40.48 -17.67
C CYS F 156 -57.32 -41.12 -16.96
N LEU F 157 -56.50 -41.85 -17.72
CA LEU F 157 -55.41 -42.62 -17.17
C LEU F 157 -54.12 -41.82 -17.30
N VAL F 158 -53.51 -41.49 -16.16
CA VAL F 158 -52.23 -40.79 -16.13
C VAL F 158 -51.16 -41.85 -15.88
N LYS F 159 -50.51 -42.29 -16.96
CA LYS F 159 -49.51 -43.34 -16.88
C LYS F 159 -48.24 -42.88 -17.57
N ASP F 160 -47.10 -43.34 -17.04
CA ASP F 160 -45.77 -43.07 -17.59
C ASP F 160 -45.46 -41.57 -17.58
N TYR F 161 -45.60 -40.99 -16.40
CA TYR F 161 -45.30 -39.57 -16.19
C TYR F 161 -44.25 -39.44 -15.09
N PHE F 162 -43.48 -38.37 -15.17
CA PHE F 162 -42.42 -38.09 -14.20
C PHE F 162 -41.92 -36.66 -14.33
N PRO F 163 -41.90 -35.93 -13.19
CA PRO F 163 -42.41 -36.37 -11.89
C PRO F 163 -43.62 -35.55 -11.38
N GLU F 164 -43.75 -35.46 -10.06
CA GLU F 164 -44.81 -34.70 -9.43
C GLU F 164 -44.51 -33.20 -9.55
N PRO F 165 -45.54 -32.34 -9.47
CA PRO F 165 -46.96 -32.65 -9.25
C PRO F 165 -47.77 -32.75 -10.54
N VAL F 166 -48.78 -33.62 -10.55
CA VAL F 166 -49.73 -33.74 -11.65
C VAL F 166 -51.12 -33.57 -11.06
N THR F 167 -51.87 -32.61 -11.59
CA THR F 167 -53.21 -32.29 -11.10
C THR F 167 -54.24 -32.79 -12.10
N VAL F 168 -55.22 -33.54 -11.61
CA VAL F 168 -56.29 -34.08 -12.43
C VAL F 168 -57.58 -33.34 -12.07
N SER F 169 -58.21 -32.74 -13.08
CA SER F 169 -59.43 -31.98 -12.88
C SER F 169 -60.35 -32.17 -14.09
N TRP F 170 -61.62 -31.88 -13.87
CA TRP F 170 -62.64 -31.95 -14.91
C TRP F 170 -63.36 -30.61 -14.99
N ASN F 171 -63.64 -30.17 -16.22
CA ASN F 171 -64.11 -28.81 -16.48
C ASN F 171 -63.12 -27.78 -15.92
N SER F 172 -61.83 -28.10 -16.00
CA SER F 172 -60.77 -27.28 -15.41
C SER F 172 -61.01 -27.05 -13.92
N GLY F 173 -61.48 -28.09 -13.23
CA GLY F 173 -61.74 -28.02 -11.82
C GLY F 173 -63.13 -27.54 -11.43
N ALA F 174 -63.94 -27.12 -12.39
CA ALA F 174 -65.26 -26.59 -12.07
C ALA F 174 -66.17 -27.66 -11.49
N LEU F 175 -66.27 -28.80 -12.17
CA LEU F 175 -67.13 -29.90 -11.72
C LEU F 175 -66.36 -30.74 -10.72
N THR F 176 -66.48 -30.39 -9.43
CA THR F 176 -65.77 -31.08 -8.37
C THR F 176 -66.51 -32.31 -7.86
N SER F 177 -67.79 -32.45 -8.19
CA SER F 177 -68.60 -33.53 -7.65
C SER F 177 -68.18 -34.86 -8.26
N GLY F 178 -67.86 -35.84 -7.40
CA GLY F 178 -67.58 -37.18 -7.82
C GLY F 178 -66.14 -37.48 -8.17
N VAL F 179 -65.28 -36.48 -8.24
CA VAL F 179 -63.89 -36.69 -8.63
C VAL F 179 -63.13 -37.29 -7.47
N HIS F 180 -62.45 -38.41 -7.73
CA HIS F 180 -61.67 -39.11 -6.71
C HIS F 180 -60.37 -39.58 -7.38
N THR F 181 -59.27 -38.90 -7.07
CA THR F 181 -57.98 -39.23 -7.67
C THR F 181 -57.27 -40.27 -6.80
N PHE F 182 -56.99 -41.43 -7.38
CA PHE F 182 -56.29 -42.48 -6.64
C PHE F 182 -54.81 -42.11 -6.49
N PRO F 183 -54.17 -42.59 -5.43
CA PRO F 183 -52.78 -42.19 -5.15
C PRO F 183 -51.81 -42.67 -6.23
N ALA F 184 -50.74 -41.89 -6.40
CA ALA F 184 -49.69 -42.24 -7.36
C ALA F 184 -48.89 -43.43 -6.85
N VAL F 185 -48.47 -44.29 -7.78
CA VAL F 185 -47.79 -45.53 -7.44
C VAL F 185 -46.62 -45.74 -8.41
N LEU F 186 -45.47 -46.12 -7.86
CA LEU F 186 -44.31 -46.44 -8.67
C LEU F 186 -44.44 -47.82 -9.31
N GLN F 187 -43.79 -47.99 -10.46
CA GLN F 187 -43.74 -49.26 -11.15
C GLN F 187 -42.32 -49.83 -11.11
N SER F 188 -42.19 -51.10 -11.51
CA SER F 188 -40.90 -51.76 -11.51
C SER F 188 -39.92 -51.14 -12.51
N SER F 189 -40.41 -50.33 -13.44
CA SER F 189 -39.55 -49.61 -14.37
C SER F 189 -39.10 -48.26 -13.83
N GLY F 190 -39.47 -47.92 -12.60
CA GLY F 190 -39.17 -46.62 -12.04
C GLY F 190 -40.14 -45.53 -12.41
N LEU F 191 -41.19 -45.84 -13.15
CA LEU F 191 -42.17 -44.87 -13.59
C LEU F 191 -43.37 -44.86 -12.64
N TYR F 192 -44.35 -44.02 -12.96
CA TYR F 192 -45.52 -43.81 -12.12
C TYR F 192 -46.80 -44.00 -12.92
N SER F 193 -47.77 -44.68 -12.31
CA SER F 193 -49.08 -44.88 -12.88
C SER F 193 -50.13 -44.73 -11.79
N LEU F 194 -51.22 -44.02 -12.11
CA LEU F 194 -52.29 -43.78 -11.15
C LEU F 194 -53.60 -43.68 -11.92
N SER F 195 -54.70 -43.74 -11.18
CA SER F 195 -56.03 -43.66 -11.75
C SER F 195 -56.80 -42.50 -11.13
N SER F 196 -57.76 -41.98 -11.89
CA SER F 196 -58.59 -40.88 -11.42
C SER F 196 -59.90 -40.92 -12.20
N VAL F 197 -61.00 -41.20 -11.51
CA VAL F 197 -62.31 -41.32 -12.13
C VAL F 197 -63.30 -40.43 -11.39
N VAL F 198 -64.42 -40.17 -12.05
CA VAL F 198 -65.48 -39.34 -11.51
C VAL F 198 -66.79 -40.11 -11.57
N THR F 199 -67.58 -40.04 -10.50
CA THR F 199 -68.88 -40.70 -10.47
C THR F 199 -69.91 -39.77 -11.08
N VAL F 200 -70.44 -40.15 -12.25
CA VAL F 200 -71.32 -39.28 -13.02
C VAL F 200 -72.52 -40.10 -13.46
N PRO F 201 -73.64 -39.43 -13.74
CA PRO F 201 -74.82 -40.15 -14.25
C PRO F 201 -74.53 -40.81 -15.58
N SER F 202 -75.09 -42.01 -15.77
CA SER F 202 -74.97 -42.68 -17.06
C SER F 202 -75.74 -41.94 -18.15
N SER F 203 -76.84 -41.28 -17.79
CA SER F 203 -77.61 -40.52 -18.76
C SER F 203 -76.83 -39.31 -19.29
N SER F 204 -75.85 -38.82 -18.52
CA SER F 204 -75.02 -37.73 -18.99
C SER F 204 -74.06 -38.13 -20.10
N LEU F 205 -73.94 -39.43 -20.38
CA LEU F 205 -73.03 -39.90 -21.41
C LEU F 205 -73.42 -39.30 -22.76
N GLY F 206 -72.43 -38.80 -23.49
CA GLY F 206 -72.64 -38.23 -24.80
C GLY F 206 -73.40 -36.92 -24.83
N THR F 207 -73.94 -36.46 -23.71
CA THR F 207 -74.70 -35.22 -23.67
C THR F 207 -73.83 -34.04 -23.24
N GLN F 208 -73.30 -34.09 -22.01
CA GLN F 208 -72.43 -33.04 -21.53
C GLN F 208 -71.03 -33.20 -22.13
N THR F 209 -70.31 -32.09 -22.22
CA THR F 209 -68.98 -32.09 -22.81
C THR F 209 -67.97 -32.57 -21.77
N TYR F 210 -67.27 -33.67 -22.08
CA TYR F 210 -66.32 -34.28 -21.16
C TYR F 210 -64.90 -33.87 -21.55
N ILE F 211 -64.21 -33.21 -20.63
CA ILE F 211 -62.80 -32.85 -20.80
C ILE F 211 -62.12 -33.00 -19.45
N CYS F 212 -61.04 -33.78 -19.40
CA CYS F 212 -60.23 -33.92 -18.20
C CYS F 212 -58.96 -33.11 -18.37
N ASN F 213 -58.69 -32.21 -17.43
CA ASN F 213 -57.54 -31.33 -17.47
C ASN F 213 -56.40 -31.96 -16.66
N VAL F 214 -55.30 -32.28 -17.33
CA VAL F 214 -54.12 -32.83 -16.69
C VAL F 214 -52.99 -31.82 -16.86
N ASN F 215 -52.45 -31.34 -15.75
CA ASN F 215 -51.40 -30.34 -15.77
C ASN F 215 -50.15 -30.87 -15.07
N HIS F 216 -49.03 -30.85 -15.79
CA HIS F 216 -47.74 -31.31 -15.27
C HIS F 216 -46.80 -30.14 -15.57
N LYS F 217 -46.74 -29.18 -14.63
CA LYS F 217 -45.99 -27.95 -14.89
C LYS F 217 -44.48 -28.15 -15.03
N PRO F 218 -43.80 -28.94 -14.18
CA PRO F 218 -42.33 -29.01 -14.31
C PRO F 218 -41.87 -29.39 -15.70
N SER F 219 -42.61 -30.23 -16.42
CA SER F 219 -42.33 -30.50 -17.82
C SER F 219 -43.07 -29.58 -18.79
N ASN F 220 -43.82 -28.60 -18.26
CA ASN F 220 -44.62 -27.69 -19.07
C ASN F 220 -45.60 -28.45 -19.95
N THR F 221 -46.34 -29.38 -19.33
CA THR F 221 -47.28 -30.24 -20.03
C THR F 221 -48.70 -30.00 -19.51
N LYS F 222 -49.61 -29.70 -20.43
CA LYS F 222 -51.03 -29.60 -20.15
C LYS F 222 -51.77 -30.31 -21.28
N VAL F 223 -52.51 -31.36 -20.95
CA VAL F 223 -53.16 -32.21 -21.93
C VAL F 223 -54.66 -32.13 -21.72
N ASP F 224 -55.41 -31.90 -22.81
CA ASP F 224 -56.86 -31.88 -22.79
C ASP F 224 -57.37 -33.13 -23.50
N LYS F 225 -58.03 -34.01 -22.76
CA LYS F 225 -58.55 -35.27 -23.28
C LYS F 225 -60.06 -35.29 -23.17
N ARG F 226 -60.72 -35.69 -24.26
CA ARG F 226 -62.17 -35.72 -24.34
C ARG F 226 -62.66 -37.16 -24.42
N VAL F 227 -63.79 -37.43 -23.76
CA VAL F 227 -64.41 -38.75 -23.75
C VAL F 227 -65.60 -38.72 -24.70
N GLU F 228 -65.66 -39.69 -25.60
CA GLU F 228 -66.67 -39.77 -26.64
C GLU F 228 -67.28 -41.17 -26.64
N PRO F 229 -68.50 -41.32 -27.16
CA PRO F 229 -69.10 -42.66 -27.25
C PRO F 229 -68.23 -43.60 -28.10
N LYS F 230 -68.17 -44.85 -27.66
CA LYS F 230 -67.24 -45.82 -28.26
C LYS F 230 -67.82 -46.39 -29.54
N SER F 231 -66.97 -46.53 -30.56
CA SER F 231 -67.38 -47.04 -31.86
C SER F 231 -67.00 -48.51 -31.96
N CYS F 232 -67.81 -49.35 -31.32
CA CYS F 232 -67.62 -50.80 -31.34
C CYS F 232 -68.43 -51.45 -32.47
N ASP F 233 -68.25 -50.95 -33.69
CA ASP F 233 -69.00 -51.43 -34.83
C ASP F 233 -68.31 -52.63 -35.47
N LYS F 234 -68.80 -53.02 -36.64
CA LYS F 234 -68.25 -54.17 -37.37
C LYS F 234 -67.23 -53.72 -38.41
N ASN G 1 -31.80 -43.85 18.11
CA ASN G 1 -31.25 -44.92 18.94
C ASN G 1 -32.29 -45.41 19.95
N PHE G 2 -33.48 -44.82 19.88
CA PHE G 2 -34.57 -45.17 20.76
C PHE G 2 -35.85 -45.31 19.96
N MET G 3 -36.93 -45.72 20.64
CA MET G 3 -38.22 -45.88 20.00
C MET G 3 -39.31 -45.88 21.06
N LEU G 4 -40.52 -45.51 20.65
CA LEU G 4 -41.71 -45.57 21.48
C LEU G 4 -42.68 -46.58 20.89
N THR G 5 -43.24 -47.42 21.75
CA THR G 5 -44.08 -48.53 21.32
C THR G 5 -45.55 -48.21 21.57
N GLN G 6 -46.34 -48.24 20.50
CA GLN G 6 -47.80 -48.19 20.55
C GLN G 6 -48.33 -49.17 19.52
N PRO G 7 -49.56 -49.62 19.71
CA PRO G 7 -50.04 -50.58 18.72
C PRO G 7 -50.20 -50.08 17.28
N HIS G 8 -50.64 -51.00 16.48
CA HIS G 8 -50.87 -50.54 15.11
C HIS G 8 -52.22 -49.85 14.96
N SER G 9 -53.24 -50.32 15.67
CA SER G 9 -54.58 -49.75 15.54
C SER G 9 -55.35 -49.97 16.83
N VAL G 10 -56.39 -49.15 17.03
CA VAL G 10 -57.33 -49.32 18.11
C VAL G 10 -58.74 -49.10 17.57
N SER G 11 -59.62 -50.05 17.82
CA SER G 11 -61.02 -49.98 17.39
C SER G 11 -61.92 -50.02 18.60
N GLU G 12 -62.87 -49.08 18.67
CA GLU G 12 -63.73 -48.99 19.83
C GLU G 12 -65.02 -48.26 19.45
N SER G 13 -66.08 -48.54 20.20
CA SER G 13 -67.35 -47.87 19.99
C SER G 13 -67.22 -46.38 20.37
N PRO G 14 -68.05 -45.52 19.78
CA PRO G 14 -67.92 -44.07 20.07
C PRO G 14 -68.14 -43.72 21.53
N GLY G 15 -68.97 -44.48 22.24
CA GLY G 15 -69.34 -44.14 23.60
C GLY G 15 -68.37 -44.55 24.68
N LYS G 16 -67.18 -45.00 24.32
CA LYS G 16 -66.19 -45.45 25.30
C LYS G 16 -65.02 -44.47 25.38
N THR G 17 -64.12 -44.75 26.30
CA THR G 17 -62.91 -43.94 26.52
C THR G 17 -61.69 -44.82 26.28
N VAL G 18 -60.78 -44.34 25.43
CA VAL G 18 -59.59 -45.09 25.06
C VAL G 18 -58.36 -44.21 25.24
N THR G 19 -57.22 -44.86 25.37
CA THR G 19 -55.93 -44.19 25.56
C THR G 19 -54.91 -44.75 24.59
N ILE G 20 -53.68 -44.22 24.69
CA ILE G 20 -52.57 -44.64 23.86
C ILE G 20 -51.36 -44.88 24.76
N SER G 21 -50.45 -45.74 24.29
CA SER G 21 -49.27 -46.12 25.03
C SER G 21 -48.05 -45.42 24.46
N CYS G 22 -47.29 -44.75 25.33
CA CYS G 22 -46.04 -44.11 24.95
C CYS G 22 -44.97 -44.48 25.97
N THR G 23 -44.20 -45.53 25.68
CA THR G 23 -43.14 -45.94 26.58
C THR G 23 -41.94 -46.39 25.77
N ARG G 24 -40.79 -46.42 26.44
CA ARG G 24 -39.51 -46.67 25.79
C ARG G 24 -38.95 -48.02 26.21
N ASN G 25 -38.06 -48.56 25.37
CA ASN G 25 -37.38 -49.79 25.71
C ASN G 25 -36.31 -49.58 26.78
N SER G 26 -35.83 -48.34 26.94
CA SER G 26 -34.80 -48.02 27.92
C SER G 26 -34.88 -46.53 28.21
N GLY G 27 -33.84 -46.01 28.87
CA GLY G 27 -33.84 -44.60 29.20
C GLY G 27 -34.82 -44.28 30.32
N SER G 28 -35.16 -43.00 30.42
CA SER G 28 -36.10 -42.53 31.43
C SER G 28 -36.75 -41.25 30.93
N ILE G 29 -38.07 -41.28 30.73
CA ILE G 29 -38.80 -40.13 30.21
C ILE G 29 -39.61 -39.44 31.30
N ALA G 30 -39.34 -39.74 32.57
CA ALA G 30 -40.05 -39.11 33.66
C ALA G 30 -39.54 -37.70 33.91
N SER G 31 -40.44 -36.82 34.34
CA SER G 31 -40.13 -35.41 34.64
C SER G 31 -39.53 -34.69 33.44
N ASN G 32 -39.70 -35.25 32.24
CA ASN G 32 -39.12 -34.70 31.03
C ASN G 32 -40.16 -33.88 30.28
N TYR G 33 -39.87 -33.56 29.02
CA TYR G 33 -40.61 -32.57 28.24
C TYR G 33 -41.15 -33.27 27.00
N VAL G 34 -42.46 -33.48 26.95
CA VAL G 34 -43.06 -34.40 25.99
C VAL G 34 -44.11 -33.68 25.16
N GLN G 35 -44.35 -34.19 23.96
CA GLN G 35 -45.41 -33.72 23.07
C GLN G 35 -46.16 -34.93 22.53
N TRP G 36 -47.13 -34.66 21.64
CA TRP G 36 -47.87 -35.70 20.94
C TRP G 36 -48.57 -35.08 19.73
N TYR G 37 -48.39 -35.70 18.57
CA TYR G 37 -48.97 -35.23 17.32
C TYR G 37 -49.79 -36.33 16.66
N GLN G 38 -50.56 -35.93 15.66
CA GLN G 38 -51.45 -36.82 14.91
C GLN G 38 -51.27 -36.58 13.42
N GLN G 39 -51.35 -37.66 12.64
CA GLN G 39 -51.27 -37.58 11.18
C GLN G 39 -52.53 -38.21 10.59
N ARG G 40 -53.46 -37.37 10.16
CA ARG G 40 -54.52 -37.87 9.31
C ARG G 40 -53.93 -38.24 7.95
N PRO G 41 -54.38 -39.34 7.36
CA PRO G 41 -53.63 -39.92 6.22
C PRO G 41 -53.49 -38.98 5.05
N GLY G 42 -52.31 -39.02 4.43
CA GLY G 42 -52.06 -38.34 3.18
C GLY G 42 -51.94 -36.83 3.24
N SER G 43 -51.71 -36.26 4.43
CA SER G 43 -51.61 -34.82 4.56
C SER G 43 -50.61 -34.45 5.65
N ALA G 44 -50.59 -33.18 6.01
CA ALA G 44 -49.62 -32.67 6.96
C ALA G 44 -49.98 -33.09 8.37
N PRO G 45 -49.04 -33.66 9.14
CA PRO G 45 -49.31 -33.95 10.55
C PRO G 45 -49.58 -32.66 11.32
N THR G 46 -50.37 -32.78 12.37
CA THR G 46 -50.80 -31.63 13.16
C THR G 46 -50.58 -31.89 14.64
N THR G 47 -50.28 -30.81 15.36
CA THR G 47 -50.00 -30.90 16.79
C THR G 47 -51.26 -31.20 17.58
N VAL G 48 -51.11 -32.01 18.63
CA VAL G 48 -52.23 -32.35 19.51
C VAL G 48 -51.89 -32.01 20.95
N ILE G 49 -50.75 -32.52 21.43
CA ILE G 49 -50.39 -32.42 22.83
C ILE G 49 -48.95 -31.94 22.94
N TYR G 50 -48.67 -31.09 23.93
CA TYR G 50 -47.30 -30.79 24.34
C TYR G 50 -47.30 -30.36 25.79
N GLU G 51 -46.34 -31.00 26.40
CA GLU G 51 -46.12 -30.85 27.74
C GLU G 51 -47.44 -31.03 28.43
N ASP G 52 -47.90 -32.28 28.54
CA ASP G 52 -49.02 -32.88 29.29
C ASP G 52 -50.36 -32.26 28.93
N ASN G 53 -50.95 -31.52 29.88
CA ASN G 53 -52.37 -31.18 29.86
C ASN G 53 -52.67 -29.92 29.06
N GLN G 54 -51.83 -29.61 28.08
CA GLN G 54 -51.95 -28.44 27.21
C GLN G 54 -52.83 -28.74 26.01
N ARG G 55 -53.50 -27.74 25.46
CA ARG G 55 -54.29 -27.98 24.30
C ARG G 55 -54.07 -26.85 23.35
N PRO G 56 -54.05 -27.14 22.04
CA PRO G 56 -53.93 -26.12 21.01
C PRO G 56 -55.29 -25.51 20.69
N SER G 57 -55.31 -24.68 19.66
CA SER G 57 -56.53 -24.02 19.20
C SER G 57 -57.30 -24.90 18.24
N GLY G 58 -58.62 -24.80 18.30
CA GLY G 58 -59.48 -25.49 17.35
C GLY G 58 -59.65 -26.97 17.57
N VAL G 59 -59.36 -27.49 18.76
CA VAL G 59 -59.51 -28.90 19.08
C VAL G 59 -60.55 -29.04 20.17
N PRO G 60 -61.52 -29.94 20.03
CA PRO G 60 -62.52 -30.12 21.09
C PRO G 60 -61.87 -30.64 22.37
N ASP G 61 -62.67 -30.68 23.44
CA ASP G 61 -62.19 -30.99 24.77
C ASP G 61 -62.22 -32.48 25.11
N ARG G 62 -62.14 -33.36 24.10
CA ARG G 62 -62.24 -34.79 24.34
C ARG G 62 -60.90 -35.45 24.64
N PHE G 63 -59.79 -34.74 24.50
CA PHE G 63 -58.46 -35.30 24.72
C PHE G 63 -57.93 -34.89 26.09
N SER G 64 -57.13 -35.77 26.68
CA SER G 64 -56.53 -35.51 27.98
C SER G 64 -55.16 -36.19 28.03
N GLY G 65 -54.19 -35.51 28.61
CA GLY G 65 -52.84 -36.04 28.67
C GLY G 65 -52.33 -36.29 30.07
N SER G 66 -51.37 -37.21 30.19
CA SER G 66 -50.80 -37.55 31.49
C SER G 66 -49.43 -38.18 31.29
N ILE G 67 -48.66 -38.23 32.37
CA ILE G 67 -47.33 -38.86 32.37
C ILE G 67 -47.25 -39.79 33.56
N ASP G 68 -46.41 -40.82 33.42
CA ASP G 68 -46.23 -41.83 34.46
C ASP G 68 -44.75 -42.15 34.59
N SER G 69 -44.31 -42.40 35.81
CA SER G 69 -42.92 -42.78 36.09
C SER G 69 -42.76 -44.23 36.49
N SER G 70 -43.84 -44.91 36.88
CA SER G 70 -43.72 -46.30 37.33
C SER G 70 -43.23 -47.20 36.20
N SER G 71 -43.77 -47.02 34.99
CA SER G 71 -43.36 -47.81 33.84
C SER G 71 -42.70 -46.95 32.76
N ASN G 72 -42.31 -45.71 33.10
CA ASN G 72 -41.67 -44.80 32.17
C ASN G 72 -42.51 -44.60 30.92
N SER G 73 -43.74 -44.11 31.12
CA SER G 73 -44.68 -43.97 30.03
C SER G 73 -45.55 -42.74 30.25
N ALA G 74 -46.27 -42.37 29.20
CA ALA G 74 -47.23 -41.27 29.26
C ALA G 74 -48.48 -41.68 28.51
N SER G 75 -49.62 -41.13 28.93
CA SER G 75 -50.92 -41.53 28.43
C SER G 75 -51.71 -40.33 27.94
N LEU G 76 -52.26 -40.46 26.73
CA LEU G 76 -53.23 -39.51 26.19
C LEU G 76 -54.61 -40.13 26.34
N THR G 77 -55.46 -39.50 27.12
CA THR G 77 -56.80 -40.00 27.39
C THR G 77 -57.80 -39.30 26.46
N ILE G 78 -58.62 -40.10 25.79
CA ILE G 78 -59.64 -39.60 24.87
C ILE G 78 -60.99 -40.17 25.29
N SER G 79 -61.95 -39.29 25.54
CA SER G 79 -63.28 -39.68 25.97
C SER G 79 -64.31 -39.21 24.96
N GLY G 80 -65.38 -39.99 24.80
CA GLY G 80 -66.41 -39.68 23.83
C GLY G 80 -65.89 -39.71 22.41
N LEU G 81 -65.51 -40.89 21.94
CA LEU G 81 -64.88 -41.00 20.64
C LEU G 81 -65.85 -40.64 19.52
N LYS G 82 -65.34 -39.97 18.50
CA LYS G 82 -66.06 -39.71 17.26
C LYS G 82 -65.36 -40.40 16.10
N THR G 83 -66.01 -40.36 14.94
CA THR G 83 -65.47 -41.00 13.74
C THR G 83 -64.69 -40.04 12.86
N GLU G 84 -64.74 -38.74 13.14
CA GLU G 84 -64.10 -37.76 12.26
C GLU G 84 -62.58 -37.74 12.40
N ASP G 85 -62.06 -38.32 13.49
CA ASP G 85 -60.65 -38.17 13.83
C ASP G 85 -59.84 -39.44 13.60
N GLU G 86 -60.38 -40.42 12.90
CA GLU G 86 -59.67 -41.66 12.65
C GLU G 86 -58.35 -41.41 11.92
N ALA G 87 -57.23 -41.66 12.59
CA ALA G 87 -55.91 -41.36 12.05
C ALA G 87 -54.88 -42.07 12.92
N ASP G 88 -53.60 -41.75 12.69
CA ASP G 88 -52.49 -42.34 13.43
C ASP G 88 -51.83 -41.27 14.29
N TYR G 89 -51.51 -41.64 15.54
CA TYR G 89 -50.85 -40.74 16.49
C TYR G 89 -49.47 -41.30 16.81
N TYR G 90 -48.54 -40.40 17.14
CA TYR G 90 -47.17 -40.80 17.40
C TYR G 90 -46.63 -40.14 18.67
N CYS G 91 -45.33 -40.25 18.91
CA CYS G 91 -44.78 -39.89 20.20
C CYS G 91 -43.46 -39.15 20.00
N HIS G 92 -43.19 -38.17 20.86
CA HIS G 92 -42.00 -37.33 20.73
C HIS G 92 -41.63 -36.72 22.07
N SER G 93 -40.34 -36.42 22.22
CA SER G 93 -39.79 -35.68 23.35
C SER G 93 -38.32 -35.41 23.08
N TYR G 94 -37.65 -34.79 24.03
CA TYR G 94 -36.20 -34.69 24.05
C TYR G 94 -35.69 -35.64 25.13
N ASP G 95 -35.21 -36.81 24.72
CA ASP G 95 -34.77 -37.85 25.65
C ASP G 95 -33.28 -37.69 25.92
N SER G 96 -32.68 -38.72 26.53
CA SER G 96 -31.28 -38.68 26.93
C SER G 96 -30.31 -38.67 25.76
N ASP G 97 -30.75 -39.03 24.56
CA ASP G 97 -29.86 -39.04 23.40
C ASP G 97 -30.27 -38.03 22.34
N ASN G 98 -31.49 -38.12 21.81
CA ASN G 98 -31.95 -37.27 20.72
C ASN G 98 -33.46 -37.17 20.78
N VAL G 99 -34.00 -36.23 20.01
CA VAL G 99 -35.45 -36.12 19.84
C VAL G 99 -35.92 -37.33 19.05
N VAL G 100 -36.90 -38.05 19.58
CA VAL G 100 -37.24 -39.39 19.12
C VAL G 100 -38.70 -39.41 18.69
N PHE G 101 -39.00 -40.27 17.70
CA PHE G 101 -40.34 -40.40 17.15
C PHE G 101 -40.98 -41.72 17.58
N GLY G 102 -42.29 -41.82 17.38
CA GLY G 102 -43.03 -43.02 17.69
C GLY G 102 -43.62 -43.68 16.45
N GLY G 103 -43.91 -44.97 16.58
CA GLY G 103 -44.40 -45.75 15.46
C GLY G 103 -45.70 -45.25 14.86
N GLY G 104 -46.79 -45.34 15.61
CA GLY G 104 -48.09 -44.92 15.14
C GLY G 104 -49.18 -45.93 15.43
N THR G 105 -50.39 -45.42 15.66
CA THR G 105 -51.53 -46.30 15.94
C THR G 105 -52.80 -45.78 15.31
N LYS G 106 -53.37 -46.57 14.42
CA LYS G 106 -54.62 -46.20 13.76
C LYS G 106 -55.75 -46.07 14.78
N LEU G 107 -56.64 -45.11 14.54
CA LEU G 107 -57.83 -44.94 15.35
C LEU G 107 -59.04 -45.39 14.55
N THR G 108 -59.88 -46.22 15.16
CA THR G 108 -61.06 -46.76 14.49
C THR G 108 -62.26 -46.63 15.41
N VAL G 109 -63.36 -46.02 14.94
CA VAL G 109 -64.60 -45.85 15.71
C VAL G 109 -65.79 -46.29 14.86
N LEU G 110 -66.38 -47.45 15.18
CA LEU G 110 -67.38 -48.10 14.35
C LEU G 110 -68.65 -47.25 14.24
N GLY G 111 -68.71 -46.40 13.23
CA GLY G 111 -69.85 -45.51 13.07
C GLY G 111 -70.87 -45.97 12.04
N GLN G 112 -70.49 -46.91 11.18
CA GLN G 112 -71.37 -47.39 10.13
C GLN G 112 -71.34 -48.92 10.10
N PRO G 113 -72.42 -49.54 9.63
CA PRO G 113 -72.46 -51.01 9.58
C PRO G 113 -71.40 -51.59 8.66
N LYS G 114 -70.93 -52.78 8.99
CA LYS G 114 -69.91 -53.45 8.20
C LYS G 114 -70.50 -53.97 6.89
N ALA G 115 -69.62 -54.14 5.90
CA ALA G 115 -70.02 -54.64 4.60
C ALA G 115 -68.96 -55.61 4.08
N ALA G 116 -69.39 -56.53 3.23
CA ALA G 116 -68.47 -57.48 2.63
C ALA G 116 -67.57 -56.77 1.62
N PRO G 117 -66.31 -57.19 1.52
CA PRO G 117 -65.40 -56.54 0.57
C PRO G 117 -65.83 -56.79 -0.87
N SER G 118 -65.51 -55.83 -1.73
CA SER G 118 -65.78 -55.92 -3.16
C SER G 118 -64.46 -55.86 -3.91
N VAL G 119 -64.23 -56.85 -4.77
CA VAL G 119 -62.96 -56.98 -5.49
C VAL G 119 -63.26 -57.07 -6.98
N THR G 120 -62.52 -56.28 -7.78
CA THR G 120 -62.59 -56.34 -9.22
C THR G 120 -61.18 -56.31 -9.79
N LEU G 121 -60.94 -57.11 -10.82
CA LEU G 121 -59.62 -57.25 -11.42
C LEU G 121 -59.59 -56.51 -12.75
N PHE G 122 -58.57 -55.67 -12.92
CA PHE G 122 -58.40 -54.88 -14.15
C PHE G 122 -57.09 -55.27 -14.82
N PRO G 123 -57.13 -56.08 -15.88
CA PRO G 123 -55.91 -56.39 -16.63
C PRO G 123 -55.42 -55.17 -17.38
N PRO G 124 -54.19 -55.22 -17.92
CA PRO G 124 -53.69 -54.08 -18.71
C PRO G 124 -54.59 -53.81 -19.91
N SER G 125 -54.69 -52.52 -20.26
CA SER G 125 -55.58 -52.10 -21.33
C SER G 125 -55.11 -52.64 -22.68
N SER G 126 -56.03 -52.65 -23.63
CA SER G 126 -55.75 -53.24 -24.95
C SER G 126 -54.62 -52.51 -25.66
N GLU G 127 -54.66 -51.18 -25.64
CA GLU G 127 -53.60 -50.40 -26.29
C GLU G 127 -52.27 -50.51 -25.55
N GLU G 128 -52.29 -50.96 -24.30
CA GLU G 128 -51.07 -51.05 -23.50
C GLU G 128 -50.23 -52.26 -23.89
N LEU G 129 -50.86 -53.36 -24.29
CA LEU G 129 -50.12 -54.59 -24.56
C LEU G 129 -49.14 -54.42 -25.72
N GLN G 130 -49.56 -53.72 -26.78
CA GLN G 130 -48.65 -53.49 -27.91
C GLN G 130 -47.47 -52.62 -27.50
N ALA G 131 -47.62 -51.84 -26.44
CA ALA G 131 -46.54 -50.99 -25.93
C ALA G 131 -45.63 -51.72 -24.95
N ASN G 132 -45.84 -53.03 -24.74
CA ASN G 132 -45.03 -53.83 -23.83
C ASN G 132 -45.05 -53.27 -22.40
N LYS G 133 -46.22 -52.82 -21.97
CA LYS G 133 -46.40 -52.27 -20.65
C LYS G 133 -47.32 -53.17 -19.84
N ALA G 134 -47.20 -53.10 -18.52
CA ALA G 134 -48.00 -53.93 -17.63
C ALA G 134 -48.09 -53.28 -16.27
N THR G 135 -49.32 -53.12 -15.76
CA THR G 135 -49.54 -52.59 -14.42
C THR G 135 -50.88 -53.15 -13.93
N LEU G 136 -50.82 -54.19 -13.11
CA LEU G 136 -52.02 -54.82 -12.58
C LEU G 136 -52.58 -53.96 -11.45
N VAL G 137 -53.87 -53.65 -11.52
CA VAL G 137 -54.54 -52.78 -10.55
C VAL G 137 -55.74 -53.53 -9.98
N CYS G 138 -55.84 -53.55 -8.65
CA CYS G 138 -56.98 -54.11 -7.95
C CYS G 138 -57.63 -53.02 -7.12
N LEU G 139 -58.96 -52.93 -7.19
CA LEU G 139 -59.72 -51.87 -6.54
C LEU G 139 -60.34 -52.40 -5.26
N ILE G 140 -60.06 -51.72 -4.14
CA ILE G 140 -60.63 -52.04 -2.84
C ILE G 140 -61.26 -50.76 -2.31
N SER G 141 -62.60 -50.71 -2.33
CA SER G 141 -63.31 -49.49 -1.97
C SER G 141 -64.57 -49.84 -1.19
N ASP G 142 -65.08 -48.84 -0.47
CA ASP G 142 -66.35 -48.94 0.24
C ASP G 142 -66.33 -50.08 1.25
N PHE G 143 -65.24 -50.18 2.00
CA PHE G 143 -65.09 -51.19 3.05
C PHE G 143 -64.88 -50.50 4.39
N TYR G 144 -65.57 -50.98 5.42
CA TYR G 144 -65.43 -50.42 6.75
C TYR G 144 -65.17 -51.56 7.74
N PRO G 145 -64.15 -51.45 8.60
CA PRO G 145 -63.22 -50.31 8.77
C PRO G 145 -62.20 -50.20 7.66
N GLY G 146 -61.35 -49.17 7.70
CA GLY G 146 -60.39 -48.91 6.65
C GLY G 146 -59.13 -49.74 6.67
N ALA G 147 -59.04 -50.72 7.58
CA ALA G 147 -57.86 -51.57 7.65
C ALA G 147 -58.03 -52.74 6.68
N VAL G 148 -57.22 -52.73 5.62
CA VAL G 148 -57.28 -53.77 4.58
C VAL G 148 -55.87 -54.23 4.27
N THR G 149 -55.71 -55.54 4.10
CA THR G 149 -54.44 -56.14 3.73
C THR G 149 -54.61 -56.86 2.39
N VAL G 150 -53.73 -56.56 1.45
CA VAL G 150 -53.80 -57.10 0.09
C VAL G 150 -52.49 -57.79 -0.23
N ALA G 151 -52.57 -58.99 -0.80
CA ALA G 151 -51.42 -59.75 -1.24
C ALA G 151 -51.62 -60.22 -2.67
N TRP G 152 -50.52 -60.25 -3.44
CA TRP G 152 -50.57 -60.62 -4.84
C TRP G 152 -50.13 -62.07 -5.02
N LYS G 153 -50.86 -62.79 -5.87
CA LYS G 153 -50.54 -64.18 -6.19
C LYS G 153 -50.67 -64.39 -7.69
N ALA G 154 -49.90 -65.35 -8.20
CA ALA G 154 -49.92 -65.70 -9.62
C ALA G 154 -49.87 -67.22 -9.74
N ASP G 155 -50.96 -67.81 -10.25
CA ASP G 155 -51.09 -69.26 -10.37
C ASP G 155 -50.86 -69.93 -9.01
N SER G 156 -51.51 -69.38 -7.98
CA SER G 156 -51.45 -69.80 -6.58
C SER G 156 -50.09 -69.56 -5.96
N SER G 157 -49.12 -69.02 -6.70
CA SER G 157 -47.82 -68.69 -6.14
C SER G 157 -47.80 -67.25 -5.67
N PRO G 158 -47.51 -66.98 -4.39
CA PRO G 158 -47.52 -65.58 -3.92
C PRO G 158 -46.51 -64.73 -4.67
N VAL G 159 -46.89 -63.48 -4.90
CA VAL G 159 -46.07 -62.51 -5.62
C VAL G 159 -45.60 -61.45 -4.64
N LYS G 160 -44.30 -61.17 -4.63
CA LYS G 160 -43.71 -60.19 -3.74
C LYS G 160 -43.07 -59.00 -4.45
N ALA G 161 -42.47 -59.22 -5.62
CA ALA G 161 -41.82 -58.12 -6.33
C ALA G 161 -42.85 -57.23 -7.00
N GLY G 162 -42.60 -55.92 -6.98
CA GLY G 162 -43.48 -54.98 -7.63
C GLY G 162 -44.82 -54.79 -6.94
N VAL G 163 -44.90 -55.05 -5.65
CA VAL G 163 -46.14 -54.95 -4.90
C VAL G 163 -46.20 -53.56 -4.27
N GLU G 164 -47.34 -52.87 -4.46
CA GLU G 164 -47.54 -51.54 -3.90
C GLU G 164 -49.02 -51.35 -3.66
N THR G 165 -49.42 -51.20 -2.40
CA THR G 165 -50.81 -51.02 -2.02
C THR G 165 -51.01 -49.61 -1.46
N THR G 166 -52.02 -48.91 -1.97
CA THR G 166 -52.31 -47.56 -1.52
C THR G 166 -53.11 -47.58 -0.22
N THR G 167 -52.79 -46.65 0.67
CA THR G 167 -53.52 -46.54 1.93
C THR G 167 -54.95 -46.06 1.66
N PRO G 168 -55.94 -46.69 2.27
CA PRO G 168 -57.33 -46.27 2.06
C PRO G 168 -57.56 -44.83 2.52
N SER G 169 -58.46 -44.15 1.83
CA SER G 169 -58.78 -42.76 2.11
C SER G 169 -60.29 -42.60 2.26
N LYS G 170 -60.70 -41.66 3.11
CA LYS G 170 -62.12 -41.43 3.36
C LYS G 170 -62.84 -41.05 2.08
N GLN G 171 -64.05 -41.59 1.92
CA GLN G 171 -64.90 -41.32 0.76
C GLN G 171 -66.03 -40.40 1.16
N SER G 172 -66.84 -40.04 0.15
CA SER G 172 -67.98 -39.15 0.40
C SER G 172 -68.99 -39.77 1.36
N ASN G 173 -69.17 -41.09 1.29
CA ASN G 173 -70.06 -41.81 2.19
C ASN G 173 -69.35 -42.30 3.44
N ASN G 174 -68.26 -41.64 3.84
CA ASN G 174 -67.45 -41.97 5.01
C ASN G 174 -66.78 -43.33 4.91
N LYS G 175 -66.84 -43.98 3.75
CA LYS G 175 -66.17 -45.25 3.54
C LYS G 175 -64.71 -44.98 3.14
N TYR G 176 -64.01 -46.03 2.72
CA TYR G 176 -62.61 -45.93 2.35
C TYR G 176 -62.37 -46.65 1.03
N ALA G 177 -61.42 -46.13 0.26
CA ALA G 177 -61.05 -46.69 -1.03
C ALA G 177 -59.54 -46.88 -1.10
N ALA G 178 -59.11 -48.09 -1.46
CA ALA G 178 -57.71 -48.42 -1.58
C ALA G 178 -57.47 -49.13 -2.92
N SER G 179 -56.23 -49.05 -3.39
CA SER G 179 -55.86 -49.69 -4.64
C SER G 179 -54.50 -50.35 -4.49
N SER G 180 -54.37 -51.54 -5.07
CA SER G 180 -53.13 -52.30 -5.04
C SER G 180 -52.60 -52.45 -6.45
N TYR G 181 -51.32 -52.16 -6.64
CA TYR G 181 -50.69 -52.18 -7.95
C TYR G 181 -49.60 -53.24 -7.98
N LEU G 182 -49.62 -54.07 -9.01
CA LEU G 182 -48.59 -55.08 -9.23
C LEU G 182 -47.82 -54.72 -10.50
N SER G 183 -46.50 -54.65 -10.38
CA SER G 183 -45.64 -54.19 -11.48
C SER G 183 -45.01 -55.41 -12.14
N LEU G 184 -45.73 -55.99 -13.09
CA LEU G 184 -45.26 -57.13 -13.87
C LEU G 184 -44.83 -56.67 -15.26
N THR G 185 -44.53 -57.64 -16.11
CA THR G 185 -44.20 -57.43 -17.51
C THR G 185 -45.11 -58.27 -18.38
N PRO G 186 -45.45 -57.81 -19.59
CA PRO G 186 -46.39 -58.56 -20.43
C PRO G 186 -45.94 -59.98 -20.74
N GLU G 187 -44.64 -60.21 -20.91
CA GLU G 187 -44.15 -61.57 -21.11
C GLU G 187 -44.44 -62.43 -19.88
N GLN G 188 -44.23 -61.88 -18.69
CA GLN G 188 -44.56 -62.60 -17.46
C GLN G 188 -46.04 -62.50 -17.12
N TRP G 189 -46.71 -61.42 -17.55
CA TRP G 189 -48.12 -61.25 -17.23
C TRP G 189 -48.98 -62.29 -17.95
N LYS G 190 -48.70 -62.53 -19.23
CA LYS G 190 -49.51 -63.44 -20.03
C LYS G 190 -49.24 -64.91 -19.71
N SER G 191 -48.11 -65.22 -19.09
CA SER G 191 -47.74 -66.62 -18.87
C SER G 191 -48.65 -67.29 -17.85
N HIS G 192 -48.89 -66.63 -16.73
CA HIS G 192 -49.65 -67.25 -15.65
C HIS G 192 -51.10 -67.47 -16.05
N ARG G 193 -51.60 -68.69 -15.79
CA ARG G 193 -52.96 -69.03 -16.21
C ARG G 193 -54.00 -68.25 -15.41
N SER G 194 -53.77 -68.07 -14.12
CA SER G 194 -54.74 -67.38 -13.28
C SER G 194 -54.01 -66.56 -12.22
N TYR G 195 -54.78 -65.82 -11.43
CA TYR G 195 -54.24 -64.95 -10.40
C TYR G 195 -55.20 -64.95 -9.22
N SER G 196 -54.97 -64.02 -8.29
CA SER G 196 -55.88 -63.82 -7.16
C SER G 196 -55.52 -62.50 -6.49
N CYS G 197 -56.54 -61.72 -6.17
CA CYS G 197 -56.38 -60.46 -5.44
C CYS G 197 -57.08 -60.63 -4.09
N GLN G 198 -56.36 -61.19 -3.12
CA GLN G 198 -56.93 -61.48 -1.82
C GLN G 198 -57.15 -60.20 -1.03
N VAL G 199 -58.32 -60.08 -0.40
CA VAL G 199 -58.63 -58.95 0.48
C VAL G 199 -59.04 -59.53 1.83
N THR G 200 -58.16 -59.42 2.81
CA THR G 200 -58.45 -59.85 4.18
C THR G 200 -58.90 -58.63 4.97
N HIS G 201 -60.19 -58.56 5.28
CA HIS G 201 -60.78 -57.37 5.89
C HIS G 201 -61.66 -57.84 7.05
N GLU G 202 -61.16 -57.69 8.28
CA GLU G 202 -61.87 -58.08 9.49
C GLU G 202 -62.28 -59.56 9.44
N GLY G 203 -61.42 -60.39 8.87
CA GLY G 203 -61.68 -61.81 8.78
C GLY G 203 -62.56 -62.24 7.62
N SER G 204 -63.04 -61.30 6.81
CA SER G 204 -63.89 -61.61 5.67
C SER G 204 -63.10 -61.47 4.38
N THR G 205 -63.12 -62.50 3.55
CA THR G 205 -62.38 -62.50 2.30
C THR G 205 -63.26 -63.04 1.18
N VAL G 206 -63.34 -62.29 0.09
CA VAL G 206 -64.01 -62.71 -1.14
C VAL G 206 -63.03 -62.57 -2.28
N GLU G 207 -62.79 -63.66 -3.00
CA GLU G 207 -61.76 -63.72 -4.03
C GLU G 207 -62.40 -63.71 -5.41
N LYS G 208 -61.84 -62.91 -6.31
CA LYS G 208 -62.24 -62.86 -7.70
C LYS G 208 -61.04 -63.18 -8.58
N THR G 209 -61.25 -64.05 -9.57
CA THR G 209 -60.19 -64.48 -10.47
C THR G 209 -60.68 -64.37 -11.91
N VAL G 210 -59.87 -63.74 -12.77
CA VAL G 210 -60.18 -63.56 -14.18
C VAL G 210 -59.05 -64.16 -15.00
N ALA G 211 -59.21 -64.11 -16.32
CA ALA G 211 -58.22 -64.67 -17.21
C ALA G 211 -57.52 -63.57 -18.00
N PRO G 212 -56.19 -63.63 -18.13
CA PRO G 212 -55.48 -62.63 -18.94
C PRO G 212 -55.87 -62.64 -20.41
N THR G 213 -56.45 -63.73 -20.91
CA THR G 213 -56.84 -63.81 -22.32
C THR G 213 -57.99 -62.88 -22.67
N GLU G 214 -58.66 -62.29 -21.67
CA GLU G 214 -59.75 -61.36 -21.94
C GLU G 214 -59.28 -60.08 -22.60
N CYS G 215 -57.98 -59.76 -22.52
CA CYS G 215 -57.47 -58.54 -23.13
C CYS G 215 -57.62 -58.56 -24.65
N SER G 216 -57.33 -59.69 -25.28
CA SER G 216 -57.42 -59.81 -26.72
C SER G 216 -58.88 -59.88 -27.17
C1 NAG H . -19.01 -2.72 48.18
C2 NAG H . -18.86 -1.68 49.27
C3 NAG H . -17.79 -2.11 50.27
C4 NAG H . -18.08 -3.51 50.79
C5 NAG H . -18.32 -4.48 49.62
C6 NAG H . -18.76 -5.85 50.06
C7 NAG H . -19.46 0.53 48.38
C8 NAG H . -18.95 1.82 47.81
N2 NAG H . -18.53 -0.37 48.72
O3 NAG H . -17.76 -1.17 51.34
O4 NAG H . -16.98 -4.00 51.54
O5 NAG H . -19.34 -3.97 48.75
O6 NAG H . -20.17 -5.92 50.19
O7 NAG H . -20.66 0.32 48.53
C1 NAG H . -17.13 -3.73 52.95
C2 NAG H . -16.79 -4.99 53.74
C3 NAG H . -16.83 -4.70 55.25
C4 NAG H . -15.97 -3.50 55.59
C5 NAG H . -16.38 -2.30 54.73
C6 NAG H . -15.50 -1.10 54.94
C7 NAG H . -19.00 -6.10 53.59
C8 NAG H . -19.71 -7.35 53.18
N2 NAG H . -17.67 -6.10 53.41
O3 NAG H . -16.38 -5.85 55.97
O4 NAG H . -16.12 -3.16 56.96
O5 NAG H . -16.27 -2.65 53.34
O6 NAG H . -15.62 -0.59 56.26
O7 NAG H . -19.59 -5.14 54.07
C1 NAG I . 65.69 45.78 55.31
C2 NAG I . 65.22 45.34 56.68
C3 NAG I . 64.41 46.44 57.36
C4 NAG I . 65.20 47.74 57.38
C5 NAG I . 65.65 48.10 55.97
C6 NAG I . 66.54 49.33 55.93
C7 NAG I . 64.95 42.90 56.81
C8 NAG I . 64.00 41.75 56.68
N2 NAG I . 64.43 44.11 56.60
O3 NAG I . 64.07 46.04 58.68
O4 NAG I . 64.41 48.79 57.92
O5 NAG I . 66.41 47.02 55.42
O6 NAG I . 67.54 49.19 54.93
O7 NAG I . 66.13 42.74 57.11
C1 NAG I . 64.95 49.13 59.21
C2 NAG I . 64.79 50.64 59.44
C3 NAG I . 65.30 51.01 60.82
C4 NAG I . 64.64 50.16 61.90
C5 NAG I . 64.80 48.68 61.58
C6 NAG I . 64.05 47.78 62.53
C7 NAG I . 64.82 52.12 57.49
C8 NAG I . 65.68 52.85 56.50
N2 NAG I . 65.46 51.39 58.42
O3 NAG I . 65.04 52.40 61.07
O4 NAG I . 65.23 50.43 63.16
O5 NAG I . 64.28 48.41 60.26
O6 NAG I . 64.81 47.52 63.70
O7 NAG I . 63.59 52.19 57.46
C1 NAG J . 73.38 28.00 48.15
C2 NAG J . 74.26 26.93 48.79
C3 NAG J . 75.63 27.50 49.12
C4 NAG J . 76.26 28.14 47.89
C5 NAG J . 75.30 29.15 47.27
C6 NAG J . 75.80 29.72 45.96
C7 NAG J . 72.89 25.27 49.97
C8 NAG J . 72.32 24.86 51.30
N2 NAG J . 73.63 26.38 49.98
O3 NAG J . 76.47 26.47 49.62
O4 NAG J . 77.48 28.79 48.24
O5 NAG J . 74.04 28.53 46.99
O6 NAG J . 76.90 30.60 46.16
O7 NAG J . 72.68 24.64 48.95
C1 NAG J . 78.58 28.15 47.55
C2 NAG J . 79.81 29.05 47.72
C3 NAG J . 81.01 28.42 47.02
C4 NAG J . 81.22 26.99 47.52
C5 NAG J . 79.93 26.18 47.39
C6 NAG J . 80.04 24.80 47.98
C7 NAG J . 79.42 31.45 47.98
C8 NAG J . 79.18 32.75 47.28
N2 NAG J . 79.57 30.38 47.20
O3 NAG J . 82.18 29.19 47.27
O4 NAG J . 82.26 26.35 46.77
O5 NAG J . 78.86 26.85 48.07
O6 NAG J . 81.32 24.23 47.75
O7 NAG J . 79.47 31.37 49.20
C1 NAG K . 68.16 15.53 32.69
C2 NAG K . 69.51 15.17 33.31
C3 NAG K . 70.29 14.26 32.37
C4 NAG K . 69.46 13.05 31.99
C5 NAG K . 68.13 13.50 31.40
C6 NAG K . 67.19 12.35 31.10
C7 NAG K . 70.90 16.54 34.78
C8 NAG K . 71.65 17.84 34.94
N2 NAG K . 70.27 16.37 33.62
O3 NAG K . 71.50 13.84 33.01
O4 NAG K . 70.15 12.26 31.03
O5 NAG K . 67.45 14.34 32.36
O6 NAG K . 65.86 12.81 30.91
O7 NAG K . 70.88 15.70 35.67
C1 NAG K . 70.46 10.98 31.61
C2 NAG K . 70.50 9.93 30.50
C3 NAG K . 70.85 8.57 31.07
C4 NAG K . 72.15 8.65 31.87
C5 NAG K . 72.05 9.75 32.92
C6 NAG K . 73.35 9.98 33.67
C7 NAG K . 69.11 10.04 28.47
C8 NAG K . 67.73 9.95 27.91
N2 NAG K . 69.22 9.88 29.79
O3 NAG K . 71.00 7.64 30.01
O4 NAG K . 72.39 7.41 32.51
O5 NAG K . 71.72 11.01 32.30
O6 NAG K . 73.99 11.17 33.26
O7 NAG K . 70.09 10.25 27.76
C1 NAG L . 53.02 33.93 55.11
C2 NAG L . 53.58 35.28 55.55
C3 NAG L . 54.19 35.17 56.94
C4 NAG L . 53.17 34.60 57.91
C5 NAG L . 52.60 33.29 57.39
C6 NAG L . 51.48 32.73 58.24
C7 NAG L . 54.27 36.66 53.65
C8 NAG L . 55.42 37.06 52.75
N2 NAG L . 54.57 35.77 54.59
O3 NAG L . 54.61 36.46 57.37
O4 NAG L . 53.78 34.37 59.18
O5 NAG L . 52.06 33.48 56.06
O6 NAG L . 50.65 33.77 58.74
O7 NAG L . 53.15 37.12 53.50
C1 NAG L . 53.27 35.32 60.14
C2 NAG L . 53.96 35.05 61.48
C3 NAG L . 53.50 36.08 62.52
C4 NAG L . 53.71 37.49 61.99
C5 NAG L . 53.04 37.66 60.64
C6 NAG L . 53.30 39.01 60.01
C7 NAG L . 54.45 32.66 61.64
C8 NAG L . 54.03 31.34 62.21
N2 NAG L . 53.68 33.71 61.95
O3 NAG L . 54.23 35.89 63.72
O4 NAG L . 53.17 38.44 62.91
O5 NAG L . 53.54 36.67 59.73
O6 NAG L . 54.69 39.23 59.82
O7 NAG L . 55.45 32.77 60.93
C1 NAG M . 4.96 -61.30 19.32
C2 NAG M . 4.06 -61.99 18.29
C3 NAG M . 2.94 -61.04 17.89
C4 NAG M . 2.19 -60.54 19.11
C5 NAG M . 3.16 -59.95 20.13
C6 NAG M . 2.50 -59.57 21.43
C7 NAG M . 5.25 -63.67 16.97
C8 NAG M . 6.01 -63.95 15.71
N2 NAG M . 4.82 -62.42 17.13
O3 NAG M . 2.05 -61.74 17.01
O4 NAG M . 1.28 -59.51 18.72
O5 NAG M . 4.18 -60.90 20.45
O6 NAG M . 2.27 -60.71 22.26
O7 NAG M . 5.02 -64.55 17.80
C1 NAG M . -0.06 -60.04 18.60
C2 NAG M . -1.06 -58.91 18.86
C3 NAG M . -2.49 -59.42 18.65
C4 NAG M . -2.64 -60.05 17.28
C5 NAG M . -1.59 -61.14 17.10
C6 NAG M . -1.60 -61.74 15.71
C7 NAG M . -1.06 -59.03 21.34
C8 NAG M . -0.84 -58.26 22.61
N2 NAG M . -0.90 -58.34 20.20
O3 NAG M . -3.40 -58.32 18.79
O4 NAG M . -3.93 -60.63 17.15
O5 NAG M . -0.27 -60.58 17.29
O6 NAG M . -0.28 -61.85 15.18
O7 NAG M . -1.36 -60.22 21.36
C1 NAG N . 65.42 70.46 17.01
C2 NAG N . 64.69 71.56 16.25
C3 NAG N . 65.21 71.66 14.82
C4 NAG N . 66.73 71.80 14.81
C5 NAG N . 67.38 70.71 15.67
C6 NAG N . 68.87 70.89 15.82
C7 NAG N . 62.62 70.30 15.77
C8 NAG N . 61.12 70.31 15.91
N2 NAG N . 63.24 71.37 16.27
O3 NAG N . 64.61 72.77 14.18
O4 NAG N . 67.21 71.69 13.48
O5 NAG N . 66.83 70.71 16.99
O6 NAG N . 69.23 71.06 17.19
O7 NAG N . 63.22 69.37 15.24
C1 NAG N . 67.73 72.96 13.03
C2 NAG N . 67.66 72.98 11.49
C3 NAG N . 68.15 74.32 10.96
C4 NAG N . 67.38 75.46 11.62
C5 NAG N . 67.45 75.35 13.13
C6 NAG N . 66.61 76.38 13.85
C7 NAG N . 69.75 71.71 11.09
C8 NAG N . 70.35 70.51 10.41
N2 NAG N . 68.44 71.88 10.92
O3 NAG N . 67.97 74.36 9.55
O4 NAG N . 67.93 76.71 11.21
O5 NAG N . 66.97 74.06 13.55
O6 NAG N . 67.21 77.67 13.79
O7 NAG N . 70.44 72.48 11.76
C1 NAG O . 53.86 67.65 33.71
C2 NAG O . 53.83 69.00 34.39
C3 NAG O . 55.08 69.17 35.25
C4 NAG O . 55.24 67.99 36.21
C5 NAG O . 55.07 66.65 35.48
C6 NAG O . 54.99 65.47 36.42
C7 NAG O . 53.01 71.19 33.65
C8 NAG O . 53.01 72.21 32.54
N2 NAG O . 53.73 70.08 33.42
O3 NAG O . 54.93 70.39 35.97
O4 NAG O . 56.54 67.96 36.79
O5 NAG O . 53.88 66.64 34.69
O6 NAG O . 56.17 65.34 37.19
O7 NAG O . 52.39 71.36 34.69
C1 NAG O . 56.87 69.03 37.70
C2 NAG O . 56.63 68.60 39.16
C3 NAG O . 57.09 69.72 40.11
C4 NAG O . 58.53 70.12 39.80
C5 NAG O . 58.66 70.50 38.33
C6 NAG O . 60.09 70.81 37.93
C7 NAG O . 54.83 67.46 40.36
C8 NAG O . 53.35 67.23 40.45
N2 NAG O . 55.24 68.28 39.39
O3 NAG O . 56.99 69.25 41.45
O4 NAG O . 58.89 71.24 40.60
O5 NAG O . 58.24 69.40 37.51
O6 NAG O . 60.61 69.82 37.07
O7 NAG O . 55.62 66.92 41.13
C1 NAG P . 41.49 53.47 41.05
C2 NAG P . 41.85 54.52 42.11
C3 NAG P . 41.45 54.02 43.50
C4 NAG P . 39.99 53.61 43.52
C5 NAG P . 39.72 52.59 42.41
C6 NAG P . 38.26 52.21 42.30
C7 NAG P . 43.73 56.02 41.64
C8 NAG P . 45.23 56.18 41.67
N2 NAG P . 43.27 54.84 42.07
O3 NAG P . 41.68 55.05 44.45
O4 NAG P . 39.66 53.03 44.77
O5 NAG P . 40.11 53.15 41.15
O6 NAG P . 38.03 51.35 41.19
O7 NAG P . 42.99 56.91 41.24
C1 NAG P . 38.81 53.95 45.49
C2 NAG P . 37.90 53.15 46.42
C3 NAG P . 37.02 54.09 47.23
C4 NAG P . 37.85 55.14 47.94
C5 NAG P . 38.77 55.85 46.95
C6 NAG P . 39.72 56.81 47.61
C7 NAG P . 37.39 50.89 45.61
C8 NAG P . 36.45 50.04 44.80
N2 NAG P . 37.09 52.19 45.68
O3 NAG P . 36.26 53.34 48.17
O4 NAG P . 37.01 56.09 48.57
O5 NAG P . 39.58 54.89 46.25
O6 NAG P . 40.98 56.20 47.88
O7 NAG P . 38.38 50.41 46.18
C1 NAG Q . 35.58 35.46 52.14
C2 NAG Q . 35.66 36.25 53.45
C3 NAG Q . 34.73 35.65 54.50
C4 NAG Q . 33.31 35.52 53.95
C5 NAG Q . 33.34 34.76 52.62
C6 NAG Q . 31.99 34.68 51.95
C7 NAG Q . 37.76 35.27 54.29
C8 NAG Q . 39.15 35.57 54.78
N2 NAG Q . 37.03 36.33 53.94
O3 NAG Q . 34.72 36.47 55.65
O4 NAG Q . 32.49 34.83 54.88
O5 NAG Q . 34.22 35.41 51.70
O6 NAG Q . 31.59 33.33 51.75
O7 NAG Q . 37.34 34.12 54.20
C1 NAG Q . 31.41 35.70 55.28
C2 NAG Q . 30.38 34.86 56.04
C3 NAG Q . 29.23 35.74 56.52
C4 NAG Q . 29.76 36.93 57.31
C5 NAG Q . 30.82 37.68 56.50
C6 NAG Q . 31.47 38.80 57.27
C7 NAG Q . 29.24 33.88 54.09
C8 NAG Q . 28.82 32.60 53.42
N2 NAG Q . 29.89 33.75 55.24
O3 NAG Q . 28.34 34.97 57.33
O4 NAG Q . 28.69 37.82 57.63
O5 NAG Q . 31.86 36.78 56.10
O6 NAG Q . 30.57 39.38 58.22
O7 NAG Q . 28.99 34.97 53.58
C1 NAG R . -17.75 41.61 -26.18
C2 NAG R . -19.09 42.13 -26.75
C3 NAG R . -19.00 43.64 -27.00
C4 NAG R . -18.53 44.36 -25.75
C5 NAG R . -17.24 43.76 -25.22
C6 NAG R . -16.80 44.35 -23.90
C7 NAG R . -20.71 41.31 -28.40
C8 NAG R . -20.90 40.55 -29.68
N2 NAG R . -19.44 41.43 -27.97
O3 NAG R . -20.28 44.12 -27.40
O4 NAG R . -18.33 45.76 -26.00
O5 NAG R . -17.42 42.35 -25.00
O6 NAG R . -17.62 45.46 -23.53
O7 NAG R . -21.65 41.80 -27.79
C1 NAG R . -17.71 46.04 -27.28
C2 NAG R . -18.02 47.49 -27.63
C3 NAG R . -17.35 47.86 -28.95
C4 NAG R . -15.86 47.54 -28.91
C5 NAG R . -15.65 46.08 -28.51
C6 NAG R . -14.19 45.73 -28.34
C7 NAG R . -20.00 48.89 -27.34
C8 NAG R . -21.50 48.96 -27.47
N2 NAG R . -19.44 47.73 -27.70
O3 NAG R . -17.54 49.25 -29.22
O4 NAG R . -15.27 47.76 -30.20
O5 NAG R . -16.29 45.83 -27.25
O6 NAG R . -14.02 44.62 -27.46
O7 NAG R . -19.34 49.84 -26.91
C1 NAG S . 89.30 30.83 19.44
C2 NAG S . 89.78 29.61 18.67
C3 NAG S . 90.20 28.51 19.64
C4 NAG S . 91.22 29.04 20.64
C5 NAG S . 90.68 30.30 21.32
C6 NAG S . 91.70 30.97 22.23
C7 NAG S . 89.02 28.60 16.56
C8 NAG S . 87.84 28.14 15.76
N2 NAG S . 88.75 29.12 17.77
O3 NAG S . 90.77 27.42 18.91
O4 NAG S . 91.49 28.05 21.63
O5 NAG S . 90.33 31.28 20.33
O6 NAG S . 92.64 31.72 21.48
O7 NAG S . 90.16 28.50 16.14
C1 NAG S . 92.84 27.60 21.49
C2 NAG S . 93.03 26.38 22.41
C3 NAG S . 94.44 25.82 22.27
C4 NAG S . 94.75 25.53 20.81
C5 NAG S . 94.50 26.78 19.96
C6 NAG S . 94.67 26.53 18.48
C7 NAG S . 92.04 25.96 24.62
C8 NAG S . 91.85 26.47 26.02
N2 NAG S . 92.76 26.72 23.79
O3 NAG S . 94.56 24.62 23.04
O4 NAG S . 96.12 25.14 20.67
O5 NAG S . 93.15 27.23 20.15
O6 NAG S . 94.49 27.73 17.73
O7 NAG S . 91.55 24.89 24.25
C1 NAG T . 81.01 43.73 5.28
C2 NAG T . 81.66 44.32 4.03
C3 NAG T . 82.91 45.10 4.40
C4 NAG T . 82.61 46.14 5.47
C5 NAG T . 81.91 45.47 6.66
C6 NAG T . 81.45 46.47 7.71
C7 NAG T . 81.10 42.81 2.17
C8 NAG T . 81.60 41.73 1.26
N2 NAG T . 81.98 43.27 3.06
O3 NAG T . 83.43 45.74 3.24
O4 NAG T . 83.82 46.74 5.93
O5 NAG T . 80.74 44.78 6.21
O6 NAG T . 80.90 47.63 7.11
O7 NAG T . 79.95 43.24 2.11
C1 NAG T . 83.81 48.14 5.60
C2 NAG T . 85.13 48.76 6.07
C3 NAG T . 85.19 50.24 5.72
C4 NAG T . 84.90 50.44 4.24
C5 NAG T . 83.60 49.77 3.86
C6 NAG T . 83.32 49.83 2.36
C7 NAG T . 84.55 49.01 8.47
C8 NAG T . 84.96 48.68 9.87
N2 NAG T . 85.35 48.55 7.50
O3 NAG T . 86.47 50.76 6.05
O4 NAG T . 84.82 51.83 3.95
O5 NAG T . 83.64 48.37 4.20
O6 NAG T . 83.97 50.93 1.76
O7 NAG T . 83.54 49.67 8.23
C1 NAG U . 61.57 47.59 -1.20
C2 NAG U . 62.69 48.44 -1.81
C3 NAG U . 62.12 49.74 -2.36
C4 NAG U . 60.97 49.46 -3.33
C5 NAG U . 59.93 48.58 -2.64
C6 NAG U . 58.80 48.16 -3.55
C7 NAG U . 65.03 48.71 -1.14
C8 NAG U . 65.97 49.01 -0.01
N2 NAG U . 63.73 48.70 -0.83
O3 NAG U . 63.15 50.45 -3.04
O4 NAG U . 60.38 50.68 -3.74
O5 NAG U . 60.54 47.38 -2.17
O6 NAG U . 59.29 47.71 -4.80
O7 NAG U . 65.43 48.49 -2.28
C1 NAG U . 60.44 50.79 -5.18
C2 NAG U . 59.21 51.58 -5.63
C3 NAG U . 59.23 51.75 -7.15
C4 NAG U . 60.55 52.36 -7.59
C5 NAG U . 61.73 51.55 -7.05
C6 NAG U . 63.07 52.19 -7.35
C7 NAG U . 57.14 51.47 -4.33
C8 NAG U . 55.91 50.67 -4.00
N2 NAG U . 57.98 50.93 -5.21
O3 NAG U . 58.15 52.57 -7.55
O4 NAG U . 60.63 52.39 -9.02
O5 NAG U . 61.63 51.45 -5.62
O6 NAG U . 62.96 53.60 -7.49
O7 NAG U . 57.35 52.58 -3.82
C1 NAG V . 42.38 57.81 -1.87
C2 NAG V . 42.60 59.29 -2.17
C3 NAG V . 41.51 59.82 -3.09
C4 NAG V . 41.38 58.94 -4.33
C5 NAG V . 41.22 57.48 -3.94
C6 NAG V . 41.22 56.53 -5.11
C7 NAG V . 43.35 61.20 -0.82
C8 NAG V . 43.28 61.87 0.51
N2 NAG V . 42.65 60.06 -0.95
O3 NAG V . 41.80 61.15 -3.47
O4 NAG V . 40.25 59.35 -5.09
O5 NAG V . 42.31 57.08 -3.09
O6 NAG V . 42.31 56.78 -5.98
O7 NAG V . 43.99 61.68 -1.75
C1 NAG V . 40.65 59.68 -6.45
C2 NAG V . 39.47 60.37 -7.14
C3 NAG V . 39.85 60.77 -8.56
C4 NAG V . 41.13 61.58 -8.57
C5 NAG V . 42.24 60.84 -7.81
C6 NAG V . 43.51 61.66 -7.69
C7 NAG V . 38.19 58.33 -7.69
C8 NAG V . 36.87 57.65 -7.56
N2 NAG V . 38.28 59.55 -7.12
O3 NAG V . 38.80 61.52 -9.14
O4 NAG V . 41.56 61.81 -9.91
O5 NAG V . 41.81 60.54 -6.48
O6 NAG V . 44.62 60.98 -8.27
O7 NAG V . 39.13 57.81 -8.29
C1 NAG W . 41.41 -26.38 1.49
C2 NAG W . 42.34 -26.34 2.70
C3 NAG W . 43.70 -26.93 2.34
C4 NAG W . 43.54 -28.31 1.74
C5 NAG W . 42.56 -28.28 0.58
C6 NAG W . 42.26 -29.65 0.01
C7 NAG W . 42.76 -24.70 4.48
C8 NAG W . 42.87 -23.24 4.82
N2 NAG W . 42.49 -24.98 3.20
O3 NAG W . 44.51 -26.99 3.50
O4 NAG W . 44.80 -28.80 1.28
O5 NAG W . 41.31 -27.73 1.01
O6 NAG W . 40.97 -30.09 0.39
O7 NAG W . 42.90 -25.57 5.32
C1 NAG X . 33.01 -2.68 51.56
C2 NAG X . 32.74 -3.84 52.53
C3 NAG X . 31.24 -3.95 52.79
C4 NAG X . 30.68 -2.62 53.26
C5 NAG X . 31.05 -1.51 52.27
C6 NAG X . 30.63 -0.15 52.74
C7 NAG X . 34.13 -5.86 52.69
C8 NAG X . 34.57 -7.12 52.01
N2 NAG X . 33.28 -5.09 52.01
O3 NAG X . 31.02 -4.96 53.78
O4 NAG X . 29.26 -2.70 53.36
O5 NAG X . 32.47 -1.47 52.10
O6 NAG X . 31.24 0.88 51.97
O7 NAG X . 34.53 -5.55 53.81
C1 NAG Y . 13.47 -3.45 45.25
C2 NAG Y . 13.71 -2.12 45.96
C3 NAG Y . 13.80 -2.32 47.47
C4 NAG Y . 12.57 -3.06 47.98
C5 NAG Y . 12.37 -4.36 47.20
C6 NAG Y . 11.11 -5.10 47.58
C7 NAG Y . 14.91 -0.55 44.50
C8 NAG Y . 16.26 0.00 44.11
N2 NAG Y . 14.92 -1.49 45.47
O3 NAG Y . 13.91 -1.06 48.12
O4 NAG Y . 12.72 -3.37 49.36
O5 NAG Y . 12.29 -4.07 45.80
O6 NAG Y . 10.67 -4.72 48.88
O7 NAG Y . 13.88 -0.17 43.98
C1 NAG Z . 68.54 6.93 12.38
C2 NAG Z . 69.92 6.84 11.73
C3 NAG Z . 69.99 5.63 10.80
C4 NAG Z . 69.58 4.36 11.55
C5 NAG Z . 68.21 4.56 12.21
C6 NAG Z . 67.80 3.38 13.06
C7 NAG Z . 71.46 8.59 10.96
C8 NAG Z . 71.60 9.84 10.15
N2 NAG Z . 70.23 8.06 11.01
O3 NAG Z . 71.31 5.49 10.30
O4 NAG Z . 69.51 3.27 10.65
O5 NAG Z . 68.25 5.71 13.07
O6 NAG Z . 68.24 2.16 12.50
O7 NAG Z . 72.41 8.07 11.53
C1 NAG AA . 59.40 20.91 48.66
C2 NAG AA . 59.54 21.39 50.11
C3 NAG AA . 59.55 20.19 51.06
C4 NAG AA . 58.32 19.32 50.83
C5 NAG AA . 58.24 18.91 49.37
C6 NAG AA . 56.99 18.14 49.04
C7 NAG AA . 60.92 23.08 51.24
C8 NAG AA . 62.24 23.79 51.25
N2 NAG AA . 60.76 22.17 50.27
O3 NAG AA . 59.56 20.67 52.40
O4 NAG AA . 58.39 18.16 51.64
O5 NAG AA . 58.21 20.09 48.54
O6 NAG AA . 56.94 17.80 47.66
O7 NAG AA . 60.05 23.30 52.07
C1 NAG BA . 20.49 -33.69 31.95
C2 NAG BA . 19.53 -32.81 32.73
C3 NAG BA . 20.16 -32.36 34.05
C4 NAG BA . 20.68 -33.57 34.82
C5 NAG BA . 21.59 -34.42 33.94
C6 NAG BA . 22.04 -35.70 34.61
C7 NAG BA . 19.91 -30.71 31.47
C8 NAG BA . 19.25 -29.61 30.70
N2 NAG BA . 19.09 -31.66 31.95
O3 NAG BA . 19.21 -31.65 34.83
O4 NAG BA . 21.40 -33.14 35.97
O5 NAG BA . 20.90 -34.80 32.74
O6 NAG BA . 21.87 -36.82 33.75
O7 NAG BA . 21.12 -30.73 31.64
C1 NAG CA . 0.20 -35.16 7.21
C2 NAG CA . 0.13 -34.73 5.75
C3 NAG CA . -0.67 -33.43 5.62
C4 NAG CA . -2.03 -33.58 6.28
C5 NAG CA . -1.87 -34.05 7.71
C6 NAG CA . -3.19 -34.32 8.40
C7 NAG CA . 2.01 -35.42 4.33
C8 NAG CA . 3.40 -35.09 3.86
N2 NAG CA . 1.46 -34.55 5.19
O3 NAG CA . -0.84 -33.11 4.24
O4 NAG CA . -2.72 -32.33 6.26
O5 NAG CA . -1.12 -35.27 7.74
O6 NAG CA . -3.39 -35.72 8.58
O7 NAG CA . 1.43 -36.44 3.97
C1 NAG DA . -2.97 -46.67 -2.22
C2 NAG DA . -2.48 -45.26 -2.58
C3 NAG DA . -3.65 -44.39 -3.01
C4 NAG DA . -4.44 -45.06 -4.11
C5 NAG DA . -4.86 -46.46 -3.68
C6 NAG DA . -5.57 -47.24 -4.75
C7 NAG DA . -0.85 -43.69 -1.61
C8 NAG DA . -0.23 -43.17 -0.35
N2 NAG DA . -1.77 -44.66 -1.46
O3 NAG DA . -3.16 -43.13 -3.46
O4 NAG DA . -5.61 -44.30 -4.41
O5 NAG DA . -3.70 -47.23 -3.32
O6 NAG DA . -6.76 -47.85 -4.27
O7 NAG DA . -0.55 -43.25 -2.72
C1 NAG EA . 44.02 -9.72 24.94
C2 NAG EA . 44.15 -8.72 23.78
C3 NAG EA . 44.53 -7.34 24.30
C4 NAG EA . 43.56 -6.89 25.38
C5 NAG EA . 43.45 -7.96 26.47
C6 NAG EA . 42.42 -7.62 27.53
C7 NAG EA . 44.90 -9.18 21.49
C8 NAG EA . 46.02 -9.69 20.63
N2 NAG EA . 45.12 -9.19 22.81
O3 NAG EA . 44.52 -6.41 23.23
O4 NAG EA . 44.00 -5.67 25.96
O5 NAG EA . 43.07 -9.22 25.90
O6 NAG EA . 43.03 -7.12 28.71
O7 NAG EA . 43.85 -8.76 21.01
C1 NAG FA . -39.86 -15.81 47.51
C2 NAG FA . -38.59 -15.77 46.67
C3 NAG FA . -37.85 -17.10 46.77
C4 NAG FA . -37.60 -17.46 48.23
C5 NAG FA . -38.92 -17.43 49.01
C6 NAG FA . -38.72 -17.65 50.50
C7 NAG FA . -38.37 -14.40 44.65
C8 NAG FA . -38.78 -14.22 43.22
N2 NAG FA . -38.88 -15.46 45.28
O3 NAG FA . -36.62 -17.01 46.07
O4 NAG FA . -37.03 -18.76 48.32
O5 NAG FA . -39.54 -16.14 48.86
O6 NAG FA . -37.71 -16.80 51.02
O7 NAG FA . -37.61 -13.62 45.20
C1 NAG GA . -4.23 20.07 49.45
C2 NAG GA . -4.65 21.24 50.36
C3 NAG GA . -3.68 21.37 51.52
C4 NAG GA . -3.55 20.06 52.26
C5 NAG GA . -3.18 18.93 51.29
C6 NAG GA . -3.16 17.57 51.94
C7 NAG GA . -5.90 23.06 49.27
C8 NAG GA . -5.79 24.33 48.50
N2 NAG GA . -4.73 22.47 49.60
O3 NAG GA . -4.13 22.39 52.41
O4 NAG GA . -2.53 20.16 53.26
O5 NAG GA . -4.15 18.87 50.23
O6 NAG GA . -4.44 17.22 52.46
O7 NAG GA . -6.98 22.57 49.60
C1 NAG HA . 8.44 63.18 13.86
C2 NAG HA . 7.66 64.46 14.14
C3 NAG HA . 6.98 64.96 12.87
C4 NAG HA . 7.99 65.09 11.74
C5 NAG HA . 8.75 63.78 11.55
C6 NAG HA . 9.86 63.88 10.53
C7 NAG HA . 5.68 63.41 15.19
C8 NAG HA . 4.80 63.39 16.41
N2 NAG HA . 6.70 64.28 15.22
O3 NAG HA . 6.36 66.21 13.13
O4 NAG HA . 7.32 65.42 10.53
O5 NAG HA . 9.37 63.40 12.80
O6 NAG HA . 11.10 63.46 11.06
O7 NAG HA . 5.46 62.68 14.23
C1 NAG IA . -2.29 49.45 0.57
C2 NAG IA . -0.90 49.80 0.03
C3 NAG IA . -0.88 51.25 -0.44
C4 NAG IA . -2.01 51.50 -1.44
C5 NAG IA . -3.34 51.08 -0.86
C6 NAG IA . -4.49 51.18 -1.83
C7 NAG IA . 1.30 49.03 0.75
C8 NAG IA . 2.24 48.86 1.91
N2 NAG IA . 0.12 49.57 1.04
O3 NAG IA . 0.38 51.54 -1.03
O4 NAG IA . -2.05 52.89 -1.78
O5 NAG IA . -3.28 49.70 -0.44
O6 NAG IA . -4.89 49.89 -2.31
O7 NAG IA . 1.61 48.69 -0.38
C1 NAG JA . 49.33 67.37 12.51
C2 NAG JA . 50.67 67.77 11.92
C3 NAG JA . 50.84 69.28 11.98
C4 NAG JA . 49.66 69.99 11.33
C5 NAG JA . 48.36 69.49 11.94
C6 NAG JA . 47.13 70.05 11.25
C7 NAG JA . 52.22 65.89 12.25
C8 NAG JA . 53.35 65.34 13.07
N2 NAG JA . 51.77 67.10 12.61
O3 NAG JA . 52.06 69.65 11.31
O4 NAG JA . 49.76 71.39 11.52
O5 NAG JA . 48.27 68.06 11.83
O6 NAG JA . 47.33 71.40 10.87
O7 NAG JA . 51.72 65.26 11.32
C1 NAG KA . 40.59 64.36 26.20
C2 NAG KA . 39.92 65.14 25.08
C3 NAG KA . 38.40 64.98 25.16
C4 NAG KA . 38.02 63.51 25.20
C5 NAG KA . 38.79 62.79 26.31
C6 NAG KA . 38.55 61.30 26.32
C7 NAG KA . 41.38 67.04 24.54
C8 NAG KA . 41.61 68.52 24.70
N2 NAG KA . 40.28 66.55 25.13
O3 NAG KA . 37.80 65.61 24.04
O4 NAG KA . 36.62 63.37 25.44
O5 NAG KA . 40.19 62.98 26.13
O6 NAG KA . 38.67 60.76 27.63
O7 NAG KA . 42.15 66.33 23.91
C1 NAG LA . 8.30 41.94 37.45
C2 NAG LA . 8.81 41.34 38.77
C3 NAG LA . 9.90 42.24 39.36
C4 NAG LA . 10.99 42.51 38.33
C5 NAG LA . 10.38 43.07 37.05
C6 NAG LA . 11.39 43.25 35.94
C7 NAG LA . 7.31 39.97 40.13
C8 NAG LA . 6.18 39.96 41.12
N2 NAG LA . 7.74 41.17 39.72
O3 NAG LA . 10.46 41.62 40.51
O4 NAG LA . 11.93 43.44 38.85
O5 NAG LA . 9.39 42.16 36.56
O6 NAG LA . 10.86 42.88 34.68
O7 NAG LA . 7.82 38.93 39.72
C1 NAG MA . -56.40 30.89 30.09
C2 NAG MA . -55.61 31.34 28.85
C3 NAG MA . -55.81 30.35 27.71
C4 NAG MA . -55.47 28.93 28.16
C5 NAG MA . -56.27 28.57 29.40
C6 NAG MA . -55.91 27.22 29.97
C7 NAG MA . -55.45 33.79 28.91
C8 NAG MA . -55.99 35.08 28.36
N2 NAG MA . -56.01 32.67 28.43
O3 NAG MA . -54.99 30.72 26.60
O4 NAG MA . -55.77 28.00 27.12
O5 NAG MA . -56.03 29.54 30.44
O6 NAG MA . -54.54 26.91 29.76
O7 NAG MA . -54.55 33.77 29.74
C1 NAG NA . -40.35 33.38 -37.26
C2 NAG NA . -39.82 33.59 -35.84
C3 NAG NA . -40.87 34.25 -34.97
C4 NAG NA . -41.38 35.53 -35.63
C5 NAG NA . -41.84 35.25 -37.04
C6 NAG NA . -42.24 36.50 -37.80
C7 NAG NA . -38.12 31.90 -35.29
C8 NAG NA . -37.87 30.57 -34.63
N2 NAG NA . -39.39 32.33 -35.26
O3 NAG NA . -40.32 34.54 -33.69
O4 NAG NA . -42.46 36.08 -34.87
O5 NAG NA . -40.79 34.64 -37.79
O6 NAG NA . -41.46 37.62 -37.40
O7 NAG NA . -37.23 32.55 -35.81
C1 NAG OA . 8.84 43.71 -27.23
C2 NAG OA . 10.24 44.06 -27.73
C3 NAG OA . 10.37 45.57 -27.92
C4 NAG OA . 9.25 46.09 -28.82
C5 NAG OA . 7.90 45.65 -28.28
C6 NAG OA . 6.75 46.03 -29.18
C7 NAG OA . 12.45 43.14 -27.22
C8 NAG OA . 13.38 42.67 -26.14
N2 NAG OA . 11.26 43.57 -26.81
O3 NAG OA . 11.64 45.86 -28.51
O4 NAG OA . 9.30 47.51 -28.88
O5 NAG OA . 7.86 44.23 -28.14
O6 NAG OA . 5.86 44.94 -29.38
O7 NAG OA . 12.77 43.12 -28.40
C1 NAG PA . 54.29 9.70 -23.21
C2 NAG PA . 54.81 9.56 -24.64
C3 NAG PA . 54.51 8.17 -25.19
C4 NAG PA . 55.03 7.09 -24.24
C5 NAG PA . 54.50 7.34 -22.83
C6 NAG PA . 55.07 6.38 -21.81
C7 NAG PA . 52.97 10.76 -25.77
C8 NAG PA . 52.62 11.90 -26.69
N2 NAG PA . 54.27 10.60 -25.51
O3 NAG PA . 55.12 8.02 -26.46
O4 NAG PA . 54.60 5.81 -24.68
O5 NAG PA . 54.85 8.67 -22.39
O6 NAG PA . 55.15 5.06 -22.34
O7 NAG PA . 52.10 10.04 -25.28
C1 NAG QA . 39.47 -3.78 -20.46
C2 NAG QA . 40.50 -4.07 -19.36
C3 NAG QA . 41.82 -4.52 -19.98
C4 NAG QA . 41.60 -5.67 -20.94
C5 NAG QA . 40.53 -5.31 -21.96
C6 NAG QA . 40.17 -6.47 -22.87
C7 NAG QA . 39.99 -2.72 -17.38
C8 NAG QA . 40.33 -1.47 -16.61
N2 NAG QA . 40.69 -2.92 -18.49
O3 NAG QA . 42.72 -4.90 -18.94
O4 NAG QA . 42.81 -5.98 -21.61
O5 NAG QA . 39.32 -4.92 -21.29
O6 NAG QA . 41.20 -6.75 -23.80
O7 NAG QA . 39.12 -3.50 -16.99
C1 NAG RA . 78.58 21.90 9.25
C2 NAG RA . 79.59 21.77 10.38
C3 NAG RA . 80.98 21.48 9.82
C4 NAG RA . 80.93 20.28 8.88
C5 NAG RA . 79.86 20.49 7.82
C6 NAG RA . 79.68 19.29 6.91
C7 NAG RA . 78.76 23.19 12.20
C8 NAG RA . 78.93 24.47 12.95
N2 NAG RA . 79.62 22.96 11.21
O3 NAG RA . 81.89 21.23 10.88
O4 NAG RA . 82.20 20.10 8.25
O5 NAG RA . 78.59 20.74 8.44
O6 NAG RA . 79.92 19.62 5.55
O7 NAG RA . 77.87 22.38 12.49
C1 NAG SA . 73.71 32.18 -0.46
C2 NAG SA . 73.32 32.63 -1.87
C3 NAG SA . 74.42 32.26 -2.87
C4 NAG SA . 75.77 32.79 -2.39
C5 NAG SA . 76.05 32.34 -0.97
C6 NAG SA . 77.31 32.94 -0.39
C7 NAG SA . 71.78 30.76 -2.41
C8 NAG SA . 70.38 30.42 -2.85
N2 NAG SA . 72.04 32.08 -2.29
O3 NAG SA . 74.10 32.81 -4.14
O4 NAG SA . 76.80 32.31 -3.24
O5 NAG SA . 74.97 32.75 -0.10
O6 NAG SA . 77.11 33.39 0.94
O7 NAG SA . 72.62 29.91 -2.19
C1 NAG TA . 20.71 12.20 -43.32
C2 NAG TA . 21.75 11.14 -42.99
C3 NAG TA . 23.10 11.52 -43.58
C4 NAG TA . 22.97 11.80 -45.07
C5 NAG TA . 21.86 12.81 -45.32
C6 NAG TA . 21.59 13.03 -46.79
C7 NAG TA . 21.23 9.94 -40.91
C8 NAG TA . 21.45 9.88 -39.43
N2 NAG TA . 21.86 10.94 -41.55
O3 NAG TA . 24.03 10.46 -43.36
O4 NAG TA . 24.20 12.30 -45.58
O5 NAG TA . 20.62 12.36 -44.74
O6 NAG TA . 22.61 12.49 -47.60
O7 NAG TA . 20.53 9.13 -41.49
C1 NAG UA . -9.61 5.19 -34.25
C2 NAG UA . -8.63 4.62 -33.21
C3 NAG UA . -9.36 4.33 -31.91
C4 NAG UA . -10.13 5.55 -31.42
C5 NAG UA . -11.05 6.06 -32.52
C6 NAG UA . -11.77 7.34 -32.16
C7 NAG UA . -8.55 2.30 -34.06
C8 NAG UA . -7.66 1.21 -34.55
N2 NAG UA . -7.95 3.44 -33.70
O3 NAG UA . -8.41 3.93 -30.91
O4 NAG UA . -10.91 5.22 -30.28
O5 NAG UA . -10.28 6.33 -33.71
O6 NAG UA . -12.85 7.60 -33.05
O7 NAG UA . -9.77 2.16 -34.00
C1 NAG VA . 34.51 35.07 -22.13
C2 NAG VA . 33.90 36.48 -21.95
C3 NAG VA . 34.99 37.53 -21.89
C4 NAG VA . 36.03 37.17 -20.84
C5 NAG VA . 36.55 35.77 -21.07
C6 NAG VA . 37.49 35.30 -19.98
C7 NAG VA . 31.82 37.45 -22.83
C8 NAG VA . 30.98 37.67 -24.05
N2 NAG VA . 32.96 36.78 -23.02
O3 NAG VA . 34.42 38.80 -21.61
O4 NAG VA . 37.10 38.10 -20.87
O5 NAG VA . 35.46 34.83 -21.08
O6 NAG VA . 37.18 33.97 -19.56
O7 NAG VA . 31.50 37.87 -21.72
C1 NAG WA . -20.96 8.52 -41.46
C2 NAG WA . -20.93 6.99 -41.34
C3 NAG WA . -21.25 6.56 -39.91
C4 NAG WA . -20.32 7.26 -38.94
C5 NAG WA . -20.36 8.78 -39.15
C6 NAG WA . -19.38 9.52 -38.29
C7 NAG WA . -21.58 5.28 -42.98
C8 NAG WA . -22.65 4.79 -43.90
N2 NAG WA . -21.85 6.39 -42.28
O3 NAG WA . -21.11 5.15 -39.81
O4 NAG WA . -20.71 6.97 -37.60
O5 NAG WA . -20.05 9.09 -40.51
O6 NAG WA . -18.47 8.64 -37.65
O7 NAG WA . -20.50 4.70 -42.87
C1 NAG XA . -5.41 4.95 -64.39
C2 NAG XA . -4.72 4.44 -63.12
C3 NAG XA . -5.59 3.38 -62.44
C4 NAG XA . -7.00 3.92 -62.20
C5 NAG XA . -7.58 4.45 -63.51
C6 NAG XA . -8.94 5.10 -63.34
C7 NAG XA . -3.13 2.89 -64.21
C8 NAG XA . -1.68 2.51 -64.36
N2 NAG XA . -3.39 3.92 -63.40
O3 NAG XA . -4.99 3.02 -61.20
O4 NAG XA . -7.84 2.89 -61.70
O5 NAG XA . -6.71 5.44 -64.08
O6 NAG XA . -9.05 5.72 -62.06
O7 NAG XA . -4.02 2.28 -64.80
C1 NAG YA . 15.20 -50.63 -31.01
C2 NAG YA . 14.81 -49.15 -31.00
C3 NAG YA . 15.07 -48.53 -32.36
C4 NAG YA . 16.50 -48.78 -32.82
C5 NAG YA . 16.81 -50.27 -32.77
C6 NAG YA . 18.26 -50.57 -33.08
C7 NAG YA . 12.95 -47.85 -30.07
C8 NAG YA . 11.49 -47.84 -29.72
N2 NAG YA . 13.42 -48.98 -30.61
O3 NAG YA . 14.82 -47.13 -32.31
O4 NAG YA . 16.68 -48.30 -34.14
O5 NAG YA . 16.56 -50.77 -31.45
O6 NAG YA . 19.13 -49.70 -32.38
O7 NAG YA . 13.66 -46.88 -29.85
#